data_3H8G
#
_entry.id   3H8G
#
_cell.length_a   95.976
_cell.length_b   95.989
_cell.length_c   95.998
_cell.angle_alpha   100.82
_cell.angle_beta   107.78
_cell.angle_gamma   93.23
#
_symmetry.space_group_name_H-M   'P 1'
#
loop_
_entity.id
_entity.type
_entity.pdbx_description
1 polymer 'Cytosol aminopeptidase'
2 non-polymer 'ZINC ION'
3 non-polymer 'MANGANESE (II) ION'
4 non-polymer 'POTASSIUM ION'
5 non-polymer 'BICARBONATE ION'
6 non-polymer '2-(3-AMINO-2-HYDROXY-4-PHENYL-BUTYRYLAMINO)-4-METHYL-PENTANOIC ACID'
7 water water
#
_entity_poly.entity_id   1
_entity_poly.type   'polypeptide(L)'
_entity_poly.pdbx_seq_one_letter_code
;MELVVKSVAAASVKTATLVIPVGENRKLGAVAKAVDLASEGAISAVLKRGDLAGKPGQTLLLQNLQGLKAERVLLVGSGK
DEALGDRTWRKLVASVAGVLKGLNGADAVLALDDVAVNNRDAHYGKYRLLAETLLDGEYVFDRFKSQKVEPRALKKVTLL
ADKAGQAEVERAVKHASAIATGMAFTRDLGNLPPNLCHPSFLAEQAKELGKAHKALKVEVLDEKKIKDLGMGAFYAVGQG
SDQPPRLIVLNYQGGKKADKPFVLVGKGITFDTGGISLKPGAGMDEMKYDMCGAASVFGTLRAVLELQLPVNLVCLLACA
ENMPSGGATRPGDIVTTMSGQTVEILNTDAEGRLVLCDTLTYAERFKPQAVIDIATLTGACIVALGSHTTGLMGNNDDLV
GQLLDAGKRADDRAWQLPLFDEYQEQLDSPFADMGNIGGPKAGTITAGCFLSRFAKAYNWAHMDIAGTAWISGGKDKGAT
GRPVPLLTQYLLDRAGA
;
_entity_poly.pdbx_strand_id   F,A,B,C,D,E
#
# COMPACT_ATOMS: atom_id res chain seq x y z
N MET A 1 -41.33 26.23 -7.99
CA MET A 1 -42.05 26.92 -6.89
C MET A 1 -42.13 28.42 -7.14
N GLU A 2 -43.32 29.01 -7.02
CA GLU A 2 -43.48 30.45 -7.06
C GLU A 2 -43.17 31.00 -5.65
N LEU A 3 -42.46 32.12 -5.58
CA LEU A 3 -42.08 32.70 -4.31
C LEU A 3 -42.44 34.16 -4.38
N VAL A 4 -43.39 34.55 -3.54
CA VAL A 4 -43.93 35.92 -3.52
C VAL A 4 -43.86 36.55 -2.14
N VAL A 5 -44.01 37.88 -2.10
CA VAL A 5 -43.85 38.62 -0.88
C VAL A 5 -45.09 39.46 -0.66
N LYS A 6 -45.61 39.38 0.56
CA LYS A 6 -46.73 40.24 0.96
C LYS A 6 -46.47 40.92 2.31
N SER A 7 -47.30 41.88 2.66
CA SER A 7 -47.07 42.61 3.91
C SER A 7 -48.29 42.60 4.85
N VAL A 8 -49.27 41.76 4.50
CA VAL A 8 -50.48 41.58 5.29
C VAL A 8 -50.20 40.83 6.62
N ALA A 9 -51.17 40.81 7.52
CA ALA A 9 -50.99 40.17 8.81
C ALA A 9 -51.07 38.66 8.64
N ALA A 10 -50.19 37.94 9.34
CA ALA A 10 -50.10 36.47 9.21
C ALA A 10 -51.44 35.78 9.44
N ALA A 11 -52.18 36.23 10.45
CA ALA A 11 -53.46 35.62 10.84
C ALA A 11 -54.54 35.80 9.76
N SER A 12 -54.34 36.76 8.88
CA SER A 12 -55.34 37.14 7.88
C SER A 12 -55.21 36.36 6.57
N VAL A 13 -54.15 35.58 6.42
CA VAL A 13 -53.87 35.02 5.11
C VAL A 13 -54.45 33.62 4.94
N LYS A 14 -55.29 33.43 3.92
CA LYS A 14 -55.80 32.12 3.57
C LYS A 14 -54.67 31.31 2.96
N THR A 15 -54.38 30.16 3.55
CA THR A 15 -53.24 29.33 3.12
C THR A 15 -53.42 27.91 3.61
N ALA A 16 -52.78 26.96 2.92
CA ALA A 16 -52.73 25.57 3.37
C ALA A 16 -51.93 25.43 4.67
N THR A 17 -50.83 26.17 4.81
CA THR A 17 -49.96 26.07 6.00
C THR A 17 -49.35 27.41 6.32
N LEU A 18 -49.57 27.88 7.54
CA LEU A 18 -48.88 29.08 8.02
C LEU A 18 -47.74 28.66 8.91
N VAL A 19 -46.54 29.19 8.67
CA VAL A 19 -45.36 28.84 9.46
C VAL A 19 -44.93 30.03 10.32
N ILE A 20 -44.82 29.78 11.62
CA ILE A 20 -44.37 30.81 12.59
C ILE A 20 -43.27 30.24 13.47
N PRO A 21 -42.37 31.12 13.95
CA PRO A 21 -41.29 30.62 14.79
C PRO A 21 -41.65 30.64 16.30
N VAL A 22 -41.01 29.76 17.03
CA VAL A 22 -41.19 29.69 18.50
C VAL A 22 -39.81 29.48 19.12
N GLY A 23 -39.46 30.34 20.08
CA GLY A 23 -38.17 30.20 20.71
C GLY A 23 -38.18 29.17 21.83
N GLU A 24 -36.94 28.92 22.41
CA GLU A 24 -36.89 28.12 23.65
C GLU A 24 -37.80 28.75 24.72
N ASN A 25 -38.14 28.00 25.72
CA ASN A 25 -39.07 28.46 26.75
C ASN A 25 -40.41 28.96 26.18
N ARG A 26 -40.82 28.37 25.05
CA ARG A 26 -42.04 28.76 24.32
C ARG A 26 -42.17 30.27 24.10
N LYS A 27 -41.04 30.96 23.92
CA LYS A 27 -41.05 32.41 23.78
C LYS A 27 -41.57 32.82 22.40
N LEU A 28 -42.62 33.62 22.41
CA LEU A 28 -43.20 34.12 21.16
C LEU A 28 -42.85 35.55 20.88
N GLY A 29 -42.30 35.81 19.69
CA GLY A 29 -42.12 37.17 19.21
C GLY A 29 -43.46 37.78 18.86
N ALA A 30 -43.42 39.07 18.53
CA ALA A 30 -44.63 39.81 18.21
C ALA A 30 -45.49 39.19 17.11
N VAL A 31 -44.86 38.69 16.05
CA VAL A 31 -45.63 38.04 14.96
C VAL A 31 -46.39 36.78 15.46
N ALA A 32 -45.67 35.89 16.15
CA ALA A 32 -46.27 34.67 16.65
C ALA A 32 -47.33 34.98 17.73
N LYS A 33 -47.08 36.01 18.54
CA LYS A 33 -48.06 36.40 19.57
C LYS A 33 -49.37 36.84 18.95
N ALA A 34 -49.29 37.56 17.83
CA ALA A 34 -50.51 38.04 17.18
C ALA A 34 -51.32 36.88 16.58
N VAL A 35 -50.60 35.87 16.08
CA VAL A 35 -51.28 34.69 15.58
C VAL A 35 -51.91 33.91 16.74
N ASP A 36 -51.21 33.77 17.85
CA ASP A 36 -51.76 33.12 19.00
C ASP A 36 -53.05 33.85 19.45
N LEU A 37 -52.99 35.16 19.51
CA LEU A 37 -54.18 35.92 19.93
C LEU A 37 -55.36 35.66 18.98
N ALA A 38 -55.10 35.64 17.67
CA ALA A 38 -56.16 35.37 16.69
C ALA A 38 -56.74 33.96 16.86
N SER A 39 -55.92 33.05 17.36
CA SER A 39 -56.37 31.68 17.64
C SER A 39 -56.99 31.49 19.01
N GLU A 40 -57.19 32.60 19.69
CA GLU A 40 -57.67 32.63 21.07
C GLU A 40 -56.83 31.85 22.04
N GLY A 41 -55.55 31.92 21.83
CA GLY A 41 -54.62 31.29 22.74
C GLY A 41 -54.42 29.81 22.48
N ALA A 42 -54.90 29.30 21.34
CA ALA A 42 -54.78 27.86 21.06
C ALA A 42 -53.31 27.44 20.89
N ILE A 43 -52.52 28.32 20.28
CA ILE A 43 -51.10 28.01 20.06
C ILE A 43 -50.32 28.01 21.37
N SER A 44 -50.52 29.03 22.21
CA SER A 44 -49.81 28.99 23.50
C SER A 44 -50.32 27.86 24.41
N ALA A 45 -51.60 27.53 24.32
CA ALA A 45 -52.15 26.38 25.07
C ALA A 45 -51.43 25.06 24.68
N VAL A 46 -51.22 24.81 23.37
CA VAL A 46 -50.51 23.59 22.95
C VAL A 46 -49.07 23.69 23.42
N LEU A 47 -48.46 24.87 23.25
CA LEU A 47 -47.05 25.00 23.68
C LEU A 47 -46.80 24.73 25.18
N LYS A 48 -47.78 25.08 26.02
CA LYS A 48 -47.67 24.85 27.47
C LYS A 48 -47.59 23.34 27.77
N ARG A 49 -48.09 22.49 26.86
CA ARG A 49 -47.99 21.04 27.04
C ARG A 49 -46.56 20.50 26.88
N GLY A 50 -45.67 21.30 26.30
CA GLY A 50 -44.24 21.02 26.31
C GLY A 50 -43.68 20.11 25.22
N ASP A 51 -44.44 19.83 24.16
CA ASP A 51 -43.86 18.94 23.16
C ASP A 51 -42.76 19.57 22.30
N LEU A 52 -42.81 20.90 22.19
CA LEU A 52 -41.83 21.64 21.36
C LEU A 52 -40.88 22.44 22.25
N ALA A 53 -39.63 22.01 22.28
CA ALA A 53 -38.63 22.70 23.09
C ALA A 53 -38.12 23.96 22.43
N GLY A 54 -38.35 24.13 21.14
CA GLY A 54 -37.96 25.38 20.48
C GLY A 54 -36.52 25.44 20.00
N LYS A 55 -35.80 24.32 19.98
CA LYS A 55 -34.42 24.30 19.44
C LYS A 55 -34.53 24.51 17.92
N PRO A 56 -33.50 25.11 17.28
CA PRO A 56 -33.69 25.55 15.90
C PRO A 56 -34.10 24.42 14.99
N GLY A 57 -35.18 24.63 14.22
CA GLY A 57 -35.60 23.56 13.29
C GLY A 57 -36.54 22.51 13.83
N GLN A 58 -36.69 22.39 15.14
CA GLN A 58 -37.71 21.49 15.69
C GLN A 58 -39.04 21.99 15.23
N THR A 59 -40.00 21.08 15.09
CA THR A 59 -41.33 21.47 14.55
C THR A 59 -42.48 20.86 15.34
N LEU A 60 -43.61 21.55 15.29
CA LEU A 60 -44.88 21.01 15.80
C LEU A 60 -45.95 21.45 14.83
N LEU A 61 -46.71 20.50 14.27
CA LEU A 61 -47.68 20.82 13.23
C LEU A 61 -49.10 20.72 13.79
N LEU A 62 -49.83 21.82 13.65
CA LEU A 62 -51.23 21.89 14.09
C LEU A 62 -52.13 21.87 12.89
N GLN A 63 -53.30 21.28 13.12
CA GLN A 63 -54.45 21.34 12.23
C GLN A 63 -55.41 22.48 12.54
N ASN A 64 -56.48 22.52 11.75
CA ASN A 64 -57.37 23.67 11.60
C ASN A 64 -57.61 24.30 12.95
N LEU A 65 -57.29 25.60 13.10
CA LEU A 65 -57.58 26.30 14.35
C LEU A 65 -58.62 27.38 14.13
N GLN A 66 -59.58 27.42 14.94
CA GLN A 66 -60.60 28.48 14.99
C GLN A 66 -59.93 29.84 15.13
N GLY A 67 -60.40 30.76 14.32
CA GLY A 67 -59.88 32.13 14.36
C GLY A 67 -58.81 32.42 13.33
N LEU A 68 -58.22 31.35 12.75
CA LEU A 68 -57.22 31.51 11.72
C LEU A 68 -57.79 31.12 10.35
N LYS A 69 -57.18 31.63 9.29
CA LYS A 69 -57.58 31.25 7.92
C LYS A 69 -56.61 30.22 7.31
N ALA A 70 -55.63 29.80 8.09
CA ALA A 70 -54.70 28.77 7.65
C ALA A 70 -55.31 27.42 7.95
N GLU A 71 -55.12 26.50 7.06
CA GLU A 71 -55.60 25.15 7.28
C GLU A 71 -54.75 24.38 8.29
N ARG A 72 -53.49 24.73 8.37
CA ARG A 72 -52.52 24.07 9.26
C ARG A 72 -51.63 25.19 9.75
N VAL A 73 -51.09 25.05 10.97
CA VAL A 73 -50.03 25.95 11.45
C VAL A 73 -48.79 25.11 11.81
N LEU A 74 -47.68 25.43 11.15
CA LEU A 74 -46.41 24.80 11.52
C LEU A 74 -45.62 25.73 12.45
N LEU A 75 -45.36 25.26 13.68
CA LEU A 75 -44.49 25.94 14.62
C LEU A 75 -43.05 25.42 14.40
N VAL A 76 -42.10 26.32 14.19
CA VAL A 76 -40.70 25.92 13.99
C VAL A 76 -39.83 26.58 15.06
N GLY A 77 -38.98 25.79 15.71
CA GLY A 77 -38.06 26.28 16.75
C GLY A 77 -37.08 27.29 16.19
N SER A 78 -36.84 28.38 16.92
CA SER A 78 -35.85 29.38 16.47
C SER A 78 -34.69 29.48 17.47
N GLY A 79 -34.71 28.64 18.49
CA GLY A 79 -33.62 28.54 19.47
C GLY A 79 -33.68 29.59 20.56
N LYS A 80 -32.48 29.86 21.09
CA LYS A 80 -32.31 30.84 22.17
C LYS A 80 -32.48 32.25 21.61
N ASP A 81 -32.63 33.26 22.46
CA ASP A 81 -32.84 34.64 21.92
C ASP A 81 -31.80 35.15 20.92
N GLU A 82 -30.65 34.56 20.93
CA GLU A 82 -29.54 35.07 20.20
C GLU A 82 -29.90 35.12 18.68
N ALA A 83 -29.32 36.01 17.91
CA ALA A 83 -29.48 35.96 16.46
C ALA A 83 -28.84 34.66 15.96
N LEU A 84 -29.38 34.11 14.88
CA LEU A 84 -28.90 32.83 14.38
C LEU A 84 -27.72 33.05 13.45
N GLY A 85 -26.78 32.14 13.46
CA GLY A 85 -25.73 32.17 12.40
C GLY A 85 -26.33 31.72 11.07
N ASP A 86 -25.59 31.90 9.98
CA ASP A 86 -26.11 31.56 8.66
C ASP A 86 -26.48 30.09 8.58
N ARG A 87 -25.64 29.20 9.13
CA ARG A 87 -25.88 27.78 8.96
C ARG A 87 -27.16 27.39 9.69
N THR A 88 -27.31 27.92 10.90
CA THR A 88 -28.53 27.58 11.70
C THR A 88 -29.80 28.10 11.02
N TRP A 89 -29.73 29.32 10.52
CA TRP A 89 -30.87 29.90 9.79
C TRP A 89 -31.21 29.04 8.58
N ARG A 90 -30.22 28.69 7.77
CA ARG A 90 -30.51 27.87 6.59
C ARG A 90 -31.01 26.49 6.95
N LYS A 91 -30.49 25.92 8.03
CA LYS A 91 -31.01 24.62 8.50
C LYS A 91 -32.47 24.73 8.95
N LEU A 92 -32.84 25.85 9.60
CA LEU A 92 -34.24 26.07 10.03
C LEU A 92 -35.14 26.09 8.79
N VAL A 93 -34.72 26.83 7.76
CA VAL A 93 -35.49 26.94 6.54
C VAL A 93 -35.62 25.58 5.87
N ALA A 94 -34.52 24.83 5.77
CA ALA A 94 -34.59 23.48 5.19
C ALA A 94 -35.51 22.55 5.98
N SER A 95 -35.52 22.71 7.29
CA SER A 95 -36.43 21.89 8.13
C SER A 95 -37.89 22.21 7.82
N VAL A 96 -38.20 23.49 7.69
CA VAL A 96 -39.55 23.90 7.27
C VAL A 96 -39.87 23.31 5.92
N ALA A 97 -38.97 23.48 4.95
CA ALA A 97 -39.20 22.97 3.62
C ALA A 97 -39.46 21.46 3.61
N GLY A 98 -38.69 20.72 4.42
CA GLY A 98 -38.89 19.26 4.58
C GLY A 98 -40.30 18.88 4.98
N VAL A 99 -40.85 19.59 5.98
CA VAL A 99 -42.22 19.29 6.40
C VAL A 99 -43.18 19.64 5.27
N LEU A 100 -43.03 20.80 4.66
CA LEU A 100 -43.97 21.24 3.61
C LEU A 100 -43.95 20.29 2.41
N LYS A 101 -42.79 19.74 2.11
CA LYS A 101 -42.64 18.84 0.95
C LYS A 101 -43.49 17.59 1.13
N GLY A 102 -43.66 17.17 2.37
CA GLY A 102 -44.43 15.97 2.70
C GLY A 102 -45.93 16.17 2.87
N LEU A 103 -46.36 17.42 2.94
CA LEU A 103 -47.80 17.72 3.07
C LEU A 103 -48.47 17.82 1.71
N ASN A 104 -49.80 17.67 1.71
CA ASN A 104 -50.56 17.81 0.48
C ASN A 104 -51.10 19.23 0.38
N GLY A 105 -50.32 20.22 0.81
CA GLY A 105 -50.76 21.61 0.75
C GLY A 105 -50.23 22.31 -0.49
N ALA A 106 -51.10 23.06 -1.18
CA ALA A 106 -50.70 23.72 -2.43
C ALA A 106 -49.88 24.97 -2.23
N ASP A 107 -49.91 25.58 -0.99
CA ASP A 107 -49.11 26.76 -0.77
C ASP A 107 -48.73 26.80 0.69
N ALA A 108 -47.92 27.75 1.02
CA ALA A 108 -47.56 27.99 2.42
C ALA A 108 -47.21 29.43 2.57
N VAL A 109 -47.35 29.90 3.80
CA VAL A 109 -46.99 31.29 4.17
C VAL A 109 -45.95 31.22 5.26
N LEU A 110 -44.79 31.85 5.02
CA LEU A 110 -43.76 31.93 6.02
C LEU A 110 -43.82 33.28 6.72
N ALA A 111 -44.07 33.26 8.04
CA ALA A 111 -44.12 34.48 8.83
C ALA A 111 -42.99 34.49 9.82
N LEU A 112 -41.78 34.65 9.27
CA LEU A 112 -40.55 34.52 10.06
C LEU A 112 -39.85 35.85 10.25
N ASP A 113 -40.58 36.96 10.14
CA ASP A 113 -39.98 38.28 10.28
C ASP A 113 -39.20 38.48 11.57
N ASP A 114 -39.64 37.86 12.66
CA ASP A 114 -39.02 38.11 13.95
C ASP A 114 -37.65 37.45 14.13
N VAL A 115 -37.33 36.48 13.26
CA VAL A 115 -36.07 35.74 13.43
C VAL A 115 -34.89 36.58 13.02
N ALA A 116 -34.03 36.88 13.97
CA ALA A 116 -32.81 37.66 13.65
C ALA A 116 -31.70 36.74 13.16
N VAL A 117 -30.99 37.21 12.13
CA VAL A 117 -29.85 36.46 11.57
C VAL A 117 -28.61 37.35 11.75
N ASN A 118 -27.58 36.83 12.39
CA ASN A 118 -26.34 37.56 12.69
C ASN A 118 -25.70 38.22 11.47
N ASN A 119 -25.44 39.49 11.59
CA ASN A 119 -24.78 40.30 10.57
C ASN A 119 -25.53 40.44 9.23
N ARG A 120 -26.83 40.16 9.23
CA ARG A 120 -27.63 40.30 7.99
C ARG A 120 -28.85 41.14 8.22
N ASP A 121 -29.12 42.07 7.30
CA ASP A 121 -30.28 42.97 7.43
C ASP A 121 -31.58 42.16 7.31
N ALA A 122 -32.63 42.64 7.97
CA ALA A 122 -33.86 41.89 8.09
C ALA A 122 -34.56 41.58 6.78
N HIS A 123 -34.14 42.23 5.68
CA HIS A 123 -34.90 42.11 4.48
C HIS A 123 -34.14 41.53 3.32
N TYR A 124 -32.96 42.06 3.02
CA TYR A 124 -32.21 41.52 1.87
C TYR A 124 -31.36 40.32 2.19
N GLY A 125 -30.36 40.45 3.08
CA GLY A 125 -29.41 39.36 3.28
C GLY A 125 -30.13 38.15 3.88
N LYS A 126 -31.01 38.40 4.85
CA LYS A 126 -31.70 37.30 5.52
C LYS A 126 -32.47 36.48 4.48
N TYR A 127 -33.15 37.17 3.56
CA TYR A 127 -34.01 36.47 2.60
C TYR A 127 -33.28 35.94 1.37
N ARG A 128 -32.13 36.53 1.03
CA ARG A 128 -31.24 35.87 0.08
C ARG A 128 -30.99 34.38 0.47
N LEU A 129 -30.66 34.18 1.75
CA LEU A 129 -30.29 32.83 2.19
C LEU A 129 -31.53 31.97 2.28
N LEU A 130 -32.64 32.50 2.81
CA LEU A 130 -33.88 31.70 2.90
C LEU A 130 -34.35 31.31 1.51
N ALA A 131 -34.41 32.27 0.57
CA ALA A 131 -35.00 31.97 -0.72
C ALA A 131 -34.12 30.99 -1.50
N GLU A 132 -32.84 31.15 -1.45
CA GLU A 132 -31.94 30.19 -2.12
C GLU A 132 -32.02 28.80 -1.47
N THR A 133 -32.13 28.65 -0.22
CA THR A 133 -32.29 27.34 0.40
C THR A 133 -33.60 26.69 0.00
N LEU A 134 -34.67 27.48 -0.01
CA LEU A 134 -35.98 26.96 -0.38
C LEU A 134 -35.97 26.49 -1.83
N LEU A 135 -35.46 27.32 -2.74
CA LEU A 135 -35.55 27.00 -4.16
C LEU A 135 -34.55 25.93 -4.58
N ASP A 136 -33.31 26.03 -4.09
CA ASP A 136 -32.34 24.96 -4.37
C ASP A 136 -32.79 23.63 -3.78
N GLY A 137 -33.52 23.66 -2.67
CA GLY A 137 -34.00 22.44 -2.04
C GLY A 137 -35.07 21.72 -2.82
N GLU A 138 -35.70 22.38 -3.81
CA GLU A 138 -36.66 21.74 -4.75
C GLU A 138 -35.98 20.83 -5.76
N TYR A 139 -34.62 20.90 -5.86
CA TYR A 139 -33.89 20.20 -6.92
C TYR A 139 -34.19 18.71 -6.94
N VAL A 140 -34.47 18.20 -8.15
CA VAL A 140 -34.64 16.76 -8.35
C VAL A 140 -33.85 16.36 -9.59
N PHE A 141 -33.12 15.24 -9.48
CA PHE A 141 -32.40 14.65 -10.62
C PHE A 141 -32.79 13.17 -10.68
N ASP A 142 -33.95 12.90 -11.27
CA ASP A 142 -34.49 11.53 -11.34
C ASP A 142 -34.57 11.00 -12.76
N ARG A 143 -33.85 11.65 -13.68
CA ARG A 143 -33.81 11.26 -15.08
C ARG A 143 -33.53 9.77 -15.27
N PHE A 144 -32.64 9.22 -14.43
CA PHE A 144 -32.21 7.83 -14.65
C PHE A 144 -32.94 6.87 -13.74
N LYS A 145 -33.96 7.35 -13.05
CA LYS A 145 -34.74 6.44 -12.19
C LYS A 145 -35.94 5.95 -12.94
N SER A 146 -36.23 4.67 -12.80
CA SER A 146 -37.45 4.15 -13.37
C SER A 146 -38.66 4.58 -12.53
N GLN A 147 -38.48 4.66 -11.21
CA GLN A 147 -39.50 5.18 -10.29
C GLN A 147 -39.21 6.67 -10.12
N LYS A 148 -40.04 7.50 -10.75
CA LYS A 148 -39.92 8.97 -10.66
C LYS A 148 -40.38 9.48 -9.29
N VAL A 149 -39.77 10.57 -8.84
CA VAL A 149 -40.32 11.29 -7.74
C VAL A 149 -41.75 11.83 -8.13
N GLU A 150 -42.67 11.53 -7.25
CA GLU A 150 -44.01 12.10 -7.31
C GLU A 150 -43.96 13.61 -7.18
N PRO A 151 -44.63 14.27 -8.10
CA PRO A 151 -44.74 15.73 -8.13
C PRO A 151 -45.29 16.22 -6.80
N ARG A 152 -44.69 17.27 -6.25
CA ARG A 152 -45.11 17.72 -4.93
C ARG A 152 -46.23 18.71 -5.00
N ALA A 153 -47.05 18.70 -3.93
CA ALA A 153 -48.22 19.55 -3.91
C ALA A 153 -47.84 21.03 -3.81
N LEU A 154 -46.73 21.34 -3.12
CA LEU A 154 -46.37 22.74 -2.84
C LEU A 154 -45.92 23.46 -4.09
N LYS A 155 -46.70 24.45 -4.50
CA LYS A 155 -46.42 25.20 -5.73
C LYS A 155 -46.09 26.66 -5.47
N LYS A 156 -46.45 27.15 -4.28
CA LYS A 156 -46.27 28.54 -3.98
C LYS A 156 -45.94 28.75 -2.51
N VAL A 157 -44.98 29.64 -2.25
CA VAL A 157 -44.69 30.12 -0.92
C VAL A 157 -44.79 31.65 -0.91
N THR A 158 -45.48 32.16 0.09
CA THR A 158 -45.52 33.59 0.38
C THR A 158 -44.68 33.91 1.61
N LEU A 159 -43.79 34.91 1.47
CA LEU A 159 -43.03 35.42 2.60
C LEU A 159 -43.68 36.70 3.09
N LEU A 160 -43.93 36.78 4.38
CA LEU A 160 -44.49 38.00 4.95
C LEU A 160 -43.43 38.86 5.58
N ALA A 161 -43.47 40.15 5.22
CA ALA A 161 -42.56 41.13 5.82
C ALA A 161 -43.35 42.41 6.00
N ASP A 162 -42.82 43.36 6.77
CA ASP A 162 -43.50 44.62 6.89
C ASP A 162 -43.40 45.42 5.58
N LYS A 163 -44.34 46.34 5.38
CA LYS A 163 -44.42 47.08 4.13
C LYS A 163 -43.10 47.77 3.77
N ALA A 164 -42.39 48.28 4.78
CA ALA A 164 -41.14 49.01 4.57
C ALA A 164 -40.11 48.14 3.88
N GLY A 165 -40.04 46.88 4.33
CA GLY A 165 -39.02 45.94 3.86
C GLY A 165 -39.39 45.09 2.66
N GLN A 166 -40.62 45.23 2.16
CA GLN A 166 -41.13 44.43 1.05
C GLN A 166 -40.25 44.47 -0.20
N ALA A 167 -39.83 45.68 -0.61
CA ALA A 167 -39.08 45.78 -1.87
C ALA A 167 -37.73 45.07 -1.73
N GLU A 168 -36.99 45.17 -0.64
CA GLU A 168 -35.73 44.46 -0.36
C GLU A 168 -35.96 42.96 -0.28
N VAL A 169 -37.04 42.51 0.33
CA VAL A 169 -37.29 41.07 0.27
C VAL A 169 -37.52 40.63 -1.20
N GLU A 170 -38.27 41.44 -1.97
CA GLU A 170 -38.49 41.08 -3.39
C GLU A 170 -37.18 41.04 -4.20
N ARG A 171 -36.27 41.95 -3.89
CA ARG A 171 -34.97 41.98 -4.55
C ARG A 171 -34.18 40.72 -4.20
N ALA A 172 -34.19 40.35 -2.91
CA ALA A 172 -33.54 39.11 -2.45
C ALA A 172 -34.11 37.92 -3.21
N VAL A 173 -35.44 37.85 -3.33
CA VAL A 173 -36.10 36.76 -4.05
C VAL A 173 -35.68 36.73 -5.53
N LYS A 174 -35.62 37.89 -6.17
CA LYS A 174 -35.21 37.97 -7.57
C LYS A 174 -33.80 37.41 -7.75
N HIS A 175 -32.89 37.83 -6.90
CA HIS A 175 -31.47 37.39 -6.99
C HIS A 175 -31.30 35.93 -6.61
N ALA A 176 -31.94 35.52 -5.51
CA ALA A 176 -31.92 34.08 -5.11
C ALA A 176 -32.50 33.17 -6.19
N SER A 177 -33.57 33.62 -6.87
CA SER A 177 -34.19 32.77 -7.91
C SER A 177 -33.23 32.57 -9.07
N ALA A 178 -32.57 33.64 -9.48
CA ALA A 178 -31.57 33.56 -10.55
C ALA A 178 -30.44 32.63 -10.13
N ILE A 179 -29.95 32.80 -8.91
CA ILE A 179 -28.88 31.92 -8.43
C ILE A 179 -29.33 30.46 -8.40
N ALA A 180 -30.52 30.21 -7.87
CA ALA A 180 -30.98 28.82 -7.74
C ALA A 180 -31.22 28.19 -9.09
N THR A 181 -31.74 28.95 -10.04
CA THR A 181 -31.90 28.43 -11.40
C THR A 181 -30.56 28.08 -12.03
N GLY A 182 -29.58 28.96 -11.82
CA GLY A 182 -28.23 28.66 -12.30
C GLY A 182 -27.64 27.43 -11.65
N MET A 183 -27.83 27.33 -10.34
CA MET A 183 -27.35 26.16 -9.61
C MET A 183 -27.95 24.86 -10.12
N ALA A 184 -29.24 24.90 -10.46
CA ALA A 184 -29.89 23.68 -10.93
C ALA A 184 -29.27 23.22 -12.23
N PHE A 185 -28.98 24.17 -13.14
CA PHE A 185 -28.29 23.87 -14.39
C PHE A 185 -26.91 23.25 -14.10
N THR A 186 -26.15 23.91 -13.21
CA THR A 186 -24.83 23.39 -12.79
C THR A 186 -24.93 21.97 -12.23
N ARG A 187 -25.89 21.75 -11.35
CA ARG A 187 -26.06 20.45 -10.72
C ARG A 187 -26.47 19.42 -11.75
N ASP A 188 -27.36 19.76 -12.72
CA ASP A 188 -27.71 18.76 -13.71
C ASP A 188 -26.45 18.34 -14.50
N LEU A 189 -25.68 19.32 -14.97
CA LEU A 189 -24.51 19.01 -15.79
C LEU A 189 -23.52 18.18 -14.97
N GLY A 190 -23.33 18.52 -13.70
CA GLY A 190 -22.40 17.72 -12.88
C GLY A 190 -22.88 16.30 -12.65
N ASN A 191 -24.16 16.18 -12.32
CA ASN A 191 -24.74 14.86 -12.05
C ASN A 191 -24.85 13.94 -13.25
N LEU A 192 -24.99 14.43 -14.54
CA LEU A 192 -24.94 13.55 -15.72
C LEU A 192 -23.66 12.73 -15.70
N PRO A 193 -24.04 11.48 -16.11
CA PRO A 193 -22.93 10.51 -16.16
C PRO A 193 -22.01 10.76 -17.35
N PRO A 194 -20.76 10.35 -17.25
CA PRO A 194 -19.75 10.79 -18.21
C PRO A 194 -19.87 10.16 -19.58
N ASN A 195 -20.64 9.07 -19.70
CA ASN A 195 -20.89 8.49 -21.02
C ASN A 195 -21.84 9.38 -21.82
N LEU A 196 -22.59 10.24 -21.13
CA LEU A 196 -23.50 11.19 -21.79
C LEU A 196 -22.93 12.59 -21.79
N CYS A 197 -22.36 13.00 -20.66
CA CYS A 197 -21.82 14.36 -20.52
C CYS A 197 -20.35 14.36 -20.87
N HIS A 198 -20.08 14.52 -22.17
CA HIS A 198 -18.71 14.61 -22.68
C HIS A 198 -18.53 16.01 -23.32
N PRO A 199 -17.32 16.33 -23.79
CA PRO A 199 -17.10 17.70 -24.29
C PRO A 199 -18.05 18.07 -25.42
N SER A 200 -18.35 17.15 -26.32
CA SER A 200 -19.27 17.48 -27.44
C SER A 200 -20.66 17.76 -26.92
N PHE A 201 -21.11 17.04 -25.88
CA PHE A 201 -22.41 17.34 -25.27
C PHE A 201 -22.40 18.76 -24.71
N LEU A 202 -21.35 19.14 -23.98
CA LEU A 202 -21.28 20.49 -23.39
C LEU A 202 -21.33 21.54 -24.49
N ALA A 203 -20.69 21.23 -25.62
CA ALA A 203 -20.66 22.17 -26.74
C ALA A 203 -22.07 22.31 -27.30
N GLU A 204 -22.83 21.21 -27.33
CA GLU A 204 -24.22 21.30 -27.82
C GLU A 204 -25.10 22.11 -26.86
N GLN A 205 -24.90 21.89 -25.56
CA GLN A 205 -25.60 22.67 -24.51
C GLN A 205 -25.32 24.17 -24.71
N ALA A 206 -24.08 24.52 -25.04
CA ALA A 206 -23.74 25.93 -25.19
C ALA A 206 -24.35 26.52 -26.46
N LYS A 207 -24.31 25.77 -27.56
CA LYS A 207 -24.92 26.25 -28.81
C LYS A 207 -26.43 26.45 -28.60
N GLU A 208 -27.06 25.57 -27.85
CA GLU A 208 -28.51 25.69 -27.62
C GLU A 208 -28.81 26.92 -26.78
N LEU A 209 -28.00 27.16 -25.75
CA LEU A 209 -28.12 28.34 -24.90
C LEU A 209 -27.95 29.63 -25.73
N GLY A 210 -26.97 29.64 -26.61
CA GLY A 210 -26.75 30.75 -27.54
C GLY A 210 -27.96 31.08 -28.37
N LYS A 211 -28.60 30.05 -28.91
CA LYS A 211 -29.76 30.32 -29.79
C LYS A 211 -30.92 30.95 -29.01
N ALA A 212 -30.97 30.71 -27.70
CA ALA A 212 -32.12 31.13 -26.87
C ALA A 212 -31.98 32.53 -26.27
N HIS A 213 -30.83 33.18 -26.48
CA HIS A 213 -30.56 34.46 -25.81
C HIS A 213 -29.95 35.47 -26.75
N LYS A 214 -30.67 36.58 -26.92
CA LYS A 214 -30.28 37.61 -27.87
C LYS A 214 -28.85 38.17 -27.71
N ALA A 215 -28.45 38.39 -26.47
CA ALA A 215 -27.20 39.10 -26.16
C ALA A 215 -26.04 38.10 -26.03
N LEU A 216 -26.29 36.85 -26.38
CA LEU A 216 -25.25 35.80 -26.21
C LEU A 216 -24.79 35.24 -27.58
N LYS A 217 -23.48 35.19 -27.79
CA LYS A 217 -22.88 34.59 -29.00
C LYS A 217 -21.97 33.46 -28.56
N VAL A 218 -22.12 32.30 -29.21
CA VAL A 218 -21.36 31.09 -28.85
C VAL A 218 -20.49 30.62 -30.02
N GLU A 219 -19.23 30.32 -29.74
CA GLU A 219 -18.27 29.73 -30.69
C GLU A 219 -17.69 28.48 -30.02
N VAL A 220 -17.57 27.42 -30.79
CA VAL A 220 -16.97 26.18 -30.28
C VAL A 220 -15.73 25.88 -31.13
N LEU A 221 -14.60 25.65 -30.44
CA LEU A 221 -13.32 25.32 -31.08
C LEU A 221 -13.11 23.83 -30.91
N ASP A 222 -12.90 23.14 -32.01
CA ASP A 222 -12.74 21.69 -31.97
C ASP A 222 -11.26 21.30 -31.79
N GLU A 223 -10.96 20.01 -31.89
CA GLU A 223 -9.62 19.51 -31.55
C GLU A 223 -8.57 20.07 -32.50
N LYS A 224 -8.89 20.10 -33.78
CA LYS A 224 -7.95 20.62 -34.79
C LYS A 224 -7.68 22.09 -34.55
N LYS A 225 -8.71 22.86 -34.19
CA LYS A 225 -8.52 24.28 -33.90
C LYS A 225 -7.62 24.49 -32.66
N ILE A 226 -7.91 23.75 -31.60
CA ILE A 226 -7.07 23.78 -30.41
C ILE A 226 -5.58 23.51 -30.75
N LYS A 227 -5.34 22.48 -31.56
CA LYS A 227 -3.98 22.12 -31.97
C LYS A 227 -3.39 23.26 -32.81
N ASP A 228 -4.19 23.74 -33.77
CA ASP A 228 -3.70 24.77 -34.74
C ASP A 228 -3.45 26.13 -34.10
N LEU A 229 -4.12 26.42 -33.00
CA LEU A 229 -3.82 27.64 -32.20
C LEU A 229 -2.50 27.51 -31.42
N GLY A 230 -1.91 26.32 -31.38
CA GLY A 230 -0.68 26.04 -30.62
C GLY A 230 -0.93 25.68 -29.18
N MET A 231 -2.16 25.23 -28.87
CA MET A 231 -2.53 24.87 -27.48
C MET A 231 -2.03 23.44 -27.18
N GLY A 232 -0.70 23.29 -27.05
CA GLY A 232 -0.12 21.97 -26.92
C GLY A 232 -0.44 21.28 -25.61
N ALA A 233 -0.65 22.05 -24.55
CA ALA A 233 -1.03 21.38 -23.30
C ALA A 233 -2.46 20.90 -23.32
N PHE A 234 -3.40 21.75 -23.79
CA PHE A 234 -4.78 21.35 -23.88
C PHE A 234 -4.91 20.12 -24.83
N TYR A 235 -4.23 20.20 -25.98
CA TYR A 235 -4.31 19.07 -26.91
C TYR A 235 -3.79 17.76 -26.27
N ALA A 236 -2.70 17.88 -25.52
CA ALA A 236 -2.08 16.68 -24.89
C ALA A 236 -3.07 16.00 -23.93
N VAL A 237 -3.89 16.78 -23.22
CA VAL A 237 -4.83 16.16 -22.28
C VAL A 237 -5.87 15.33 -23.03
N GLY A 238 -6.41 15.91 -24.11
CA GLY A 238 -7.57 15.29 -24.76
C GLY A 238 -7.26 14.13 -25.67
N GLN A 239 -5.99 13.97 -26.06
CA GLN A 239 -5.69 13.11 -27.22
C GLN A 239 -5.91 11.63 -26.94
N GLY A 240 -5.81 11.25 -25.68
CA GLY A 240 -6.00 9.85 -25.27
C GLY A 240 -7.38 9.28 -25.47
N SER A 241 -8.40 10.13 -25.56
CA SER A 241 -9.78 9.69 -25.52
C SER A 241 -10.37 9.59 -26.92
N ASP A 242 -11.37 8.71 -27.08
CA ASP A 242 -12.16 8.73 -28.29
C ASP A 242 -13.10 9.93 -28.37
N GLN A 243 -13.39 10.59 -27.25
CA GLN A 243 -14.22 11.80 -27.24
C GLN A 243 -13.30 13.02 -27.35
N PRO A 244 -13.41 13.81 -28.40
CA PRO A 244 -12.42 14.86 -28.58
C PRO A 244 -12.72 16.07 -27.67
N PRO A 245 -11.70 16.91 -27.45
CA PRO A 245 -11.87 18.11 -26.63
C PRO A 245 -12.61 19.23 -27.34
N ARG A 246 -13.11 20.18 -26.56
CA ARG A 246 -13.77 21.35 -27.11
C ARG A 246 -13.39 22.53 -26.23
N LEU A 247 -13.09 23.67 -26.87
CA LEU A 247 -12.99 24.92 -26.13
C LEU A 247 -14.22 25.74 -26.50
N ILE A 248 -15.09 25.97 -25.53
CA ILE A 248 -16.37 26.61 -25.80
C ILE A 248 -16.31 28.07 -25.33
N VAL A 249 -16.71 28.99 -26.19
CA VAL A 249 -16.69 30.42 -25.88
C VAL A 249 -18.12 30.92 -25.84
N LEU A 250 -18.54 31.53 -24.73
CA LEU A 250 -19.90 32.10 -24.67
C LEU A 250 -19.74 33.53 -24.28
N ASN A 251 -20.13 34.42 -25.20
CA ASN A 251 -19.85 35.84 -25.02
C ASN A 251 -21.15 36.61 -24.86
N TYR A 252 -21.38 37.07 -23.64
CA TYR A 252 -22.57 37.86 -23.27
C TYR A 252 -22.22 39.33 -23.27
N GLN A 253 -22.83 40.08 -24.19
CA GLN A 253 -22.52 41.52 -24.28
C GLN A 253 -23.61 42.35 -23.63
N GLY A 254 -23.58 42.41 -22.31
CA GLY A 254 -24.61 43.17 -21.58
C GLY A 254 -24.18 44.55 -21.15
N GLY A 255 -22.88 44.80 -21.27
CA GLY A 255 -22.34 46.12 -20.86
C GLY A 255 -22.23 47.10 -22.01
N LYS A 256 -21.64 48.25 -21.72
CA LYS A 256 -21.31 49.18 -22.80
C LYS A 256 -20.24 48.58 -23.69
N LYS A 257 -20.20 49.04 -24.93
CA LYS A 257 -19.31 48.39 -25.92
C LYS A 257 -17.83 48.48 -25.53
N ALA A 258 -17.44 49.59 -24.87
CA ALA A 258 -16.05 49.77 -24.54
C ALA A 258 -15.76 49.38 -23.08
N ASP A 259 -16.73 48.75 -22.39
CA ASP A 259 -16.45 48.22 -21.06
C ASP A 259 -15.62 46.93 -21.21
N LYS A 260 -14.54 46.84 -20.45
CA LYS A 260 -13.77 45.60 -20.49
C LYS A 260 -14.58 44.44 -19.87
N PRO A 261 -14.46 43.27 -20.47
CA PRO A 261 -15.27 42.15 -19.93
C PRO A 261 -14.65 41.50 -18.68
N PHE A 262 -15.52 40.76 -17.99
CA PHE A 262 -15.14 39.79 -16.97
C PHE A 262 -15.04 38.46 -17.67
N VAL A 263 -13.97 37.71 -17.43
CA VAL A 263 -13.82 36.40 -18.08
C VAL A 263 -13.87 35.31 -17.04
N LEU A 264 -14.75 34.33 -17.23
CA LEU A 264 -14.78 33.13 -16.37
C LEU A 264 -14.26 31.96 -17.17
N VAL A 265 -13.25 31.27 -16.61
CA VAL A 265 -12.63 30.11 -17.26
C VAL A 265 -12.98 28.89 -16.44
N GLY A 266 -13.64 27.89 -17.03
CA GLY A 266 -14.04 26.71 -16.26
C GLY A 266 -13.35 25.45 -16.72
N LYS A 267 -12.77 24.71 -15.77
CA LYS A 267 -12.26 23.37 -16.10
C LYS A 267 -13.42 22.41 -16.40
N GLY A 268 -13.35 21.79 -17.57
CA GLY A 268 -14.42 20.98 -18.07
C GLY A 268 -13.89 19.60 -18.40
N ILE A 269 -13.24 18.99 -17.44
CA ILE A 269 -12.78 17.64 -17.69
C ILE A 269 -13.96 16.71 -17.37
N THR A 270 -14.52 16.16 -18.42
CA THR A 270 -15.80 15.48 -18.26
C THR A 270 -15.65 14.11 -17.57
N PHE A 271 -14.47 13.51 -17.67
CA PHE A 271 -14.10 12.41 -16.77
C PHE A 271 -12.62 12.40 -16.65
N ASP A 272 -12.16 12.21 -15.41
CA ASP A 272 -10.72 12.18 -15.14
C ASP A 272 -10.31 10.81 -14.64
N THR A 273 -9.81 9.96 -15.57
CA THR A 273 -9.24 8.66 -15.13
C THR A 273 -7.84 8.82 -14.58
N GLY A 274 -7.22 9.99 -14.79
CA GLY A 274 -5.79 10.16 -14.54
C GLY A 274 -4.96 9.96 -15.81
N GLY A 275 -5.48 9.23 -16.79
CA GLY A 275 -4.71 8.89 -17.99
C GLY A 275 -3.71 7.80 -17.67
N ILE A 276 -2.55 7.85 -18.34
CA ILE A 276 -1.49 6.86 -18.11
C ILE A 276 -1.04 6.86 -16.62
N SER A 277 -1.02 8.04 -15.97
CA SER A 277 -0.89 8.13 -14.52
C SER A 277 -2.27 7.84 -13.89
N LEU A 278 -2.72 6.61 -14.10
CA LEU A 278 -4.09 6.22 -13.76
C LEU A 278 -4.43 6.31 -12.29
N LYS A 279 -5.63 6.79 -12.00
CA LYS A 279 -6.13 6.88 -10.61
C LYS A 279 -6.48 5.50 -10.07
N PRO A 280 -6.49 5.36 -8.74
CA PRO A 280 -7.06 4.15 -8.12
C PRO A 280 -8.55 3.98 -8.45
N GLY A 281 -9.07 2.77 -8.39
CA GLY A 281 -10.49 2.55 -8.67
C GLY A 281 -11.42 3.14 -7.62
N ALA A 282 -11.04 3.18 -6.35
CA ALA A 282 -11.99 3.58 -5.30
C ALA A 282 -12.43 5.02 -5.46
N GLY A 283 -13.74 5.20 -5.54
CA GLY A 283 -14.31 6.53 -5.67
C GLY A 283 -14.11 7.20 -7.01
N MET A 284 -13.63 6.48 -8.01
CA MET A 284 -13.31 7.14 -9.26
C MET A 284 -14.55 7.69 -9.98
N ASP A 285 -15.66 7.14 -9.66
CA ASP A 285 -16.88 7.66 -10.26
C ASP A 285 -17.10 9.13 -9.96
N GLU A 286 -16.50 9.64 -8.93
CA GLU A 286 -16.79 11.02 -8.62
C GLU A 286 -16.04 11.98 -9.53
N MET A 287 -15.19 11.39 -10.37
CA MET A 287 -14.52 12.22 -11.35
C MET A 287 -15.42 12.65 -12.54
N LYS A 288 -16.70 12.23 -12.56
CA LYS A 288 -17.66 12.84 -13.48
C LYS A 288 -17.92 14.29 -13.07
N TYR A 289 -17.58 14.65 -11.83
CA TYR A 289 -17.72 16.03 -11.33
C TYR A 289 -16.50 16.89 -11.67
N ASP A 290 -15.54 16.36 -12.44
CA ASP A 290 -14.32 17.14 -12.70
C ASP A 290 -14.57 18.20 -13.79
N MET A 291 -15.85 18.30 -14.21
CA MET A 291 -16.27 19.38 -15.09
C MET A 291 -17.15 20.39 -14.37
N CYS A 292 -17.17 20.30 -13.03
CA CYS A 292 -18.00 21.24 -12.21
C CYS A 292 -17.53 22.68 -12.31
N GLY A 293 -16.25 22.92 -12.64
CA GLY A 293 -15.79 24.29 -12.96
C GLY A 293 -16.53 24.85 -14.14
N ALA A 294 -16.44 24.15 -15.25
CA ALA A 294 -17.26 24.52 -16.40
C ALA A 294 -18.75 24.60 -16.08
N ALA A 295 -19.27 23.63 -15.35
CA ALA A 295 -20.69 23.64 -14.98
C ALA A 295 -21.05 24.88 -14.20
N SER A 296 -20.19 25.32 -13.27
CA SER A 296 -20.51 26.51 -12.49
C SER A 296 -20.46 27.78 -13.36
N VAL A 297 -19.64 27.78 -14.41
CA VAL A 297 -19.64 28.90 -15.36
C VAL A 297 -20.95 28.94 -16.13
N PHE A 298 -21.39 27.77 -16.64
CA PHE A 298 -22.71 27.71 -17.28
C PHE A 298 -23.79 28.24 -16.33
N GLY A 299 -23.76 27.80 -15.07
CA GLY A 299 -24.79 28.21 -14.12
C GLY A 299 -24.76 29.69 -13.81
N THR A 300 -23.58 30.24 -13.64
CA THR A 300 -23.42 31.68 -13.40
C THR A 300 -23.92 32.46 -14.62
N LEU A 301 -23.56 32.02 -15.82
CA LEU A 301 -24.06 32.68 -17.03
C LEU A 301 -25.57 32.61 -17.05
N ARG A 302 -26.17 31.44 -16.74
CA ARG A 302 -27.63 31.36 -16.73
C ARG A 302 -28.26 32.39 -15.73
N ALA A 303 -27.67 32.56 -14.55
CA ALA A 303 -28.12 33.55 -13.57
C ALA A 303 -27.99 34.97 -14.12
N VAL A 304 -26.86 35.26 -14.76
CA VAL A 304 -26.61 36.59 -15.32
C VAL A 304 -27.62 36.91 -16.43
N LEU A 305 -27.93 35.89 -17.26
CA LEU A 305 -28.94 36.09 -18.33
C LEU A 305 -30.31 36.36 -17.74
N GLU A 306 -30.65 35.67 -16.71
CA GLU A 306 -31.91 35.89 -16.01
C GLU A 306 -31.99 37.31 -15.46
N LEU A 307 -30.99 37.77 -14.91
CA LEU A 307 -30.94 39.10 -14.28
C LEU A 307 -30.68 40.20 -15.27
N GLN A 308 -30.27 39.85 -16.44
CA GLN A 308 -29.89 40.80 -17.49
C GLN A 308 -28.90 41.82 -16.94
N LEU A 309 -27.84 41.33 -16.31
CA LEU A 309 -26.86 42.26 -15.72
C LEU A 309 -26.15 43.04 -16.81
N PRO A 310 -25.86 44.31 -16.53
CA PRO A 310 -25.25 45.18 -17.55
C PRO A 310 -23.74 45.08 -17.51
N VAL A 311 -23.23 43.87 -17.78
CA VAL A 311 -21.78 43.63 -17.86
C VAL A 311 -21.49 42.84 -19.11
N ASN A 312 -20.25 42.92 -19.54
CA ASN A 312 -19.74 42.06 -20.62
C ASN A 312 -19.08 40.87 -19.92
N LEU A 313 -19.58 39.67 -20.20
CA LEU A 313 -19.09 38.42 -19.58
C LEU A 313 -18.70 37.43 -20.64
N VAL A 314 -17.42 37.02 -20.66
CA VAL A 314 -16.96 36.02 -21.63
C VAL A 314 -16.67 34.77 -20.82
N CYS A 315 -17.31 33.68 -21.21
CA CYS A 315 -17.12 32.39 -20.57
C CYS A 315 -16.32 31.48 -21.46
N LEU A 316 -15.26 30.86 -20.89
CA LEU A 316 -14.40 29.95 -21.68
C LEU A 316 -14.42 28.61 -20.99
N LEU A 317 -14.94 27.59 -21.64
CA LEU A 317 -15.04 26.26 -21.03
C LEU A 317 -14.01 25.35 -21.68
N ALA A 318 -13.03 24.91 -20.88
CA ALA A 318 -11.92 24.08 -21.39
C ALA A 318 -12.27 22.62 -21.16
N CYS A 319 -12.78 21.96 -22.20
CA CYS A 319 -13.37 20.63 -22.02
C CYS A 319 -12.61 19.51 -22.72
N ALA A 320 -12.39 18.43 -21.97
CA ALA A 320 -11.66 17.27 -22.52
C ALA A 320 -12.01 16.08 -21.63
N GLU A 321 -11.57 14.91 -22.11
CA GLU A 321 -11.92 13.73 -21.33
C GLU A 321 -10.62 12.97 -21.13
N ASN A 322 -10.08 12.74 -19.96
CA ASN A 322 -8.71 12.23 -19.72
C ASN A 322 -8.73 10.69 -19.56
N MET A 323 -8.31 10.01 -20.63
CA MET A 323 -8.42 8.53 -20.73
C MET A 323 -7.07 7.91 -21.04
N PRO A 324 -6.83 6.67 -20.59
CA PRO A 324 -5.60 5.94 -20.97
C PRO A 324 -5.87 5.24 -22.31
N SER A 325 -4.85 5.16 -23.16
CA SER A 325 -4.98 4.46 -24.44
C SER A 325 -3.61 4.39 -25.12
N GLY A 326 -3.59 3.79 -26.31
CA GLY A 326 -2.30 3.63 -27.04
C GLY A 326 -1.80 4.89 -27.68
N GLY A 327 -2.61 5.95 -27.62
CA GLY A 327 -2.23 7.26 -28.15
C GLY A 327 -2.29 8.36 -27.09
N ALA A 328 -2.40 8.01 -25.82
CA ALA A 328 -2.46 8.99 -24.77
C ALA A 328 -1.11 9.65 -24.49
N THR A 329 -1.16 10.83 -23.91
CA THR A 329 0.04 11.48 -23.39
C THR A 329 0.73 10.60 -22.33
N ARG A 330 2.07 10.62 -22.39
CA ARG A 330 2.87 9.91 -21.39
C ARG A 330 3.52 10.84 -20.39
N PRO A 331 3.74 10.34 -19.17
CA PRO A 331 4.62 11.05 -18.24
C PRO A 331 5.99 11.26 -18.87
N GLY A 332 6.51 12.50 -18.79
CA GLY A 332 7.75 12.84 -19.49
C GLY A 332 7.57 13.52 -20.84
N ASP A 333 6.36 13.53 -21.40
CA ASP A 333 6.15 14.27 -22.64
C ASP A 333 6.43 15.75 -22.41
N ILE A 334 6.94 16.41 -23.43
CA ILE A 334 7.16 17.89 -23.35
C ILE A 334 6.35 18.53 -24.46
N VAL A 335 5.53 19.53 -24.12
CA VAL A 335 4.66 20.19 -25.07
C VAL A 335 4.91 21.68 -25.07
N THR A 336 4.57 22.31 -26.20
CA THR A 336 4.62 23.78 -26.32
C THR A 336 3.22 24.34 -26.12
N THR A 337 3.07 25.13 -25.06
CA THR A 337 1.78 25.78 -24.77
C THR A 337 1.53 26.90 -25.79
N MET A 338 0.29 27.41 -25.82
CA MET A 338 -0.06 28.50 -26.73
C MET A 338 0.85 29.71 -26.53
N SER A 339 1.19 29.97 -25.26
CA SER A 339 2.05 31.11 -24.86
C SER A 339 3.50 30.99 -25.37
N GLY A 340 3.90 29.80 -25.81
CA GLY A 340 5.29 29.52 -26.17
C GLY A 340 6.07 28.88 -25.05
N GLN A 341 5.61 28.97 -23.82
CA GLN A 341 6.26 28.29 -22.72
C GLN A 341 6.12 26.77 -22.93
N THR A 342 7.22 26.07 -22.59
CA THR A 342 7.17 24.61 -22.67
C THR A 342 6.86 23.99 -21.32
N VAL A 343 6.15 22.87 -21.32
CA VAL A 343 5.73 22.18 -20.09
C VAL A 343 6.11 20.71 -20.21
N GLU A 344 6.83 20.22 -19.19
CA GLU A 344 7.07 18.78 -19.05
C GLU A 344 5.90 18.21 -18.27
N ILE A 345 5.18 17.27 -18.88
CA ILE A 345 3.99 16.68 -18.27
C ILE A 345 4.51 15.48 -17.49
N LEU A 346 4.90 15.72 -16.24
CA LEU A 346 5.44 14.69 -15.34
C LEU A 346 4.38 13.69 -14.87
N ASN A 347 3.14 14.17 -14.78
CA ASN A 347 2.03 13.34 -14.29
C ASN A 347 0.81 13.72 -15.12
N THR A 348 0.23 12.71 -15.79
CA THR A 348 -0.88 13.00 -16.71
C THR A 348 -2.18 13.23 -15.95
N ASP A 349 -2.17 13.01 -14.64
CA ASP A 349 -3.34 13.27 -13.82
C ASP A 349 -3.32 14.71 -13.28
N ALA A 350 -2.28 15.50 -13.61
CA ALA A 350 -2.32 16.95 -13.34
C ALA A 350 -2.76 17.64 -14.65
N GLU A 351 -3.96 17.28 -15.08
CA GLU A 351 -4.43 17.64 -16.45
C GLU A 351 -5.26 18.90 -16.49
N GLY A 352 -5.98 19.19 -15.41
CA GLY A 352 -6.81 20.40 -15.39
C GLY A 352 -5.98 21.63 -15.67
N ARG A 353 -4.82 21.71 -15.03
CA ARG A 353 -3.97 22.91 -15.17
C ARG A 353 -3.46 23.04 -16.61
N LEU A 354 -3.41 21.91 -17.32
CA LEU A 354 -2.93 21.89 -18.71
C LEU A 354 -3.98 22.45 -19.65
N VAL A 355 -5.24 22.08 -19.48
CA VAL A 355 -6.25 22.68 -20.36
C VAL A 355 -6.48 24.13 -19.96
N LEU A 356 -6.34 24.43 -18.66
CA LEU A 356 -6.54 25.79 -18.18
C LEU A 356 -5.46 26.73 -18.69
N CYS A 357 -4.18 26.29 -18.69
CA CYS A 357 -3.10 27.25 -18.99
C CYS A 357 -3.25 27.79 -20.42
N ASP A 358 -3.62 26.94 -21.38
CA ASP A 358 -3.79 27.37 -22.76
C ASP A 358 -5.03 28.24 -22.88
N THR A 359 -6.04 27.97 -22.06
CA THR A 359 -7.26 28.78 -22.10
C THR A 359 -7.02 30.16 -21.49
N LEU A 360 -6.18 30.23 -20.45
CA LEU A 360 -5.76 31.55 -19.89
C LEU A 360 -5.02 32.37 -20.95
N THR A 361 -4.16 31.73 -21.76
CA THR A 361 -3.53 32.49 -22.84
C THR A 361 -4.59 32.99 -23.84
N TYR A 362 -5.54 32.10 -24.18
CA TYR A 362 -6.61 32.43 -25.13
C TYR A 362 -7.38 33.64 -24.64
N ALA A 363 -7.57 33.72 -23.31
CA ALA A 363 -8.35 34.82 -22.71
C ALA A 363 -7.76 36.22 -22.94
N GLU A 364 -6.48 36.28 -23.27
CA GLU A 364 -5.81 37.60 -23.43
C GLU A 364 -6.52 38.45 -24.48
N ARG A 365 -7.07 37.79 -25.50
CA ARG A 365 -7.64 38.52 -26.67
C ARG A 365 -8.81 39.41 -26.28
N PHE A 366 -9.45 39.10 -25.15
CA PHE A 366 -10.65 39.85 -24.75
C PHE A 366 -10.33 41.14 -24.01
N LYS A 367 -9.05 41.36 -23.70
CA LYS A 367 -8.59 42.55 -22.96
C LYS A 367 -9.43 42.75 -21.69
N PRO A 368 -9.43 41.72 -20.83
CA PRO A 368 -10.39 41.68 -19.74
C PRO A 368 -10.00 42.56 -18.55
N GLN A 369 -10.95 42.88 -17.77
CA GLN A 369 -10.66 43.60 -16.53
C GLN A 369 -10.51 42.63 -15.33
N ALA A 370 -10.94 41.37 -15.52
CA ALA A 370 -10.75 40.33 -14.48
C ALA A 370 -10.90 39.02 -15.21
N VAL A 371 -10.04 38.04 -14.84
CA VAL A 371 -10.16 36.66 -15.37
C VAL A 371 -10.13 35.74 -14.16
N ILE A 372 -11.18 34.94 -14.02
CA ILE A 372 -11.33 34.07 -12.86
C ILE A 372 -11.44 32.64 -13.39
N ASP A 373 -10.59 31.82 -12.98
CA ASP A 373 -10.62 30.39 -13.35
C ASP A 373 -11.20 29.61 -12.17
N ILE A 374 -12.07 28.62 -12.53
CA ILE A 374 -12.75 27.82 -11.52
C ILE A 374 -12.50 26.36 -11.88
N ALA A 375 -11.96 25.58 -10.94
CA ALA A 375 -11.53 24.22 -11.27
C ALA A 375 -11.58 23.31 -10.04
N THR A 376 -11.97 22.05 -10.26
CA THR A 376 -11.86 20.98 -9.28
C THR A 376 -10.41 20.43 -9.33
N LEU A 377 -9.49 21.20 -8.80
CA LEU A 377 -8.12 21.03 -9.24
C LEU A 377 -7.27 20.12 -8.39
N THR A 378 -7.41 20.19 -7.06
CA THR A 378 -6.45 19.47 -6.23
C THR A 378 -7.09 18.76 -5.09
N GLY A 379 -6.72 17.48 -4.91
CA GLY A 379 -7.00 16.81 -3.64
C GLY A 379 -6.40 17.54 -2.46
N ALA A 380 -5.29 18.25 -2.66
CA ALA A 380 -4.67 18.99 -1.58
C ALA A 380 -5.58 20.09 -1.03
N CYS A 381 -6.46 20.63 -1.86
CA CYS A 381 -7.36 21.70 -1.38
C CYS A 381 -8.32 21.13 -0.35
N ILE A 382 -8.71 19.88 -0.50
CA ILE A 382 -9.60 19.22 0.47
C ILE A 382 -8.84 18.99 1.76
N VAL A 383 -7.57 18.64 1.66
CA VAL A 383 -6.77 18.56 2.87
C VAL A 383 -6.62 19.93 3.57
N ALA A 384 -6.46 21.00 2.79
CA ALA A 384 -6.29 22.34 3.37
C ALA A 384 -7.56 22.98 3.91
N LEU A 385 -8.65 22.90 3.16
CA LEU A 385 -9.85 23.65 3.50
C LEU A 385 -11.14 22.82 3.52
N GLY A 386 -11.03 21.50 3.24
CA GLY A 386 -12.16 20.59 3.45
C GLY A 386 -13.33 20.90 2.52
N SER A 387 -14.52 20.57 2.98
CA SER A 387 -15.72 20.65 2.14
C SER A 387 -16.43 21.97 2.23
N HIS A 388 -16.00 22.86 3.11
CA HIS A 388 -16.79 24.07 3.45
C HIS A 388 -16.38 25.35 2.71
N THR A 389 -15.14 25.41 2.29
CA THR A 389 -14.56 26.67 1.88
C THR A 389 -13.75 26.46 0.63
N THR A 390 -14.00 27.25 -0.42
CA THR A 390 -13.24 27.12 -1.66
C THR A 390 -11.85 27.79 -1.51
N GLY A 391 -10.82 27.18 -2.11
CA GLY A 391 -9.46 27.77 -2.09
C GLY A 391 -9.38 28.85 -3.13
N LEU A 392 -8.79 29.98 -2.79
CA LEU A 392 -8.70 31.11 -3.71
C LEU A 392 -7.26 31.65 -3.73
N MET A 393 -6.75 31.88 -4.93
CA MET A 393 -5.43 32.46 -5.16
C MET A 393 -5.53 33.47 -6.25
N GLY A 394 -4.59 34.39 -6.35
CA GLY A 394 -4.60 35.26 -7.52
C GLY A 394 -3.40 36.16 -7.60
N ASN A 395 -3.40 37.03 -8.61
CA ASN A 395 -2.27 37.94 -8.83
C ASN A 395 -2.62 39.38 -8.58
N ASN A 396 -3.85 39.64 -8.12
CA ASN A 396 -4.37 40.98 -7.86
C ASN A 396 -5.01 41.01 -6.49
N ASP A 397 -4.66 41.81 -5.63
CA ASP A 397 -5.25 41.83 -4.29
C ASP A 397 -6.67 42.37 -4.31
N ASP A 398 -6.94 43.36 -5.14
CA ASP A 398 -8.31 43.88 -5.17
C ASP A 398 -9.31 42.82 -5.65
N LEU A 399 -8.95 42.06 -6.69
CA LEU A 399 -9.87 41.07 -7.26
C LEU A 399 -10.09 39.95 -6.22
N VAL A 400 -9.00 39.52 -5.58
CA VAL A 400 -9.11 38.47 -4.57
C VAL A 400 -10.02 38.94 -3.44
N GLY A 401 -9.86 40.20 -3.04
CA GLY A 401 -10.71 40.71 -1.94
C GLY A 401 -12.17 40.82 -2.34
N GLN A 402 -12.42 41.19 -3.60
CA GLN A 402 -13.78 41.27 -4.08
C GLN A 402 -14.44 39.88 -4.05
N LEU A 403 -13.70 38.85 -4.45
CA LEU A 403 -14.26 37.49 -4.49
C LEU A 403 -14.52 36.98 -3.05
N LEU A 404 -13.59 37.25 -2.14
CA LEU A 404 -13.81 36.88 -0.76
C LEU A 404 -15.03 37.58 -0.19
N ASP A 405 -15.16 38.87 -0.46
CA ASP A 405 -16.31 39.58 0.10
C ASP A 405 -17.61 39.06 -0.50
N ALA A 406 -17.63 38.82 -1.83
CA ALA A 406 -18.79 38.16 -2.45
C ALA A 406 -19.14 36.84 -1.81
N GLY A 407 -18.14 36.03 -1.52
CA GLY A 407 -18.41 34.71 -0.92
C GLY A 407 -19.01 34.86 0.48
N LYS A 408 -18.54 35.83 1.25
CA LYS A 408 -19.14 36.07 2.59
C LYS A 408 -20.59 36.46 2.49
N ARG A 409 -20.91 37.42 1.60
CA ARG A 409 -22.31 37.90 1.52
C ARG A 409 -23.22 36.85 0.90
N ALA A 410 -22.68 35.99 0.03
CA ALA A 410 -23.51 34.97 -0.60
C ALA A 410 -23.60 33.71 0.25
N ASP A 411 -22.83 33.63 1.34
CA ASP A 411 -22.68 32.40 2.11
C ASP A 411 -22.24 31.22 1.22
N ASP A 412 -21.16 31.49 0.46
CA ASP A 412 -20.49 30.52 -0.41
C ASP A 412 -19.03 30.88 -0.30
N ARG A 413 -18.45 30.60 0.87
CA ARG A 413 -17.18 31.24 1.21
C ARG A 413 -15.98 30.64 0.54
N ALA A 414 -15.01 31.53 0.31
CA ALA A 414 -13.69 31.12 -0.09
C ALA A 414 -12.66 31.57 0.94
N TRP A 415 -11.40 31.20 0.70
CA TRP A 415 -10.33 31.58 1.61
C TRP A 415 -9.03 31.65 0.80
N GLN A 416 -8.30 32.75 0.96
CA GLN A 416 -7.08 32.94 0.15
C GLN A 416 -5.93 32.05 0.65
N LEU A 417 -5.16 31.53 -0.29
CA LEU A 417 -3.87 30.88 -0.03
C LEU A 417 -2.81 31.69 -0.79
N PRO A 418 -1.57 31.71 -0.30
CA PRO A 418 -0.55 32.58 -0.90
C PRO A 418 0.18 31.97 -2.08
N LEU A 419 0.48 32.78 -3.08
CA LEU A 419 1.33 32.32 -4.17
C LEU A 419 2.73 32.91 -4.01
N PHE A 420 3.37 32.68 -2.87
CA PHE A 420 4.66 33.27 -2.69
C PHE A 420 5.65 32.75 -3.71
N ASP A 421 6.62 33.59 -4.05
CA ASP A 421 7.58 33.17 -5.09
C ASP A 421 8.37 31.93 -4.71
N GLU A 422 8.58 31.69 -3.42
CA GLU A 422 9.32 30.54 -2.96
C GLU A 422 8.73 29.19 -3.43
N TYR A 423 7.40 29.16 -3.69
CA TYR A 423 6.77 27.92 -4.11
C TYR A 423 7.03 27.63 -5.58
N GLN A 424 7.30 28.79 -6.45
CA GLN A 424 7.59 28.55 -7.88
C GLN A 424 8.65 27.51 -8.10
N GLU A 425 9.71 27.42 -7.38
CA GLU A 425 10.79 26.57 -7.86
C GLU A 425 10.45 25.08 -7.87
N GLN A 426 9.45 24.82 -7.17
CA GLN A 426 8.92 23.47 -7.07
C GLN A 426 8.52 22.89 -8.43
N LEU A 427 8.15 23.83 -9.31
CA LEU A 427 7.79 23.47 -10.69
C LEU A 427 8.97 23.39 -11.64
N ASP A 428 10.18 23.62 -11.17
CA ASP A 428 11.31 23.60 -12.10
C ASP A 428 11.51 22.23 -12.76
N SER A 429 11.90 22.28 -14.04
CA SER A 429 12.24 21.09 -14.82
C SER A 429 13.65 21.30 -15.38
N PRO A 430 14.46 20.23 -15.42
CA PRO A 430 15.76 20.35 -16.08
C PRO A 430 15.67 20.50 -17.59
N PHE A 431 14.52 20.18 -18.18
CA PHE A 431 14.37 20.09 -19.64
C PHE A 431 13.49 21.22 -20.19
N ALA A 432 12.34 21.41 -19.58
CA ALA A 432 11.35 22.37 -20.11
C ALA A 432 11.34 23.65 -19.25
N ASP A 433 10.54 24.64 -19.69
CA ASP A 433 10.40 25.87 -18.91
C ASP A 433 9.80 25.58 -17.52
N MET A 434 8.95 24.56 -17.42
CA MET A 434 8.39 24.16 -16.13
C MET A 434 7.90 22.73 -16.27
N GLY A 435 7.74 22.07 -15.12
CA GLY A 435 6.95 20.84 -15.02
C GLY A 435 5.55 21.15 -14.59
N ASN A 436 4.66 20.14 -14.69
CA ASN A 436 3.26 20.40 -14.30
C ASN A 436 2.95 19.98 -12.87
N ILE A 437 3.95 19.48 -12.13
CA ILE A 437 3.72 19.11 -10.71
C ILE A 437 4.79 19.70 -9.84
N GLY A 438 4.40 19.95 -8.59
CA GLY A 438 5.34 20.49 -7.57
C GLY A 438 5.70 19.58 -6.41
N GLY A 439 5.24 18.34 -6.43
CA GLY A 439 5.59 17.40 -5.34
C GLY A 439 4.54 17.44 -4.25
N PRO A 440 4.83 16.72 -3.15
CA PRO A 440 3.83 16.52 -2.09
C PRO A 440 3.50 17.74 -1.22
N LYS A 441 4.35 18.76 -1.24
CA LYS A 441 4.18 19.91 -0.35
C LYS A 441 3.47 21.03 -1.09
N ALA A 442 2.48 21.63 -0.43
CA ALA A 442 1.75 22.80 -0.95
C ALA A 442 1.11 22.56 -2.31
N GLY A 443 0.44 21.42 -2.47
CA GLY A 443 -0.10 21.07 -3.79
C GLY A 443 -1.13 22.04 -4.40
N THR A 444 -1.99 22.60 -3.54
CA THR A 444 -3.01 23.56 -4.06
C THR A 444 -2.29 24.80 -4.54
N ILE A 445 -1.33 25.26 -3.74
CA ILE A 445 -0.53 26.48 -4.06
C ILE A 445 0.32 26.26 -5.30
N THR A 446 0.97 25.09 -5.44
CA THR A 446 1.83 24.94 -6.64
C THR A 446 1.01 24.87 -7.91
N ALA A 447 -0.20 24.29 -7.84
CA ALA A 447 -1.09 24.34 -8.99
C ALA A 447 -1.47 25.78 -9.35
N GLY A 448 -1.79 26.58 -8.31
CA GLY A 448 -2.03 28.02 -8.56
C GLY A 448 -0.81 28.72 -9.12
N CYS A 449 0.37 28.36 -8.61
CA CYS A 449 1.62 28.90 -9.17
C CYS A 449 1.83 28.60 -10.62
N PHE A 450 1.52 27.36 -10.98
CA PHE A 450 1.61 26.95 -12.40
C PHE A 450 0.73 27.85 -13.24
N LEU A 451 -0.53 28.00 -12.81
CA LEU A 451 -1.48 28.78 -13.59
C LEU A 451 -1.08 30.24 -13.68
N SER A 452 -0.49 30.77 -12.61
CA SER A 452 -0.11 32.19 -12.56
C SER A 452 0.85 32.56 -13.67
N ARG A 453 1.64 31.59 -14.14
CA ARG A 453 2.63 31.87 -15.19
C ARG A 453 1.98 32.12 -16.53
N PHE A 454 0.68 31.92 -16.61
CA PHE A 454 -0.07 32.14 -17.86
C PHE A 454 -1.06 33.28 -17.75
N ALA A 455 -1.04 33.93 -16.58
CA ALA A 455 -2.04 34.98 -16.26
C ALA A 455 -1.44 36.38 -16.05
N LYS A 456 -0.20 36.57 -16.49
CA LYS A 456 0.49 37.81 -16.17
C LYS A 456 -0.08 39.01 -16.89
N ALA A 457 -0.85 38.81 -17.95
CA ALA A 457 -1.34 39.93 -18.78
C ALA A 457 -2.53 40.67 -18.18
N TYR A 458 -3.12 40.16 -17.12
CA TYR A 458 -4.39 40.71 -16.65
C TYR A 458 -4.59 40.41 -15.16
N ASN A 459 -5.61 41.01 -14.56
CA ASN A 459 -5.95 40.73 -13.13
C ASN A 459 -6.64 39.37 -13.08
N TRP A 460 -6.09 38.46 -12.29
CA TRP A 460 -6.55 37.06 -12.37
C TRP A 460 -6.70 36.46 -10.97
N ALA A 461 -7.68 35.56 -10.86
CA ALA A 461 -7.84 34.76 -9.63
C ALA A 461 -8.23 33.36 -10.03
N HIS A 462 -7.92 32.43 -9.14
CA HIS A 462 -8.10 30.99 -9.38
C HIS A 462 -8.86 30.43 -8.16
N MET A 463 -9.92 29.70 -8.43
CA MET A 463 -10.79 29.12 -7.39
C MET A 463 -10.67 27.59 -7.51
N ASP A 464 -10.17 26.94 -6.48
CA ASP A 464 -10.07 25.48 -6.45
C ASP A 464 -11.25 24.98 -5.63
N ILE A 465 -12.16 24.39 -6.36
CA ILE A 465 -13.48 23.93 -5.84
C ILE A 465 -13.51 22.40 -5.69
N ALA A 466 -12.33 21.78 -5.62
CA ALA A 466 -12.27 20.31 -5.46
C ALA A 466 -13.06 19.82 -4.23
N GLY A 467 -13.13 20.63 -3.18
CA GLY A 467 -13.84 20.26 -1.95
C GLY A 467 -15.27 20.74 -1.83
N THR A 468 -15.63 21.78 -2.61
CA THR A 468 -16.94 22.43 -2.42
C THR A 468 -17.94 22.13 -3.55
N ALA A 469 -17.48 21.55 -4.66
CA ALA A 469 -18.35 21.33 -5.85
C ALA A 469 -19.31 20.13 -5.77
N TRP A 470 -19.01 19.16 -4.91
CA TRP A 470 -19.91 18.01 -4.78
C TRP A 470 -19.84 17.38 -3.43
N ILE A 471 -20.87 16.59 -3.11
CA ILE A 471 -20.91 15.80 -1.87
C ILE A 471 -20.63 14.36 -2.27
N SER A 472 -19.69 13.70 -1.59
CA SER A 472 -19.20 12.38 -2.07
C SER A 472 -20.12 11.20 -1.87
N GLY A 473 -20.84 11.22 -0.76
CA GLY A 473 -21.56 10.03 -0.31
C GLY A 473 -22.80 10.37 0.48
N GLY A 474 -23.48 9.34 0.97
CA GLY A 474 -24.72 9.51 1.71
C GLY A 474 -25.93 9.86 0.86
N LYS A 475 -27.01 10.21 1.57
CA LYS A 475 -28.29 10.56 0.96
C LYS A 475 -28.12 11.60 -0.13
N ASP A 476 -27.24 12.43 0.20
CA ASP A 476 -27.16 13.67 -0.55
C ASP A 476 -25.95 13.73 -1.48
N LYS A 477 -25.34 12.69 -1.79
CA LYS A 477 -24.29 12.58 -2.84
C LYS A 477 -24.73 13.33 -4.11
N GLY A 478 -23.83 14.15 -4.63
CA GLY A 478 -24.13 14.83 -5.90
C GLY A 478 -23.55 16.24 -5.91
N ALA A 479 -23.69 16.91 -7.03
CA ALA A 479 -23.15 18.27 -7.19
C ALA A 479 -23.85 19.24 -6.25
N THR A 480 -23.10 20.27 -5.82
CA THR A 480 -23.68 21.27 -4.90
C THR A 480 -24.18 22.51 -5.61
N GLY A 481 -23.65 22.81 -6.80
CA GLY A 481 -23.92 24.08 -7.45
C GLY A 481 -22.99 25.20 -7.03
N ARG A 482 -22.09 24.94 -6.06
CA ARG A 482 -21.08 25.96 -5.73
C ARG A 482 -20.00 25.93 -6.78
N PRO A 483 -19.44 27.09 -7.16
CA PRO A 483 -19.58 28.39 -6.54
C PRO A 483 -20.48 29.37 -7.31
N VAL A 484 -21.59 28.89 -7.85
CA VAL A 484 -22.50 29.81 -8.56
C VAL A 484 -22.91 30.98 -7.66
N PRO A 485 -23.17 30.77 -6.34
CA PRO A 485 -23.62 31.96 -5.55
C PRO A 485 -22.49 32.97 -5.43
N LEU A 486 -21.25 32.55 -5.17
CA LEU A 486 -20.15 33.51 -5.03
C LEU A 486 -19.95 34.25 -6.37
N LEU A 487 -19.89 33.50 -7.47
CA LEU A 487 -19.60 34.15 -8.76
C LEU A 487 -20.72 35.11 -9.15
N THR A 488 -21.97 34.72 -8.92
CA THR A 488 -23.08 35.56 -9.29
C THR A 488 -23.05 36.81 -8.39
N GLN A 489 -22.77 36.62 -7.10
CA GLN A 489 -22.66 37.77 -6.21
C GLN A 489 -21.58 38.73 -6.67
N TYR A 490 -20.40 38.17 -7.03
CA TYR A 490 -19.31 39.03 -7.54
C TYR A 490 -19.80 39.87 -8.72
N LEU A 491 -20.52 39.25 -9.64
CA LEU A 491 -20.99 40.00 -10.84
C LEU A 491 -22.11 41.00 -10.47
N LEU A 492 -22.98 40.65 -9.55
CA LEU A 492 -23.96 41.64 -9.00
C LEU A 492 -23.19 42.84 -8.45
N ASP A 493 -22.13 42.58 -7.68
CA ASP A 493 -21.34 43.66 -7.10
C ASP A 493 -20.73 44.55 -8.19
N ARG A 494 -20.19 43.92 -9.24
CA ARG A 494 -19.56 44.71 -10.32
C ARG A 494 -20.59 45.48 -11.11
N ALA A 495 -21.81 44.95 -11.24
CA ALA A 495 -22.91 45.62 -11.97
C ALA A 495 -23.50 46.73 -11.14
N GLY A 496 -23.28 46.69 -9.83
CA GLY A 496 -23.96 47.60 -8.89
C GLY A 496 -25.44 47.30 -8.75
N ALA A 497 -25.78 46.01 -8.57
CA ALA A 497 -27.19 45.56 -8.50
C ALA A 497 -27.61 45.07 -7.10
N MET B 1 34.17 22.09 -27.85
CA MET B 1 35.45 22.60 -27.28
C MET B 1 36.60 21.97 -28.07
N GLU B 2 37.56 22.80 -28.48
CA GLU B 2 38.80 22.30 -29.07
C GLU B 2 39.73 21.87 -27.94
N LEU B 3 40.29 20.68 -28.05
CA LEU B 3 41.18 20.15 -27.01
C LEU B 3 42.46 19.70 -27.70
N VAL B 4 43.57 20.40 -27.39
CA VAL B 4 44.88 20.17 -27.99
C VAL B 4 45.94 19.97 -26.93
N VAL B 5 47.07 19.45 -27.37
CA VAL B 5 48.18 19.11 -26.51
C VAL B 5 49.42 19.85 -26.98
N LYS B 6 50.15 20.46 -26.03
CA LYS B 6 51.44 21.11 -26.31
C LYS B 6 52.49 20.72 -25.28
N SER B 7 53.74 20.98 -25.61
CA SER B 7 54.83 20.59 -24.75
C SER B 7 55.65 21.80 -24.25
N VAL B 8 55.15 23.01 -24.47
CA VAL B 8 55.78 24.27 -24.06
C VAL B 8 55.72 24.49 -22.53
N ALA B 9 56.57 25.38 -22.00
CA ALA B 9 56.63 25.69 -20.57
C ALA B 9 55.38 26.46 -20.17
N ALA B 10 54.79 26.11 -19.02
CA ALA B 10 53.55 26.75 -18.59
C ALA B 10 53.66 28.27 -18.44
N ALA B 11 54.81 28.75 -17.93
CA ALA B 11 54.98 30.18 -17.68
C ALA B 11 55.03 31.00 -18.97
N SER B 12 55.36 30.32 -20.06
CA SER B 12 55.60 30.92 -21.38
C SER B 12 54.32 31.02 -22.20
N VAL B 13 53.27 30.30 -21.79
CA VAL B 13 52.13 30.15 -22.69
C VAL B 13 51.12 31.30 -22.61
N LYS B 14 50.82 31.89 -23.75
CA LYS B 14 49.81 32.93 -23.81
C LYS B 14 48.43 32.30 -23.69
N THR B 15 47.68 32.72 -22.67
CA THR B 15 46.35 32.15 -22.44
C THR B 15 45.47 33.01 -21.54
N ALA B 16 44.16 32.84 -21.63
CA ALA B 16 43.24 33.51 -20.70
C ALA B 16 43.40 32.99 -19.27
N THR B 17 43.62 31.69 -19.10
CA THR B 17 43.72 31.14 -17.74
C THR B 17 44.68 29.97 -17.76
N LEU B 18 45.70 30.04 -16.91
CA LEU B 18 46.62 28.92 -16.67
C LEU B 18 46.21 28.20 -15.39
N VAL B 19 46.04 26.89 -15.46
CA VAL B 19 45.65 26.09 -14.29
C VAL B 19 46.83 25.21 -13.85
N ILE B 20 47.17 25.35 -12.59
CA ILE B 20 48.27 24.57 -12.00
C ILE B 20 47.80 24.00 -10.66
N PRO B 21 48.36 22.85 -10.24
CA PRO B 21 47.98 22.23 -8.98
C PRO B 21 48.85 22.68 -7.79
N VAL B 22 48.24 22.69 -6.62
CA VAL B 22 48.91 23.03 -5.38
C VAL B 22 48.49 21.95 -4.39
N GLY B 23 49.46 21.37 -3.69
CA GLY B 23 49.13 20.40 -2.66
C GLY B 23 48.76 21.01 -1.32
N GLU B 24 48.42 20.15 -0.37
CA GLU B 24 48.30 20.60 1.01
C GLU B 24 49.65 21.15 1.49
N ASN B 25 49.59 21.99 2.52
CA ASN B 25 50.79 22.64 3.06
C ASN B 25 51.53 23.45 2.00
N ARG B 26 50.76 23.98 1.05
CA ARG B 26 51.23 24.91 0.01
C ARG B 26 52.36 24.32 -0.83
N LYS B 27 52.38 22.99 -0.91
CA LYS B 27 53.48 22.28 -1.54
C LYS B 27 53.35 22.35 -3.07
N LEU B 28 54.41 22.78 -3.74
CA LEU B 28 54.38 22.91 -5.20
C LEU B 28 55.23 21.86 -5.86
N GLY B 29 54.63 21.13 -6.81
CA GLY B 29 55.38 20.25 -7.70
C GLY B 29 56.27 21.03 -8.65
N ALA B 30 57.07 20.33 -9.45
CA ALA B 30 57.98 20.96 -10.42
C ALA B 30 57.33 22.00 -11.35
N VAL B 31 56.18 21.68 -11.93
CA VAL B 31 55.49 22.58 -12.87
C VAL B 31 55.03 23.86 -12.18
N ALA B 32 54.30 23.69 -11.09
CA ALA B 32 53.82 24.82 -10.29
C ALA B 32 54.97 25.68 -9.75
N LYS B 33 56.06 25.03 -9.34
CA LYS B 33 57.20 25.79 -8.77
C LYS B 33 57.81 26.70 -9.83
N ALA B 34 57.93 26.17 -11.05
CA ALA B 34 58.47 26.94 -12.15
C ALA B 34 57.62 28.17 -12.44
N VAL B 35 56.29 28.02 -12.35
CA VAL B 35 55.39 29.12 -12.59
C VAL B 35 55.51 30.13 -11.44
N ASP B 36 55.67 29.63 -10.20
CA ASP B 36 55.88 30.50 -9.05
C ASP B 36 57.13 31.35 -9.26
N LEU B 37 58.23 30.71 -9.65
CA LEU B 37 59.48 31.44 -9.84
C LEU B 37 59.33 32.51 -10.93
N ALA B 38 58.65 32.15 -12.02
CA ALA B 38 58.42 33.08 -13.12
C ALA B 38 57.56 34.27 -12.67
N SER B 39 56.66 34.00 -11.72
CA SER B 39 55.83 35.03 -11.14
C SER B 39 56.53 35.84 -10.05
N GLU B 40 57.84 35.60 -9.87
CA GLU B 40 58.62 36.34 -8.89
C GLU B 40 58.13 36.07 -7.48
N GLY B 41 57.72 34.82 -7.24
CA GLY B 41 57.27 34.36 -5.92
C GLY B 41 55.85 34.81 -5.55
N ALA B 42 55.12 35.36 -6.52
CA ALA B 42 53.77 35.86 -6.28
C ALA B 42 52.81 34.74 -5.85
N ILE B 43 52.95 33.57 -6.47
CA ILE B 43 52.05 32.46 -6.15
C ILE B 43 52.30 31.96 -4.72
N SER B 44 53.57 31.76 -4.36
CA SER B 44 53.94 31.41 -2.99
C SER B 44 53.48 32.42 -1.95
N ALA B 45 53.62 33.71 -2.28
CA ALA B 45 53.22 34.80 -1.40
C ALA B 45 51.71 34.71 -1.09
N VAL B 46 50.89 34.50 -2.12
CA VAL B 46 49.45 34.38 -1.90
C VAL B 46 49.16 33.13 -1.09
N LEU B 47 49.79 32.01 -1.44
CA LEU B 47 49.56 30.75 -0.71
C LEU B 47 49.88 30.90 0.79
N LYS B 48 50.88 31.71 1.12
CA LYS B 48 51.28 31.88 2.51
C LYS B 48 50.13 32.46 3.35
N ARG B 49 49.21 33.18 2.70
CA ARG B 49 48.05 33.76 3.39
C ARG B 49 47.02 32.71 3.81
N GLY B 50 47.09 31.50 3.24
CA GLY B 50 46.30 30.37 3.71
C GLY B 50 44.87 30.20 3.19
N ASP B 51 44.49 30.95 2.17
CA ASP B 51 43.12 30.80 1.68
C ASP B 51 42.84 29.46 1.03
N LEU B 52 43.87 28.85 0.46
CA LEU B 52 43.77 27.58 -0.22
C LEU B 52 44.47 26.48 0.59
N ALA B 53 43.66 25.63 1.21
CA ALA B 53 44.20 24.50 1.98
C ALA B 53 44.77 23.38 1.09
N GLY B 54 44.40 23.37 -0.20
CA GLY B 54 44.92 22.39 -1.12
C GLY B 54 44.28 21.02 -1.11
N LYS B 55 43.08 20.91 -0.56
CA LYS B 55 42.35 19.67 -0.63
C LYS B 55 41.93 19.52 -2.10
N PRO B 56 41.76 18.26 -2.58
CA PRO B 56 41.47 18.05 -4.00
C PRO B 56 40.30 18.86 -4.55
N GLY B 57 40.55 19.59 -5.64
CA GLY B 57 39.47 20.40 -6.23
C GLY B 57 39.16 21.74 -5.62
N GLN B 58 39.77 22.06 -4.47
CA GLN B 58 39.64 23.42 -3.99
C GLN B 58 40.34 24.36 -4.97
N THR B 59 39.87 25.59 -5.05
CA THR B 59 40.44 26.54 -6.03
C THR B 59 40.74 27.92 -5.45
N LEU B 60 41.69 28.60 -6.10
CA LEU B 60 41.98 30.02 -5.80
C LEU B 60 42.38 30.65 -7.12
N LEU B 61 41.65 31.68 -7.50
CA LEU B 61 41.82 32.28 -8.82
C LEU B 61 42.56 33.62 -8.68
N LEU B 62 43.68 33.73 -9.40
CA LEU B 62 44.48 34.95 -9.47
C LEU B 62 44.30 35.63 -10.81
N GLN B 63 44.36 36.95 -10.78
CA GLN B 63 44.49 37.83 -11.94
C GLN B 63 45.93 38.24 -12.26
N ASN B 64 46.08 39.01 -13.34
CA ASN B 64 47.36 39.19 -14.05
C ASN B 64 48.53 39.19 -13.11
N LEU B 65 49.50 38.31 -13.33
CA LEU B 65 50.72 38.33 -12.54
C LEU B 65 51.89 38.75 -13.41
N GLN B 66 52.69 39.70 -12.91
CA GLN B 66 53.93 40.07 -13.58
C GLN B 66 54.85 38.86 -13.72
N GLY B 67 55.38 38.68 -14.92
CA GLY B 67 56.32 37.61 -15.17
C GLY B 67 55.69 36.43 -15.87
N LEU B 68 54.35 36.38 -15.90
CA LEU B 68 53.62 35.34 -16.63
C LEU B 68 52.90 35.89 -17.86
N LYS B 69 52.62 35.02 -18.82
CA LYS B 69 51.87 35.44 -20.01
C LYS B 69 50.38 35.15 -19.90
N ALA B 70 50.01 34.40 -18.86
CA ALA B 70 48.60 34.11 -18.59
C ALA B 70 47.87 35.30 -17.99
N GLU B 71 46.65 35.55 -18.46
CA GLU B 71 45.85 36.64 -17.91
C GLU B 71 45.34 36.34 -16.50
N ARG B 72 45.14 35.05 -16.20
CA ARG B 72 44.65 34.61 -14.91
C ARG B 72 45.42 33.33 -14.59
N VAL B 73 45.59 33.04 -13.29
CA VAL B 73 46.11 31.73 -12.86
C VAL B 73 45.10 31.12 -11.92
N LEU B 74 44.65 29.92 -12.26
CA LEU B 74 43.79 29.18 -11.34
C LEU B 74 44.65 28.12 -10.65
N LEU B 75 44.71 28.21 -9.31
CA LEU B 75 45.35 27.21 -8.47
C LEU B 75 44.29 26.19 -8.09
N VAL B 76 44.59 24.92 -8.25
CA VAL B 76 43.65 23.88 -7.83
C VAL B 76 44.32 22.90 -6.89
N GLY B 77 43.62 22.59 -5.81
CA GLY B 77 44.13 21.68 -4.77
C GLY B 77 44.31 20.26 -5.30
N SER B 78 45.43 19.62 -4.95
CA SER B 78 45.67 18.24 -5.43
C SER B 78 45.79 17.26 -4.26
N GLY B 79 45.58 17.76 -3.05
CA GLY B 79 45.62 16.92 -1.84
C GLY B 79 47.01 16.65 -1.33
N LYS B 80 47.16 15.58 -0.55
CA LYS B 80 48.47 15.22 -0.01
C LYS B 80 49.36 14.63 -1.07
N ASP B 81 50.55 14.24 -0.64
CA ASP B 81 51.65 13.85 -1.51
C ASP B 81 51.53 12.41 -1.99
N GLU B 82 50.29 11.95 -2.18
CA GLU B 82 50.00 10.61 -2.66
C GLU B 82 49.09 10.67 -3.89
N ALA B 83 49.15 9.62 -4.70
CA ALA B 83 48.36 9.53 -5.94
C ALA B 83 46.85 9.58 -5.69
N LEU B 84 46.13 10.22 -6.61
CA LEU B 84 44.66 10.30 -6.53
C LEU B 84 43.98 9.09 -7.13
N GLY B 85 42.85 8.71 -6.57
CA GLY B 85 42.00 7.69 -7.21
C GLY B 85 41.27 8.30 -8.39
N ASP B 86 40.69 7.46 -9.25
CA ASP B 86 39.94 7.96 -10.41
C ASP B 86 38.87 8.98 -10.04
N ARG B 87 38.07 8.68 -9.02
CA ARG B 87 36.96 9.55 -8.69
C ARG B 87 37.44 10.94 -8.26
N THR B 88 38.46 10.95 -7.42
CA THR B 88 39.02 12.21 -6.93
C THR B 88 39.64 13.01 -8.10
N TRP B 89 40.37 12.33 -8.97
CA TRP B 89 40.95 12.97 -10.14
C TRP B 89 39.86 13.57 -11.04
N ARG B 90 38.82 12.79 -11.34
CA ARG B 90 37.75 13.31 -12.20
C ARG B 90 37.00 14.48 -11.57
N LYS B 91 36.75 14.39 -10.25
CA LYS B 91 36.16 15.52 -9.54
C LYS B 91 37.03 16.78 -9.54
N LEU B 92 38.34 16.61 -9.41
CA LEU B 92 39.28 17.73 -9.54
C LEU B 92 39.10 18.42 -10.90
N VAL B 93 39.09 17.60 -11.97
CA VAL B 93 38.92 18.15 -13.32
C VAL B 93 37.60 18.85 -13.49
N ALA B 94 36.51 18.23 -12.98
CA ALA B 94 35.21 18.87 -13.04
C ALA B 94 35.16 20.21 -12.27
N SER B 95 35.86 20.25 -11.14
CA SER B 95 35.97 21.50 -10.36
C SER B 95 36.63 22.60 -11.18
N VAL B 96 37.71 22.24 -11.85
CA VAL B 96 38.43 23.20 -12.68
C VAL B 96 37.51 23.69 -13.79
N ALA B 97 36.84 22.74 -14.47
CA ALA B 97 35.98 23.05 -15.59
C ALA B 97 34.85 24.02 -15.16
N GLY B 98 34.31 23.81 -13.95
CA GLY B 98 33.21 24.62 -13.46
C GLY B 98 33.66 26.06 -13.29
N VAL B 99 34.88 26.26 -12.78
CA VAL B 99 35.39 27.64 -12.66
C VAL B 99 35.56 28.23 -14.06
N LEU B 100 36.22 27.49 -14.96
CA LEU B 100 36.46 28.03 -16.31
C LEU B 100 35.19 28.38 -17.07
N LYS B 101 34.16 27.56 -16.91
CA LYS B 101 32.87 27.84 -17.58
C LYS B 101 32.23 29.14 -17.15
N GLY B 102 32.52 29.59 -15.95
CA GLY B 102 31.96 30.83 -15.44
C GLY B 102 32.76 32.07 -15.80
N LEU B 103 33.96 31.87 -16.33
CA LEU B 103 34.80 32.99 -16.68
C LEU B 103 34.54 33.43 -18.11
N ASN B 104 35.01 34.62 -18.47
CA ASN B 104 34.92 35.13 -19.83
C ASN B 104 36.19 34.89 -20.65
N GLY B 105 36.93 33.84 -20.33
CA GLY B 105 38.15 33.51 -21.07
C GLY B 105 37.86 32.61 -22.25
N ALA B 106 38.46 32.91 -23.39
CA ALA B 106 38.22 32.13 -24.60
C ALA B 106 39.00 30.83 -24.62
N ASP B 107 40.10 30.72 -23.80
CA ASP B 107 40.82 29.47 -23.72
C ASP B 107 41.36 29.25 -22.32
N ALA B 108 41.92 28.09 -22.14
CA ALA B 108 42.62 27.79 -20.90
C ALA B 108 43.71 26.80 -21.17
N VAL B 109 44.71 26.81 -20.31
CA VAL B 109 45.80 25.86 -20.37
C VAL B 109 45.84 25.07 -19.06
N LEU B 110 45.76 23.73 -19.16
CA LEU B 110 45.87 22.89 -17.97
C LEU B 110 47.28 22.36 -17.87
N ALA B 111 47.99 22.73 -16.81
CA ALA B 111 49.36 22.25 -16.60
C ALA B 111 49.40 21.36 -15.36
N LEU B 112 48.81 20.17 -15.48
CA LEU B 112 48.59 19.29 -14.34
C LEU B 112 49.46 18.03 -14.40
N ASP B 113 50.62 18.13 -15.09
CA ASP B 113 51.52 16.97 -15.27
C ASP B 113 51.97 16.33 -13.97
N ASP B 114 52.09 17.12 -12.92
CA ASP B 114 52.63 16.58 -11.68
C ASP B 114 51.65 15.78 -10.86
N VAL B 115 50.36 15.86 -11.19
CA VAL B 115 49.35 15.09 -10.44
C VAL B 115 49.40 13.59 -10.81
N ALA B 116 49.74 12.75 -9.83
CA ALA B 116 49.74 11.29 -10.02
C ALA B 116 48.34 10.72 -9.78
N VAL B 117 47.93 9.82 -10.68
CA VAL B 117 46.65 9.11 -10.57
C VAL B 117 46.94 7.60 -10.39
N ASN B 118 46.42 7.02 -9.40
CA ASN B 118 46.66 5.63 -9.01
C ASN B 118 46.33 4.65 -10.15
N ASN B 119 47.29 3.79 -10.40
CA ASN B 119 47.15 2.74 -11.43
C ASN B 119 46.84 3.24 -12.84
N ARG B 120 47.03 4.46 -13.26
CA ARG B 120 46.87 5.17 -14.53
C ARG B 120 48.25 5.63 -14.97
N ASP B 121 48.86 5.35 -16.14
CA ASP B 121 50.10 5.97 -16.62
C ASP B 121 49.91 7.48 -16.78
N ALA B 122 51.00 8.20 -16.68
CA ALA B 122 50.95 9.66 -16.64
C ALA B 122 50.46 10.32 -17.94
N HIS B 123 50.41 9.55 -19.02
CA HIS B 123 50.10 10.12 -20.31
C HIS B 123 48.79 9.64 -20.92
N TYR B 124 48.59 8.33 -20.99
CA TYR B 124 47.35 7.84 -21.62
C TYR B 124 46.20 7.71 -20.65
N GLY B 125 46.32 6.84 -19.63
CA GLY B 125 45.19 6.58 -18.73
C GLY B 125 44.72 7.82 -18.00
N LYS B 126 45.69 8.60 -17.51
CA LYS B 126 45.36 9.80 -16.73
C LYS B 126 44.51 10.75 -17.59
N TYR B 127 44.94 10.96 -18.84
CA TYR B 127 44.29 11.93 -19.68
C TYR B 127 43.07 11.40 -20.40
N ARG B 128 42.94 10.07 -20.56
CA ARG B 128 41.62 9.55 -20.96
C ARG B 128 40.52 10.06 -20.01
N LEU B 129 40.79 9.98 -18.71
CA LEU B 129 39.79 10.34 -17.71
C LEU B 129 39.58 11.86 -17.69
N LEU B 130 40.67 12.64 -17.71
CA LEU B 130 40.57 14.10 -17.75
C LEU B 130 39.82 14.57 -18.99
N ALA B 131 40.22 14.08 -20.17
CA ALA B 131 39.63 14.57 -21.40
C ALA B 131 38.13 14.23 -21.53
N GLU B 132 37.79 13.03 -21.20
CA GLU B 132 36.37 12.69 -21.16
C GLU B 132 35.59 13.49 -20.13
N THR B 133 36.06 13.73 -18.99
CA THR B 133 35.33 14.54 -18.01
C THR B 133 35.16 15.97 -18.52
N LEU B 134 36.23 16.54 -19.06
CA LEU B 134 36.17 17.89 -19.60
C LEU B 134 35.14 17.99 -20.75
N LEU B 135 35.22 17.09 -21.71
CA LEU B 135 34.38 17.19 -22.92
C LEU B 135 32.90 16.83 -22.68
N ASP B 136 32.68 15.77 -21.91
CA ASP B 136 31.32 15.38 -21.55
C ASP B 136 30.71 16.44 -20.64
N GLY B 137 31.54 17.11 -19.85
CA GLY B 137 31.07 18.18 -18.96
C GLY B 137 30.52 19.41 -19.69
N GLU B 138 30.83 19.55 -20.98
CA GLU B 138 30.33 20.62 -21.82
C GLU B 138 28.89 20.41 -22.26
N TYR B 139 28.38 19.19 -22.03
CA TYR B 139 27.04 18.83 -22.49
C TYR B 139 25.96 19.80 -22.02
N VAL B 140 25.15 20.23 -22.98
CA VAL B 140 23.96 21.07 -22.72
C VAL B 140 22.79 20.47 -23.46
N PHE B 141 21.65 20.35 -22.78
CA PHE B 141 20.41 19.91 -23.44
C PHE B 141 19.35 20.98 -23.13
N ASP B 142 19.39 22.05 -23.93
CA ASP B 142 18.49 23.22 -23.66
C ASP B 142 17.47 23.41 -24.76
N ARG B 143 17.30 22.43 -25.62
CA ARG B 143 16.42 22.63 -26.77
C ARG B 143 14.94 22.89 -26.44
N PHE B 144 14.51 22.47 -25.26
CA PHE B 144 13.12 22.73 -24.85
C PHE B 144 13.00 23.93 -23.96
N LYS B 145 14.09 24.63 -23.70
CA LYS B 145 14.03 25.87 -22.91
C LYS B 145 13.79 27.09 -23.80
N SER B 146 12.95 27.99 -23.30
CA SER B 146 12.72 29.28 -23.98
C SER B 146 13.89 30.20 -23.79
N GLN B 147 14.48 30.19 -22.61
CA GLN B 147 15.77 30.86 -22.41
C GLN B 147 16.91 29.86 -22.44
N LYS B 148 17.74 30.11 -23.48
CA LYS B 148 18.89 29.24 -23.76
C LYS B 148 20.06 29.53 -22.81
N VAL B 149 20.87 28.51 -22.53
CA VAL B 149 22.10 28.74 -21.80
C VAL B 149 22.89 29.83 -22.57
N GLU B 150 23.38 30.79 -21.85
CA GLU B 150 24.24 31.82 -22.42
C GLU B 150 25.42 31.10 -22.95
N PRO B 151 25.75 31.19 -24.24
CA PRO B 151 26.84 30.34 -24.67
C PRO B 151 28.07 30.77 -23.89
N ARG B 152 28.97 29.85 -23.81
CA ARG B 152 30.12 30.04 -22.96
C ARG B 152 31.29 30.58 -23.73
N ALA B 153 32.14 31.35 -23.05
CA ALA B 153 33.31 31.92 -23.67
C ALA B 153 34.36 30.87 -23.96
N LEU B 154 34.46 29.86 -23.09
CA LEU B 154 35.53 28.89 -23.19
C LEU B 154 35.38 28.03 -24.45
N LYS B 155 36.33 28.17 -25.37
CA LYS B 155 36.26 27.52 -26.69
C LYS B 155 37.41 26.54 -26.93
N LYS B 156 38.45 26.63 -26.11
CA LYS B 156 39.65 25.82 -26.34
C LYS B 156 40.38 25.56 -25.05
N VAL B 157 40.84 24.32 -24.90
CA VAL B 157 41.72 23.97 -23.80
C VAL B 157 42.97 23.29 -24.36
N THR B 158 44.12 23.68 -23.82
CA THR B 158 45.41 23.10 -24.17
C THR B 158 45.90 22.32 -22.95
N LEU B 159 46.28 21.05 -23.14
CA LEU B 159 46.90 20.25 -22.08
C LEU B 159 48.40 20.31 -22.28
N LEU B 160 49.16 20.61 -21.22
CA LEU B 160 50.63 20.61 -21.32
C LEU B 160 51.18 19.33 -20.76
N ALA B 161 52.07 18.75 -21.53
CA ALA B 161 52.79 17.59 -21.13
C ALA B 161 54.22 17.70 -21.61
N ASP B 162 55.05 16.81 -21.14
CA ASP B 162 56.40 16.83 -21.59
C ASP B 162 56.47 16.20 -22.94
N LYS B 163 57.54 16.47 -23.66
CA LYS B 163 57.72 16.02 -25.02
C LYS B 163 57.52 14.56 -25.20
N ALA B 164 58.10 13.78 -24.32
CA ALA B 164 58.08 12.32 -24.37
C ALA B 164 56.68 11.72 -24.33
N GLY B 165 55.81 12.34 -23.54
CA GLY B 165 54.44 11.81 -23.38
C GLY B 165 53.41 12.43 -24.30
N GLN B 166 53.81 13.38 -25.14
CA GLN B 166 52.87 14.15 -25.93
C GLN B 166 52.00 13.28 -26.84
N ALA B 167 52.59 12.31 -27.51
CA ALA B 167 51.80 11.51 -28.40
C ALA B 167 50.78 10.62 -27.65
N GLU B 168 51.14 10.15 -26.49
CA GLU B 168 50.24 9.34 -25.72
C GLU B 168 49.10 10.21 -25.15
N VAL B 169 49.39 11.44 -24.78
CA VAL B 169 48.27 12.33 -24.37
C VAL B 169 47.36 12.62 -25.56
N GLU B 170 47.93 12.80 -26.75
CA GLU B 170 47.17 13.04 -27.96
C GLU B 170 46.29 11.84 -28.28
N ARG B 171 46.81 10.64 -28.05
CA ARG B 171 46.00 9.42 -28.31
C ARG B 171 44.86 9.35 -27.29
N ALA B 172 45.13 9.72 -26.04
CA ALA B 172 44.05 9.78 -24.99
C ALA B 172 42.98 10.78 -25.42
N VAL B 173 43.39 11.96 -25.86
CA VAL B 173 42.42 12.97 -26.36
C VAL B 173 41.61 12.47 -27.56
N LYS B 174 42.26 11.79 -28.52
CA LYS B 174 41.54 11.23 -29.66
C LYS B 174 40.43 10.25 -29.21
N HIS B 175 40.80 9.33 -28.34
CA HIS B 175 39.85 8.33 -27.84
C HIS B 175 38.77 8.96 -26.97
N ALA B 176 39.19 9.83 -26.03
CA ALA B 176 38.17 10.52 -25.18
C ALA B 176 37.19 11.34 -26.03
N SER B 177 37.69 12.00 -27.07
CA SER B 177 36.82 12.85 -27.90
C SER B 177 35.76 12.01 -28.61
N ALA B 178 36.16 10.86 -29.13
CA ALA B 178 35.21 9.97 -29.77
C ALA B 178 34.17 9.49 -28.77
N ILE B 179 34.66 9.06 -27.60
CA ILE B 179 33.74 8.60 -26.55
C ILE B 179 32.77 9.71 -26.13
N ALA B 180 33.30 10.91 -25.89
CA ALA B 180 32.42 12.01 -25.45
C ALA B 180 31.42 12.40 -26.53
N THR B 181 31.81 12.36 -27.82
CA THR B 181 30.89 12.68 -28.90
C THR B 181 29.80 11.60 -28.95
N GLY B 182 30.18 10.33 -28.84
CA GLY B 182 29.19 9.24 -28.72
C GLY B 182 28.25 9.42 -27.54
N MET B 183 28.80 9.77 -26.39
CA MET B 183 28.00 10.00 -25.17
C MET B 183 27.02 11.14 -25.37
N ALA B 184 27.42 12.20 -26.07
CA ALA B 184 26.47 13.31 -26.28
C ALA B 184 25.25 12.89 -27.11
N PHE B 185 25.46 12.05 -28.12
CA PHE B 185 24.45 11.51 -28.96
C PHE B 185 23.53 10.65 -28.12
N THR B 186 24.12 9.76 -27.32
CA THR B 186 23.34 8.89 -26.40
C THR B 186 22.48 9.73 -25.46
N ARG B 187 23.13 10.74 -24.84
CA ARG B 187 22.40 11.54 -23.88
C ARG B 187 21.27 12.31 -24.53
N ASP B 188 21.49 12.86 -25.71
CA ASP B 188 20.42 13.59 -26.37
C ASP B 188 19.22 12.64 -26.62
N LEU B 189 19.50 11.43 -27.16
CA LEU B 189 18.42 10.50 -27.46
C LEU B 189 17.67 10.10 -26.17
N GLY B 190 18.41 9.86 -25.09
CA GLY B 190 17.76 9.53 -23.81
C GLY B 190 16.95 10.67 -23.27
N ASN B 191 17.51 11.86 -23.35
CA ASN B 191 16.80 13.01 -22.73
C ASN B 191 15.59 13.47 -23.54
N LEU B 192 15.53 13.17 -24.85
CA LEU B 192 14.35 13.54 -25.67
C LEU B 192 13.10 12.95 -25.08
N PRO B 193 12.03 13.75 -25.04
CA PRO B 193 10.79 13.26 -24.46
C PRO B 193 10.11 12.20 -25.36
N PRO B 194 9.29 11.33 -24.77
CA PRO B 194 8.79 10.17 -25.53
C PRO B 194 7.76 10.47 -26.58
N ASN B 195 7.10 11.64 -26.50
CA ASN B 195 6.20 12.04 -27.58
C ASN B 195 6.95 12.36 -28.87
N LEU B 196 8.25 12.66 -28.75
CA LEU B 196 9.10 12.93 -29.93
C LEU B 196 9.98 11.74 -30.24
N CYS B 197 10.58 11.19 -29.21
CA CYS B 197 11.51 10.08 -29.36
C CYS B 197 10.77 8.73 -29.30
N HIS B 198 10.24 8.29 -30.41
CA HIS B 198 9.51 7.03 -30.54
C HIS B 198 10.26 6.13 -31.53
N PRO B 199 9.81 4.90 -31.76
CA PRO B 199 10.62 4.01 -32.61
C PRO B 199 10.85 4.54 -34.02
N SER B 200 9.84 5.16 -34.63
CA SER B 200 10.01 5.75 -35.97
C SER B 200 11.02 6.87 -35.99
N PHE B 201 11.04 7.69 -34.95
CA PHE B 201 12.09 8.71 -34.83
C PHE B 201 13.48 8.10 -34.80
N LEU B 202 13.65 7.04 -34.00
CA LEU B 202 14.97 6.39 -33.95
C LEU B 202 15.34 5.79 -35.28
N ALA B 203 14.36 5.26 -36.02
CA ALA B 203 14.61 4.76 -37.39
C ALA B 203 15.12 5.88 -38.29
N GLU B 204 14.49 7.06 -38.17
CA GLU B 204 14.95 8.22 -39.00
C GLU B 204 16.37 8.63 -38.61
N GLN B 205 16.70 8.59 -37.32
CA GLN B 205 18.05 8.89 -36.85
C GLN B 205 19.06 7.95 -37.48
N ALA B 206 18.69 6.68 -37.54
CA ALA B 206 19.58 5.66 -38.09
C ALA B 206 19.77 5.88 -39.58
N LYS B 207 18.66 6.14 -40.27
CA LYS B 207 18.76 6.41 -41.73
C LYS B 207 19.64 7.63 -42.02
N GLU B 208 19.51 8.63 -41.26
CA GLU B 208 20.33 9.84 -41.38
C GLU B 208 21.80 9.50 -41.14
N LEU B 209 22.09 8.73 -40.15
CA LEU B 209 23.47 8.30 -39.87
C LEU B 209 24.04 7.49 -41.03
N GLY B 210 23.24 6.59 -41.59
CA GLY B 210 23.63 5.76 -42.75
C GLY B 210 24.02 6.62 -43.94
N LYS B 211 23.25 7.68 -44.20
CA LYS B 211 23.57 8.57 -45.34
C LYS B 211 24.90 9.31 -45.15
N ALA B 212 25.26 9.58 -43.90
CA ALA B 212 26.48 10.35 -43.54
C ALA B 212 27.78 9.56 -43.54
N HIS B 213 27.73 8.23 -43.64
CA HIS B 213 28.92 7.41 -43.46
C HIS B 213 29.03 6.28 -44.46
N LYS B 214 30.04 6.19 -45.29
CA LYS B 214 30.12 5.20 -46.38
C LYS B 214 30.24 3.73 -45.95
N ALA B 215 30.92 3.46 -44.83
CA ALA B 215 31.09 2.06 -44.45
C ALA B 215 29.88 1.55 -43.65
N LEU B 216 28.83 2.37 -43.57
CA LEU B 216 27.63 2.04 -42.78
C LEU B 216 26.40 1.79 -43.68
N LYS B 217 25.75 0.65 -43.51
CA LYS B 217 24.53 0.31 -44.21
C LYS B 217 23.43 0.14 -43.17
N VAL B 218 22.29 0.78 -43.43
CA VAL B 218 21.16 0.77 -42.49
C VAL B 218 19.94 0.14 -43.11
N GLU B 219 19.30 -0.78 -42.39
CA GLU B 219 18.01 -1.36 -42.79
C GLU B 219 17.03 -1.19 -41.64
N VAL B 220 15.78 -0.87 -41.97
CA VAL B 220 14.75 -0.69 -40.93
C VAL B 220 13.66 -1.69 -41.20
N LEU B 221 13.37 -2.53 -40.20
CA LEU B 221 12.31 -3.54 -40.32
C LEU B 221 11.09 -3.00 -39.56
N ASP B 222 9.97 -2.91 -40.26
CA ASP B 222 8.73 -2.38 -39.67
C ASP B 222 7.89 -3.47 -38.95
N GLU B 223 6.72 -3.12 -38.53
CA GLU B 223 5.95 -4.03 -37.67
C GLU B 223 5.55 -5.31 -38.40
N LYS B 224 5.14 -5.12 -39.68
CA LYS B 224 4.73 -6.27 -40.46
C LYS B 224 5.91 -7.21 -40.68
N LYS B 225 7.09 -6.67 -40.92
CA LYS B 225 8.27 -7.51 -41.07
C LYS B 225 8.62 -8.27 -39.80
N ILE B 226 8.54 -7.57 -38.68
CA ILE B 226 8.79 -8.22 -37.41
C ILE B 226 7.80 -9.39 -37.21
N LYS B 227 6.51 -9.14 -37.47
CA LYS B 227 5.50 -10.21 -37.38
C LYS B 227 5.80 -11.37 -38.37
N ASP B 228 6.12 -11.01 -39.60
CA ASP B 228 6.35 -12.01 -40.68
C ASP B 228 7.62 -12.83 -40.50
N LEU B 229 8.59 -12.30 -39.75
CA LEU B 229 9.79 -13.08 -39.40
C LEU B 229 9.48 -14.09 -38.31
N GLY B 230 8.30 -13.98 -37.68
CA GLY B 230 7.91 -14.86 -36.57
C GLY B 230 8.31 -14.36 -35.21
N MET B 231 8.59 -13.05 -35.11
CA MET B 231 9.05 -12.47 -33.83
C MET B 231 7.84 -12.16 -32.94
N GLY B 232 7.26 -13.22 -32.40
CA GLY B 232 6.01 -13.12 -31.66
C GLY B 232 6.13 -12.33 -30.36
N ALA B 233 7.29 -12.40 -29.72
CA ALA B 233 7.48 -11.69 -28.45
C ALA B 233 7.68 -10.19 -28.69
N PHE B 234 8.53 -9.86 -29.68
CA PHE B 234 8.73 -8.46 -30.03
C PHE B 234 7.39 -7.85 -30.49
N TYR B 235 6.67 -8.53 -31.39
CA TYR B 235 5.37 -8.02 -31.86
C TYR B 235 4.40 -7.78 -30.68
N ALA B 236 4.41 -8.71 -29.73
CA ALA B 236 3.45 -8.58 -28.61
C ALA B 236 3.70 -7.29 -27.82
N VAL B 237 4.97 -6.92 -27.64
CA VAL B 237 5.25 -5.71 -26.84
C VAL B 237 4.68 -4.48 -27.55
N GLY B 238 4.88 -4.40 -28.86
CA GLY B 238 4.61 -3.14 -29.56
C GLY B 238 3.17 -2.92 -29.89
N GLN B 239 2.27 -4.04 -29.80
CA GLN B 239 0.95 -3.93 -30.42
C GLN B 239 0.02 -2.90 -29.80
N GLY B 240 0.22 -2.79 -28.52
CA GLY B 240 -0.68 -1.90 -27.74
C GLY B 240 -0.57 -0.44 -28.06
N SER B 241 0.50 -0.02 -28.69
CA SER B 241 0.71 1.40 -28.95
C SER B 241 0.24 1.84 -30.34
N ASP B 242 -0.12 3.12 -30.45
CA ASP B 242 -0.34 3.72 -31.77
C ASP B 242 1.00 3.96 -32.51
N GLN B 243 2.13 4.03 -31.79
CA GLN B 243 3.45 4.12 -32.42
C GLN B 243 4.00 2.73 -32.70
N PRO B 244 4.18 2.36 -33.98
CA PRO B 244 4.60 0.95 -34.20
C PRO B 244 6.07 0.70 -33.89
N PRO B 245 6.41 -0.57 -33.69
CA PRO B 245 7.79 -0.95 -33.39
C PRO B 245 8.71 -0.90 -34.62
N ARG B 246 10.00 -0.86 -34.37
CA ARG B 246 11.02 -0.92 -35.43
C ARG B 246 12.17 -1.73 -34.96
N LEU B 247 12.68 -2.62 -35.82
CA LEU B 247 13.97 -3.27 -35.55
C LEU B 247 14.94 -2.60 -36.52
N ILE B 248 15.93 -1.92 -35.99
CA ILE B 248 16.86 -1.13 -36.80
C ILE B 248 18.20 -1.83 -36.87
N VAL B 249 18.72 -2.02 -38.08
CA VAL B 249 19.99 -2.71 -38.28
C VAL B 249 20.99 -1.72 -38.82
N LEU B 250 22.12 -1.54 -38.13
CA LEU B 250 23.18 -0.66 -38.65
C LEU B 250 24.42 -1.50 -38.77
N ASN B 251 24.92 -1.63 -40.01
CA ASN B 251 26.00 -2.56 -40.26
C ASN B 251 27.24 -1.80 -40.72
N TYR B 252 28.26 -1.77 -39.87
CA TYR B 252 29.53 -1.09 -40.17
C TYR B 252 30.57 -2.12 -40.52
N GLN B 253 31.08 -2.05 -41.74
CA GLN B 253 32.05 -3.07 -42.21
C GLN B 253 33.46 -2.48 -42.24
N GLY B 254 34.04 -2.30 -41.06
CA GLY B 254 35.36 -1.73 -40.97
C GLY B 254 36.47 -2.76 -40.95
N GLY B 255 36.10 -4.04 -40.83
CA GLY B 255 37.13 -5.11 -40.70
C GLY B 255 37.35 -5.80 -42.01
N LYS B 256 38.14 -6.88 -41.99
CA LYS B 256 38.27 -7.70 -43.17
C LYS B 256 36.97 -8.41 -43.49
N LYS B 257 36.76 -8.72 -44.76
CA LYS B 257 35.51 -9.30 -45.18
C LYS B 257 35.13 -10.58 -44.40
N ALA B 258 36.13 -11.42 -44.11
CA ALA B 258 35.86 -12.69 -43.45
C ALA B 258 36.05 -12.62 -41.93
N ASP B 259 36.24 -11.42 -41.39
CA ASP B 259 36.28 -11.27 -39.92
C ASP B 259 34.86 -11.36 -39.37
N LYS B 260 34.66 -12.17 -38.33
CA LYS B 260 33.30 -12.23 -37.75
C LYS B 260 33.00 -10.90 -37.07
N PRO B 261 31.74 -10.44 -37.15
CA PRO B 261 31.37 -9.19 -36.53
C PRO B 261 31.14 -9.28 -35.04
N PHE B 262 31.21 -8.11 -34.41
CA PHE B 262 30.74 -7.92 -33.04
C PHE B 262 29.32 -7.39 -33.23
N VAL B 263 28.37 -7.93 -32.47
CA VAL B 263 26.98 -7.47 -32.55
C VAL B 263 26.60 -6.78 -31.25
N LEU B 264 26.09 -5.55 -31.35
CA LEU B 264 25.52 -4.90 -30.16
C LEU B 264 24.01 -4.84 -30.31
N VAL B 265 23.26 -5.32 -29.30
CA VAL B 265 21.82 -5.33 -29.31
C VAL B 265 21.32 -4.38 -28.25
N GLY B 266 20.54 -3.38 -28.63
CA GLY B 266 20.08 -2.44 -27.62
C GLY B 266 18.60 -2.44 -27.41
N LYS B 267 18.18 -2.46 -26.15
CA LYS B 267 16.75 -2.31 -25.84
C LYS B 267 16.31 -0.87 -26.12
N GLY B 268 15.34 -0.73 -27.02
CA GLY B 268 14.86 0.56 -27.42
C GLY B 268 13.39 0.77 -27.05
N ILE B 269 13.01 0.57 -25.78
CA ILE B 269 11.62 0.83 -25.37
C ILE B 269 11.52 2.32 -25.15
N THR B 270 10.86 3.02 -26.08
CA THR B 270 10.93 4.49 -26.07
C THR B 270 10.09 5.08 -24.93
N PHE B 271 9.07 4.33 -24.53
CA PHE B 271 8.42 4.64 -23.21
C PHE B 271 7.85 3.36 -22.67
N ASP B 272 8.07 3.14 -21.37
CA ASP B 272 7.56 1.92 -20.73
C ASP B 272 6.49 2.27 -19.70
N THR B 273 5.20 2.16 -20.11
CA THR B 273 4.11 2.35 -19.13
C THR B 273 3.92 1.09 -18.25
N GLY B 274 4.54 -0.01 -18.66
CA GLY B 274 4.22 -1.34 -18.15
C GLY B 274 3.15 -2.06 -18.97
N GLY B 275 2.36 -1.33 -19.77
CA GLY B 275 1.27 -1.92 -20.51
C GLY B 275 0.09 -2.22 -19.59
N ILE B 276 -0.60 -3.32 -19.85
CA ILE B 276 -1.72 -3.72 -18.99
C ILE B 276 -1.28 -3.96 -17.53
N SER B 277 -0.06 -4.50 -17.32
CA SER B 277 0.61 -4.56 -16.01
C SER B 277 1.17 -3.16 -15.75
N LEU B 278 0.25 -2.18 -15.64
CA LEU B 278 0.63 -0.78 -15.64
C LEU B 278 1.51 -0.40 -14.43
N LYS B 279 2.51 0.45 -14.67
CA LYS B 279 3.35 0.96 -13.59
C LYS B 279 2.60 1.97 -12.72
N PRO B 280 3.07 2.18 -11.49
CA PRO B 280 2.58 3.31 -10.68
C PRO B 280 2.99 4.64 -11.30
N GLY B 281 2.27 5.71 -10.95
CA GLY B 281 2.55 6.99 -11.58
C GLY B 281 3.85 7.60 -11.13
N ALA B 282 4.24 7.36 -9.89
CA ALA B 282 5.39 8.10 -9.35
C ALA B 282 6.68 7.78 -10.09
N GLY B 283 7.34 8.83 -10.61
CA GLY B 283 8.61 8.68 -11.29
C GLY B 283 8.46 8.01 -12.66
N MET B 284 7.23 7.90 -13.19
CA MET B 284 7.08 7.14 -14.46
C MET B 284 7.74 7.90 -15.62
N ASP B 285 7.89 9.15 -15.47
CA ASP B 285 8.55 9.91 -16.53
C ASP B 285 9.95 9.40 -16.84
N GLU B 286 10.56 8.74 -15.88
CA GLU B 286 11.92 8.34 -16.19
C GLU B 286 11.96 7.14 -17.12
N MET B 287 10.83 6.65 -17.43
CA MET B 287 10.80 5.55 -18.39
C MET B 287 10.98 6.03 -19.84
N LYS B 288 11.15 7.35 -20.04
CA LYS B 288 11.67 7.79 -21.37
C LYS B 288 13.12 7.31 -21.58
N TYR B 289 13.78 6.93 -20.48
CA TYR B 289 15.17 6.45 -20.56
C TYR B 289 15.22 4.95 -20.82
N ASP B 290 14.05 4.34 -21.10
CA ASP B 290 14.04 2.88 -21.29
C ASP B 290 14.56 2.47 -22.66
N MET B 291 14.94 3.46 -23.42
CA MET B 291 15.65 3.24 -24.69
C MET B 291 17.14 3.57 -24.62
N CYS B 292 17.66 3.72 -23.39
CA CYS B 292 19.09 4.04 -23.25
C CYS B 292 20.01 2.93 -23.69
N GLY B 293 19.53 1.68 -23.67
CA GLY B 293 20.31 0.58 -24.31
C GLY B 293 20.54 0.85 -25.78
N ALA B 294 19.45 1.07 -26.51
CA ALA B 294 19.57 1.45 -27.90
C ALA B 294 20.35 2.75 -28.10
N ALA B 295 20.13 3.76 -27.24
CA ALA B 295 20.90 5.00 -27.33
C ALA B 295 22.39 4.75 -27.14
N SER B 296 22.78 3.88 -26.20
CA SER B 296 24.21 3.64 -26.00
C SER B 296 24.84 2.90 -27.18
N VAL B 297 24.06 2.07 -27.88
CA VAL B 297 24.55 1.44 -29.11
C VAL B 297 24.78 2.52 -30.21
N PHE B 298 23.81 3.41 -30.42
CA PHE B 298 23.99 4.55 -31.33
C PHE B 298 25.25 5.32 -30.97
N GLY B 299 25.48 5.60 -29.67
CA GLY B 299 26.62 6.40 -29.28
C GLY B 299 27.95 5.69 -29.44
N THR B 300 27.96 4.39 -29.10
CA THR B 300 29.17 3.57 -29.37
C THR B 300 29.46 3.53 -30.89
N LEU B 301 28.42 3.29 -31.69
CA LEU B 301 28.62 3.33 -33.15
C LEU B 301 29.17 4.67 -33.61
N ARG B 302 28.64 5.79 -33.09
CA ARG B 302 29.18 7.07 -33.48
C ARG B 302 30.67 7.19 -33.12
N ALA B 303 31.08 6.74 -31.94
CA ALA B 303 32.50 6.74 -31.55
C ALA B 303 33.36 5.87 -32.46
N VAL B 304 32.87 4.67 -32.77
CA VAL B 304 33.58 3.77 -33.71
C VAL B 304 33.74 4.40 -35.08
N LEU B 305 32.71 5.06 -35.57
CA LEU B 305 32.81 5.75 -36.86
C LEU B 305 33.84 6.87 -36.80
N GLU B 306 33.85 7.61 -35.73
CA GLU B 306 34.84 8.67 -35.59
C GLU B 306 36.27 8.10 -35.58
N LEU B 307 36.48 7.06 -34.91
CA LEU B 307 37.78 6.40 -34.83
C LEU B 307 38.15 5.54 -36.04
N GLN B 308 37.16 5.25 -36.89
CA GLN B 308 37.32 4.33 -38.01
C GLN B 308 37.99 3.03 -37.58
N LEU B 309 37.46 2.42 -36.51
CA LEU B 309 38.08 1.17 -36.06
C LEU B 309 37.96 0.08 -37.11
N PRO B 310 38.99 -0.78 -37.21
CA PRO B 310 38.98 -1.83 -38.26
C PRO B 310 38.29 -3.11 -37.75
N VAL B 311 37.00 -2.98 -37.45
CA VAL B 311 36.18 -4.11 -37.01
C VAL B 311 34.86 -4.09 -37.75
N ASN B 312 34.22 -5.25 -37.90
CA ASN B 312 32.88 -5.34 -38.40
C ASN B 312 31.94 -5.27 -37.19
N LEU B 313 31.04 -4.28 -37.20
CA LEU B 313 30.14 -4.02 -36.08
C LEU B 313 28.73 -3.96 -36.58
N VAL B 314 27.88 -4.85 -36.08
CA VAL B 314 26.46 -4.85 -36.44
C VAL B 314 25.66 -4.43 -35.22
N CYS B 315 24.89 -3.38 -35.38
CA CYS B 315 24.03 -2.83 -34.29
C CYS B 315 22.59 -3.15 -34.57
N LEU B 316 21.91 -3.73 -33.56
CA LEU B 316 20.50 -4.10 -33.69
C LEU B 316 19.75 -3.38 -32.61
N LEU B 317 18.83 -2.47 -33.01
CA LEU B 317 18.09 -1.68 -32.02
C LEU B 317 16.66 -2.19 -32.02
N ALA B 318 16.22 -2.74 -30.89
CA ALA B 318 14.90 -3.35 -30.76
C ALA B 318 13.95 -2.33 -30.14
N CYS B 319 13.18 -1.66 -30.99
CA CYS B 319 12.44 -0.47 -30.54
C CYS B 319 10.94 -0.68 -30.54
N ALA B 320 10.29 -0.30 -29.43
CA ALA B 320 8.83 -0.39 -29.33
C ALA B 320 8.39 0.56 -28.24
N GLU B 321 7.08 0.79 -28.17
CA GLU B 321 6.60 1.70 -27.10
C GLU B 321 5.57 0.91 -26.34
N ASN B 322 5.66 0.73 -25.08
CA ASN B 322 4.80 -0.23 -24.29
C ASN B 322 3.65 0.54 -23.65
N MET B 323 2.46 0.41 -24.25
CA MET B 323 1.27 1.21 -23.87
C MET B 323 0.08 0.32 -23.53
N PRO B 324 -0.82 0.78 -22.64
CA PRO B 324 -2.08 0.05 -22.38
C PRO B 324 -3.13 0.49 -23.41
N SER B 325 -3.96 -0.42 -23.87
CA SER B 325 -5.01 -0.11 -24.87
C SER B 325 -5.92 -1.33 -25.01
N GLY B 326 -6.93 -1.19 -25.87
CA GLY B 326 -7.87 -2.27 -26.08
C GLY B 326 -7.34 -3.35 -26.99
N GLY B 327 -6.15 -3.15 -27.54
CA GLY B 327 -5.48 -4.18 -28.35
C GLY B 327 -4.11 -4.58 -27.80
N ALA B 328 -3.81 -4.22 -26.56
CA ALA B 328 -2.51 -4.53 -25.99
C ALA B 328 -2.42 -5.97 -25.56
N THR B 329 -1.20 -6.45 -25.45
CA THR B 329 -0.96 -7.76 -24.83
C THR B 329 -1.49 -7.84 -23.40
N ARG B 330 -2.03 -9.02 -23.05
CA ARG B 330 -2.53 -9.32 -21.72
C ARG B 330 -1.60 -10.24 -20.96
N PRO B 331 -1.50 -10.07 -19.64
CA PRO B 331 -0.91 -11.11 -18.79
C PRO B 331 -1.60 -12.46 -19.08
N GLY B 332 -0.79 -13.50 -19.24
CA GLY B 332 -1.33 -14.82 -19.63
C GLY B 332 -1.31 -15.10 -21.13
N ASP B 333 -1.05 -14.10 -21.96
CA ASP B 333 -0.89 -14.39 -23.40
C ASP B 333 0.30 -15.32 -23.62
N ILE B 334 0.19 -16.18 -24.61
CA ILE B 334 1.32 -17.07 -24.99
C ILE B 334 1.64 -16.80 -26.45
N VAL B 335 2.91 -16.57 -26.72
CA VAL B 335 3.39 -16.20 -28.05
C VAL B 335 4.49 -17.16 -28.50
N THR B 336 4.63 -17.29 -29.82
CA THR B 336 5.73 -18.05 -30.39
C THR B 336 6.83 -17.08 -30.81
N THR B 337 8.00 -17.24 -30.20
CA THR B 337 9.17 -16.41 -30.54
C THR B 337 9.76 -16.82 -31.87
N MET B 338 10.65 -15.95 -32.42
CA MET B 338 11.26 -16.27 -33.71
C MET B 338 11.96 -17.64 -33.67
N SER B 339 12.56 -17.98 -32.52
CA SER B 339 13.32 -19.21 -32.33
C SER B 339 12.43 -20.47 -32.34
N GLY B 340 11.11 -20.27 -32.19
CA GLY B 340 10.14 -21.36 -32.06
C GLY B 340 9.80 -21.64 -30.62
N GLN B 341 10.57 -21.19 -29.71
CA GLN B 341 10.26 -21.35 -28.26
C GLN B 341 9.02 -20.51 -27.93
N THR B 342 8.15 -21.05 -27.14
CA THR B 342 6.95 -20.31 -26.68
C THR B 342 7.18 -19.63 -25.33
N VAL B 343 6.58 -18.45 -25.18
CA VAL B 343 6.72 -17.66 -23.96
C VAL B 343 5.35 -17.27 -23.46
N GLU B 344 5.13 -17.56 -22.18
CA GLU B 344 3.94 -17.06 -21.49
C GLU B 344 4.27 -15.70 -20.89
N ILE B 345 3.54 -14.69 -21.33
CA ILE B 345 3.79 -13.31 -20.94
C ILE B 345 2.98 -13.12 -19.67
N LEU B 346 3.58 -13.41 -18.52
CA LEU B 346 2.88 -13.31 -17.22
C LEU B 346 2.75 -11.86 -16.77
N ASN B 347 3.66 -11.01 -17.21
CA ASN B 347 3.65 -9.62 -16.78
C ASN B 347 4.11 -8.79 -17.96
N THR B 348 3.23 -7.89 -18.41
CA THR B 348 3.51 -7.16 -19.67
C THR B 348 4.56 -6.07 -19.42
N ASP B 349 4.94 -5.85 -18.12
CA ASP B 349 6.00 -4.92 -17.80
C ASP B 349 7.41 -5.57 -17.80
N ALA B 350 7.44 -6.87 -18.10
CA ALA B 350 8.75 -7.52 -18.36
C ALA B 350 8.88 -7.61 -19.91
N GLU B 351 8.92 -6.41 -20.52
CA GLU B 351 8.81 -6.31 -21.99
C GLU B 351 10.12 -6.20 -22.72
N GLY B 352 11.14 -5.65 -22.06
CA GLY B 352 12.46 -5.50 -22.69
C GLY B 352 13.02 -6.86 -23.07
N ARG B 353 12.87 -7.86 -22.20
CA ARG B 353 13.39 -9.19 -22.51
C ARG B 353 12.65 -9.82 -23.69
N LEU B 354 11.41 -9.37 -23.95
CA LEU B 354 10.62 -9.90 -25.06
C LEU B 354 11.12 -9.35 -26.39
N VAL B 355 11.35 -8.04 -26.45
CA VAL B 355 11.89 -7.50 -27.74
C VAL B 355 13.34 -8.01 -27.96
N LEU B 356 14.07 -8.18 -26.86
CA LEU B 356 15.47 -8.64 -26.94
C LEU B 356 15.55 -10.06 -27.40
N CYS B 357 14.67 -10.95 -26.91
CA CYS B 357 14.89 -12.38 -27.21
C CYS B 357 14.76 -12.64 -28.71
N ASP B 358 13.81 -11.96 -29.37
CA ASP B 358 13.63 -12.13 -30.78
C ASP B 358 14.80 -11.52 -31.55
N THR B 359 15.32 -10.42 -31.05
CA THR B 359 16.47 -9.78 -31.69
C THR B 359 17.74 -10.60 -31.53
N LEU B 360 17.87 -11.29 -30.41
CA LEU B 360 18.99 -12.25 -30.22
C LEU B 360 18.89 -13.38 -31.25
N THR B 361 17.68 -13.85 -31.52
CA THR B 361 17.56 -14.90 -32.56
C THR B 361 17.94 -14.31 -33.93
N TYR B 362 17.48 -13.09 -34.21
CA TYR B 362 17.80 -12.42 -35.47
C TYR B 362 19.31 -12.30 -35.66
N ALA B 363 20.03 -12.09 -34.57
CA ALA B 363 21.48 -11.86 -34.64
C ALA B 363 22.26 -13.07 -35.10
N GLU B 364 21.67 -14.27 -35.01
CA GLU B 364 22.38 -15.50 -35.47
C GLU B 364 22.86 -15.39 -36.91
N ARG B 365 22.12 -14.71 -37.76
CA ARG B 365 22.46 -14.63 -39.21
C ARG B 365 23.83 -14.01 -39.49
N PHE B 366 24.31 -13.20 -38.56
CA PHE B 366 25.59 -12.49 -38.77
C PHE B 366 26.81 -13.32 -38.45
N LYS B 367 26.61 -14.52 -37.90
CA LYS B 367 27.70 -15.43 -37.47
C LYS B 367 28.73 -14.66 -36.67
N PRO B 368 28.29 -14.07 -35.57
CA PRO B 368 29.12 -13.16 -34.81
C PRO B 368 30.18 -13.84 -33.95
N GLN B 369 31.19 -13.11 -33.62
CA GLN B 369 32.15 -13.57 -32.62
C GLN B 369 31.81 -13.14 -31.19
N ALA B 370 30.95 -12.19 -31.08
CA ALA B 370 30.44 -11.74 -29.75
C ALA B 370 29.14 -11.04 -29.99
N VAL B 371 28.18 -11.29 -29.09
CA VAL B 371 26.88 -10.57 -29.12
C VAL B 371 26.72 -10.02 -27.71
N ILE B 372 26.55 -8.70 -27.60
CA ILE B 372 26.35 -8.06 -26.30
C ILE B 372 25.03 -7.32 -26.36
N ASP B 373 24.15 -7.60 -25.49
CA ASP B 373 22.88 -6.89 -25.35
C ASP B 373 22.98 -5.88 -24.22
N ILE B 374 22.42 -4.70 -24.38
CA ILE B 374 22.49 -3.62 -23.39
C ILE B 374 21.09 -3.15 -23.17
N ALA B 375 20.67 -3.13 -21.90
CA ALA B 375 19.27 -2.88 -21.60
C ALA B 375 19.06 -2.33 -20.21
N THR B 376 18.13 -1.37 -20.09
CA THR B 376 17.65 -0.86 -18.79
C THR B 376 16.60 -1.85 -18.27
N LEU B 377 17.06 -2.99 -17.77
CA LEU B 377 16.18 -4.14 -17.76
C LEU B 377 15.46 -4.41 -16.44
N THR B 378 16.12 -4.21 -15.30
CA THR B 378 15.52 -4.61 -14.02
C THR B 378 15.74 -3.60 -12.91
N GLY B 379 14.65 -3.27 -12.20
CA GLY B 379 14.81 -2.51 -10.97
C GLY B 379 15.63 -3.31 -10.00
N ALA B 380 15.58 -4.65 -10.08
CA ALA B 380 16.42 -5.49 -9.20
C ALA B 380 17.92 -5.21 -9.36
N CYS B 381 18.37 -4.80 -10.54
CA CYS B 381 19.81 -4.47 -10.71
C CYS B 381 20.21 -3.22 -9.89
N ILE B 382 19.28 -2.29 -9.71
CA ILE B 382 19.52 -1.11 -8.87
C ILE B 382 19.61 -1.54 -7.39
N VAL B 383 18.72 -2.47 -6.97
CA VAL B 383 18.85 -3.04 -5.63
C VAL B 383 20.22 -3.75 -5.44
N ALA B 384 20.67 -4.48 -6.45
CA ALA B 384 21.90 -5.24 -6.33
C ALA B 384 23.17 -4.39 -6.44
N LEU B 385 23.22 -3.47 -7.41
CA LEU B 385 24.49 -2.79 -7.74
C LEU B 385 24.35 -1.27 -7.76
N GLY B 386 23.13 -0.79 -7.55
CA GLY B 386 22.93 0.66 -7.40
C GLY B 386 23.24 1.48 -8.64
N SER B 387 23.71 2.70 -8.41
CA SER B 387 23.88 3.68 -9.49
C SER B 387 25.26 3.66 -10.13
N HIS B 388 26.18 2.91 -9.54
CA HIS B 388 27.60 3.04 -9.87
C HIS B 388 28.14 2.01 -10.83
N THR B 389 27.50 0.86 -10.87
CA THR B 389 28.13 -0.33 -11.50
C THR B 389 27.11 -1.05 -12.32
N THR B 390 27.43 -1.28 -13.60
CA THR B 390 26.50 -1.98 -14.50
C THR B 390 26.49 -3.49 -14.19
N GLY B 391 25.32 -4.10 -14.21
CA GLY B 391 25.21 -5.56 -14.02
C GLY B 391 25.62 -6.30 -15.29
N LEU B 392 26.42 -7.36 -15.18
CA LEU B 392 26.90 -8.05 -16.36
C LEU B 392 26.73 -9.56 -16.20
N MET B 393 26.18 -10.22 -17.20
CA MET B 393 26.02 -11.69 -17.19
C MET B 393 26.42 -12.20 -18.56
N GLY B 394 26.67 -13.50 -18.70
CA GLY B 394 26.96 -13.99 -20.04
C GLY B 394 27.15 -15.47 -20.10
N ASN B 395 27.38 -15.95 -21.31
CA ASN B 395 27.57 -17.40 -21.49
C ASN B 395 28.99 -17.80 -21.85
N ASN B 396 29.92 -16.83 -21.86
CA ASN B 396 31.30 -17.01 -22.24
C ASN B 396 32.17 -16.27 -21.25
N ASP B 397 33.04 -16.96 -20.60
CA ASP B 397 33.86 -16.32 -19.58
C ASP B 397 34.84 -15.33 -20.17
N ASP B 398 35.43 -15.67 -21.31
CA ASP B 398 36.40 -14.76 -21.91
C ASP B 398 35.74 -13.44 -22.29
N LEU B 399 34.55 -13.48 -22.89
CA LEU B 399 33.86 -12.24 -23.24
C LEU B 399 33.50 -11.42 -22.01
N VAL B 400 32.93 -12.09 -21.02
CA VAL B 400 32.61 -11.39 -19.77
C VAL B 400 33.86 -10.72 -19.20
N GLY B 401 34.97 -11.45 -19.17
CA GLY B 401 36.18 -10.88 -18.64
C GLY B 401 36.69 -9.70 -19.44
N GLN B 402 36.55 -9.75 -20.76
CA GLN B 402 36.98 -8.64 -21.64
C GLN B 402 36.14 -7.39 -21.32
N LEU B 403 34.84 -7.58 -21.07
CA LEU B 403 33.95 -6.44 -20.79
C LEU B 403 34.26 -5.84 -19.41
N LEU B 404 34.51 -6.71 -18.43
CA LEU B 404 34.92 -6.22 -17.11
C LEU B 404 36.22 -5.42 -17.19
N ASP B 405 37.18 -5.95 -17.95
CA ASP B 405 38.47 -5.28 -18.03
C ASP B 405 38.33 -3.95 -18.76
N ALA B 406 37.56 -3.93 -19.85
CA ALA B 406 37.26 -2.68 -20.54
C ALA B 406 36.63 -1.65 -19.55
N GLY B 407 35.68 -2.10 -18.74
CA GLY B 407 35.04 -1.19 -17.81
C GLY B 407 35.98 -0.61 -16.80
N LYS B 408 36.92 -1.42 -16.30
CA LYS B 408 37.89 -0.88 -15.37
C LYS B 408 38.76 0.18 -16.02
N ARG B 409 39.25 -0.11 -17.22
CA ARG B 409 40.16 0.85 -17.86
C ARG B 409 39.45 2.12 -18.31
N ALA B 410 38.15 2.02 -18.62
CA ALA B 410 37.40 3.16 -19.07
C ALA B 410 36.80 3.92 -17.88
N ASP B 411 36.96 3.39 -16.68
CA ASP B 411 36.23 3.94 -15.52
C ASP B 411 34.72 4.04 -15.78
N ASP B 412 34.19 2.92 -16.27
CA ASP B 412 32.74 2.76 -16.52
C ASP B 412 32.44 1.31 -16.13
N ARG B 413 32.49 1.07 -14.83
CA ARG B 413 32.61 -0.32 -14.36
C ARG B 413 31.34 -1.14 -14.46
N ALA B 414 31.55 -2.43 -14.64
CA ALA B 414 30.51 -3.42 -14.52
C ALA B 414 30.91 -4.44 -13.49
N TRP B 415 30.01 -5.38 -13.23
CA TRP B 415 30.28 -6.41 -12.22
C TRP B 415 29.46 -7.65 -12.63
N GLN B 416 30.09 -8.82 -12.62
CA GLN B 416 29.37 -10.01 -13.07
C GLN B 416 28.41 -10.54 -12.00
N LEU B 417 27.26 -11.04 -12.45
CA LEU B 417 26.34 -11.83 -11.65
C LEU B 417 26.21 -13.21 -12.30
N PRO B 418 25.99 -14.25 -11.50
CA PRO B 418 26.01 -15.63 -12.02
C PRO B 418 24.69 -16.03 -12.67
N LEU B 419 24.77 -16.77 -13.75
CA LEU B 419 23.59 -17.39 -14.36
C LEU B 419 23.57 -18.89 -14.06
N PHE B 420 23.70 -19.21 -12.76
CA PHE B 420 23.65 -20.61 -12.35
C PHE B 420 22.37 -21.31 -12.82
N ASP B 421 22.48 -22.61 -13.16
CA ASP B 421 21.32 -23.32 -13.67
C ASP B 421 20.15 -23.39 -12.69
N GLU B 422 20.44 -23.35 -11.39
CA GLU B 422 19.43 -23.37 -10.36
C GLU B 422 18.40 -22.24 -10.51
N TYR B 423 18.80 -21.09 -11.08
CA TYR B 423 17.85 -19.99 -11.26
C TYR B 423 16.87 -20.23 -12.41
N GLN B 424 17.29 -21.05 -13.50
CA GLN B 424 16.39 -21.30 -14.65
C GLN B 424 15.01 -21.73 -14.19
N GLU B 425 14.86 -22.61 -13.23
CA GLU B 425 13.52 -23.11 -12.99
C GLU B 425 12.47 -22.09 -12.60
N GLN B 426 12.96 -20.96 -12.15
CA GLN B 426 12.09 -19.89 -11.75
C GLN B 426 11.27 -19.38 -12.93
N LEU B 427 11.75 -19.66 -14.13
CA LEU B 427 11.03 -19.26 -15.35
C LEU B 427 10.04 -20.34 -15.85
N ASP B 428 9.93 -21.49 -15.21
CA ASP B 428 9.06 -22.53 -15.69
C ASP B 428 7.59 -22.10 -15.75
N SER B 429 6.93 -22.56 -16.81
CA SER B 429 5.51 -22.33 -17.02
C SER B 429 4.86 -23.67 -17.20
N PRO B 430 3.66 -23.86 -16.64
CA PRO B 430 2.94 -25.11 -16.91
C PRO B 430 2.42 -25.21 -18.33
N PHE B 431 2.40 -24.10 -19.06
CA PHE B 431 1.72 -24.07 -20.37
C PHE B 431 2.75 -23.91 -21.50
N ALA B 432 3.66 -22.96 -21.34
CA ALA B 432 4.57 -22.63 -22.43
C ALA B 432 5.97 -23.17 -22.13
N ASP B 433 6.90 -22.98 -23.07
CA ASP B 433 8.31 -23.38 -22.84
C ASP B 433 8.97 -22.61 -21.70
N MET B 434 8.52 -21.39 -21.47
CA MET B 434 8.99 -20.59 -20.33
C MET B 434 7.99 -19.50 -20.10
N GLY B 435 8.02 -18.93 -18.90
CA GLY B 435 7.36 -17.67 -18.64
C GLY B 435 8.37 -16.54 -18.69
N ASN B 436 7.88 -15.30 -18.67
CA ASN B 436 8.82 -14.18 -18.82
C ASN B 436 9.25 -13.55 -17.50
N ILE B 437 8.78 -14.10 -16.38
CA ILE B 437 9.20 -13.63 -15.06
C ILE B 437 9.60 -14.75 -14.17
N GLY B 438 10.46 -14.41 -13.21
CA GLY B 438 10.97 -15.40 -12.21
C GLY B 438 10.60 -15.18 -10.76
N GLY B 439 9.74 -14.23 -10.48
CA GLY B 439 9.38 -13.93 -9.10
C GLY B 439 10.33 -12.93 -8.46
N PRO B 440 10.15 -12.69 -7.16
CA PRO B 440 10.83 -11.63 -6.44
C PRO B 440 12.31 -11.89 -6.09
N LYS B 441 12.74 -13.14 -6.26
CA LYS B 441 14.13 -13.51 -5.92
C LYS B 441 15.00 -13.50 -7.15
N ALA B 442 16.14 -12.83 -7.03
CA ALA B 442 17.16 -12.86 -8.10
C ALA B 442 16.64 -12.31 -9.42
N GLY B 443 15.97 -11.16 -9.38
CA GLY B 443 15.31 -10.67 -10.60
C GLY B 443 16.24 -10.28 -11.74
N THR B 444 17.40 -9.69 -11.43
CA THR B 444 18.35 -9.36 -12.49
C THR B 444 18.88 -10.65 -13.16
N ILE B 445 19.16 -11.64 -12.33
CA ILE B 445 19.69 -12.93 -12.80
C ILE B 445 18.62 -13.67 -13.60
N THR B 446 17.37 -13.67 -13.16
CA THR B 446 16.40 -14.48 -13.92
C THR B 446 16.09 -13.84 -15.28
N ALA B 447 16.19 -12.52 -15.35
CA ALA B 447 16.07 -11.85 -16.68
C ALA B 447 17.24 -12.27 -17.57
N GLY B 448 18.45 -12.28 -17.01
CA GLY B 448 19.60 -12.81 -17.77
C GLY B 448 19.40 -14.25 -18.19
N CYS B 449 18.87 -15.07 -17.28
CA CYS B 449 18.60 -16.47 -17.61
C CYS B 449 17.62 -16.58 -18.76
N PHE B 450 16.56 -15.77 -18.72
CA PHE B 450 15.59 -15.77 -19.81
C PHE B 450 16.28 -15.50 -21.15
N LEU B 451 17.09 -14.43 -21.20
CA LEU B 451 17.77 -14.08 -22.44
C LEU B 451 18.77 -15.14 -22.87
N SER B 452 19.42 -15.79 -21.91
CA SER B 452 20.43 -16.82 -22.25
C SER B 452 19.84 -17.95 -23.11
N ARG B 453 18.53 -18.22 -22.98
CA ARG B 453 17.89 -19.28 -23.74
C ARG B 453 17.80 -18.96 -25.23
N PHE B 454 18.12 -17.72 -25.60
CA PHE B 454 18.09 -17.29 -26.99
C PHE B 454 19.46 -17.00 -27.54
N ALA B 455 20.50 -17.19 -26.73
CA ALA B 455 21.86 -16.82 -27.10
C ALA B 455 22.81 -18.00 -27.23
N LYS B 456 22.27 -19.22 -27.35
CA LYS B 456 23.14 -20.42 -27.26
C LYS B 456 24.03 -20.58 -28.49
N ALA B 457 23.70 -19.91 -29.59
CA ALA B 457 24.44 -20.09 -30.86
C ALA B 457 25.79 -19.36 -30.90
N TYR B 458 26.08 -18.52 -29.91
CA TYR B 458 27.23 -17.63 -30.02
C TYR B 458 27.72 -17.20 -28.66
N ASN B 459 28.87 -16.53 -28.64
CA ASN B 459 29.40 -15.97 -27.37
C ASN B 459 28.62 -14.71 -27.06
N TRP B 460 28.02 -14.67 -25.86
CA TRP B 460 27.05 -13.62 -25.53
C TRP B 460 27.23 -13.08 -24.13
N ALA B 461 27.00 -11.77 -24.02
CA ALA B 461 26.91 -11.13 -22.69
C ALA B 461 25.73 -10.18 -22.70
N HIS B 462 25.26 -9.89 -21.49
CA HIS B 462 24.10 -9.03 -21.23
C HIS B 462 24.47 -8.00 -20.18
N MET B 463 24.20 -6.74 -20.49
CA MET B 463 24.50 -5.63 -19.58
C MET B 463 23.21 -4.96 -19.16
N ASP B 464 22.95 -4.98 -17.86
CA ASP B 464 21.76 -4.38 -17.27
C ASP B 464 22.18 -3.02 -16.73
N ILE B 465 21.75 -2.01 -17.46
CA ILE B 465 22.14 -0.62 -17.19
C ILE B 465 20.98 0.19 -16.55
N ALA B 466 20.04 -0.53 -15.96
CA ALA B 466 18.94 0.15 -15.27
C ALA B 466 19.42 1.18 -14.23
N GLY B 467 20.56 0.93 -13.57
CA GLY B 467 21.08 1.86 -12.54
C GLY B 467 22.08 2.87 -13.00
N THR B 468 22.73 2.62 -14.14
CA THR B 468 23.85 3.45 -14.57
C THR B 468 23.53 4.36 -15.76
N ALA B 469 22.38 4.17 -16.40
CA ALA B 469 22.05 4.88 -17.66
C ALA B 469 21.51 6.31 -17.45
N TRP B 470 20.98 6.61 -16.27
CA TRP B 470 20.52 7.97 -16.01
C TRP B 470 20.55 8.32 -14.54
N ILE B 471 20.51 9.61 -14.27
CA ILE B 471 20.40 10.14 -12.91
C ILE B 471 18.96 10.59 -12.69
N SER B 472 18.35 10.18 -11.57
CA SER B 472 16.88 10.35 -11.39
C SER B 472 16.39 11.74 -11.06
N GLY B 473 17.16 12.43 -10.24
CA GLY B 473 16.72 13.70 -9.68
C GLY B 473 17.90 14.60 -9.39
N GLY B 474 17.59 15.73 -8.74
CA GLY B 474 18.60 16.75 -8.50
C GLY B 474 18.91 17.56 -9.75
N LYS B 475 19.87 18.47 -9.62
CA LYS B 475 20.27 19.35 -10.70
C LYS B 475 20.78 18.60 -11.94
N ASP B 476 21.19 17.49 -11.69
CA ASP B 476 21.81 16.70 -12.77
C ASP B 476 20.94 15.55 -13.29
N LYS B 477 19.76 15.50 -13.05
CA LYS B 477 18.80 14.54 -13.61
C LYS B 477 19.02 14.45 -15.12
N GLY B 478 19.10 13.24 -15.63
CA GLY B 478 19.18 13.03 -17.06
C GLY B 478 20.09 11.87 -17.40
N ALA B 479 20.17 11.56 -18.69
CA ALA B 479 20.97 10.44 -19.16
C ALA B 479 22.44 10.63 -18.84
N THR B 480 23.14 9.53 -18.55
CA THR B 480 24.58 9.64 -18.27
C THR B 480 25.48 9.40 -19.49
N GLY B 481 24.99 8.69 -20.49
CA GLY B 481 25.89 8.23 -21.59
C GLY B 481 26.58 6.91 -21.34
N ARG B 482 26.37 6.32 -20.15
CA ARG B 482 26.93 5.01 -19.89
C ARG B 482 26.02 3.99 -20.54
N PRO B 483 26.58 2.89 -21.09
CA PRO B 483 27.96 2.43 -21.03
C PRO B 483 28.76 2.67 -22.32
N VAL B 484 28.60 3.83 -22.96
CA VAL B 484 29.41 4.12 -24.17
C VAL B 484 30.91 3.97 -23.87
N PRO B 485 31.44 4.49 -22.73
CA PRO B 485 32.88 4.32 -22.51
C PRO B 485 33.31 2.86 -22.44
N LEU B 486 32.59 2.02 -21.68
CA LEU B 486 32.95 0.61 -21.60
C LEU B 486 32.90 -0.05 -22.98
N LEU B 487 31.77 0.13 -23.69
CA LEU B 487 31.61 -0.54 -25.00
C LEU B 487 32.67 -0.08 -26.00
N THR B 488 32.92 1.23 -26.03
CA THR B 488 33.94 1.74 -26.93
C THR B 488 35.31 1.18 -26.54
N GLN B 489 35.62 1.16 -25.24
CA GLN B 489 36.88 0.57 -24.79
C GLN B 489 37.02 -0.90 -25.20
N TYR B 490 35.93 -1.67 -25.06
CA TYR B 490 35.97 -3.04 -25.53
C TYR B 490 36.29 -3.18 -27.01
N LEU B 491 35.68 -2.33 -27.83
CA LEU B 491 35.96 -2.39 -29.28
C LEU B 491 37.36 -1.86 -29.60
N LEU B 492 37.87 -0.86 -28.89
CA LEU B 492 39.29 -0.45 -29.04
C LEU B 492 40.19 -1.64 -28.72
N ASP B 493 39.85 -2.39 -27.68
CA ASP B 493 40.65 -3.52 -27.27
C ASP B 493 40.66 -4.59 -28.34
N ARG B 494 39.49 -4.87 -28.90
CA ARG B 494 39.37 -5.90 -29.97
C ARG B 494 40.07 -5.47 -31.24
N ALA B 495 40.06 -4.17 -31.52
CA ALA B 495 40.76 -3.61 -32.71
C ALA B 495 42.26 -3.58 -32.53
N GLY B 496 42.73 -3.62 -31.29
CA GLY B 496 44.17 -3.41 -31.02
C GLY B 496 44.59 -1.94 -31.17
N ALA B 497 43.79 -1.01 -30.63
CA ALA B 497 44.06 0.43 -30.82
C ALA B 497 44.42 1.20 -29.55
N MET C 1 -38.50 1.88 30.95
CA MET C 1 -39.89 2.07 30.50
C MET C 1 -40.73 0.91 31.02
N GLU C 2 -41.90 1.19 31.59
CA GLU C 2 -42.85 0.17 31.98
C GLU C 2 -43.66 -0.26 30.75
N LEU C 3 -43.83 -1.55 30.52
CA LEU C 3 -44.58 -2.03 29.36
C LEU C 3 -45.69 -2.97 29.83
N VAL C 4 -46.94 -2.57 29.66
CA VAL C 4 -48.10 -3.32 30.14
C VAL C 4 -49.06 -3.67 29.00
N VAL C 5 -49.92 -4.65 29.23
CA VAL C 5 -50.86 -5.08 28.21
C VAL C 5 -52.28 -4.97 28.75
N LYS C 6 -53.18 -4.40 27.95
CA LYS C 6 -54.61 -4.37 28.32
C LYS C 6 -55.47 -4.80 27.15
N SER C 7 -56.74 -5.04 27.43
CA SER C 7 -57.62 -5.51 26.38
C SER C 7 -58.88 -4.64 26.21
N VAL C 8 -58.81 -3.43 26.77
CA VAL C 8 -59.88 -2.43 26.63
C VAL C 8 -59.89 -1.80 25.22
N ALA C 9 -61.00 -1.19 24.84
CA ALA C 9 -61.11 -0.56 23.53
C ALA C 9 -60.23 0.68 23.46
N ALA C 10 -59.55 0.84 22.33
CA ALA C 10 -58.62 1.95 22.16
C ALA C 10 -59.20 3.33 22.46
N ALA C 11 -60.44 3.59 22.02
CA ALA C 11 -61.05 4.90 22.21
C ALA C 11 -61.34 5.20 23.70
N SER C 12 -61.38 4.15 24.53
CA SER C 12 -61.75 4.29 25.96
C SER C 12 -60.60 4.67 26.89
N VAL C 13 -59.38 4.59 26.38
CA VAL C 13 -58.23 4.62 27.27
C VAL C 13 -57.70 6.05 27.47
N LYS C 14 -57.62 6.48 28.71
CA LYS C 14 -57.03 7.79 29.02
C LYS C 14 -55.52 7.68 28.86
N THR C 15 -54.93 8.55 28.05
CA THR C 15 -53.50 8.42 27.74
C THR C 15 -53.03 9.73 27.14
N ALA C 16 -51.74 10.02 27.27
CA ALA C 16 -51.12 11.18 26.61
C ALA C 16 -51.15 11.02 25.09
N THR C 17 -50.91 9.80 24.59
CA THR C 17 -50.85 9.57 23.12
C THR C 17 -51.37 8.17 22.80
N LEU C 18 -52.37 8.13 21.94
CA LEU C 18 -52.86 6.88 21.34
C LEU C 18 -52.30 6.70 19.95
N VAL C 19 -51.71 5.53 19.68
CA VAL C 19 -51.10 5.28 18.38
C VAL C 19 -51.91 4.22 17.64
N ILE C 20 -52.33 4.57 16.44
CA ILE C 20 -53.09 3.63 15.57
C ILE C 20 -52.48 3.64 14.18
N PRO C 21 -52.61 2.51 13.46
CA PRO C 21 -52.05 2.39 12.13
C PRO C 21 -53.02 2.83 11.03
N VAL C 22 -52.46 3.31 9.92
CA VAL C 22 -53.22 3.73 8.74
C VAL C 22 -52.49 3.15 7.54
N GLY C 23 -53.25 2.47 6.67
CA GLY C 23 -52.65 1.88 5.48
C GLY C 23 -52.53 2.91 4.35
N GLU C 24 -51.92 2.48 3.26
CA GLU C 24 -52.00 3.26 2.02
C GLU C 24 -53.46 3.46 1.59
N ASN C 25 -53.70 4.46 0.78
CA ASN C 25 -55.07 4.83 0.39
C ASN C 25 -55.98 5.10 1.60
N ARG C 26 -55.36 5.56 2.71
CA ARG C 26 -56.06 5.92 3.96
C ARG C 26 -56.90 4.74 4.52
N LYS C 27 -56.48 3.52 4.22
CA LYS C 27 -57.27 2.35 4.60
C LYS C 27 -57.17 2.09 6.10
N LEU C 28 -58.31 2.04 6.75
CA LEU C 28 -58.36 1.79 8.19
C LEU C 28 -58.88 0.40 8.49
N GLY C 29 -58.11 -0.34 9.30
CA GLY C 29 -58.58 -1.60 9.84
C GLY C 29 -59.62 -1.36 10.91
N ALA C 30 -60.16 -2.45 11.46
CA ALA C 30 -61.25 -2.39 12.42
C ALA C 30 -60.92 -1.55 13.65
N VAL C 31 -59.70 -1.69 14.18
CA VAL C 31 -59.34 -0.90 15.36
C VAL C 31 -59.32 0.60 15.06
N ALA C 32 -58.64 0.99 13.98
CA ALA C 32 -58.59 2.40 13.62
C ALA C 32 -59.97 2.97 13.25
N LYS C 33 -60.82 2.14 12.63
CA LYS C 33 -62.16 2.59 12.26
C LYS C 33 -62.96 2.89 13.51
N ALA C 34 -62.82 2.06 14.54
CA ALA C 34 -63.57 2.32 15.79
C ALA C 34 -63.11 3.61 16.47
N VAL C 35 -61.81 3.92 16.36
CA VAL C 35 -61.32 5.14 16.94
C VAL C 35 -61.83 6.34 16.11
N ASP C 36 -61.88 6.18 14.79
CA ASP C 36 -62.39 7.24 13.92
C ASP C 36 -63.85 7.48 14.28
N LEU C 37 -64.60 6.40 14.46
CA LEU C 37 -66.03 6.55 14.78
C LEU C 37 -66.23 7.27 16.12
N ALA C 38 -65.43 6.92 17.12
CA ALA C 38 -65.46 7.65 18.40
C ALA C 38 -65.13 9.13 18.29
N SER C 39 -64.28 9.48 17.32
CA SER C 39 -63.87 10.88 17.07
C SER C 39 -64.85 11.60 16.15
N GLU C 40 -65.98 10.94 15.87
CA GLU C 40 -67.00 11.44 14.96
C GLU C 40 -66.43 11.77 13.58
N GLY C 41 -65.52 10.91 13.11
CA GLY C 41 -65.00 10.94 11.75
C GLY C 41 -63.86 11.96 11.60
N ALA C 42 -63.33 12.43 12.71
CA ALA C 42 -62.27 13.45 12.65
C ALA C 42 -60.97 12.92 12.05
N ILE C 43 -60.65 11.68 12.37
CA ILE C 43 -59.44 11.05 11.81
C ILE C 43 -59.55 10.82 10.30
N SER C 44 -60.67 10.25 9.85
CA SER C 44 -60.83 10.08 8.40
C SER C 44 -60.94 11.45 7.69
N ALA C 45 -61.51 12.44 8.34
CA ALA C 45 -61.56 13.79 7.76
C ALA C 45 -60.14 14.35 7.55
N VAL C 46 -59.25 14.19 8.54
CA VAL C 46 -57.88 14.70 8.39
C VAL C 46 -57.20 13.89 7.29
N LEU C 47 -57.42 12.56 7.29
CA LEU C 47 -56.76 11.72 6.28
C LEU C 47 -57.15 12.06 4.83
N LYS C 48 -58.40 12.48 4.65
CA LYS C 48 -58.88 12.85 3.32
C LYS C 48 -58.10 14.02 2.73
N ARG C 49 -57.50 14.86 3.59
CA ARG C 49 -56.67 15.99 3.14
C ARG C 49 -55.35 15.55 2.53
N GLY C 50 -54.94 14.31 2.77
CA GLY C 50 -53.87 13.74 1.97
C GLY C 50 -52.44 13.88 2.48
N ASP C 51 -52.26 14.37 3.72
CA ASP C 51 -50.89 14.55 4.23
C ASP C 51 -50.14 13.25 4.51
N LEU C 52 -50.88 12.19 4.84
CA LEU C 52 -50.27 10.91 5.26
C LEU C 52 -50.54 9.86 4.16
N ALA C 53 -49.49 9.50 3.43
CA ALA C 53 -49.63 8.53 2.32
C ALA C 53 -49.76 7.11 2.85
N GLY C 54 -49.37 6.90 4.10
CA GLY C 54 -49.53 5.59 4.69
C GLY C 54 -48.40 4.60 4.48
N LYS C 55 -47.25 5.05 3.96
CA LYS C 55 -46.08 4.17 3.79
C LYS C 55 -45.55 3.81 5.19
N PRO C 56 -44.92 2.63 5.32
CA PRO C 56 -44.64 2.15 6.69
C PRO C 56 -43.81 3.14 7.49
N GLY C 57 -44.25 3.46 8.71
CA GLY C 57 -43.48 4.39 9.53
C GLY C 57 -43.69 5.88 9.32
N GLN C 58 -44.34 6.29 8.24
CA GLN C 58 -44.77 7.69 8.12
C GLN C 58 -45.72 8.02 9.22
N THR C 59 -45.74 9.28 9.65
CA THR C 59 -46.58 9.64 10.81
C THR C 59 -47.37 10.93 10.57
N LEU C 60 -48.49 11.04 11.27
CA LEU C 60 -49.27 12.28 11.35
C LEU C 60 -49.74 12.37 12.80
N LEU C 61 -49.42 13.49 13.46
CA LEU C 61 -49.75 13.67 14.88
C LEU C 61 -50.87 14.65 15.06
N LEU C 62 -51.93 14.20 15.74
CA LEU C 62 -53.09 15.03 16.05
C LEU C 62 -53.10 15.35 17.52
N GLN C 63 -53.61 16.53 17.82
CA GLN C 63 -53.98 16.97 19.15
C GLN C 63 -55.44 16.68 19.53
N ASN C 64 -55.81 17.12 20.73
CA ASN C 64 -56.97 16.63 21.47
C ASN C 64 -58.19 16.60 20.56
N LEU C 65 -58.78 15.42 20.38
CA LEU C 65 -59.98 15.25 19.57
C LEU C 65 -61.18 14.95 20.46
N GLN C 66 -62.27 15.67 20.20
CA GLN C 66 -63.51 15.42 20.90
C GLN C 66 -63.97 13.99 20.61
N GLY C 67 -64.42 13.31 21.67
CA GLY C 67 -64.90 11.94 21.58
C GLY C 67 -63.87 10.92 22.04
N LEU C 68 -62.60 11.35 22.13
CA LEU C 68 -61.54 10.47 22.57
C LEU C 68 -61.02 10.89 23.93
N LYS C 69 -60.40 9.94 24.64
CA LYS C 69 -59.80 10.24 25.95
C LYS C 69 -58.29 10.42 25.83
N ALA C 70 -57.77 10.27 24.61
CA ALA C 70 -56.35 10.48 24.37
C ALA C 70 -56.08 11.96 24.21
N GLU C 71 -55.03 12.42 24.72
CA GLU C 71 -54.67 13.84 24.56
C GLU C 71 -54.14 14.13 23.14
N ARG C 72 -53.52 13.11 22.57
CA ARG C 72 -52.93 13.19 21.22
C ARG C 72 -53.24 11.85 20.54
N VAL C 73 -53.34 11.88 19.21
CA VAL C 73 -53.40 10.64 18.40
C VAL C 73 -52.29 10.66 17.35
N LEU C 74 -51.44 9.62 17.40
CA LEU C 74 -50.39 9.45 16.41
C LEU C 74 -50.87 8.40 15.40
N LEU C 75 -51.01 8.83 14.14
CA LEU C 75 -51.31 7.92 13.01
C LEU C 75 -49.98 7.48 12.44
N VAL C 76 -49.78 6.17 12.32
CA VAL C 76 -48.58 5.65 11.73
C VAL C 76 -48.91 4.79 10.51
N GLY C 77 -48.17 5.01 9.45
CA GLY C 77 -48.33 4.25 8.19
C GLY C 77 -47.99 2.79 8.37
N SER C 78 -48.83 1.89 7.81
CA SER C 78 -48.59 0.47 7.88
C SER C 78 -48.38 -0.13 6.51
N GLY C 79 -48.39 0.72 5.49
CA GLY C 79 -48.04 0.31 4.11
C GLY C 79 -49.22 -0.29 3.35
N LYS C 80 -48.90 -1.12 2.34
CA LYS C 80 -49.95 -1.79 1.54
C LYS C 80 -50.56 -2.93 2.33
N ASP C 81 -51.63 -3.55 1.85
CA ASP C 81 -52.29 -4.62 2.66
C ASP C 81 -51.38 -5.79 3.06
N GLU C 82 -50.34 -6.00 2.28
CA GLU C 82 -49.43 -7.12 2.48
C GLU C 82 -48.95 -7.12 3.93
N ALA C 83 -48.84 -8.30 4.55
CA ALA C 83 -48.19 -8.44 5.85
C ALA C 83 -46.77 -7.88 5.82
N LEU C 84 -46.33 -7.31 6.95
CA LEU C 84 -45.02 -6.70 7.01
C LEU C 84 -43.97 -7.73 7.27
N GLY C 85 -42.81 -7.57 6.65
CA GLY C 85 -41.65 -8.34 7.08
C GLY C 85 -41.12 -7.84 8.43
N ASP C 86 -40.24 -8.63 9.05
CA ASP C 86 -39.70 -8.25 10.34
C ASP C 86 -39.05 -6.88 10.32
N ARG C 87 -38.27 -6.60 9.28
CA ARG C 87 -37.49 -5.37 9.29
C ARG C 87 -38.45 -4.18 9.20
N THR C 88 -39.44 -4.30 8.32
CA THR C 88 -40.44 -3.21 8.16
C THR C 88 -41.24 -2.96 9.47
N TRP C 89 -41.66 -4.05 10.10
CA TRP C 89 -42.38 -3.99 11.36
C TRP C 89 -41.54 -3.31 12.43
N ARG C 90 -40.29 -3.72 12.59
CA ARG C 90 -39.45 -3.11 13.62
C ARG C 90 -39.13 -1.65 13.30
N LYS C 91 -38.89 -1.29 12.03
CA LYS C 91 -38.78 0.13 11.66
C LYS C 91 -40.04 0.93 11.97
N LEU C 92 -41.20 0.36 11.76
CA LEU C 92 -42.48 1.05 12.11
C LEU C 92 -42.48 1.35 13.60
N VAL C 93 -42.18 0.33 14.41
CA VAL C 93 -42.15 0.51 15.85
C VAL C 93 -41.09 1.55 16.27
N ALA C 94 -39.90 1.50 15.69
CA ALA C 94 -38.88 2.52 15.97
C ALA C 94 -39.32 3.92 15.58
N SER C 95 -40.06 4.03 14.48
CA SER C 95 -40.55 5.36 14.07
C SER C 95 -41.55 5.90 15.09
N VAL C 96 -42.42 5.05 15.59
CA VAL C 96 -43.37 5.42 16.64
C VAL C 96 -42.59 5.86 17.88
N ALA C 97 -41.61 5.05 18.28
CA ALA C 97 -40.89 5.38 19.50
C ALA C 97 -40.13 6.71 19.38
N GLY C 98 -39.58 6.97 18.20
CA GLY C 98 -38.94 8.26 17.91
C GLY C 98 -39.85 9.45 18.16
N VAL C 99 -41.07 9.38 17.62
CA VAL C 99 -42.02 10.49 17.88
C VAL C 99 -42.31 10.59 19.38
N LEU C 100 -42.63 9.47 20.03
CA LEU C 100 -42.98 9.50 21.48
C LEU C 100 -41.86 10.05 22.36
N LYS C 101 -40.61 9.73 22.01
CA LYS C 101 -39.42 10.19 22.78
C LYS C 101 -39.32 11.72 22.79
N GLY C 102 -39.83 12.34 21.73
CA GLY C 102 -39.74 13.81 21.57
C GLY C 102 -40.92 14.56 22.20
N LEU C 103 -41.96 13.82 22.60
CA LEU C 103 -43.14 14.47 23.16
C LEU C 103 -43.00 14.55 24.67
N ASN C 104 -43.79 15.42 25.29
CA ASN C 104 -43.77 15.54 26.73
C ASN C 104 -44.92 14.76 27.32
N GLY C 105 -45.17 13.59 26.78
CA GLY C 105 -46.24 12.73 27.29
C GLY C 105 -45.69 11.67 28.20
N ALA C 106 -46.35 11.44 29.34
CA ALA C 106 -45.88 10.48 30.37
C ALA C 106 -46.13 9.01 30.00
N ASP C 107 -47.10 8.79 29.10
CA ASP C 107 -47.46 7.42 28.71
C ASP C 107 -47.96 7.42 27.26
N ALA C 108 -48.09 6.22 26.67
CA ALA C 108 -48.66 6.09 25.34
C ALA C 108 -49.38 4.77 25.30
N VAL C 109 -50.34 4.67 24.38
CA VAL C 109 -51.07 3.43 24.15
C VAL C 109 -50.87 3.04 22.70
N LEU C 110 -50.37 1.82 22.45
CA LEU C 110 -50.22 1.32 21.09
C LEU C 110 -51.39 0.39 20.76
N ALA C 111 -52.16 0.76 19.75
CA ALA C 111 -53.31 -0.04 19.36
C ALA C 111 -53.07 -0.55 17.94
N LEU C 112 -52.08 -1.43 17.83
CA LEU C 112 -51.56 -1.91 16.56
C LEU C 112 -51.97 -3.34 16.27
N ASP C 113 -53.04 -3.82 16.94
CA ASP C 113 -53.52 -5.20 16.71
C ASP C 113 -53.74 -5.58 15.24
N ASP C 114 -54.19 -4.65 14.40
CA ASP C 114 -54.53 -5.01 13.03
C ASP C 114 -53.34 -5.22 12.11
N VAL C 115 -52.16 -4.79 12.52
CA VAL C 115 -50.99 -4.91 11.66
C VAL C 115 -50.52 -6.37 11.60
N ALA C 116 -50.57 -6.95 10.41
CA ALA C 116 -50.05 -8.32 10.21
C ALA C 116 -48.54 -8.33 9.94
N VAL C 117 -47.85 -9.27 10.61
CA VAL C 117 -46.42 -9.48 10.43
C VAL C 117 -46.21 -10.88 9.83
N ASN C 118 -45.54 -10.95 8.74
CA ASN C 118 -45.32 -12.16 7.96
C ASN C 118 -44.71 -13.31 8.78
N ASN C 119 -45.36 -14.42 8.74
CA ASN C 119 -44.92 -15.60 9.49
C ASN C 119 -44.82 -15.47 11.01
N ARG C 120 -45.48 -14.47 11.59
CA ARG C 120 -45.49 -14.36 13.04
C ARG C 120 -46.88 -14.30 13.62
N ASP C 121 -47.21 -15.13 14.86
CA ASP C 121 -48.58 -15.09 15.44
C ASP C 121 -48.86 -13.69 16.02
N ALA C 122 -50.10 -13.37 15.96
CA ALA C 122 -50.58 -12.04 16.32
C ALA C 122 -50.21 -11.58 17.72
N HIS C 123 -49.78 -12.50 18.58
CA HIS C 123 -49.66 -12.14 19.97
C HIS C 123 -48.26 -12.33 20.50
N TYR C 124 -47.65 -13.48 20.23
CA TYR C 124 -46.31 -13.70 20.81
C TYR C 124 -45.20 -13.20 19.94
N GLY C 125 -45.02 -13.78 18.75
CA GLY C 125 -43.90 -13.42 17.89
C GLY C 125 -43.94 -11.97 17.46
N LYS C 126 -45.12 -11.46 17.10
CA LYS C 126 -45.25 -10.07 16.65
C LYS C 126 -44.76 -9.14 17.77
N TYR C 127 -45.19 -9.42 19.01
CA TYR C 127 -44.88 -8.51 20.12
C TYR C 127 -43.51 -8.75 20.74
N ARG C 128 -42.94 -9.93 20.53
CA ARG C 128 -41.51 -10.11 20.90
C ARG C 128 -40.66 -9.04 20.20
N LEU C 129 -40.96 -8.83 18.91
CA LEU C 129 -40.14 -7.92 18.12
C LEU C 129 -40.49 -6.48 18.49
N LEU C 130 -41.78 -6.17 18.63
CA LEU C 130 -42.16 -4.81 19.03
C LEU C 130 -41.54 -4.44 20.38
N ALA C 131 -41.72 -5.31 21.38
CA ALA C 131 -41.30 -4.95 22.74
C ALA C 131 -39.78 -4.82 22.77
N GLU C 132 -39.07 -5.69 22.15
CA GLU C 132 -37.60 -5.59 22.17
C GLU C 132 -37.13 -4.31 21.47
N THR C 133 -37.71 -3.94 20.34
CA THR C 133 -37.31 -2.71 19.66
C THR C 133 -37.62 -1.50 20.54
N LEU C 134 -38.78 -1.49 21.17
CA LEU C 134 -39.16 -0.39 22.03
C LEU C 134 -38.19 -0.25 23.21
N LEU C 135 -37.91 -1.36 23.89
CA LEU C 135 -37.09 -1.33 25.08
C LEU C 135 -35.63 -1.11 24.79
N ASP C 136 -35.11 -1.81 23.78
CA ASP C 136 -33.71 -1.61 23.43
C ASP C 136 -33.52 -0.18 22.90
N GLY C 137 -34.57 0.40 22.34
CA GLY C 137 -34.48 1.76 21.77
C GLY C 137 -34.33 2.84 22.84
N GLU C 138 -34.60 2.52 24.10
CA GLU C 138 -34.43 3.40 25.26
C GLU C 138 -32.97 3.54 25.67
N TYR C 139 -32.13 2.68 25.13
CA TYR C 139 -30.75 2.63 25.56
C TYR C 139 -30.05 4.01 25.48
N VAL C 140 -29.36 4.37 26.56
CA VAL C 140 -28.52 5.58 26.59
C VAL C 140 -27.16 5.24 27.17
N PHE C 141 -26.10 5.70 26.50
CA PHE C 141 -24.72 5.57 27.04
C PHE C 141 -24.08 6.97 27.07
N ASP C 142 -24.40 7.72 28.11
CA ASP C 142 -23.93 9.13 28.18
C ASP C 142 -22.97 9.36 29.35
N ARG C 143 -22.45 8.24 29.89
CA ARG C 143 -21.49 8.23 30.99
C ARG C 143 -20.37 9.26 30.81
N PHE C 144 -19.84 9.32 29.58
CA PHE C 144 -18.67 10.14 29.31
C PHE C 144 -19.00 11.50 28.71
N LYS C 145 -20.28 11.84 28.63
CA LYS C 145 -20.71 13.17 28.18
C LYS C 145 -20.86 14.13 29.34
N SER C 146 -20.35 15.33 29.15
CA SER C 146 -20.55 16.39 30.13
C SER C 146 -22.00 16.89 30.10
N GLN C 147 -22.68 16.92 29.00
CA GLN C 147 -24.07 17.27 28.76
C GLN C 147 -24.85 15.96 28.67
N LYS C 148 -25.53 15.70 29.63
CA LYS C 148 -26.34 14.47 29.68
C LYS C 148 -27.58 14.61 28.80
N VAL C 149 -28.06 13.50 28.26
CA VAL C 149 -29.27 13.48 27.42
C VAL C 149 -30.49 14.07 28.15
N GLU C 150 -31.45 14.61 27.40
CA GLU C 150 -32.67 15.16 28.01
C GLU C 150 -33.50 13.98 28.53
N PRO C 151 -33.77 13.95 29.85
CA PRO C 151 -34.42 12.78 30.46
C PRO C 151 -35.86 12.74 30.02
N ARG C 152 -36.32 11.57 29.55
CA ARG C 152 -37.56 11.54 28.77
C ARG C 152 -38.81 11.44 29.60
N ALA C 153 -39.87 12.07 29.08
CA ALA C 153 -41.13 12.09 29.77
C ALA C 153 -41.81 10.73 29.70
N LEU C 154 -41.57 9.98 28.62
CA LEU C 154 -42.28 8.72 28.43
C LEU C 154 -41.84 7.64 29.39
N LYS C 155 -42.74 7.24 30.28
CA LYS C 155 -42.44 6.28 31.34
C LYS C 155 -43.17 4.96 31.23
N LYS C 156 -44.23 4.93 30.43
CA LYS C 156 -45.09 3.79 30.36
C LYS C 156 -45.72 3.66 28.99
N VAL C 157 -45.75 2.44 28.48
CA VAL C 157 -46.45 2.13 27.25
C VAL C 157 -47.40 0.96 27.51
N THR C 158 -48.63 1.12 27.06
CA THR C 158 -49.61 0.06 27.13
C THR C 158 -49.83 -0.49 25.70
N LEU C 159 -49.79 -1.82 25.57
CA LEU C 159 -50.14 -2.50 24.33
C LEU C 159 -51.58 -2.99 24.40
N LEU C 160 -52.41 -2.65 23.41
CA LEU C 160 -53.75 -3.20 23.41
C LEU C 160 -53.86 -4.41 22.51
N ALA C 161 -54.47 -5.48 23.04
CA ALA C 161 -54.76 -6.68 22.28
C ALA C 161 -56.12 -7.19 22.71
N ASP C 162 -56.69 -8.12 21.95
CA ASP C 162 -57.94 -8.72 22.38
C ASP C 162 -57.69 -9.63 23.58
N LYS C 163 -58.75 -9.87 24.35
CA LYS C 163 -58.65 -10.57 25.62
C LYS C 163 -57.98 -11.94 25.50
N ALA C 164 -58.31 -12.65 24.42
CA ALA C 164 -57.78 -13.98 24.13
C ALA C 164 -56.28 -13.95 23.84
N GLY C 165 -55.78 -12.82 23.37
CA GLY C 165 -54.36 -12.71 23.03
C GLY C 165 -53.50 -12.18 24.16
N GLN C 166 -54.13 -11.71 25.24
CA GLN C 166 -53.43 -10.92 26.27
C GLN C 166 -52.30 -11.68 26.98
N ALA C 167 -52.54 -12.94 27.34
CA ALA C 167 -51.52 -13.69 28.08
C ALA C 167 -50.27 -13.91 27.19
N GLU C 168 -50.47 -14.18 25.92
CA GLU C 168 -49.36 -14.32 25.02
C GLU C 168 -48.59 -13.04 24.74
N VAL C 169 -49.30 -11.93 24.60
CA VAL C 169 -48.59 -10.65 24.52
C VAL C 169 -47.79 -10.41 25.81
N GLU C 170 -48.37 -10.74 26.98
CA GLU C 170 -47.64 -10.57 28.26
C GLU C 170 -46.38 -11.45 28.31
N ARG C 171 -46.49 -12.65 27.74
CA ARG C 171 -45.34 -13.56 27.71
C ARG C 171 -44.26 -12.97 26.78
N ALA C 172 -44.68 -12.44 25.64
CA ALA C 172 -43.74 -11.73 24.73
C ALA C 172 -43.05 -10.58 25.44
N VAL C 173 -43.81 -9.79 26.20
CA VAL C 173 -43.21 -8.66 26.92
C VAL C 173 -42.21 -9.12 28.02
N LYS C 174 -42.54 -10.20 28.73
CA LYS C 174 -41.65 -10.75 29.76
C LYS C 174 -40.33 -11.17 29.15
N HIS C 175 -40.42 -11.93 28.05
CA HIS C 175 -39.19 -12.38 27.35
C HIS C 175 -38.40 -11.25 26.71
N ALA C 176 -39.11 -10.36 26.01
CA ALA C 176 -38.43 -9.18 25.41
C ALA C 176 -37.76 -8.33 26.46
N SER C 177 -38.42 -8.11 27.59
CA SER C 177 -37.85 -7.30 28.68
C SER C 177 -36.54 -7.90 29.21
N ALA C 178 -36.52 -9.20 29.40
CA ALA C 178 -35.27 -9.87 29.84
C ALA C 178 -34.18 -9.73 28.79
N ILE C 179 -34.53 -9.97 27.54
CA ILE C 179 -33.57 -9.82 26.44
C ILE C 179 -33.03 -8.40 26.38
N ALA C 180 -33.92 -7.40 26.41
CA ALA C 180 -33.46 -6.01 26.34
C ALA C 180 -32.60 -5.61 27.51
N THR C 181 -32.90 -6.10 28.72
CA THR C 181 -32.09 -5.81 29.90
C THR C 181 -30.69 -6.44 29.73
N GLY C 182 -30.66 -7.65 29.21
CA GLY C 182 -29.36 -8.29 28.92
C GLY C 182 -28.61 -7.51 27.85
N MET C 183 -29.32 -7.14 26.79
CA MET C 183 -28.67 -6.34 25.72
C MET C 183 -28.07 -5.06 26.27
N ALA C 184 -28.75 -4.40 27.20
CA ALA C 184 -28.26 -3.13 27.69
C ALA C 184 -26.94 -3.32 28.45
N PHE C 185 -26.84 -4.43 29.17
CA PHE C 185 -25.62 -4.79 29.89
C PHE C 185 -24.48 -5.05 28.88
N THR C 186 -24.78 -5.88 27.89
CA THR C 186 -23.82 -6.17 26.81
C THR C 186 -23.33 -4.88 26.14
N ARG C 187 -24.28 -4.00 25.79
CA ARG C 187 -23.94 -2.78 25.10
C ARG C 187 -23.07 -1.88 26.00
N ASP C 188 -23.40 -1.80 27.28
CA ASP C 188 -22.57 -0.99 28.21
C ASP C 188 -21.12 -1.51 28.25
N LEU C 189 -20.98 -2.83 28.41
CA LEU C 189 -19.64 -3.41 28.47
C LEU C 189 -18.89 -3.18 27.15
N GLY C 190 -19.55 -3.39 26.01
CA GLY C 190 -18.90 -3.12 24.74
C GLY C 190 -18.49 -1.69 24.53
N ASN C 191 -19.39 -0.77 24.88
CA ASN C 191 -19.14 0.67 24.66
C ASN C 191 -18.10 1.27 25.59
N LEU C 192 -17.90 0.68 26.78
CA LEU C 192 -16.90 1.20 27.71
C LEU C 192 -15.51 1.18 27.03
N PRO C 193 -14.75 2.26 27.21
CA PRO C 193 -13.44 2.36 26.58
C PRO C 193 -12.42 1.41 27.25
N PRO C 194 -11.41 1.01 26.50
CA PRO C 194 -10.56 -0.11 26.90
C PRO C 194 -9.61 0.24 28.02
N ASN C 195 -9.42 1.54 28.30
CA ASN C 195 -8.63 1.95 29.46
C ASN C 195 -9.36 1.68 30.79
N LEU C 196 -10.68 1.55 30.73
CA LEU C 196 -11.53 1.21 31.88
C LEU C 196 -11.98 -0.26 31.83
N CYS C 197 -12.39 -0.68 30.64
CA CYS C 197 -12.90 -2.03 30.44
C CYS C 197 -11.76 -2.99 30.06
N HIS C 198 -11.07 -3.50 31.07
CA HIS C 198 -9.97 -4.45 30.89
C HIS C 198 -10.33 -5.76 31.59
N PRO C 199 -9.49 -6.80 31.52
CA PRO C 199 -9.94 -8.10 32.03
C PRO C 199 -10.25 -8.07 33.54
N SER C 200 -9.49 -7.31 34.32
CA SER C 200 -9.76 -7.23 35.76
C SER C 200 -11.09 -6.53 36.04
N PHE C 201 -11.44 -5.52 35.23
CA PHE C 201 -12.77 -4.89 35.35
C PHE C 201 -13.90 -5.88 35.10
N LEU C 202 -13.76 -6.67 34.03
CA LEU C 202 -14.77 -7.71 33.76
C LEU C 202 -14.87 -8.70 34.90
N ALA C 203 -13.73 -9.04 35.53
CA ALA C 203 -13.76 -9.95 36.64
C ALA C 203 -14.52 -9.33 37.82
N GLU C 204 -14.32 -8.03 38.05
CA GLU C 204 -15.03 -7.36 39.16
C GLU C 204 -16.54 -7.32 38.87
N GLN C 205 -16.89 -7.02 37.61
CA GLN C 205 -18.32 -7.09 37.18
C GLN C 205 -18.94 -8.47 37.46
N ALA C 206 -18.19 -9.52 37.14
CA ALA C 206 -18.67 -10.87 37.39
C ALA C 206 -18.82 -11.15 38.88
N LYS C 207 -17.83 -10.78 39.68
CA LYS C 207 -17.93 -11.02 41.14
C LYS C 207 -19.13 -10.28 41.72
N GLU C 208 -19.39 -9.14 41.19
CA GLU C 208 -20.52 -8.34 41.71
C GLU C 208 -21.85 -8.98 41.35
N LEU C 209 -21.89 -9.51 40.15
CA LEU C 209 -23.08 -10.20 39.71
C LEU C 209 -23.32 -11.45 40.54
N GLY C 210 -22.23 -12.17 40.86
CA GLY C 210 -22.34 -13.36 41.71
C GLY C 210 -22.92 -13.05 43.09
N LYS C 211 -22.50 -11.95 43.65
CA LYS C 211 -23.01 -11.57 44.98
C LYS C 211 -24.50 -11.29 44.98
N ALA C 212 -25.02 -10.83 43.85
CA ALA C 212 -26.42 -10.37 43.74
C ALA C 212 -27.45 -11.44 43.43
N HIS C 213 -26.98 -12.65 43.14
CA HIS C 213 -27.81 -13.74 42.68
C HIS C 213 -27.55 -15.07 43.36
N LYS C 214 -28.58 -15.60 44.00
CA LYS C 214 -28.40 -16.79 44.79
C LYS C 214 -27.97 -18.02 44.03
N ALA C 215 -28.49 -18.20 42.81
CA ALA C 215 -28.21 -19.40 42.04
C ALA C 215 -26.92 -19.28 41.23
N LEU C 216 -26.16 -18.21 41.47
CA LEU C 216 -24.96 -17.95 40.66
C LEU C 216 -23.72 -18.02 41.53
N LYS C 217 -22.70 -18.74 41.07
CA LYS C 217 -21.41 -18.85 41.75
C LYS C 217 -20.34 -18.43 40.74
N VAL C 218 -19.45 -17.55 41.17
CA VAL C 218 -18.41 -16.98 40.32
C VAL C 218 -17.01 -17.32 40.84
N GLU C 219 -16.14 -17.76 39.93
CA GLU C 219 -14.70 -17.99 40.20
C GLU C 219 -13.88 -17.22 39.14
N VAL C 220 -12.79 -16.59 39.57
CA VAL C 220 -11.93 -15.86 38.63
C VAL C 220 -10.55 -16.51 38.71
N LEU C 221 -10.03 -16.91 37.54
CA LEU C 221 -8.70 -17.48 37.44
C LEU C 221 -7.76 -16.42 36.88
N ASP C 222 -6.72 -16.11 37.64
CA ASP C 222 -5.77 -15.11 37.23
C ASP C 222 -4.67 -15.65 36.32
N GLU C 223 -3.72 -14.79 35.98
CA GLU C 223 -2.71 -15.18 35.00
C GLU C 223 -1.85 -16.36 35.45
N LYS C 224 -1.49 -16.39 36.73
CA LYS C 224 -0.71 -17.52 37.28
C LYS C 224 -1.49 -18.83 37.17
N LYS C 225 -2.79 -18.79 37.47
CA LYS C 225 -3.62 -19.99 37.37
C LYS C 225 -3.77 -20.48 35.93
N ILE C 226 -3.97 -19.53 35.00
CA ILE C 226 -4.07 -19.87 33.60
C ILE C 226 -2.78 -20.57 33.14
N LYS C 227 -1.63 -19.99 33.52
CA LYS C 227 -0.35 -20.59 33.17
C LYS C 227 -0.19 -21.98 33.80
N ASP C 228 -0.53 -22.09 35.08
CA ASP C 228 -0.31 -23.35 35.83
C ASP C 228 -1.23 -24.47 35.35
N LEU C 229 -2.41 -24.10 34.84
CA LEU C 229 -3.30 -25.09 34.21
C LEU C 229 -2.77 -25.63 32.88
N GLY C 230 -1.73 -25.00 32.33
CA GLY C 230 -1.14 -25.43 31.08
C GLY C 230 -1.75 -24.73 29.87
N MET C 231 -2.43 -23.60 30.11
CA MET C 231 -3.12 -22.87 29.03
C MET C 231 -2.11 -21.98 28.32
N GLY C 232 -1.23 -22.62 27.55
CA GLY C 232 -0.09 -21.92 26.96
C GLY C 232 -0.52 -20.96 25.88
N ALA C 233 -1.62 -21.26 25.19
CA ALA C 233 -2.12 -20.33 24.15
C ALA C 233 -2.78 -19.07 24.74
N PHE C 234 -3.62 -19.26 25.75
CA PHE C 234 -4.26 -18.15 26.44
C PHE C 234 -3.16 -17.29 27.08
N TYR C 235 -2.23 -17.94 27.78
CA TYR C 235 -1.17 -17.13 28.43
C TYR C 235 -0.37 -16.28 27.42
N ALA C 236 -0.06 -16.88 26.29
CA ALA C 236 0.74 -16.20 25.26
C ALA C 236 0.03 -14.89 24.80
N VAL C 237 -1.29 -14.90 24.71
CA VAL C 237 -1.96 -13.73 24.19
C VAL C 237 -1.81 -12.60 25.18
N GLY C 238 -2.00 -12.94 26.46
CA GLY C 238 -2.07 -11.87 27.47
C GLY C 238 -0.76 -11.27 27.93
N GLN C 239 0.35 -11.95 27.66
CA GLN C 239 1.63 -11.65 28.36
C GLN C 239 2.22 -10.31 27.97
N GLY C 240 1.88 -9.82 26.78
CA GLY C 240 2.41 -8.54 26.28
C GLY C 240 1.90 -7.33 27.02
N SER C 241 0.75 -7.45 27.66
CA SER C 241 0.11 -6.30 28.29
C SER C 241 0.46 -6.12 29.75
N ASP C 242 0.41 -4.87 30.19
CA ASP C 242 0.44 -4.58 31.63
C ASP C 242 -0.84 -5.00 32.35
N GLN C 243 -1.95 -5.13 31.64
CA GLN C 243 -3.22 -5.63 32.22
C GLN C 243 -3.29 -7.15 32.05
N PRO C 244 -3.29 -7.89 33.16
CA PRO C 244 -3.22 -9.34 33.03
C PRO C 244 -4.55 -9.97 32.60
N PRO C 245 -4.47 -11.18 32.07
CA PRO C 245 -5.67 -11.89 31.64
C PRO C 245 -6.46 -12.47 32.81
N ARG C 246 -7.72 -12.78 32.53
CA ARG C 246 -8.61 -13.43 33.51
C ARG C 246 -9.46 -14.44 32.77
N LEU C 247 -9.62 -15.64 33.35
CA LEU C 247 -10.63 -16.58 32.89
C LEU C 247 -11.74 -16.56 33.94
N ILE C 248 -12.91 -16.08 33.56
CA ILE C 248 -13.99 -15.85 34.49
C ILE C 248 -15.03 -16.94 34.32
N VAL C 249 -15.41 -17.59 35.42
CA VAL C 249 -16.39 -18.66 35.39
C VAL C 249 -17.61 -18.20 36.14
N LEU C 250 -18.77 -18.19 35.48
CA LEU C 250 -20.03 -17.87 36.15
C LEU C 250 -20.96 -19.05 35.99
N ASN C 251 -21.27 -19.70 37.12
CA ASN C 251 -22.01 -20.94 37.11
C ASN C 251 -23.39 -20.77 37.70
N TYR C 252 -24.38 -20.79 36.82
CA TYR C 252 -25.78 -20.64 37.19
C TYR C 252 -26.43 -21.98 37.29
N GLN C 253 -26.81 -22.37 38.51
CA GLN C 253 -27.40 -23.69 38.71
C GLN C 253 -28.93 -23.60 38.83
N GLY C 254 -29.60 -23.42 37.69
CA GLY C 254 -31.05 -23.24 37.64
C GLY C 254 -31.82 -24.52 37.38
N GLY C 255 -31.10 -25.55 36.94
CA GLY C 255 -31.73 -26.81 36.64
C GLY C 255 -31.64 -27.81 37.80
N LYS C 256 -32.03 -29.05 37.53
CA LYS C 256 -31.77 -30.13 38.48
C LYS C 256 -30.26 -30.37 38.57
N LYS C 257 -29.77 -30.80 39.75
CA LYS C 257 -28.34 -31.04 39.96
C LYS C 257 -27.70 -31.95 38.89
N ALA C 258 -28.42 -32.96 38.45
CA ALA C 258 -27.93 -33.94 37.48
C ALA C 258 -28.08 -33.49 36.01
N ASP C 259 -28.75 -32.36 35.77
CA ASP C 259 -28.96 -31.88 34.39
C ASP C 259 -27.62 -31.44 33.82
N LYS C 260 -27.28 -31.93 32.63
CA LYS C 260 -26.04 -31.51 31.97
C LYS C 260 -26.15 -30.02 31.64
N PRO C 261 -25.07 -29.28 31.87
CA PRO C 261 -25.17 -27.83 31.59
C PRO C 261 -24.99 -27.46 30.12
N PHE C 262 -25.44 -26.26 29.82
CA PHE C 262 -25.07 -25.54 28.59
C PHE C 262 -23.92 -24.64 28.96
N VAL C 263 -22.85 -24.68 28.17
CA VAL C 263 -21.70 -23.80 28.38
C VAL C 263 -21.61 -22.75 27.29
N LEU C 264 -21.51 -21.48 27.70
CA LEU C 264 -21.28 -20.38 26.73
C LEU C 264 -19.87 -19.89 26.99
N VAL C 265 -19.08 -19.86 25.92
CA VAL C 265 -17.68 -19.42 25.97
C VAL C 265 -17.57 -18.12 25.22
N GLY C 266 -17.12 -17.05 25.88
CA GLY C 266 -17.07 -15.78 25.19
C GLY C 266 -15.67 -15.23 25.04
N LYS C 267 -15.31 -14.78 23.84
CA LYS C 267 -14.03 -14.09 23.63
C LYS C 267 -14.07 -12.72 24.31
N GLY C 268 -13.14 -12.52 25.23
CA GLY C 268 -13.07 -11.29 26.00
C GLY C 268 -11.79 -10.54 25.74
N ILE C 269 -11.46 -10.25 24.48
CA ILE C 269 -10.25 -9.48 24.23
C ILE C 269 -10.60 -8.00 24.40
N THR C 270 -10.17 -7.38 25.49
CA THR C 270 -10.72 -6.07 25.84
C THR C 270 -10.16 -4.99 24.93
N PHE C 271 -8.95 -5.23 24.39
CA PHE C 271 -8.52 -4.41 23.25
C PHE C 271 -7.59 -5.27 22.43
N ASP C 272 -7.77 -5.19 21.11
CA ASP C 272 -6.93 -5.97 20.16
C ASP C 272 -6.09 -5.03 19.32
N THR C 273 -4.83 -4.83 19.72
CA THR C 273 -3.90 -4.05 18.89
C THR C 273 -3.33 -4.90 17.76
N GLY C 274 -3.47 -6.22 17.85
CA GLY C 274 -2.77 -7.16 16.99
C GLY C 274 -1.53 -7.71 17.65
N GLY C 275 -0.99 -7.00 18.64
CA GLY C 275 0.33 -7.36 19.26
C GLY C 275 1.48 -7.03 18.33
N ILE C 276 2.50 -7.89 18.33
CA ILE C 276 3.65 -7.67 17.46
C ILE C 276 3.24 -7.64 15.96
N SER C 277 2.24 -8.46 15.59
CA SER C 277 1.60 -8.39 14.29
C SER C 277 0.56 -7.26 14.34
N LEU C 278 1.08 -6.06 14.52
CA LEU C 278 0.27 -4.87 14.81
C LEU C 278 -0.71 -4.54 13.70
N LYS C 279 -1.90 -4.15 14.16
CA LYS C 279 -2.94 -3.68 13.24
C LYS C 279 -2.61 -2.30 12.66
N PRO C 280 -3.20 -1.95 11.51
CA PRO C 280 -3.14 -0.56 11.03
C PRO C 280 -3.88 0.37 11.97
N GLY C 281 -3.53 1.66 11.94
CA GLY C 281 -4.18 2.60 12.84
C GLY C 281 -5.65 2.86 12.51
N ALA C 282 -6.02 2.85 11.21
CA ALA C 282 -7.38 3.27 10.82
C ALA C 282 -8.46 2.36 11.43
N GLY C 283 -9.35 2.97 12.21
CA GLY C 283 -10.48 2.22 12.76
C GLY C 283 -10.10 1.35 13.93
N MET C 284 -8.86 1.46 14.43
CA MET C 284 -8.46 0.54 15.51
C MET C 284 -9.28 0.70 16.80
N ASP C 285 -9.81 1.85 16.97
CA ASP C 285 -10.68 2.08 18.14
C ASP C 285 -11.82 1.08 18.23
N GLU C 286 -12.21 0.54 17.12
CA GLU C 286 -13.34 -0.37 17.25
C GLU C 286 -12.95 -1.70 17.86
N MET C 287 -11.67 -1.90 18.06
CA MET C 287 -11.24 -3.10 18.76
C MET C 287 -11.52 -3.10 20.28
N LYS C 288 -12.10 -2.02 20.84
CA LYS C 288 -12.65 -2.13 22.20
C LYS C 288 -13.87 -3.05 22.19
N TYR C 289 -14.43 -3.35 21.00
CA TYR C 289 -15.57 -4.27 20.87
C TYR C 289 -15.13 -5.72 20.74
N ASP C 290 -13.81 -5.98 20.89
CA ASP C 290 -13.32 -7.33 20.68
C ASP C 290 -13.61 -8.22 21.88
N MET C 291 -14.32 -7.65 22.87
CA MET C 291 -14.80 -8.43 24.00
C MET C 291 -16.32 -8.55 23.96
N CYS C 292 -16.93 -8.23 22.80
CA CYS C 292 -18.39 -8.37 22.67
C CYS C 292 -18.88 -9.82 22.77
N GLY C 293 -18.03 -10.82 22.49
CA GLY C 293 -18.40 -12.23 22.75
C GLY C 293 -18.63 -12.42 24.25
N ALA C 294 -17.63 -12.09 25.06
CA ALA C 294 -17.82 -12.11 26.51
C ALA C 294 -18.99 -11.23 26.97
N ALA C 295 -19.12 -10.04 26.38
CA ALA C 295 -20.23 -9.14 26.76
C ALA C 295 -21.57 -9.80 26.47
N SER C 296 -21.71 -10.50 25.34
CA SER C 296 -22.97 -11.11 25.04
C SER C 296 -23.28 -12.29 25.96
N VAL C 297 -22.24 -12.94 26.48
CA VAL C 297 -22.44 -14.03 27.47
C VAL C 297 -22.93 -13.41 28.78
N PHE C 298 -22.30 -12.31 29.22
CA PHE C 298 -22.82 -11.56 30.38
C PHE C 298 -24.29 -11.18 30.19
N GLY C 299 -24.64 -10.67 28.99
CA GLY C 299 -26.01 -10.20 28.76
C GLY C 299 -27.02 -11.35 28.71
N THR C 300 -26.62 -12.46 28.09
CA THR C 300 -27.48 -13.66 28.05
C THR C 300 -27.69 -14.18 29.48
N LEU C 301 -26.63 -14.25 30.27
CA LEU C 301 -26.74 -14.67 31.65
C LEU C 301 -27.72 -13.73 32.41
N ARG C 302 -27.57 -12.41 32.21
CA ARG C 302 -28.47 -11.46 32.86
C ARG C 302 -29.92 -11.75 32.48
N ALA C 303 -30.18 -12.03 31.18
CA ALA C 303 -31.56 -12.36 30.76
C ALA C 303 -32.04 -13.66 31.42
N VAL C 304 -31.18 -14.68 31.46
CA VAL C 304 -31.52 -15.95 32.11
C VAL C 304 -31.84 -15.77 33.61
N LEU C 305 -31.05 -14.95 34.29
CA LEU C 305 -31.30 -14.65 35.71
C LEU C 305 -32.64 -13.96 35.89
N GLU C 306 -32.96 -13.08 35.02
CA GLU C 306 -34.25 -12.39 35.06
C GLU C 306 -35.42 -13.36 34.87
N LEU C 307 -35.30 -14.23 33.99
CA LEU C 307 -36.34 -15.22 33.69
C LEU C 307 -36.33 -16.41 34.63
N GLN C 308 -35.28 -16.54 35.43
CA GLN C 308 -35.07 -17.72 36.29
C GLN C 308 -35.26 -19.03 35.53
N LEU C 309 -34.63 -19.14 34.35
CA LEU C 309 -34.80 -20.38 33.59
C LEU C 309 -34.26 -21.58 34.31
N PRO C 310 -34.96 -22.71 34.20
CA PRO C 310 -34.59 -23.91 34.91
C PRO C 310 -33.58 -24.71 34.10
N VAL C 311 -32.43 -24.08 33.87
CA VAL C 311 -31.28 -24.79 33.23
C VAL C 311 -30.00 -24.56 34.00
N ASN C 312 -29.03 -25.46 33.81
CA ASN C 312 -27.68 -25.21 34.35
C ASN C 312 -26.88 -24.55 33.23
N LEU C 313 -26.36 -23.36 33.51
CA LEU C 313 -25.64 -22.56 32.49
C LEU C 313 -24.31 -22.15 33.06
N VAL C 314 -23.23 -22.58 32.38
CA VAL C 314 -21.90 -22.25 32.83
C VAL C 314 -21.31 -21.30 31.81
N CYS C 315 -20.91 -20.12 32.26
CA CYS C 315 -20.35 -19.09 31.36
C CYS C 315 -18.87 -19.00 31.58
N LEU C 316 -18.09 -19.06 30.48
CA LEU C 316 -16.63 -18.96 30.59
C LEU C 316 -16.17 -17.78 29.76
N LEU C 317 -15.60 -16.76 30.40
CA LEU C 317 -15.17 -15.54 29.70
C LEU C 317 -13.67 -15.54 29.62
N ALA C 318 -13.13 -15.64 28.39
CA ALA C 318 -11.70 -15.69 28.19
C ALA C 318 -11.14 -14.33 27.90
N CYS C 319 -10.62 -13.67 28.92
CA CYS C 319 -10.30 -12.24 28.81
C CYS C 319 -8.82 -11.95 28.81
N ALA C 320 -8.38 -11.08 27.89
CA ALA C 320 -7.00 -10.67 27.85
C ALA C 320 -6.95 -9.39 27.03
N GLU C 321 -5.78 -8.75 27.07
CA GLU C 321 -5.66 -7.49 26.33
C GLU C 321 -4.45 -7.67 25.43
N ASN C 322 -4.49 -7.56 24.15
CA ASN C 322 -3.41 -7.92 23.18
C ASN C 322 -2.59 -6.68 22.81
N MET C 323 -1.40 -6.56 23.39
CA MET C 323 -0.56 -5.35 23.29
C MET C 323 0.83 -5.72 22.83
N PRO C 324 1.48 -4.80 22.08
CA PRO C 324 2.90 -5.00 21.70
C PRO C 324 3.77 -4.50 22.86
N SER C 325 4.88 -5.19 23.12
CA SER C 325 5.80 -4.80 24.18
C SER C 325 7.07 -5.62 24.08
N GLY C 326 8.01 -5.35 25.00
CA GLY C 326 9.30 -6.07 25.03
C GLY C 326 9.19 -7.48 25.56
N GLY C 327 8.02 -7.83 26.08
CA GLY C 327 7.72 -9.20 26.57
C GLY C 327 6.57 -9.89 25.85
N ALA C 328 6.11 -9.30 24.73
CA ALA C 328 4.97 -9.86 23.99
C ALA C 328 5.33 -11.11 23.19
N THR C 329 4.33 -11.94 22.99
CA THR C 329 4.51 -13.09 22.09
C THR C 329 4.95 -12.64 20.70
N ARG C 330 5.85 -13.44 20.09
CA ARG C 330 6.34 -13.19 18.77
C ARG C 330 5.72 -14.14 17.74
N PRO C 331 5.54 -13.69 16.48
CA PRO C 331 5.27 -14.59 15.39
C PRO C 331 6.36 -15.68 15.37
N GLY C 332 5.93 -16.95 15.25
CA GLY C 332 6.89 -18.07 15.30
C GLY C 332 7.01 -18.71 16.66
N ASP C 333 6.49 -18.09 17.72
CA ASP C 333 6.54 -18.77 19.04
C ASP C 333 5.72 -20.06 18.96
N ILE C 334 6.14 -21.08 19.71
CA ILE C 334 5.38 -22.35 19.80
C ILE C 334 5.01 -22.54 21.26
N VAL C 335 3.73 -22.84 21.47
CA VAL C 335 3.19 -23.01 22.83
C VAL C 335 2.49 -24.33 22.97
N THR C 336 2.42 -24.82 24.18
CA THR C 336 1.65 -26.02 24.48
C THR C 336 0.33 -25.61 25.10
N THR C 337 -0.74 -26.06 24.47
CA THR C 337 -2.09 -25.76 24.95
C THR C 337 -2.46 -26.72 26.08
N MET C 338 -3.56 -26.41 26.78
CA MET C 338 -4.00 -27.23 27.93
C MET C 338 -4.28 -28.66 27.49
N SER C 339 -4.80 -28.78 26.28
CA SER C 339 -5.09 -30.10 25.65
C SER C 339 -3.84 -30.94 25.38
N GLY C 340 -2.66 -30.29 25.40
CA GLY C 340 -1.37 -30.91 25.05
C GLY C 340 -1.00 -30.70 23.60
N GLN C 341 -1.91 -30.33 22.74
CA GLN C 341 -1.59 -29.94 21.37
C GLN C 341 -0.72 -28.71 21.40
N THR C 342 0.25 -28.77 20.48
CA THR C 342 1.11 -27.58 20.36
C THR C 342 0.63 -26.68 19.23
N VAL C 343 0.86 -25.38 19.37
CA VAL C 343 0.39 -24.38 18.41
C VAL C 343 1.53 -23.44 18.06
N GLU C 344 1.79 -23.32 16.76
CA GLU C 344 2.74 -22.31 16.27
C GLU C 344 1.96 -21.03 16.04
N ILE C 345 2.32 -19.97 16.78
CA ILE C 345 1.61 -18.70 16.68
C ILE C 345 2.28 -17.92 15.56
N LEU C 346 1.78 -18.09 14.33
CA LEU C 346 2.34 -17.44 13.13
C LEU C 346 1.98 -15.94 13.06
N ASN C 347 0.83 -15.57 13.63
CA ASN C 347 0.40 -14.20 13.60
C ASN C 347 -0.25 -13.91 14.95
N THR C 348 0.27 -12.90 15.67
CA THR C 348 -0.21 -12.64 17.04
C THR C 348 -1.53 -11.92 17.03
N ASP C 349 -2.00 -11.55 15.83
CA ASP C 349 -3.34 -10.93 15.70
C ASP C 349 -4.46 -12.00 15.49
N ALA C 350 -4.07 -13.28 15.40
CA ALA C 350 -5.09 -14.34 15.42
C ALA C 350 -5.13 -14.87 16.88
N GLU C 351 -5.51 -13.94 17.76
CA GLU C 351 -5.39 -14.17 19.23
C GLU C 351 -6.64 -14.69 19.92
N GLY C 352 -7.81 -14.33 19.39
CA GLY C 352 -9.08 -14.84 19.94
C GLY C 352 -9.11 -16.33 19.96
N ARG C 353 -8.69 -16.98 18.89
CA ARG C 353 -8.81 -18.44 18.85
C ARG C 353 -7.82 -19.08 19.83
N LEU C 354 -6.78 -18.34 20.19
CA LEU C 354 -5.80 -18.82 21.20
C LEU C 354 -6.38 -18.79 22.60
N VAL C 355 -7.05 -17.68 22.97
CA VAL C 355 -7.65 -17.72 24.32
C VAL C 355 -8.86 -18.70 24.36
N LEU C 356 -9.57 -18.82 23.24
CA LEU C 356 -10.71 -19.72 23.15
C LEU C 356 -10.31 -21.17 23.23
N CYS C 357 -9.22 -21.56 22.56
CA CYS C 357 -8.93 -23.00 22.46
C CYS C 357 -8.68 -23.60 23.85
N ASP C 358 -7.97 -22.87 24.70
CA ASP C 358 -7.66 -23.34 26.04
C ASP C 358 -8.92 -23.34 26.90
N THR C 359 -9.82 -22.38 26.64
CA THR C 359 -11.05 -22.30 27.41
C THR C 359 -12.00 -23.46 26.98
N LEU C 360 -11.98 -23.82 25.69
CA LEU C 360 -12.74 -24.98 25.22
C LEU C 360 -12.23 -26.25 25.93
N THR C 361 -10.90 -26.37 26.14
CA THR C 361 -10.43 -27.53 26.88
C THR C 361 -10.94 -27.47 28.35
N TYR C 362 -10.90 -26.28 28.93
CA TYR C 362 -11.34 -26.08 30.32
C TYR C 362 -12.81 -26.56 30.45
N ALA C 363 -13.63 -26.31 29.41
CA ALA C 363 -15.06 -26.60 29.49
C ALA C 363 -15.37 -28.09 29.61
N GLU C 364 -14.39 -28.94 29.29
CA GLU C 364 -14.70 -30.38 29.32
C GLU C 364 -15.12 -30.83 30.73
N ARG C 365 -14.60 -30.16 31.77
CA ARG C 365 -14.85 -30.57 33.16
C ARG C 365 -16.31 -30.53 33.56
N PHE C 366 -17.11 -29.75 32.83
CA PHE C 366 -18.52 -29.54 33.17
C PHE C 366 -19.43 -30.60 32.59
N LYS C 367 -18.88 -31.49 31.75
CA LYS C 367 -19.65 -32.59 31.12
C LYS C 367 -20.91 -32.04 30.46
N PRO C 368 -20.71 -31.07 29.55
CA PRO C 368 -21.87 -30.32 29.05
C PRO C 368 -22.68 -31.05 27.97
N GLN C 369 -23.91 -30.65 27.79
CA GLN C 369 -24.69 -31.10 26.68
C GLN C 369 -24.56 -30.24 25.42
N ALA C 370 -24.02 -29.05 25.59
CA ALA C 370 -23.74 -28.15 24.42
C ALA C 370 -22.72 -27.16 24.91
N VAL C 371 -21.77 -26.81 24.03
CA VAL C 371 -20.83 -25.74 24.28
C VAL C 371 -20.88 -24.83 23.08
N ILE C 372 -21.11 -23.54 23.32
CA ILE C 372 -21.23 -22.57 22.22
C ILE C 372 -20.22 -21.47 22.52
N ASP C 373 -19.40 -21.17 21.70
CA ASP C 373 -18.39 -20.12 21.72
C ASP C 373 -18.84 -18.95 20.85
N ILE C 374 -18.69 -17.76 21.39
CA ILE C 374 -19.14 -16.54 20.71
C ILE C 374 -17.95 -15.60 20.65
N ALA C 375 -17.64 -15.11 19.43
CA ALA C 375 -16.41 -14.37 19.30
C ALA C 375 -16.42 -13.45 18.08
N THR C 376 -15.84 -12.26 18.25
CA THR C 376 -15.66 -11.29 17.14
C THR C 376 -14.36 -11.73 16.43
N LEU C 377 -14.44 -12.81 15.66
CA LEU C 377 -13.23 -13.54 15.37
C LEU C 377 -12.55 -13.18 14.07
N THR C 378 -13.30 -12.93 13.01
CA THR C 378 -12.63 -12.73 11.73
C THR C 378 -13.22 -11.61 10.90
N GLY C 379 -12.33 -10.79 10.37
CA GLY C 379 -12.70 -9.87 9.28
C GLY C 379 -13.31 -10.62 8.12
N ALA C 380 -12.83 -11.83 7.83
CA ALA C 380 -13.42 -12.64 6.76
C ALA C 380 -14.93 -12.90 6.94
N CYS C 381 -15.43 -12.95 8.17
CA CYS C 381 -16.87 -13.18 8.38
C CYS C 381 -17.67 -11.99 7.84
N ILE C 382 -17.12 -10.79 7.93
CA ILE C 382 -17.79 -9.59 7.40
C ILE C 382 -17.80 -9.62 5.89
N VAL C 383 -16.71 -10.11 5.29
CA VAL C 383 -16.69 -10.33 3.85
C VAL C 383 -17.73 -11.37 3.44
N ALA C 384 -17.88 -12.44 4.23
CA ALA C 384 -18.82 -13.50 3.87
C ALA C 384 -20.28 -13.16 4.12
N LEU C 385 -20.59 -12.58 5.29
CA LEU C 385 -21.98 -12.44 5.73
C LEU C 385 -22.33 -11.02 6.11
N GLY C 386 -21.35 -10.11 6.05
CA GLY C 386 -21.67 -8.69 6.31
C GLY C 386 -22.16 -8.36 7.71
N SER C 387 -23.01 -7.34 7.81
CA SER C 387 -23.41 -6.85 9.12
C SER C 387 -24.71 -7.48 9.63
N HIS C 388 -25.35 -8.34 8.82
CA HIS C 388 -26.72 -8.74 9.09
C HIS C 388 -26.86 -10.08 9.73
N THR C 389 -25.87 -10.94 9.54
CA THR C 389 -26.06 -12.35 9.83
C THR C 389 -24.79 -12.88 10.49
N THR C 390 -24.91 -13.54 11.65
CA THR C 390 -23.77 -14.09 12.34
C THR C 390 -23.32 -15.37 11.65
N GLY C 391 -22.00 -15.59 11.59
CA GLY C 391 -21.47 -16.84 11.01
C GLY C 391 -21.57 -17.93 12.05
N LEU C 392 -22.01 -19.11 11.65
CA LEU C 392 -22.18 -20.24 12.61
C LEU C 392 -21.54 -21.53 12.05
N MET C 393 -20.72 -22.19 12.85
CA MET C 393 -20.09 -23.46 12.50
C MET C 393 -20.28 -24.40 13.70
N GLY C 394 -20.13 -25.70 13.48
CA GLY C 394 -20.14 -26.58 14.66
C GLY C 394 -19.87 -28.01 14.32
N ASN C 395 -19.85 -28.85 15.36
CA ASN C 395 -19.53 -30.28 15.15
C ASN C 395 -20.73 -31.20 15.43
N ASN C 396 -21.93 -30.55 15.54
CA ASN C 396 -23.19 -31.24 15.77
C ASN C 396 -24.32 -30.46 15.10
N ASP C 397 -24.84 -31.25 14.13
CA ASP C 397 -25.78 -30.61 13.27
C ASP C 397 -27.10 -30.33 13.95
N ASP C 398 -27.45 -31.11 14.98
CA ASP C 398 -28.67 -30.82 15.74
C ASP C 398 -28.52 -29.51 16.50
N LEU C 399 -27.38 -29.34 17.14
CA LEU C 399 -27.09 -28.08 17.85
C LEU C 399 -27.06 -26.88 16.89
N VAL C 400 -26.36 -27.02 15.76
CA VAL C 400 -26.34 -25.96 14.76
C VAL C 400 -27.76 -25.61 14.30
N GLY C 401 -28.58 -26.62 14.05
CA GLY C 401 -29.95 -26.35 13.64
C GLY C 401 -30.78 -25.65 14.69
N GLN C 402 -30.59 -26.04 15.95
CA GLN C 402 -31.30 -25.38 17.06
C GLN C 402 -30.92 -23.89 17.14
N LEU C 403 -29.64 -23.58 16.97
CA LEU C 403 -29.19 -22.17 17.00
C LEU C 403 -29.73 -21.38 15.80
N LEU C 404 -29.70 -21.98 14.62
CA LEU C 404 -30.33 -21.33 13.46
C LEU C 404 -31.81 -21.04 13.66
N ASP C 405 -32.55 -22.04 14.14
CA ASP C 405 -33.97 -21.84 14.39
C ASP C 405 -34.22 -20.76 15.46
N ALA C 406 -33.45 -20.77 16.55
CA ALA C 406 -33.53 -19.69 17.55
C ALA C 406 -33.29 -18.31 16.93
N GLY C 407 -32.28 -18.21 16.06
CA GLY C 407 -31.95 -16.93 15.43
C GLY C 407 -33.12 -16.46 14.57
N LYS C 408 -33.77 -17.38 13.86
CA LYS C 408 -34.87 -16.96 12.98
C LYS C 408 -36.02 -16.45 13.85
N ARG C 409 -36.39 -17.21 14.90
CA ARG C 409 -37.52 -16.78 15.75
C ARG C 409 -37.21 -15.51 16.53
N ALA C 410 -35.95 -15.29 16.88
CA ALA C 410 -35.57 -14.08 17.65
C ALA C 410 -35.33 -12.89 16.75
N ASP C 411 -35.34 -13.09 15.42
CA ASP C 411 -34.87 -12.06 14.46
C ASP C 411 -33.46 -11.58 14.84
N ASP C 412 -32.58 -12.55 15.04
CA ASP C 412 -31.15 -12.30 15.29
C ASP C 412 -30.43 -13.39 14.54
N ARG C 413 -30.43 -13.31 13.22
CA ARG C 413 -30.15 -14.52 12.41
C ARG C 413 -28.69 -14.86 12.33
N ALA C 414 -28.48 -16.17 12.16
CA ALA C 414 -27.14 -16.70 11.88
C ALA C 414 -27.23 -17.50 10.61
N TRP C 415 -26.08 -17.99 10.13
CA TRP C 415 -26.05 -18.77 8.90
C TRP C 415 -24.86 -19.72 8.99
N GLN C 416 -25.09 -21.00 8.68
CA GLN C 416 -24.02 -21.99 8.81
C GLN C 416 -23.00 -21.89 7.67
N LEU C 417 -21.74 -22.09 8.03
CA LEU C 417 -20.63 -22.27 7.09
C LEU C 417 -20.06 -23.64 7.39
N PRO C 418 -19.51 -24.33 6.38
CA PRO C 418 -19.03 -25.69 6.55
C PRO C 418 -17.61 -25.80 7.11
N LEU C 419 -17.40 -26.80 7.95
CA LEU C 419 -16.04 -27.12 8.46
C LEU C 419 -15.55 -28.39 7.76
N PHE C 420 -15.65 -28.41 6.44
CA PHE C 420 -15.17 -29.58 5.73
C PHE C 420 -13.72 -29.91 6.07
N ASP C 421 -13.39 -31.21 6.07
CA ASP C 421 -12.03 -31.62 6.45
C ASP C 421 -10.96 -31.05 5.51
N GLU C 422 -11.32 -30.78 4.25
CA GLU C 422 -10.38 -30.23 3.28
C GLU C 422 -9.75 -28.92 3.74
N TYR C 423 -10.47 -28.15 4.56
CA TYR C 423 -9.94 -26.85 5.02
C TYR C 423 -8.89 -27.01 6.12
N GLN C 424 -8.95 -28.17 6.91
CA GLN C 424 -7.97 -28.40 7.98
C GLN C 424 -6.50 -28.23 7.55
N GLU C 425 -6.11 -28.77 6.42
CA GLU C 425 -4.73 -28.74 6.02
C GLU C 425 -4.10 -27.33 6.00
N GLN C 426 -4.95 -26.35 5.81
CA GLN C 426 -4.51 -24.96 5.76
C GLN C 426 -3.81 -24.55 7.06
N LEU C 427 -4.13 -25.27 8.10
CA LEU C 427 -3.54 -25.00 9.41
C LEU C 427 -2.23 -25.74 9.64
N ASP C 428 -1.78 -26.57 8.77
CA ASP C 428 -0.59 -27.38 9.04
C ASP C 428 0.64 -26.53 9.28
N SER C 429 1.47 -27.01 10.22
CA SER C 429 2.76 -26.41 10.55
C SER C 429 3.81 -27.49 10.41
N PRO C 430 4.98 -27.16 9.84
CA PRO C 430 6.07 -28.11 9.79
C PRO C 430 6.64 -28.43 11.17
N PHE C 431 6.35 -27.59 12.17
CA PHE C 431 7.00 -27.69 13.46
C PHE C 431 6.05 -28.17 14.57
N ALA C 432 4.83 -27.62 14.61
CA ALA C 432 3.91 -27.85 15.73
C ALA C 432 2.73 -28.67 15.26
N ASP C 433 1.86 -29.03 16.19
CA ASP C 433 0.66 -29.79 15.80
C ASP C 433 -0.24 -29.01 14.87
N MET C 434 -0.21 -27.68 15.00
CA MET C 434 -0.95 -26.84 14.07
C MET C 434 -0.38 -25.44 14.17
N GLY C 435 -0.64 -24.66 13.12
CA GLY C 435 -0.45 -23.19 13.23
C GLY C 435 -1.77 -22.50 13.50
N ASN C 436 -1.71 -21.21 13.84
CA ASN C 436 -2.94 -20.53 14.20
C ASN C 436 -3.58 -19.78 13.04
N ILE C 437 -3.02 -19.86 11.82
CA ILE C 437 -3.61 -19.17 10.63
C ILE C 437 -3.70 -20.13 9.47
N GLY C 438 -4.69 -19.86 8.62
CA GLY C 438 -4.91 -20.71 7.43
C GLY C 438 -4.70 -20.00 6.10
N GLY C 439 -4.24 -18.76 6.11
CA GLY C 439 -4.05 -18.05 4.82
C GLY C 439 -5.24 -17.23 4.42
N PRO C 440 -5.16 -16.64 3.21
CA PRO C 440 -6.19 -15.70 2.79
C PRO C 440 -7.51 -16.35 2.36
N LYS C 441 -7.52 -17.66 2.17
CA LYS C 441 -8.74 -18.34 1.69
C LYS C 441 -9.53 -18.94 2.85
N ALA C 442 -10.84 -18.67 2.85
CA ALA C 442 -11.79 -19.29 3.82
C ALA C 442 -11.40 -18.99 5.28
N GLY C 443 -11.15 -17.71 5.56
CA GLY C 443 -10.64 -17.33 6.88
C GLY C 443 -11.60 -17.58 8.03
N THR C 444 -12.88 -17.39 7.81
CA THR C 444 -13.85 -17.66 8.89
C THR C 444 -13.89 -19.15 9.18
N ILE C 445 -13.90 -19.93 8.10
CA ILE C 445 -13.91 -21.40 8.21
C ILE C 445 -12.63 -21.94 8.83
N THR C 446 -11.47 -21.43 8.47
CA THR C 446 -10.26 -21.98 9.06
C THR C 446 -10.14 -21.66 10.55
N ALA C 447 -10.63 -20.48 10.97
CA ALA C 447 -10.66 -20.19 12.39
C ALA C 447 -11.61 -21.19 13.09
N GLY C 448 -12.76 -21.50 12.48
CA GLY C 448 -13.65 -22.54 13.06
C GLY C 448 -12.99 -23.90 13.10
N CYS C 449 -12.24 -24.23 12.06
CA CYS C 449 -11.50 -25.49 12.03
C CYS C 449 -10.47 -25.61 13.13
N PHE C 450 -9.78 -24.50 13.38
CA PHE C 450 -8.82 -24.45 14.46
C PHE C 450 -9.51 -24.76 15.79
N LEU C 451 -10.62 -24.05 16.07
CA LEU C 451 -11.32 -24.27 17.33
C LEU C 451 -11.87 -25.68 17.47
N SER C 452 -12.31 -26.24 16.34
CA SER C 452 -12.93 -27.58 16.34
C SER C 452 -11.96 -28.64 16.91
N ARG C 453 -10.65 -28.39 16.75
CA ARG C 453 -9.66 -29.35 17.24
C ARG C 453 -9.62 -29.43 18.76
N PHE C 454 -10.30 -28.50 19.44
CA PHE C 454 -10.35 -28.44 20.91
C PHE C 454 -11.73 -28.79 21.48
N ALA C 455 -12.66 -29.11 20.57
CA ALA C 455 -14.06 -29.30 20.93
C ALA C 455 -14.57 -30.72 20.68
N LYS C 456 -13.65 -31.67 20.50
CA LYS C 456 -14.08 -33.01 20.11
C LYS C 456 -14.81 -33.76 21.22
N ALA C 457 -14.69 -33.30 22.46
CA ALA C 457 -15.27 -34.06 23.60
C ALA C 457 -16.76 -33.82 23.80
N TYR C 458 -17.37 -32.89 23.05
CA TYR C 458 -18.74 -32.50 23.30
C TYR C 458 -19.42 -31.91 22.09
N ASN C 459 -20.73 -31.70 22.19
CA ASN C 459 -21.50 -31.04 21.12
C ASN C 459 -21.16 -29.55 21.16
N TRP C 460 -20.66 -29.02 20.05
CA TRP C 460 -20.09 -27.67 20.05
C TRP C 460 -20.51 -26.88 18.81
N ALA C 461 -20.69 -25.58 19.02
CA ALA C 461 -20.92 -24.63 17.93
C ALA C 461 -20.15 -23.37 18.22
N HIS C 462 -19.85 -22.65 17.15
CA HIS C 462 -19.02 -21.45 17.17
C HIS C 462 -19.74 -20.35 16.39
N MET C 463 -19.91 -19.21 17.04
CA MET C 463 -20.57 -18.05 16.44
C MET C 463 -19.55 -16.94 16.23
N ASP C 464 -19.35 -16.55 14.97
CA ASP C 464 -18.45 -15.44 14.62
C ASP C 464 -19.32 -14.19 14.42
N ILE C 465 -19.20 -13.28 15.39
CA ILE C 465 -20.05 -12.08 15.49
C ILE C 465 -19.24 -10.84 15.14
N ALA C 466 -18.15 -11.02 14.37
CA ALA C 466 -17.33 -9.88 13.95
C ALA C 466 -18.15 -8.83 13.20
N GLY C 467 -19.19 -9.28 12.48
CA GLY C 467 -19.98 -8.32 11.71
C GLY C 467 -21.26 -7.85 12.36
N THR C 468 -21.78 -8.61 13.34
CA THR C 468 -23.10 -8.31 13.95
C THR C 468 -23.01 -7.67 15.34
N ALA C 469 -21.82 -7.63 15.96
CA ALA C 469 -21.70 -7.18 17.35
C ALA C 469 -21.68 -5.65 17.52
N TRP C 470 -21.32 -4.90 16.48
CA TRP C 470 -21.32 -3.44 16.62
C TRP C 470 -21.54 -2.76 15.31
N ILE C 471 -21.91 -1.48 15.40
CA ILE C 471 -22.05 -0.63 14.23
C ILE C 471 -20.81 0.30 14.19
N SER C 472 -20.14 0.40 13.04
CA SER C 472 -18.82 1.08 12.94
C SER C 472 -18.83 2.59 13.01
N GLY C 473 -19.81 3.19 12.37
CA GLY C 473 -19.83 4.63 12.22
C GLY C 473 -21.24 5.16 12.16
N GLY C 474 -21.34 6.47 11.88
CA GLY C 474 -22.62 7.17 11.91
C GLY C 474 -23.13 7.48 13.31
N LYS C 475 -24.33 8.00 13.39
CA LYS C 475 -24.86 8.42 14.67
C LYS C 475 -25.07 7.23 15.54
N ASP C 476 -25.19 6.05 14.94
CA ASP C 476 -25.51 4.90 15.74
C ASP C 476 -24.31 3.97 16.02
N LYS C 477 -23.13 4.44 15.76
CA LYS C 477 -21.93 3.75 16.19
C LYS C 477 -22.01 3.21 17.62
N GLY C 478 -21.65 1.94 17.75
CA GLY C 478 -21.70 1.35 19.04
C GLY C 478 -22.11 -0.13 19.05
N ALA C 479 -22.02 -0.74 20.18
CA ALA C 479 -22.45 -2.14 20.31
C ALA C 479 -23.91 -2.36 20.01
N THR C 480 -24.23 -3.50 19.39
CA THR C 480 -25.62 -3.81 19.07
C THR C 480 -26.31 -4.66 20.12
N GLY C 481 -25.57 -5.39 20.95
CA GLY C 481 -26.21 -6.36 21.86
C GLY C 481 -26.46 -7.72 21.24
N ARG C 482 -26.17 -7.86 19.94
CA ARG C 482 -26.26 -9.21 19.34
C ARG C 482 -25.04 -10.01 19.75
N PRO C 483 -25.18 -11.32 19.97
CA PRO C 483 -26.36 -12.16 19.71
C PRO C 483 -27.12 -12.56 21.01
N VAL C 484 -27.31 -11.65 21.96
CA VAL C 484 -28.11 -11.99 23.15
C VAL C 484 -29.50 -12.48 22.77
N PRO C 485 -30.17 -11.87 21.74
CA PRO C 485 -31.51 -12.44 21.46
C PRO C 485 -31.45 -13.89 20.99
N LEU C 486 -30.51 -14.23 20.10
CA LEU C 486 -30.41 -15.63 19.65
C LEU C 486 -30.09 -16.57 20.80
N LEU C 487 -29.09 -16.20 21.59
CA LEU C 487 -28.66 -17.10 22.68
C LEU C 487 -29.77 -17.27 23.70
N THR C 488 -30.45 -16.15 24.05
CA THR C 488 -31.52 -16.26 25.04
C THR C 488 -32.67 -17.11 24.47
N GLN C 489 -32.97 -16.89 23.17
CA GLN C 489 -33.98 -17.73 22.54
C GLN C 489 -33.64 -19.22 22.57
N TYR C 490 -32.38 -19.53 22.28
CA TYR C 490 -31.95 -20.93 22.32
C TYR C 490 -32.17 -21.50 23.74
N LEU C 491 -31.81 -20.75 24.75
CA LEU C 491 -31.99 -21.24 26.14
C LEU C 491 -33.48 -21.33 26.51
N LEU C 492 -34.30 -20.38 26.06
CA LEU C 492 -35.79 -20.50 26.24
C LEU C 492 -36.26 -21.80 25.60
N ASP C 493 -35.75 -22.11 24.41
CA ASP C 493 -36.16 -23.32 23.71
C ASP C 493 -35.75 -24.55 24.50
N ARG C 494 -34.53 -24.56 25.03
CA ARG C 494 -34.04 -25.72 25.84
C ARG C 494 -34.80 -25.87 27.17
N ALA C 495 -35.26 -24.76 27.73
CA ALA C 495 -36.01 -24.76 29.00
C ALA C 495 -37.48 -25.06 28.78
N GLY C 496 -37.91 -24.99 27.52
CA GLY C 496 -39.32 -25.01 27.15
C GLY C 496 -40.17 -23.87 27.69
N ALA C 497 -39.70 -22.61 27.57
CA ALA C 497 -40.48 -21.45 28.08
C ALA C 497 -41.11 -20.57 27.00
N MET D 1 -8.27 -43.07 -22.63
CA MET D 1 -8.14 -44.37 -21.92
C MET D 1 -9.46 -45.14 -22.04
N GLU D 2 -9.37 -46.43 -22.35
CA GLU D 2 -10.53 -47.30 -22.37
C GLU D 2 -10.76 -47.82 -20.96
N LEU D 3 -12.00 -47.78 -20.50
CA LEU D 3 -12.31 -48.18 -19.14
C LEU D 3 -13.47 -49.15 -19.20
N VAL D 4 -13.20 -50.40 -18.82
CA VAL D 4 -14.15 -51.49 -18.87
C VAL D 4 -14.32 -52.21 -17.56
N VAL D 5 -15.38 -53.00 -17.45
CA VAL D 5 -15.74 -53.68 -16.21
C VAL D 5 -15.87 -55.17 -16.52
N LYS D 6 -15.28 -56.01 -15.65
CA LYS D 6 -15.41 -57.46 -15.71
C LYS D 6 -15.76 -58.02 -14.33
N SER D 7 -16.19 -59.28 -14.32
CA SER D 7 -16.53 -59.96 -13.08
C SER D 7 -15.70 -61.21 -12.86
N VAL D 8 -14.65 -61.39 -13.67
CA VAL D 8 -13.72 -62.51 -13.50
C VAL D 8 -12.89 -62.38 -12.21
N ALA D 9 -12.32 -63.50 -11.76
CA ALA D 9 -11.45 -63.49 -10.57
C ALA D 9 -10.15 -62.77 -10.88
N ALA D 10 -9.70 -61.96 -9.93
CA ALA D 10 -8.48 -61.18 -10.10
C ALA D 10 -7.22 -62.00 -10.48
N ALA D 11 -7.08 -63.18 -9.89
CA ALA D 11 -5.92 -64.03 -10.18
C ALA D 11 -5.89 -64.56 -11.62
N SER D 12 -7.06 -64.57 -12.27
CA SER D 12 -7.26 -65.18 -13.60
C SER D 12 -7.03 -64.23 -14.77
N VAL D 13 -6.89 -62.93 -14.50
CA VAL D 13 -6.92 -61.96 -15.59
C VAL D 13 -5.53 -61.69 -16.14
N LYS D 14 -5.39 -61.84 -17.45
CA LYS D 14 -4.13 -61.50 -18.12
C LYS D 14 -4.00 -59.99 -18.18
N THR D 15 -2.94 -59.44 -17.60
CA THR D 15 -2.78 -58.00 -17.59
C THR D 15 -1.33 -57.61 -17.34
N ALA D 16 -0.97 -56.38 -17.73
CA ALA D 16 0.36 -55.86 -17.40
C ALA D 16 0.51 -55.59 -15.92
N THR D 17 -0.54 -55.08 -15.27
CA THR D 17 -0.47 -54.80 -13.83
C THR D 17 -1.81 -55.05 -13.19
N LEU D 18 -1.83 -55.90 -12.17
CA LEU D 18 -2.98 -56.11 -11.33
C LEU D 18 -2.82 -55.29 -10.04
N VAL D 19 -3.83 -54.51 -9.67
CA VAL D 19 -3.74 -53.66 -8.47
C VAL D 19 -4.71 -54.16 -7.41
N ILE D 20 -4.20 -54.41 -6.21
CA ILE D 20 -5.04 -54.89 -5.11
C ILE D 20 -4.70 -54.07 -3.87
N PRO D 21 -5.68 -53.93 -2.95
CA PRO D 21 -5.46 -53.14 -1.78
C PRO D 21 -4.90 -53.96 -0.62
N VAL D 22 -4.21 -53.25 0.26
CA VAL D 22 -3.66 -53.86 1.51
C VAL D 22 -3.89 -52.85 2.62
N GLY D 23 -4.49 -53.34 3.72
CA GLY D 23 -4.66 -52.50 4.89
C GLY D 23 -3.44 -52.33 5.77
N GLU D 24 -3.56 -51.43 6.74
CA GLU D 24 -2.58 -51.43 7.82
C GLU D 24 -2.50 -52.82 8.45
N ASN D 25 -1.36 -53.09 9.08
CA ASN D 25 -1.08 -54.41 9.68
C ASN D 25 -1.16 -55.53 8.63
N ARG D 26 -0.83 -55.19 7.37
CA ARG D 26 -0.82 -56.12 6.23
C ARG D 26 -2.15 -56.89 6.07
N LYS D 27 -3.25 -56.24 6.47
CA LYS D 27 -4.54 -56.92 6.52
C LYS D 27 -5.09 -57.05 5.09
N LEU D 28 -5.35 -58.27 4.66
CA LEU D 28 -5.92 -58.50 3.34
C LEU D 28 -7.37 -58.88 3.39
N GLY D 29 -8.17 -58.20 2.60
CA GLY D 29 -9.59 -58.54 2.39
C GLY D 29 -9.67 -59.76 1.48
N ALA D 30 -10.91 -60.22 1.25
CA ALA D 30 -11.14 -61.48 0.56
C ALA D 30 -10.56 -61.49 -0.85
N VAL D 31 -10.66 -60.37 -1.55
CA VAL D 31 -10.09 -60.30 -2.90
C VAL D 31 -8.55 -60.47 -2.89
N ALA D 32 -7.86 -59.68 -2.07
CA ALA D 32 -6.42 -59.75 -2.00
C ALA D 32 -5.93 -61.11 -1.47
N LYS D 33 -6.71 -61.68 -0.55
CA LYS D 33 -6.38 -62.99 0.02
C LYS D 33 -6.38 -64.06 -1.05
N ALA D 34 -7.38 -64.01 -1.94
CA ALA D 34 -7.47 -64.98 -3.02
C ALA D 34 -6.32 -64.83 -4.00
N VAL D 35 -5.90 -63.59 -4.25
CA VAL D 35 -4.72 -63.37 -5.09
C VAL D 35 -3.47 -63.88 -4.39
N ASP D 36 -3.37 -63.65 -3.08
CA ASP D 36 -2.23 -64.17 -2.34
C ASP D 36 -2.19 -65.70 -2.41
N LEU D 37 -3.35 -66.34 -2.27
CA LEU D 37 -3.39 -67.79 -2.32
C LEU D 37 -2.98 -68.31 -3.69
N ALA D 38 -3.44 -67.63 -4.76
CA ALA D 38 -3.02 -68.02 -6.10
C ALA D 38 -1.52 -67.87 -6.31
N SER D 39 -0.91 -66.88 -5.64
CA SER D 39 0.55 -66.69 -5.69
C SER D 39 1.33 -67.61 -4.74
N GLU D 40 0.60 -68.54 -4.12
CA GLU D 40 1.17 -69.47 -3.14
C GLU D 40 1.83 -68.73 -1.97
N GLY D 41 1.20 -67.63 -1.55
CA GLY D 41 1.64 -66.90 -0.37
C GLY D 41 2.76 -65.90 -0.64
N ALA D 42 3.04 -65.64 -1.91
CA ALA D 42 4.18 -64.77 -2.24
C ALA D 42 3.92 -63.33 -1.81
N ILE D 43 2.67 -62.91 -1.92
CA ILE D 43 2.29 -61.54 -1.55
C ILE D 43 2.37 -61.33 -0.05
N SER D 44 1.79 -62.26 0.70
CA SER D 44 1.90 -62.12 2.15
C SER D 44 3.36 -62.31 2.60
N ALA D 45 4.14 -63.14 1.90
CA ALA D 45 5.56 -63.26 2.24
C ALA D 45 6.28 -61.91 2.09
N VAL D 46 6.05 -61.21 0.98
CA VAL D 46 6.68 -59.88 0.84
C VAL D 46 6.16 -58.92 1.93
N LEU D 47 4.84 -58.93 2.20
CA LEU D 47 4.27 -58.01 3.16
C LEU D 47 4.84 -58.20 4.56
N LYS D 48 5.15 -59.44 4.89
CA LYS D 48 5.78 -59.73 6.20
C LYS D 48 7.11 -59.00 6.39
N ARG D 49 7.83 -58.69 5.31
CA ARG D 49 9.11 -57.96 5.42
C ARG D 49 8.92 -56.50 5.87
N GLY D 50 7.69 -55.98 5.77
CA GLY D 50 7.37 -54.70 6.43
C GLY D 50 7.56 -53.41 5.63
N ASP D 51 7.80 -53.51 4.33
CA ASP D 51 8.05 -52.28 3.53
C ASP D 51 6.81 -51.42 3.31
N LEU D 52 5.65 -52.06 3.33
CA LEU D 52 4.38 -51.36 3.10
C LEU D 52 3.54 -51.29 4.39
N ALA D 53 3.41 -50.09 4.92
CA ALA D 53 2.66 -49.92 6.16
C ALA D 53 1.16 -49.93 5.92
N GLY D 54 0.73 -49.78 4.66
CA GLY D 54 -0.69 -49.86 4.34
C GLY D 54 -1.47 -48.56 4.53
N LYS D 55 -0.78 -47.45 4.76
CA LYS D 55 -1.48 -46.13 4.86
C LYS D 55 -2.06 -45.79 3.48
N PRO D 56 -3.18 -45.05 3.41
CA PRO D 56 -3.87 -44.92 2.11
C PRO D 56 -2.98 -44.37 0.99
N GLY D 57 -2.94 -45.07 -0.15
CA GLY D 57 -2.13 -44.59 -1.27
C GLY D 57 -0.69 -45.01 -1.28
N GLN D 58 -0.15 -45.52 -0.16
CA GLN D 58 1.21 -46.06 -0.20
C GLN D 58 1.23 -47.22 -1.15
N THR D 59 2.38 -47.48 -1.75
CA THR D 59 2.45 -48.54 -2.77
C THR D 59 3.67 -49.44 -2.66
N LEU D 60 3.50 -50.68 -3.15
CA LEU D 60 4.62 -51.62 -3.30
C LEU D 60 4.37 -52.37 -4.60
N LEU D 61 5.35 -52.31 -5.52
CA LEU D 61 5.18 -52.92 -6.83
C LEU D 61 6.00 -54.18 -6.91
N LEU D 62 5.33 -55.27 -7.25
CA LEU D 62 5.97 -56.54 -7.52
C LEU D 62 5.97 -56.85 -9.00
N GLN D 63 7.01 -57.58 -9.41
CA GLN D 63 7.14 -58.24 -10.71
C GLN D 63 6.71 -59.72 -10.71
N ASN D 64 6.83 -60.34 -11.88
CA ASN D 64 6.12 -61.57 -12.23
C ASN D 64 6.08 -62.52 -11.06
N LEU D 65 4.87 -62.93 -10.69
CA LEU D 65 4.68 -63.89 -9.61
C LEU D 65 4.13 -65.20 -10.19
N GLN D 66 4.74 -66.32 -9.81
CA GLN D 66 4.21 -67.60 -10.24
C GLN D 66 2.80 -67.80 -9.67
N GLY D 67 1.90 -68.30 -10.52
CA GLY D 67 0.53 -68.59 -10.10
C GLY D 67 -0.47 -67.53 -10.52
N LEU D 68 0.07 -66.38 -10.99
CA LEU D 68 -0.77 -65.27 -11.44
C LEU D 68 -0.57 -65.02 -12.92
N LYS D 69 -1.59 -64.47 -13.57
CA LYS D 69 -1.44 -64.13 -14.99
C LYS D 69 -1.03 -62.67 -15.21
N ALA D 70 -0.94 -61.90 -14.13
CA ALA D 70 -0.47 -60.51 -14.21
C ALA D 70 1.05 -60.46 -14.30
N GLU D 71 1.52 -59.60 -15.08
CA GLU D 71 2.96 -59.39 -15.26
C GLU D 71 3.61 -58.69 -14.07
N ARG D 72 2.78 -57.81 -13.41
CA ARG D 72 3.15 -57.03 -12.23
C ARG D 72 1.96 -57.04 -11.28
N VAL D 73 2.22 -56.96 -10.00
CA VAL D 73 1.17 -56.68 -9.00
C VAL D 73 1.51 -55.40 -8.24
N LEU D 74 0.58 -54.47 -8.26
CA LEU D 74 0.73 -53.25 -7.43
C LEU D 74 -0.13 -53.37 -6.21
N LEU D 75 0.51 -53.36 -5.03
CA LEU D 75 -0.19 -53.33 -3.73
C LEU D 75 -0.39 -51.87 -3.37
N VAL D 76 -1.63 -51.49 -3.03
CA VAL D 76 -1.89 -50.12 -2.62
C VAL D 76 -2.48 -50.09 -1.22
N GLY D 77 -1.93 -49.24 -0.36
CA GLY D 77 -2.49 -49.03 0.98
C GLY D 77 -3.93 -48.56 1.04
N SER D 78 -4.75 -49.20 1.86
CA SER D 78 -6.16 -48.77 2.01
C SER D 78 -6.44 -48.22 3.39
N GLY D 79 -5.39 -48.16 4.22
CA GLY D 79 -5.47 -47.56 5.57
C GLY D 79 -6.03 -48.48 6.62
N LYS D 80 -6.63 -47.86 7.64
CA LYS D 80 -7.23 -48.61 8.74
C LYS D 80 -8.54 -49.23 8.27
N ASP D 81 -9.16 -50.13 9.05
CA ASP D 81 -10.40 -50.78 8.59
C ASP D 81 -11.56 -49.83 8.24
N GLU D 82 -11.54 -48.65 8.83
CA GLU D 82 -12.62 -47.69 8.69
C GLU D 82 -12.83 -47.39 7.20
N ALA D 83 -14.10 -47.18 6.80
CA ALA D 83 -14.41 -46.78 5.42
C ALA D 83 -13.70 -45.48 5.09
N LEU D 84 -13.31 -45.31 3.83
CA LEU D 84 -12.59 -44.13 3.44
C LEU D 84 -13.53 -42.97 3.12
N GLY D 85 -13.12 -41.77 3.45
CA GLY D 85 -13.86 -40.60 2.96
C GLY D 85 -13.58 -40.39 1.47
N ASP D 86 -14.37 -39.51 0.85
CA ASP D 86 -14.26 -39.28 -0.59
C ASP D 86 -12.87 -38.85 -0.97
N ARG D 87 -12.26 -37.95 -0.19
CA ARG D 87 -11.00 -37.35 -0.60
C ARG D 87 -9.92 -38.43 -0.53
N THR D 88 -10.02 -39.25 0.51
CA THR D 88 -8.98 -40.28 0.74
C THR D 88 -9.09 -41.33 -0.39
N TRP D 89 -10.32 -41.68 -0.75
CA TRP D 89 -10.57 -42.65 -1.82
C TRP D 89 -10.04 -42.10 -3.14
N ARG D 90 -10.36 -40.86 -3.47
CA ARG D 90 -9.85 -40.30 -4.73
C ARG D 90 -8.34 -40.16 -4.77
N LYS D 91 -7.71 -39.80 -3.66
CA LYS D 91 -6.23 -39.77 -3.55
C LYS D 91 -5.64 -41.17 -3.70
N LEU D 92 -6.26 -42.18 -3.15
CA LEU D 92 -5.82 -43.58 -3.35
C LEU D 92 -5.78 -43.88 -4.86
N VAL D 93 -6.88 -43.55 -5.54
CA VAL D 93 -7.01 -43.85 -6.97
C VAL D 93 -5.96 -43.05 -7.75
N ALA D 94 -5.78 -41.77 -7.39
CA ALA D 94 -4.76 -40.97 -8.08
C ALA D 94 -3.33 -41.50 -7.87
N SER D 95 -3.05 -41.99 -6.66
CA SER D 95 -1.76 -42.62 -6.33
C SER D 95 -1.51 -43.82 -7.23
N VAL D 96 -2.53 -44.68 -7.36
CA VAL D 96 -2.47 -45.81 -8.28
C VAL D 96 -2.19 -45.34 -9.72
N ALA D 97 -2.96 -44.34 -10.19
CA ALA D 97 -2.83 -43.87 -11.55
C ALA D 97 -1.43 -43.33 -11.77
N GLY D 98 -0.86 -42.66 -10.76
CA GLY D 98 0.51 -42.12 -10.90
C GLY D 98 1.55 -43.20 -11.14
N VAL D 99 1.43 -44.30 -10.40
CA VAL D 99 2.37 -45.38 -10.63
C VAL D 99 2.16 -45.95 -12.03
N LEU D 100 0.91 -46.20 -12.39
CA LEU D 100 0.62 -46.85 -13.71
C LEU D 100 1.09 -46.00 -14.88
N LYS D 101 0.99 -44.68 -14.73
CA LYS D 101 1.43 -43.75 -15.77
C LYS D 101 2.91 -43.82 -16.06
N GLY D 102 3.68 -44.16 -15.04
CA GLY D 102 5.13 -44.28 -15.19
C GLY D 102 5.61 -45.62 -15.66
N LEU D 103 4.74 -46.64 -15.66
CA LEU D 103 5.11 -47.95 -16.17
C LEU D 103 4.94 -48.09 -17.67
N ASN D 104 5.58 -49.10 -18.25
CA ASN D 104 5.41 -49.37 -19.66
C ASN D 104 4.35 -50.43 -19.92
N GLY D 105 3.35 -50.53 -19.06
CA GLY D 105 2.25 -51.50 -19.24
C GLY D 105 1.12 -50.92 -20.07
N ALA D 106 0.61 -51.73 -21.02
CA ALA D 106 -0.44 -51.26 -21.94
C ALA D 106 -1.85 -51.27 -21.29
N ASP D 107 -1.99 -52.06 -20.26
CA ASP D 107 -3.26 -52.11 -19.57
C ASP D 107 -3.04 -52.36 -18.08
N ALA D 108 -4.14 -52.24 -17.28
CA ALA D 108 -4.08 -52.59 -15.85
C ALA D 108 -5.43 -53.07 -15.41
N VAL D 109 -5.45 -53.83 -14.32
CA VAL D 109 -6.69 -54.32 -13.73
C VAL D 109 -6.77 -53.81 -12.30
N LEU D 110 -7.87 -53.13 -11.95
CA LEU D 110 -8.07 -52.70 -10.56
C LEU D 110 -9.05 -53.64 -9.89
N ALA D 111 -8.57 -54.29 -8.83
CA ALA D 111 -9.39 -55.22 -8.07
C ALA D 111 -9.59 -54.66 -6.66
N LEU D 112 -10.37 -53.57 -6.59
CA LEU D 112 -10.50 -52.81 -5.36
C LEU D 112 -11.88 -52.95 -4.75
N ASP D 113 -12.55 -54.07 -5.04
CA ASP D 113 -13.96 -54.27 -4.58
C ASP D 113 -14.09 -54.18 -3.07
N ASP D 114 -13.05 -54.57 -2.33
CA ASP D 114 -13.17 -54.64 -0.87
C ASP D 114 -13.03 -53.30 -0.18
N VAL D 115 -12.61 -52.26 -0.92
CA VAL D 115 -12.40 -50.98 -0.26
C VAL D 115 -13.76 -50.32 -0.02
N ALA D 116 -14.10 -50.08 1.23
CA ALA D 116 -15.37 -49.39 1.53
C ALA D 116 -15.17 -47.87 1.50
N VAL D 117 -16.11 -47.17 0.89
CA VAL D 117 -16.14 -45.70 0.84
C VAL D 117 -17.35 -45.20 1.63
N ASN D 118 -17.11 -44.35 2.61
CA ASN D 118 -18.13 -43.84 3.54
C ASN D 118 -19.34 -43.21 2.80
N ASN D 119 -20.49 -43.65 3.17
CA ASN D 119 -21.75 -43.18 2.57
C ASN D 119 -21.91 -43.35 1.05
N ARG D 120 -21.12 -44.23 0.44
CA ARG D 120 -21.33 -44.55 -0.98
C ARG D 120 -21.51 -46.03 -1.27
N ASP D 121 -22.58 -46.45 -2.19
CA ASP D 121 -22.73 -47.88 -2.50
C ASP D 121 -21.49 -48.40 -3.26
N ALA D 122 -21.32 -49.64 -2.99
CA ALA D 122 -20.12 -50.32 -3.46
C ALA D 122 -19.98 -50.36 -4.99
N HIS D 123 -21.02 -49.96 -5.71
CA HIS D 123 -20.96 -50.11 -7.14
C HIS D 123 -21.12 -48.83 -7.92
N TYR D 124 -22.14 -48.03 -7.62
CA TYR D 124 -22.31 -46.81 -8.43
C TYR D 124 -21.54 -45.60 -7.88
N GLY D 125 -21.83 -45.14 -6.66
CA GLY D 125 -21.19 -43.93 -6.14
C GLY D 125 -19.68 -44.10 -6.00
N LYS D 126 -19.24 -45.23 -5.47
CA LYS D 126 -17.80 -45.49 -5.26
C LYS D 126 -17.07 -45.38 -6.62
N TYR D 127 -17.67 -45.97 -7.66
CA TYR D 127 -17.00 -46.00 -8.95
C TYR D 127 -17.19 -44.73 -9.79
N ARG D 128 -18.24 -43.97 -9.51
CA ARG D 128 -18.31 -42.63 -10.08
C ARG D 128 -17.05 -41.83 -9.76
N LEU D 129 -16.62 -41.92 -8.49
CA LEU D 129 -15.49 -41.12 -8.06
C LEU D 129 -14.20 -41.71 -8.62
N LEU D 130 -14.05 -43.03 -8.56
CA LEU D 130 -12.83 -43.65 -9.07
C LEU D 130 -12.68 -43.36 -10.57
N ALA D 131 -13.75 -43.56 -11.34
CA ALA D 131 -13.64 -43.44 -12.79
C ALA D 131 -13.34 -41.99 -13.18
N GLU D 132 -13.98 -41.04 -12.58
CA GLU D 132 -13.76 -39.65 -12.91
C GLU D 132 -12.34 -39.24 -12.59
N THR D 133 -11.84 -39.65 -11.39
CA THR D 133 -10.47 -39.39 -11.06
C THR D 133 -9.46 -40.00 -12.04
N LEU D 134 -9.68 -41.25 -12.41
CA LEU D 134 -8.79 -41.93 -13.35
C LEU D 134 -8.82 -41.19 -14.70
N LEU D 135 -10.01 -40.90 -15.22
CA LEU D 135 -10.11 -40.31 -16.56
C LEU D 135 -9.70 -38.84 -16.64
N ASP D 136 -10.15 -38.05 -15.64
CA ASP D 136 -9.70 -36.66 -15.58
C ASP D 136 -8.20 -36.56 -15.30
N GLY D 137 -7.64 -37.53 -14.60
CA GLY D 137 -6.19 -37.56 -14.33
C GLY D 137 -5.31 -37.78 -15.55
N GLU D 138 -5.88 -38.26 -16.67
CA GLU D 138 -5.19 -38.40 -17.96
C GLU D 138 -4.98 -37.07 -18.66
N TYR D 139 -5.68 -36.03 -18.16
CA TYR D 139 -5.62 -34.73 -18.84
C TYR D 139 -4.20 -34.20 -19.10
N VAL D 140 -3.97 -33.78 -20.34
CA VAL D 140 -2.70 -33.13 -20.73
C VAL D 140 -3.04 -31.91 -21.57
N PHE D 141 -2.33 -30.81 -21.27
CA PHE D 141 -2.45 -29.56 -22.03
C PHE D 141 -1.04 -29.13 -22.45
N ASP D 142 -0.55 -29.75 -23.52
CA ASP D 142 0.84 -29.53 -23.93
C ASP D 142 0.90 -28.84 -25.29
N ARG D 143 -0.23 -28.29 -25.76
CA ARG D 143 -0.46 -27.51 -26.98
C ARG D 143 0.70 -26.54 -27.24
N PHE D 144 1.14 -25.86 -26.18
CA PHE D 144 2.12 -24.78 -26.35
C PHE D 144 3.52 -25.17 -25.96
N LYS D 145 3.75 -26.45 -25.70
CA LYS D 145 5.08 -26.97 -25.41
C LYS D 145 5.77 -27.41 -26.67
N SER D 146 7.01 -27.00 -26.84
CA SER D 146 7.85 -27.55 -27.90
C SER D 146 8.21 -29.00 -27.64
N GLN D 147 8.48 -29.34 -26.42
CA GLN D 147 8.67 -30.73 -26.04
C GLN D 147 7.36 -31.38 -25.51
N LYS D 148 6.79 -32.28 -26.29
CA LYS D 148 5.51 -32.89 -25.94
C LYS D 148 5.67 -33.98 -24.89
N VAL D 149 4.58 -34.18 -24.14
CA VAL D 149 4.42 -35.31 -23.27
C VAL D 149 4.45 -36.55 -24.18
N GLU D 150 5.47 -37.40 -23.99
CA GLU D 150 5.58 -38.69 -24.67
C GLU D 150 4.34 -39.50 -24.29
N PRO D 151 3.63 -40.06 -25.31
CA PRO D 151 2.38 -40.69 -24.94
C PRO D 151 2.62 -41.80 -23.92
N ARG D 152 1.61 -42.05 -23.12
CA ARG D 152 1.76 -43.07 -22.12
C ARG D 152 1.43 -44.43 -22.68
N ALA D 153 2.05 -45.43 -22.06
CA ALA D 153 1.82 -46.80 -22.43
C ALA D 153 0.41 -47.25 -22.07
N LEU D 154 -0.13 -46.72 -20.96
CA LEU D 154 -1.39 -47.24 -20.41
C LEU D 154 -2.59 -46.82 -21.28
N LYS D 155 -3.22 -47.79 -21.92
CA LYS D 155 -4.32 -47.53 -22.85
C LYS D 155 -5.65 -48.01 -22.34
N LYS D 156 -5.62 -48.89 -21.36
CA LYS D 156 -6.85 -49.56 -20.92
C LYS D 156 -6.79 -49.92 -19.45
N VAL D 157 -7.91 -49.68 -18.77
CA VAL D 157 -8.09 -50.17 -17.40
C VAL D 157 -9.37 -50.99 -17.28
N THR D 158 -9.24 -52.13 -16.60
CA THR D 158 -10.35 -52.98 -16.29
C THR D 158 -10.66 -52.89 -14.81
N LEU D 159 -11.94 -52.65 -14.48
CA LEU D 159 -12.39 -52.66 -13.09
C LEU D 159 -13.06 -54.01 -12.80
N LEU D 160 -12.63 -54.66 -11.74
CA LEU D 160 -13.28 -55.93 -11.39
C LEU D 160 -14.30 -55.71 -10.30
N ALA D 161 -15.51 -56.24 -10.51
CA ALA D 161 -16.55 -56.21 -9.50
C ALA D 161 -17.26 -57.55 -9.50
N ASP D 162 -18.08 -57.80 -8.49
CA ASP D 162 -18.88 -59.01 -8.55
C ASP D 162 -19.98 -58.93 -9.61
N LYS D 163 -20.48 -60.09 -10.02
CA LYS D 163 -21.51 -60.22 -11.05
C LYS D 163 -22.71 -59.30 -10.81
N ALA D 164 -23.19 -59.29 -9.57
CA ALA D 164 -24.38 -58.52 -9.17
C ALA D 164 -24.18 -57.01 -9.28
N GLY D 165 -22.94 -56.54 -9.13
CA GLY D 165 -22.67 -55.10 -9.15
C GLY D 165 -22.19 -54.59 -10.49
N GLN D 166 -22.00 -55.48 -11.46
CA GLN D 166 -21.35 -55.10 -12.70
C GLN D 166 -22.11 -54.00 -13.49
N ALA D 167 -23.42 -54.14 -13.62
CA ALA D 167 -24.24 -53.19 -14.35
C ALA D 167 -24.15 -51.79 -13.71
N GLU D 168 -24.13 -51.73 -12.39
CA GLU D 168 -24.01 -50.44 -11.68
C GLU D 168 -22.63 -49.80 -11.81
N VAL D 169 -21.57 -50.61 -11.79
CA VAL D 169 -20.24 -50.11 -12.10
C VAL D 169 -20.18 -49.60 -13.54
N GLU D 170 -20.79 -50.34 -14.47
CA GLU D 170 -20.81 -49.90 -15.88
C GLU D 170 -21.55 -48.56 -16.02
N ARG D 171 -22.63 -48.39 -15.24
CA ARG D 171 -23.38 -47.13 -15.29
C ARG D 171 -22.55 -45.97 -14.72
N ALA D 172 -21.81 -46.25 -13.65
CA ALA D 172 -20.87 -45.25 -13.10
C ALA D 172 -19.83 -44.87 -14.13
N VAL D 173 -19.25 -45.86 -14.82
CA VAL D 173 -18.25 -45.56 -15.86
C VAL D 173 -18.80 -44.72 -17.01
N LYS D 174 -20.03 -45.02 -17.44
CA LYS D 174 -20.71 -44.29 -18.51
C LYS D 174 -20.86 -42.81 -18.12
N HIS D 175 -21.36 -42.61 -16.91
CA HIS D 175 -21.56 -41.23 -16.43
C HIS D 175 -20.26 -40.51 -16.16
N ALA D 176 -19.31 -41.18 -15.47
CA ALA D 176 -17.99 -40.57 -15.24
C ALA D 176 -17.27 -40.22 -16.55
N SER D 177 -17.42 -41.05 -17.58
CA SER D 177 -16.73 -40.82 -18.85
C SER D 177 -17.27 -39.54 -19.50
N ALA D 178 -18.59 -39.38 -19.43
CA ALA D 178 -19.21 -38.17 -20.03
C ALA D 178 -18.77 -36.94 -19.26
N ILE D 179 -18.81 -37.02 -17.94
CA ILE D 179 -18.34 -35.90 -17.13
C ILE D 179 -16.87 -35.59 -17.39
N ALA D 180 -16.00 -36.60 -17.43
CA ALA D 180 -14.57 -36.34 -17.66
C ALA D 180 -14.30 -35.76 -19.06
N THR D 181 -15.03 -36.21 -20.07
CA THR D 181 -14.89 -35.64 -21.42
C THR D 181 -15.33 -34.16 -21.42
N GLY D 182 -16.44 -33.90 -20.72
CA GLY D 182 -16.86 -32.51 -20.61
C GLY D 182 -15.84 -31.67 -19.85
N MET D 183 -15.33 -32.20 -18.75
CA MET D 183 -14.29 -31.49 -17.99
C MET D 183 -13.05 -31.23 -18.83
N ALA D 184 -12.66 -32.16 -19.70
CA ALA D 184 -11.47 -31.90 -20.54
C ALA D 184 -11.68 -30.72 -21.49
N PHE D 185 -12.89 -30.60 -22.03
CA PHE D 185 -13.27 -29.51 -22.91
C PHE D 185 -13.22 -28.20 -22.09
N THR D 186 -13.87 -28.19 -20.93
CA THR D 186 -13.78 -27.02 -20.02
C THR D 186 -12.36 -26.59 -19.69
N ARG D 187 -11.54 -27.59 -19.34
CA ARG D 187 -10.18 -27.30 -18.94
C ARG D 187 -9.37 -26.74 -20.09
N ASP D 188 -9.55 -27.29 -21.31
CA ASP D 188 -8.84 -26.76 -22.49
C ASP D 188 -9.24 -25.30 -22.72
N LEU D 189 -10.55 -25.00 -22.70
CA LEU D 189 -10.99 -23.62 -22.94
C LEU D 189 -10.46 -22.66 -21.85
N GLY D 190 -10.52 -23.07 -20.59
CA GLY D 190 -9.93 -22.28 -19.50
C GLY D 190 -8.45 -22.04 -19.65
N ASN D 191 -7.72 -23.11 -20.00
CA ASN D 191 -6.26 -23.03 -20.03
C ASN D 191 -5.74 -22.28 -21.27
N LEU D 192 -6.56 -22.17 -22.32
CA LEU D 192 -6.12 -21.45 -23.52
C LEU D 192 -5.82 -19.99 -23.18
N PRO D 193 -4.75 -19.42 -23.72
CA PRO D 193 -4.39 -18.06 -23.36
C PRO D 193 -5.33 -17.05 -24.01
N PRO D 194 -5.44 -15.86 -23.43
CA PRO D 194 -6.53 -14.94 -23.82
C PRO D 194 -6.32 -14.28 -25.17
N ASN D 195 -5.09 -14.32 -25.67
CA ASN D 195 -4.84 -13.79 -27.03
C ASN D 195 -5.43 -14.72 -28.09
N LEU D 196 -5.70 -15.98 -27.71
CA LEU D 196 -6.32 -16.96 -28.63
C LEU D 196 -7.79 -17.18 -28.29
N CYS D 197 -8.06 -17.32 -27.02
CA CYS D 197 -9.39 -17.60 -26.51
C CYS D 197 -10.11 -16.28 -26.16
N HIS D 198 -10.73 -15.70 -27.16
CA HIS D 198 -11.48 -14.48 -27.02
C HIS D 198 -12.92 -14.77 -27.42
N PRO D 199 -13.84 -13.81 -27.35
CA PRO D 199 -15.27 -14.16 -27.60
C PRO D 199 -15.54 -14.73 -28.98
N SER D 200 -14.88 -14.21 -30.01
CA SER D 200 -15.08 -14.77 -31.35
C SER D 200 -14.60 -16.21 -31.43
N PHE D 201 -13.49 -16.55 -30.77
CA PHE D 201 -13.03 -17.94 -30.73
C PHE D 201 -14.08 -18.85 -30.10
N LEU D 202 -14.66 -18.41 -28.98
CA LEU D 202 -15.71 -19.21 -28.32
C LEU D 202 -16.92 -19.36 -29.23
N ALA D 203 -17.23 -18.34 -30.04
CA ALA D 203 -18.35 -18.44 -30.97
C ALA D 203 -18.04 -19.48 -32.02
N GLU D 204 -16.78 -19.52 -32.50
CA GLU D 204 -16.41 -20.53 -33.47
C GLU D 204 -16.46 -21.93 -32.89
N GLN D 205 -16.01 -22.05 -31.64
CA GLN D 205 -16.13 -23.36 -30.93
C GLN D 205 -17.58 -23.82 -30.87
N ALA D 206 -18.49 -22.89 -30.61
CA ALA D 206 -19.92 -23.25 -30.49
C ALA D 206 -20.47 -23.65 -31.85
N LYS D 207 -20.13 -22.88 -32.88
CA LYS D 207 -20.59 -23.22 -34.24
C LYS D 207 -20.08 -24.60 -34.65
N GLU D 208 -18.83 -24.93 -34.33
CA GLU D 208 -18.28 -26.27 -34.64
C GLU D 208 -19.09 -27.36 -33.94
N LEU D 209 -19.43 -27.12 -32.69
CA LEU D 209 -20.19 -28.07 -31.88
C LEU D 209 -21.58 -28.29 -32.48
N GLY D 210 -22.21 -27.20 -32.94
CA GLY D 210 -23.52 -27.24 -33.56
C GLY D 210 -23.50 -28.11 -34.81
N LYS D 211 -22.45 -27.98 -35.60
CA LYS D 211 -22.37 -28.80 -36.81
C LYS D 211 -22.24 -30.28 -36.52
N ALA D 212 -21.65 -30.64 -35.39
CA ALA D 212 -21.36 -32.03 -35.01
C ALA D 212 -22.51 -32.80 -34.35
N HIS D 213 -23.58 -32.12 -34.01
CA HIS D 213 -24.68 -32.67 -33.23
C HIS D 213 -26.04 -32.27 -33.75
N LYS D 214 -26.76 -33.27 -34.22
CA LYS D 214 -28.06 -33.05 -34.78
C LYS D 214 -29.10 -32.34 -33.90
N ALA D 215 -29.15 -32.67 -32.62
CA ALA D 215 -30.14 -32.06 -31.72
C ALA D 215 -29.70 -30.71 -31.17
N LEU D 216 -28.58 -30.19 -31.65
CA LEU D 216 -28.08 -28.88 -31.18
C LEU D 216 -28.21 -27.80 -32.24
N LYS D 217 -28.81 -26.68 -31.88
CA LYS D 217 -28.86 -25.52 -32.77
C LYS D 217 -28.12 -24.37 -32.10
N VAL D 218 -27.24 -23.72 -32.84
CA VAL D 218 -26.38 -22.65 -32.33
C VAL D 218 -26.68 -21.33 -33.05
N GLU D 219 -26.83 -20.27 -32.25
CA GLU D 219 -27.00 -18.90 -32.76
C GLU D 219 -25.97 -18.03 -32.05
N VAL D 220 -25.33 -17.14 -32.81
CA VAL D 220 -24.33 -16.25 -32.22
C VAL D 220 -24.79 -14.83 -32.46
N LEU D 221 -24.90 -14.06 -31.36
CA LEU D 221 -25.33 -12.66 -31.40
C LEU D 221 -24.10 -11.78 -31.27
N ASP D 222 -23.87 -10.93 -32.27
CA ASP D 222 -22.68 -10.07 -32.26
C ASP D 222 -22.91 -8.76 -31.47
N GLU D 223 -21.96 -7.87 -31.50
CA GLU D 223 -22.03 -6.68 -30.68
C GLU D 223 -23.20 -5.75 -31.06
N LYS D 224 -23.42 -5.64 -32.35
CA LYS D 224 -24.52 -4.82 -32.84
C LYS D 224 -25.85 -5.38 -32.37
N LYS D 225 -26.01 -6.70 -32.40
CA LYS D 225 -27.26 -7.32 -31.93
C LYS D 225 -27.46 -7.13 -30.43
N ILE D 226 -26.40 -7.34 -29.67
CA ILE D 226 -26.45 -7.10 -28.23
C ILE D 226 -26.92 -5.68 -27.92
N LYS D 227 -26.31 -4.71 -28.62
CA LYS D 227 -26.68 -3.31 -28.44
C LYS D 227 -28.15 -3.05 -28.85
N ASP D 228 -28.55 -3.59 -30.00
CA ASP D 228 -29.91 -3.43 -30.52
C ASP D 228 -31.00 -4.06 -29.66
N LEU D 229 -30.67 -5.16 -28.99
CA LEU D 229 -31.60 -5.79 -28.07
C LEU D 229 -31.80 -4.94 -26.78
N GLY D 230 -30.98 -3.91 -26.61
CA GLY D 230 -31.07 -3.05 -25.42
C GLY D 230 -30.20 -3.51 -24.26
N MET D 231 -29.21 -4.34 -24.55
CA MET D 231 -28.35 -4.92 -23.49
C MET D 231 -27.25 -3.91 -23.13
N GLY D 232 -27.64 -2.81 -22.48
CA GLY D 232 -26.71 -1.70 -22.22
C GLY D 232 -25.59 -2.08 -21.28
N ALA D 233 -25.85 -3.02 -20.37
CA ALA D 233 -24.83 -3.42 -19.43
C ALA D 233 -23.79 -4.33 -20.05
N PHE D 234 -24.27 -5.32 -20.82
CA PHE D 234 -23.39 -6.23 -21.54
C PHE D 234 -22.54 -5.38 -22.53
N TYR D 235 -23.20 -4.51 -23.30
CA TYR D 235 -22.45 -3.70 -24.27
C TYR D 235 -21.35 -2.85 -23.60
N ALA D 236 -21.67 -2.27 -22.44
CA ALA D 236 -20.72 -1.42 -21.76
C ALA D 236 -19.44 -2.20 -21.39
N VAL D 237 -19.56 -3.46 -21.03
CA VAL D 237 -18.39 -4.21 -20.61
C VAL D 237 -17.45 -4.39 -21.81
N GLY D 238 -18.04 -4.77 -22.94
CA GLY D 238 -17.23 -5.17 -24.07
C GLY D 238 -16.62 -4.04 -24.88
N GLN D 239 -17.12 -2.80 -24.71
CA GLN D 239 -16.81 -1.73 -25.70
C GLN D 239 -15.36 -1.28 -25.66
N GLY D 240 -14.68 -1.45 -24.54
CA GLY D 240 -13.29 -1.03 -24.42
C GLY D 240 -12.31 -1.83 -25.23
N SER D 241 -12.71 -3.02 -25.63
CA SER D 241 -11.75 -3.93 -26.26
C SER D 241 -11.81 -3.88 -27.78
N ASP D 242 -10.67 -4.21 -28.39
CA ASP D 242 -10.67 -4.46 -29.84
C ASP D 242 -11.34 -5.79 -30.22
N GLN D 243 -11.46 -6.73 -29.27
CA GLN D 243 -12.20 -8.00 -29.49
C GLN D 243 -13.66 -7.80 -29.09
N PRO D 244 -14.60 -7.87 -30.03
CA PRO D 244 -15.99 -7.58 -29.67
C PRO D 244 -16.63 -8.72 -28.86
N PRO D 245 -17.70 -8.38 -28.15
CA PRO D 245 -18.42 -9.40 -27.39
C PRO D 245 -19.29 -10.31 -28.25
N ARG D 246 -19.69 -11.41 -27.65
CA ARG D 246 -20.61 -12.36 -28.32
C ARG D 246 -21.53 -12.95 -27.30
N LEU D 247 -22.82 -13.00 -27.62
CA LEU D 247 -23.77 -13.79 -26.81
C LEU D 247 -24.06 -15.05 -27.61
N ILE D 248 -23.65 -16.20 -27.08
CA ILE D 248 -23.72 -17.46 -27.80
C ILE D 248 -24.88 -18.29 -27.23
N VAL D 249 -25.77 -18.73 -28.11
CA VAL D 249 -26.89 -19.55 -27.68
C VAL D 249 -26.73 -20.96 -28.23
N LEU D 250 -26.76 -21.96 -27.38
CA LEU D 250 -26.65 -23.34 -27.84
C LEU D 250 -27.86 -24.02 -27.30
N ASN D 251 -28.75 -24.47 -28.21
CA ASN D 251 -30.03 -24.98 -27.80
C ASN D 251 -30.12 -26.46 -28.11
N TYR D 252 -30.11 -27.29 -27.07
CA TYR D 252 -30.18 -28.74 -27.19
C TYR D 252 -31.60 -29.19 -26.90
N GLN D 253 -32.25 -29.73 -27.92
CA GLN D 253 -33.64 -30.17 -27.77
C GLN D 253 -33.73 -31.67 -27.61
N GLY D 254 -33.42 -32.14 -26.41
CA GLY D 254 -33.38 -33.58 -26.16
C GLY D 254 -34.65 -34.10 -25.52
N GLY D 255 -35.48 -33.18 -25.04
CA GLY D 255 -36.73 -33.55 -24.39
C GLY D 255 -37.89 -33.50 -25.35
N LYS D 256 -39.09 -33.66 -24.82
CA LYS D 256 -40.31 -33.43 -25.60
C LYS D 256 -40.42 -31.94 -25.92
N LYS D 257 -40.98 -31.61 -27.08
CA LYS D 257 -41.05 -30.21 -27.51
C LYS D 257 -41.70 -29.29 -26.47
N ALA D 258 -42.68 -29.83 -25.73
CA ALA D 258 -43.40 -29.06 -24.74
C ALA D 258 -42.71 -28.97 -23.37
N ASP D 259 -41.64 -29.75 -23.15
CA ASP D 259 -40.94 -29.73 -21.85
C ASP D 259 -40.25 -28.38 -21.67
N LYS D 260 -40.44 -27.77 -20.48
CA LYS D 260 -39.79 -26.48 -20.22
C LYS D 260 -38.28 -26.76 -20.16
N PRO D 261 -37.47 -25.84 -20.68
CA PRO D 261 -36.03 -26.16 -20.71
C PRO D 261 -35.36 -25.77 -19.41
N PHE D 262 -34.16 -26.33 -19.22
CA PHE D 262 -33.18 -25.86 -18.22
C PHE D 262 -32.27 -24.92 -18.92
N VAL D 263 -32.01 -23.77 -18.33
CA VAL D 263 -31.11 -22.79 -18.98
C VAL D 263 -29.85 -22.65 -18.11
N LEU D 264 -28.67 -22.77 -18.74
CA LEU D 264 -27.38 -22.51 -18.05
C LEU D 264 -26.83 -21.25 -18.67
N VAL D 265 -26.52 -20.28 -17.83
CA VAL D 265 -25.93 -19.02 -18.26
C VAL D 265 -24.49 -18.96 -17.74
N GLY D 266 -23.52 -18.80 -18.62
CA GLY D 266 -22.12 -18.81 -18.19
C GLY D 266 -21.45 -17.48 -18.40
N LYS D 267 -20.74 -16.99 -17.42
CA LYS D 267 -19.91 -15.83 -17.65
C LYS D 267 -18.67 -16.15 -18.54
N GLY D 268 -18.52 -15.40 -19.60
CA GLY D 268 -17.48 -15.66 -20.56
C GLY D 268 -16.59 -14.44 -20.77
N ILE D 269 -16.05 -13.93 -19.68
CA ILE D 269 -15.09 -12.86 -19.76
C ILE D 269 -13.74 -13.48 -20.03
N THR D 270 -13.33 -13.33 -21.29
CA THR D 270 -12.17 -14.02 -21.76
C THR D 270 -10.86 -13.52 -21.16
N PHE D 271 -10.87 -12.24 -20.81
CA PHE D 271 -9.80 -11.72 -20.00
C PHE D 271 -10.36 -10.54 -19.24
N ASP D 272 -10.10 -10.52 -17.93
CA ASP D 272 -10.59 -9.43 -17.09
C ASP D 272 -9.41 -8.57 -16.60
N THR D 273 -9.16 -7.45 -17.28
CA THR D 273 -8.14 -6.52 -16.77
C THR D 273 -8.67 -5.64 -15.65
N GLY D 274 -9.99 -5.62 -15.48
CA GLY D 274 -10.64 -4.65 -14.61
C GLY D 274 -11.18 -3.48 -15.40
N GLY D 275 -10.60 -3.23 -16.58
CA GLY D 275 -10.97 -2.02 -17.38
C GLY D 275 -10.35 -0.77 -16.76
N ILE D 276 -11.07 0.34 -16.82
CA ILE D 276 -10.55 1.59 -16.27
C ILE D 276 -10.29 1.44 -14.75
N SER D 277 -11.16 0.67 -14.07
CA SER D 277 -10.90 0.26 -12.66
C SER D 277 -9.90 -0.92 -12.73
N LEU D 278 -8.70 -0.60 -13.22
CA LEU D 278 -7.70 -1.62 -13.54
C LEU D 278 -7.22 -2.43 -12.35
N LYS D 279 -7.06 -3.73 -12.59
CA LYS D 279 -6.54 -4.65 -11.56
C LYS D 279 -5.05 -4.40 -11.33
N PRO D 280 -4.53 -4.81 -10.16
CA PRO D 280 -3.07 -4.88 -9.97
C PRO D 280 -2.42 -5.88 -10.88
N GLY D 281 -1.12 -5.73 -11.10
CA GLY D 281 -0.40 -6.65 -12.02
C GLY D 281 -0.28 -8.06 -11.46
N ALA D 282 -0.08 -8.18 -10.14
CA ALA D 282 0.24 -9.49 -9.56
C ALA D 282 -0.88 -10.51 -9.77
N GLY D 283 -0.53 -11.63 -10.40
CA GLY D 283 -1.47 -12.72 -10.62
C GLY D 283 -2.54 -12.42 -11.68
N MET D 284 -2.39 -11.34 -12.44
CA MET D 284 -3.47 -10.99 -13.39
C MET D 284 -3.62 -12.03 -14.49
N ASP D 285 -2.58 -12.75 -14.80
CA ASP D 285 -2.67 -13.81 -15.79
C ASP D 285 -3.80 -14.80 -15.51
N GLU D 286 -4.18 -14.90 -14.23
CA GLU D 286 -5.19 -15.91 -13.91
C GLU D 286 -6.59 -15.49 -14.34
N MET D 287 -6.67 -14.23 -14.78
CA MET D 287 -7.93 -13.77 -15.29
C MET D 287 -8.28 -14.32 -16.70
N LYS D 288 -7.39 -15.12 -17.32
CA LYS D 288 -7.81 -15.88 -18.51
C LYS D 288 -8.84 -16.91 -18.11
N TYR D 289 -8.94 -17.24 -16.80
CA TYR D 289 -9.94 -18.18 -16.31
C TYR D 289 -11.27 -17.52 -15.98
N ASP D 290 -11.43 -16.24 -16.35
CA ASP D 290 -12.64 -15.53 -16.02
C ASP D 290 -13.79 -15.90 -16.97
N MET D 291 -13.48 -16.80 -17.92
CA MET D 291 -14.50 -17.38 -18.79
C MET D 291 -14.81 -18.84 -18.39
N CYS D 292 -14.33 -19.26 -17.20
CA CYS D 292 -14.58 -20.62 -16.70
C CYS D 292 -16.05 -20.95 -16.46
N GLY D 293 -16.88 -19.95 -16.22
CA GLY D 293 -18.34 -20.16 -16.17
C GLY D 293 -18.87 -20.64 -17.54
N ALA D 294 -18.62 -19.85 -18.59
CA ALA D 294 -18.92 -20.28 -19.94
C ALA D 294 -18.29 -21.62 -20.29
N ALA D 295 -17.02 -21.82 -19.91
CA ALA D 295 -16.34 -23.08 -20.22
C ALA D 295 -17.07 -24.24 -19.57
N SER D 296 -17.50 -24.06 -18.31
CA SER D 296 -18.19 -25.17 -17.63
C SER D 296 -19.55 -25.44 -18.26
N VAL D 297 -20.16 -24.42 -18.87
CA VAL D 297 -21.43 -24.63 -19.60
C VAL D 297 -21.16 -25.44 -20.88
N PHE D 298 -20.12 -25.07 -21.62
CA PHE D 298 -19.67 -25.91 -22.74
C PHE D 298 -19.44 -27.37 -22.31
N GLY D 299 -18.76 -27.55 -21.17
CA GLY D 299 -18.36 -28.92 -20.79
C GLY D 299 -19.59 -29.72 -20.32
N THR D 300 -20.51 -29.07 -19.61
CA THR D 300 -21.76 -29.70 -19.19
C THR D 300 -22.58 -30.10 -20.44
N LEU D 301 -22.69 -29.18 -21.40
CA LEU D 301 -23.36 -29.52 -22.66
C LEU D 301 -22.68 -30.71 -23.36
N ARG D 302 -21.46 -30.79 -23.28
CA ARG D 302 -20.79 -31.88 -23.98
C ARG D 302 -21.01 -33.22 -23.25
N ALA D 303 -21.04 -33.17 -21.99
CA ALA D 303 -21.45 -34.38 -21.24
C ALA D 303 -22.88 -34.77 -21.56
N VAL D 304 -23.78 -33.78 -21.62
CA VAL D 304 -25.19 -34.07 -21.96
C VAL D 304 -25.36 -34.68 -23.36
N LEU D 305 -24.62 -34.15 -24.33
CA LEU D 305 -24.64 -34.66 -25.70
C LEU D 305 -24.16 -36.12 -25.68
N GLU D 306 -23.10 -36.38 -24.98
CA GLU D 306 -22.56 -37.75 -24.86
C GLU D 306 -23.59 -38.71 -24.27
N LEU D 307 -24.27 -38.33 -23.27
CA LEU D 307 -25.29 -39.14 -22.61
C LEU D 307 -26.63 -39.10 -23.29
N GLN D 308 -26.81 -38.18 -24.24
CA GLN D 308 -28.10 -37.98 -24.91
C GLN D 308 -29.25 -37.90 -23.92
N LEU D 309 -29.09 -37.06 -22.90
CA LEU D 309 -30.16 -36.94 -21.88
C LEU D 309 -31.42 -36.39 -22.49
N PRO D 310 -32.59 -36.88 -22.04
CA PRO D 310 -33.83 -36.46 -22.64
C PRO D 310 -34.38 -35.21 -21.96
N VAL D 311 -33.62 -34.12 -22.09
CA VAL D 311 -34.01 -32.81 -21.53
C VAL D 311 -33.79 -31.75 -22.58
N ASN D 312 -34.51 -30.65 -22.45
CA ASN D 312 -34.28 -29.46 -23.29
C ASN D 312 -33.33 -28.57 -22.49
N LEU D 313 -32.17 -28.30 -23.09
CA LEU D 313 -31.12 -27.52 -22.41
C LEU D 313 -30.70 -26.35 -23.26
N VAL D 314 -30.85 -25.15 -22.73
CA VAL D 314 -30.49 -23.94 -23.46
C VAL D 314 -29.30 -23.33 -22.76
N CYS D 315 -28.19 -23.19 -23.49
CA CYS D 315 -26.95 -22.63 -22.94
C CYS D 315 -26.73 -21.24 -23.47
N LEU D 316 -26.49 -20.28 -22.58
CA LEU D 316 -26.27 -18.89 -22.97
C LEU D 316 -24.91 -18.49 -22.47
N LEU D 317 -23.99 -18.17 -23.39
CA LEU D 317 -22.62 -17.81 -22.99
C LEU D 317 -22.43 -16.31 -23.21
N ALA D 318 -22.24 -15.57 -22.12
CA ALA D 318 -22.13 -14.12 -22.19
C ALA D 318 -20.68 -13.73 -22.24
N CYS D 319 -20.17 -13.47 -23.45
CA CYS D 319 -18.72 -13.39 -23.63
C CYS D 319 -18.27 -11.98 -24.00
N ALA D 320 -17.22 -11.50 -23.34
CA ALA D 320 -16.65 -10.19 -23.63
C ALA D 320 -15.23 -10.18 -23.14
N GLU D 321 -14.51 -9.14 -23.53
CA GLU D 321 -13.12 -9.08 -23.02
C GLU D 321 -13.00 -7.71 -22.38
N ASN D 322 -12.61 -7.56 -21.13
CA ASN D 322 -12.68 -6.29 -20.35
C ASN D 322 -11.31 -5.58 -20.36
N MET D 323 -11.19 -4.55 -21.19
CA MET D 323 -9.92 -3.87 -21.48
C MET D 323 -10.03 -2.37 -21.22
N PRO D 324 -8.91 -1.74 -20.81
CA PRO D 324 -8.86 -0.27 -20.66
C PRO D 324 -8.54 0.32 -22.05
N SER D 325 -9.12 1.48 -22.36
CA SER D 325 -8.84 2.14 -23.63
C SER D 325 -9.49 3.50 -23.64
N GLY D 326 -9.29 4.23 -24.74
CA GLY D 326 -9.91 5.53 -24.90
C GLY D 326 -11.39 5.54 -25.15
N GLY D 327 -11.98 4.35 -25.35
CA GLY D 327 -13.43 4.23 -25.56
C GLY D 327 -14.06 3.29 -24.56
N ALA D 328 -13.33 2.94 -23.50
CA ALA D 328 -13.85 2.06 -22.48
C ALA D 328 -14.91 2.72 -21.59
N THR D 329 -15.74 1.90 -20.99
CA THR D 329 -16.66 2.38 -19.95
C THR D 329 -15.89 3.02 -18.80
N ARG D 330 -16.48 4.09 -18.22
CA ARG D 330 -15.90 4.76 -17.09
C ARG D 330 -16.72 4.47 -15.83
N PRO D 331 -16.05 4.44 -14.67
CA PRO D 331 -16.78 4.51 -13.42
C PRO D 331 -17.70 5.74 -13.40
N GLY D 332 -18.96 5.51 -13.00
CA GLY D 332 -19.96 6.57 -13.01
C GLY D 332 -20.84 6.55 -14.24
N ASP D 333 -20.50 5.78 -15.28
CA ASP D 333 -21.42 5.68 -16.43
C ASP D 333 -22.74 5.09 -15.95
N ILE D 334 -23.83 5.51 -16.58
CA ILE D 334 -25.15 4.93 -16.30
C ILE D 334 -25.66 4.35 -17.59
N VAL D 335 -26.14 3.12 -17.50
CA VAL D 335 -26.63 2.39 -18.71
C VAL D 335 -28.03 1.85 -18.49
N THR D 336 -28.76 1.65 -19.59
CA THR D 336 -30.06 1.00 -19.50
C THR D 336 -29.94 -0.46 -19.90
N THR D 337 -30.35 -1.33 -18.99
CA THR D 337 -30.30 -2.78 -19.26
C THR D 337 -31.47 -3.21 -20.09
N MET D 338 -31.42 -4.44 -20.60
CA MET D 338 -32.48 -4.95 -21.48
C MET D 338 -33.82 -4.97 -20.74
N SER D 339 -33.77 -5.22 -19.43
CA SER D 339 -34.96 -5.22 -18.57
C SER D 339 -35.59 -3.84 -18.42
N GLY D 340 -34.84 -2.79 -18.75
CA GLY D 340 -35.27 -1.40 -18.55
C GLY D 340 -34.71 -0.78 -17.30
N GLN D 341 -34.23 -1.59 -16.35
CA GLN D 341 -33.59 -1.10 -15.15
C GLN D 341 -32.29 -0.42 -15.56
N THR D 342 -32.08 0.72 -14.88
CA THR D 342 -30.82 1.41 -15.11
C THR D 342 -29.77 1.02 -14.08
N VAL D 343 -28.51 1.03 -14.50
CA VAL D 343 -27.39 0.60 -13.65
C VAL D 343 -26.31 1.64 -13.72
N GLU D 344 -25.90 2.10 -12.53
CA GLU D 344 -24.73 2.97 -12.41
C GLU D 344 -23.50 2.07 -12.26
N ILE D 345 -22.58 2.14 -13.22
CA ILE D 345 -21.37 1.29 -13.22
C ILE D 345 -20.33 2.02 -12.37
N LEU D 346 -20.32 1.77 -11.06
CA LEU D 346 -19.37 2.44 -10.14
C LEU D 346 -17.96 1.89 -10.23
N ASN D 347 -17.82 0.63 -10.65
CA ASN D 347 -16.53 0.02 -10.80
C ASN D 347 -16.58 -0.91 -12.00
N THR D 348 -15.68 -0.65 -12.95
CA THR D 348 -15.73 -1.38 -14.23
C THR D 348 -15.18 -2.80 -14.07
N ASP D 349 -14.59 -3.10 -12.90
CA ASP D 349 -14.12 -4.47 -12.59
C ASP D 349 -15.22 -5.34 -11.98
N ALA D 350 -16.41 -4.76 -11.76
CA ALA D 350 -17.60 -5.60 -11.44
C ALA D 350 -18.40 -5.84 -12.73
N GLU D 351 -17.72 -6.47 -13.70
CA GLU D 351 -18.23 -6.57 -15.07
C GLU D 351 -18.97 -7.85 -15.35
N GLY D 352 -18.68 -8.93 -14.65
CA GLY D 352 -19.37 -10.18 -14.88
C GLY D 352 -20.85 -10.05 -14.64
N ARG D 353 -21.23 -9.39 -13.55
CA ARG D 353 -22.64 -9.24 -13.24
C ARG D 353 -23.35 -8.41 -14.30
N LEU D 354 -22.61 -7.55 -15.02
CA LEU D 354 -23.18 -6.72 -16.09
C LEU D 354 -23.50 -7.54 -17.32
N VAL D 355 -22.57 -8.40 -17.75
CA VAL D 355 -22.94 -9.22 -18.91
C VAL D 355 -24.01 -10.24 -18.52
N LEU D 356 -23.96 -10.72 -17.29
CA LEU D 356 -24.93 -11.71 -16.84
C LEU D 356 -26.33 -11.13 -16.73
N CYS D 357 -26.48 -9.87 -16.25
CA CYS D 357 -27.83 -9.36 -15.95
C CYS D 357 -28.66 -9.28 -17.23
N ASP D 358 -28.02 -8.86 -18.32
CA ASP D 358 -28.71 -8.73 -19.60
C ASP D 358 -29.01 -10.13 -20.15
N THR D 359 -28.12 -11.08 -19.87
CA THR D 359 -28.34 -12.39 -20.39
C THR D 359 -29.46 -13.09 -19.61
N LEU D 360 -29.55 -12.82 -18.31
CA LEU D 360 -30.70 -13.30 -17.49
C LEU D 360 -32.04 -12.78 -18.09
N THR D 361 -32.08 -11.50 -18.54
CA THR D 361 -33.30 -10.99 -19.15
C THR D 361 -33.54 -11.73 -20.46
N TYR D 362 -32.47 -11.95 -21.22
CA TYR D 362 -32.62 -12.69 -22.50
C TYR D 362 -33.25 -14.06 -22.26
N ALA D 363 -32.87 -14.72 -21.15
CA ALA D 363 -33.32 -16.08 -20.87
C ALA D 363 -34.83 -16.20 -20.69
N GLU D 364 -35.51 -15.09 -20.41
CA GLU D 364 -36.97 -15.16 -20.15
C GLU D 364 -37.71 -15.77 -21.32
N ARG D 365 -37.22 -15.51 -22.54
CA ARG D 365 -37.92 -15.98 -23.75
C ARG D 365 -38.11 -17.49 -23.82
N PHE D 366 -37.25 -18.24 -23.15
CA PHE D 366 -37.30 -19.70 -23.22
C PHE D 366 -38.32 -20.33 -22.31
N LYS D 367 -38.82 -19.53 -21.50
CA LYS D 367 -39.87 -19.97 -20.56
C LYS D 367 -39.41 -21.18 -19.74
N PRO D 368 -38.31 -20.97 -19.02
CA PRO D 368 -37.58 -22.10 -18.44
C PRO D 368 -38.19 -22.61 -17.13
N GLN D 369 -37.94 -23.85 -16.83
CA GLN D 369 -38.18 -24.38 -15.47
C GLN D 369 -37.10 -24.12 -14.41
N ALA D 370 -35.90 -23.80 -14.89
CA ALA D 370 -34.78 -23.44 -14.00
C ALA D 370 -33.79 -22.69 -14.82
N VAL D 371 -33.20 -21.64 -14.25
CA VAL D 371 -32.09 -20.92 -14.87
C VAL D 371 -30.97 -20.88 -13.85
N ILE D 372 -29.79 -21.36 -14.22
CA ILE D 372 -28.63 -21.39 -13.33
C ILE D 372 -27.53 -20.61 -14.01
N ASP D 373 -27.06 -19.66 -13.43
CA ASP D 373 -25.89 -18.86 -13.82
C ASP D 373 -24.62 -19.30 -13.08
N ILE D 374 -23.51 -19.40 -13.86
CA ILE D 374 -22.23 -19.90 -13.33
C ILE D 374 -21.19 -18.87 -13.68
N ALA D 375 -20.46 -18.41 -12.66
CA ALA D 375 -19.55 -17.28 -12.89
C ALA D 375 -18.43 -17.24 -11.89
N THR D 376 -17.23 -16.88 -12.37
CA THR D 376 -16.07 -16.62 -11.52
C THR D 376 -16.20 -15.17 -10.99
N LEU D 377 -17.13 -14.97 -10.04
CA LEU D 377 -17.67 -13.65 -9.85
C LEU D 377 -17.00 -12.80 -8.83
N THR D 378 -16.61 -13.38 -7.69
CA THR D 378 -16.12 -12.54 -6.59
C THR D 378 -14.93 -13.15 -5.88
N GLY D 379 -13.91 -12.29 -5.67
CA GLY D 379 -12.81 -12.61 -4.78
C GLY D 379 -13.37 -12.87 -3.39
N ALA D 380 -14.47 -12.18 -3.04
CA ALA D 380 -15.15 -12.42 -1.75
C ALA D 380 -15.56 -13.88 -1.51
N CYS D 381 -15.92 -14.61 -2.57
CA CYS D 381 -16.31 -16.01 -2.43
C CYS D 381 -15.12 -16.87 -1.98
N ILE D 382 -13.89 -16.50 -2.39
CA ILE D 382 -12.67 -17.22 -1.99
C ILE D 382 -12.43 -16.94 -0.51
N VAL D 383 -12.69 -15.71 -0.09
CA VAL D 383 -12.61 -15.41 1.35
C VAL D 383 -13.67 -16.20 2.14
N ALA D 384 -14.87 -16.33 1.60
CA ALA D 384 -15.94 -17.04 2.33
C ALA D 384 -15.84 -18.55 2.31
N LEU D 385 -15.48 -19.14 1.16
CA LEU D 385 -15.60 -20.59 0.96
C LEU D 385 -14.35 -21.23 0.41
N GLY D 386 -13.34 -20.39 0.12
CA GLY D 386 -12.04 -20.96 -0.29
C GLY D 386 -12.04 -21.72 -1.60
N SER D 387 -11.14 -22.68 -1.71
CA SER D 387 -10.92 -23.44 -2.97
C SER D 387 -11.81 -24.64 -3.09
N HIS D 388 -12.53 -25.02 -2.01
CA HIS D 388 -13.11 -26.36 -1.95
C HIS D 388 -14.58 -26.42 -2.29
N THR D 389 -15.26 -25.29 -2.14
CA THR D 389 -16.72 -25.32 -2.17
C THR D 389 -17.24 -24.14 -2.97
N THR D 390 -18.13 -24.37 -3.95
CA THR D 390 -18.70 -23.29 -4.77
C THR D 390 -19.78 -22.54 -3.96
N GLY D 391 -19.83 -21.22 -4.10
CA GLY D 391 -20.89 -20.48 -3.44
C GLY D 391 -22.18 -20.60 -4.22
N LEU D 392 -23.31 -20.75 -3.53
CA LEU D 392 -24.58 -20.91 -4.25
C LEU D 392 -25.63 -20.00 -3.64
N MET D 393 -26.37 -19.30 -4.49
CA MET D 393 -27.48 -18.47 -4.06
C MET D 393 -28.66 -18.73 -4.98
N GLY D 394 -29.89 -18.36 -4.58
CA GLY D 394 -30.95 -18.44 -5.59
C GLY D 394 -32.26 -17.92 -5.05
N ASN D 395 -33.26 -17.96 -5.89
CA ASN D 395 -34.60 -17.43 -5.54
C ASN D 395 -35.65 -18.52 -5.37
N ASN D 396 -35.20 -19.79 -5.36
CA ASN D 396 -36.01 -20.99 -5.20
C ASN D 396 -35.20 -22.05 -4.49
N ASP D 397 -35.90 -22.27 -3.22
CA ASP D 397 -35.18 -23.15 -2.30
C ASP D 397 -35.17 -24.60 -2.80
N ASP D 398 -36.14 -25.00 -3.60
CA ASP D 398 -36.14 -26.36 -4.14
C ASP D 398 -35.00 -26.53 -5.16
N LEU D 399 -34.83 -25.52 -6.02
CA LEU D 399 -33.74 -25.55 -6.99
C LEU D 399 -32.39 -25.53 -6.27
N VAL D 400 -32.26 -24.63 -5.29
CA VAL D 400 -31.01 -24.57 -4.52
C VAL D 400 -30.73 -25.92 -3.85
N GLY D 401 -31.75 -26.55 -3.27
CA GLY D 401 -31.57 -27.86 -2.65
C GLY D 401 -31.17 -28.94 -3.63
N GLN D 402 -31.73 -28.90 -4.84
CA GLN D 402 -31.38 -29.87 -5.85
C GLN D 402 -29.92 -29.74 -6.27
N LEU D 403 -29.44 -28.49 -6.37
CA LEU D 403 -28.02 -28.26 -6.75
C LEU D 403 -27.09 -28.71 -5.64
N LEU D 404 -27.46 -28.42 -4.41
CA LEU D 404 -26.65 -28.87 -3.27
C LEU D 404 -26.56 -30.38 -3.24
N ASP D 405 -27.71 -31.03 -3.43
CA ASP D 405 -27.73 -32.53 -3.38
C ASP D 405 -26.89 -33.10 -4.51
N ALA D 406 -27.03 -32.54 -5.71
CA ALA D 406 -26.20 -32.96 -6.83
C ALA D 406 -24.70 -32.81 -6.54
N GLY D 407 -24.33 -31.68 -5.93
CA GLY D 407 -22.91 -31.48 -5.65
C GLY D 407 -22.38 -32.46 -4.63
N LYS D 408 -23.20 -32.86 -3.66
CA LYS D 408 -22.77 -33.84 -2.66
C LYS D 408 -22.55 -35.19 -3.35
N ARG D 409 -23.52 -35.62 -4.17
CA ARG D 409 -23.39 -36.93 -4.81
C ARG D 409 -22.29 -36.97 -5.86
N ALA D 410 -21.99 -35.84 -6.48
CA ALA D 410 -20.93 -35.74 -7.49
C ALA D 410 -19.56 -35.50 -6.88
N ASP D 411 -19.53 -35.24 -5.55
CA ASP D 411 -18.29 -34.75 -4.89
C ASP D 411 -17.75 -33.54 -5.65
N ASP D 412 -18.64 -32.59 -5.88
CA ASP D 412 -18.28 -31.26 -6.44
C ASP D 412 -19.15 -30.26 -5.69
N ARG D 413 -18.81 -30.06 -4.42
CA ARG D 413 -19.79 -29.47 -3.49
C ARG D 413 -19.97 -27.96 -3.64
N ALA D 414 -21.18 -27.54 -3.31
CA ALA D 414 -21.53 -26.13 -3.16
C ALA D 414 -22.05 -25.88 -1.78
N TRP D 415 -22.30 -24.61 -1.48
CA TRP D 415 -22.81 -24.22 -0.15
C TRP D 415 -23.63 -22.98 -0.34
N GLN D 416 -24.81 -22.99 0.27
CA GLN D 416 -25.72 -21.83 0.10
C GLN D 416 -25.29 -20.63 0.92
N LEU D 417 -25.45 -19.44 0.35
CA LEU D 417 -25.32 -18.17 1.09
C LEU D 417 -26.65 -17.46 0.93
N PRO D 418 -27.02 -16.64 1.92
CA PRO D 418 -28.38 -16.06 1.90
C PRO D 418 -28.47 -14.79 1.08
N LEU D 419 -29.60 -14.57 0.42
CA LEU D 419 -29.86 -13.30 -0.29
C LEU D 419 -30.91 -12.52 0.51
N PHE D 420 -30.64 -12.32 1.79
CA PHE D 420 -31.62 -11.60 2.61
C PHE D 420 -31.87 -10.17 2.07
N ASP D 421 -33.10 -9.69 2.22
CA ASP D 421 -33.42 -8.38 1.66
C ASP D 421 -32.57 -7.26 2.25
N GLU D 422 -32.10 -7.42 3.49
CA GLU D 422 -31.28 -6.41 4.14
C GLU D 422 -30.01 -6.08 3.35
N TYR D 423 -29.49 -7.04 2.60
CA TYR D 423 -28.29 -6.77 1.81
C TYR D 423 -28.56 -5.93 0.56
N GLN D 424 -29.80 -5.86 0.13
CA GLN D 424 -30.11 -5.17 -1.15
C GLN D 424 -29.76 -3.67 -1.18
N GLU D 425 -29.98 -3.02 -0.06
CA GLU D 425 -29.76 -1.61 0.05
C GLU D 425 -28.32 -1.21 -0.26
N GLN D 426 -27.44 -2.16 -0.08
CA GLN D 426 -26.05 -1.86 -0.37
C GLN D 426 -25.81 -1.47 -1.83
N LEU D 427 -26.71 -1.90 -2.72
CA LEU D 427 -26.64 -1.57 -4.16
C LEU D 427 -27.29 -0.24 -4.52
N ASP D 428 -27.91 0.43 -3.56
CA ASP D 428 -28.57 1.69 -3.89
C ASP D 428 -27.66 2.74 -4.51
N SER D 429 -28.23 3.42 -5.52
CA SER D 429 -27.58 4.55 -6.22
C SER D 429 -28.49 5.77 -6.06
N PRO D 430 -27.91 6.96 -5.83
CA PRO D 430 -28.74 8.17 -5.87
C PRO D 430 -29.25 8.54 -7.25
N PHE D 431 -28.68 7.94 -8.29
CA PHE D 431 -28.97 8.36 -9.66
C PHE D 431 -29.77 7.32 -10.45
N ALA D 432 -29.36 6.07 -10.34
CA ALA D 432 -29.90 5.02 -11.18
C ALA D 432 -30.73 4.06 -10.33
N ASP D 433 -31.36 3.08 -10.99
CA ASP D 433 -32.15 2.09 -10.25
C ASP D 433 -31.30 1.24 -9.30
N MET D 434 -30.02 1.02 -9.64
CA MET D 434 -29.10 0.35 -8.74
C MET D 434 -27.70 0.73 -9.18
N GLY D 435 -26.76 0.55 -8.27
CA GLY D 435 -25.33 0.52 -8.65
C GLY D 435 -24.86 -0.91 -8.81
N ASN D 436 -23.67 -1.08 -9.37
CA ASN D 436 -23.17 -2.47 -9.61
C ASN D 436 -22.25 -2.97 -8.49
N ILE D 437 -22.05 -2.21 -7.40
CA ILE D 437 -21.21 -2.66 -6.27
C ILE D 437 -21.92 -2.39 -4.96
N GLY D 438 -21.61 -3.26 -3.99
CA GLY D 438 -22.20 -3.10 -2.64
C GLY D 438 -21.25 -2.79 -1.53
N GLY D 439 -19.98 -2.55 -1.85
CA GLY D 439 -19.01 -2.20 -0.79
C GLY D 439 -18.31 -3.41 -0.22
N PRO D 440 -17.52 -3.20 0.85
CA PRO D 440 -16.63 -4.29 1.22
C PRO D 440 -17.28 -5.40 2.04
N LYS D 441 -18.50 -5.19 2.50
CA LYS D 441 -19.19 -6.20 3.31
C LYS D 441 -20.09 -7.06 2.45
N ALA D 442 -19.99 -8.39 2.65
CA ALA D 442 -20.89 -9.37 2.01
C ALA D 442 -20.82 -9.32 0.47
N GLY D 443 -19.60 -9.29 -0.08
CA GLY D 443 -19.41 -9.09 -1.52
C GLY D 443 -20.02 -10.17 -2.42
N THR D 444 -19.94 -11.42 -2.00
CA THR D 444 -20.47 -12.54 -2.80
C THR D 444 -21.99 -12.41 -2.80
N ILE D 445 -22.54 -12.14 -1.63
CA ILE D 445 -23.99 -11.96 -1.47
C ILE D 445 -24.52 -10.74 -2.26
N THR D 446 -23.83 -9.60 -2.20
CA THR D 446 -24.40 -8.43 -2.91
C THR D 446 -24.33 -8.64 -4.43
N ALA D 447 -23.31 -9.36 -4.92
CA ALA D 447 -23.32 -9.66 -6.34
C ALA D 447 -24.51 -10.58 -6.69
N GLY D 448 -24.79 -11.56 -5.85
CA GLY D 448 -26.01 -12.38 -6.04
C GLY D 448 -27.29 -11.56 -5.95
N CYS D 449 -27.32 -10.58 -5.05
CA CYS D 449 -28.49 -9.70 -4.93
C CYS D 449 -28.67 -8.91 -6.21
N PHE D 450 -27.57 -8.41 -6.76
CA PHE D 450 -27.66 -7.62 -7.99
C PHE D 450 -28.28 -8.52 -9.08
N LEU D 451 -27.78 -9.75 -9.25
CA LEU D 451 -28.31 -10.66 -10.28
C LEU D 451 -29.77 -11.01 -10.05
N SER D 452 -30.15 -11.13 -8.78
CA SER D 452 -31.50 -11.55 -8.44
C SER D 452 -32.55 -10.58 -9.00
N ARG D 453 -32.14 -9.31 -9.20
CA ARG D 453 -33.09 -8.30 -9.69
C ARG D 453 -33.45 -8.50 -11.12
N PHE D 454 -32.75 -9.43 -11.76
CA PHE D 454 -32.98 -9.72 -13.18
C PHE D 454 -33.57 -11.13 -13.42
N ALA D 455 -33.79 -11.86 -12.33
CA ALA D 455 -34.22 -13.27 -12.37
C ALA D 455 -35.59 -13.50 -11.79
N LYS D 456 -36.37 -12.44 -11.61
CA LYS D 456 -37.66 -12.61 -10.94
C LYS D 456 -38.70 -13.40 -11.75
N ALA D 457 -38.48 -13.56 -13.05
CA ALA D 457 -39.49 -14.24 -13.89
C ALA D 457 -39.47 -15.75 -13.81
N TYR D 458 -38.48 -16.33 -13.11
CA TYR D 458 -38.30 -17.79 -13.16
C TYR D 458 -37.55 -18.29 -11.93
N ASN D 459 -37.52 -19.61 -11.78
CA ASN D 459 -36.72 -20.26 -10.74
C ASN D 459 -35.25 -20.15 -11.12
N TRP D 460 -34.44 -19.58 -10.23
CA TRP D 460 -33.07 -19.18 -10.55
C TRP D 460 -32.10 -19.49 -9.44
N ALA D 461 -30.89 -19.90 -9.86
CA ALA D 461 -29.77 -20.06 -8.91
C ALA D 461 -28.51 -19.50 -9.58
N HIS D 462 -27.57 -19.12 -8.73
CA HIS D 462 -26.31 -18.49 -9.11
C HIS D 462 -25.18 -19.21 -8.40
N MET D 463 -24.20 -19.61 -9.18
CA MET D 463 -23.03 -20.35 -8.68
C MET D 463 -21.80 -19.49 -8.87
N ASP D 464 -21.13 -19.14 -7.75
CA ASP D 464 -19.92 -18.31 -7.79
C ASP D 464 -18.75 -19.29 -7.65
N ILE D 465 -18.04 -19.49 -8.76
CA ILE D 465 -16.97 -20.48 -8.90
C ILE D 465 -15.58 -19.84 -8.90
N ALA D 466 -15.51 -18.61 -8.38
CA ALA D 466 -14.23 -17.89 -8.33
C ALA D 466 -13.15 -18.68 -7.58
N GLY D 467 -13.55 -19.52 -6.63
CA GLY D 467 -12.58 -20.32 -5.85
C GLY D 467 -12.39 -21.73 -6.32
N THR D 468 -13.38 -22.27 -7.06
CA THR D 468 -13.33 -23.70 -7.43
C THR D 468 -12.94 -23.99 -8.89
N ALA D 469 -12.91 -22.93 -9.73
CA ALA D 469 -12.73 -23.14 -11.16
C ALA D 469 -11.28 -23.34 -11.60
N TRP D 470 -10.31 -22.90 -10.80
CA TRP D 470 -8.91 -23.12 -11.20
C TRP D 470 -8.01 -23.22 -10.01
N ILE D 471 -6.82 -23.78 -10.22
CA ILE D 471 -5.78 -23.83 -9.19
C ILE D 471 -4.74 -22.75 -9.56
N SER D 472 -4.36 -21.90 -8.60
CA SER D 472 -3.54 -20.70 -8.92
C SER D 472 -2.07 -20.94 -9.22
N GLY D 473 -1.48 -21.87 -8.48
CA GLY D 473 -0.03 -22.07 -8.51
C GLY D 473 0.36 -23.52 -8.29
N GLY D 474 1.68 -23.74 -8.20
CA GLY D 474 2.24 -25.10 -8.10
C GLY D 474 2.23 -25.86 -9.41
N LYS D 475 2.65 -27.13 -9.36
CA LYS D 475 2.69 -27.98 -10.55
C LYS D 475 1.32 -28.15 -11.22
N ASP D 476 0.28 -27.99 -10.46
CA ASP D 476 -1.06 -28.30 -10.92
C ASP D 476 -1.86 -27.04 -11.29
N LYS D 477 -1.20 -25.90 -11.35
CA LYS D 477 -1.84 -24.64 -11.81
C LYS D 477 -2.69 -24.94 -13.04
N GLY D 478 -3.92 -24.46 -13.04
CA GLY D 478 -4.73 -24.61 -14.23
C GLY D 478 -6.19 -24.81 -13.90
N ALA D 479 -7.03 -24.85 -14.94
CA ALA D 479 -8.44 -25.06 -14.75
C ALA D 479 -8.76 -26.40 -14.14
N THR D 480 -9.79 -26.43 -13.29
CA THR D 480 -10.19 -27.70 -12.65
C THR D 480 -11.28 -28.47 -13.39
N GLY D 481 -12.08 -27.79 -14.21
CA GLY D 481 -13.27 -28.43 -14.77
C GLY D 481 -14.49 -28.39 -13.90
N ARG D 482 -14.38 -27.87 -12.68
CA ARG D 482 -15.58 -27.66 -11.85
C ARG D 482 -16.31 -26.42 -12.35
N PRO D 483 -17.57 -26.35 -12.21
CA PRO D 483 -18.46 -27.35 -11.63
C PRO D 483 -19.12 -28.26 -12.69
N VAL D 484 -18.53 -28.77 -13.71
CA VAL D 484 -19.14 -29.74 -14.63
C VAL D 484 -19.74 -30.95 -13.91
N PRO D 485 -19.05 -31.52 -12.91
CA PRO D 485 -19.67 -32.70 -12.24
C PRO D 485 -20.99 -32.32 -11.56
N LEU D 486 -21.02 -31.22 -10.79
CA LEU D 486 -22.29 -30.83 -10.14
C LEU D 486 -23.39 -30.61 -11.20
N LEU D 487 -23.10 -29.83 -12.26
CA LEU D 487 -24.13 -29.46 -13.20
C LEU D 487 -24.63 -30.69 -13.96
N THR D 488 -23.70 -31.59 -14.30
CA THR D 488 -24.09 -32.77 -15.04
C THR D 488 -24.93 -33.68 -14.14
N GLN D 489 -24.51 -33.78 -12.88
CA GLN D 489 -25.30 -34.53 -11.90
C GLN D 489 -26.72 -33.99 -11.78
N TYR D 490 -26.81 -32.66 -11.67
CA TYR D 490 -28.15 -32.03 -11.57
C TYR D 490 -29.01 -32.41 -12.78
N LEU D 491 -28.42 -32.41 -13.99
CA LEU D 491 -29.20 -32.75 -15.18
C LEU D 491 -29.53 -34.25 -15.23
N LEU D 492 -28.60 -35.11 -14.82
CA LEU D 492 -28.94 -36.54 -14.69
C LEU D 492 -30.11 -36.73 -13.74
N ASP D 493 -30.11 -36.00 -12.62
CA ASP D 493 -31.20 -36.10 -11.68
C ASP D 493 -32.52 -35.66 -12.26
N ARG D 494 -32.52 -34.56 -13.01
CA ARG D 494 -33.76 -34.07 -13.67
C ARG D 494 -34.25 -35.00 -14.78
N ALA D 495 -33.32 -35.68 -15.44
CA ALA D 495 -33.66 -36.66 -16.49
C ALA D 495 -34.14 -37.98 -15.90
N GLY D 496 -33.86 -38.21 -14.62
CA GLY D 496 -34.09 -39.51 -13.98
C GLY D 496 -33.10 -40.63 -14.37
N ALA D 497 -31.83 -40.30 -14.62
CA ALA D 497 -30.85 -41.29 -15.14
C ALA D 497 -29.72 -41.76 -14.18
N MET E 1 30.70 34.94 16.07
CA MET E 1 31.16 36.05 15.21
C MET E 1 30.84 37.37 15.89
N GLU E 2 31.81 38.28 15.92
CA GLU E 2 31.56 39.65 16.36
C GLU E 2 31.02 40.47 15.18
N LEU E 3 29.96 41.23 15.43
CA LEU E 3 29.33 41.99 14.36
C LEU E 3 29.17 43.43 14.82
N VAL E 4 29.90 44.34 14.16
CA VAL E 4 29.93 45.75 14.55
C VAL E 4 29.63 46.64 13.36
N VAL E 5 29.40 47.91 13.62
CA VAL E 5 28.99 48.90 12.64
C VAL E 5 29.90 50.12 12.73
N LYS E 6 30.37 50.58 11.57
CA LYS E 6 31.19 51.79 11.48
C LYS E 6 30.68 52.68 10.35
N SER E 7 31.11 53.93 10.37
CA SER E 7 30.67 54.87 9.35
C SER E 7 31.85 55.43 8.53
N VAL E 8 33.02 54.80 8.65
CA VAL E 8 34.24 55.18 7.89
C VAL E 8 34.13 54.84 6.39
N ALA E 9 35.00 55.42 5.56
CA ALA E 9 34.98 55.16 4.12
C ALA E 9 35.56 53.78 3.84
N ALA E 10 34.93 53.07 2.91
CA ALA E 10 35.32 51.71 2.56
C ALA E 10 36.78 51.55 2.12
N ALA E 11 37.29 52.49 1.34
CA ALA E 11 38.69 52.43 0.87
C ALA E 11 39.73 52.60 1.99
N SER E 12 39.32 53.23 3.09
CA SER E 12 40.20 53.55 4.22
C SER E 12 40.36 52.41 5.23
N VAL E 13 39.43 51.45 5.22
CA VAL E 13 39.37 50.55 6.36
C VAL E 13 40.36 49.39 6.18
N LYS E 14 41.15 49.15 7.23
CA LYS E 14 42.06 48.03 7.27
C LYS E 14 41.29 46.76 7.59
N THR E 15 41.44 45.76 6.73
CA THR E 15 40.64 44.53 6.83
C THR E 15 41.21 43.43 5.95
N ALA E 16 40.91 42.17 6.29
CA ALA E 16 41.34 41.06 5.48
C ALA E 16 40.56 41.01 4.16
N THR E 17 39.28 41.36 4.20
CA THR E 17 38.46 41.34 2.99
C THR E 17 37.42 42.42 3.05
N LEU E 18 37.43 43.25 2.01
CA LEU E 18 36.41 44.26 1.77
C LEU E 18 35.42 43.75 0.74
N VAL E 19 34.13 43.79 1.08
CA VAL E 19 33.07 43.32 0.20
C VAL E 19 32.24 44.48 -0.33
N ILE E 20 32.19 44.59 -1.66
CA ILE E 20 31.40 45.63 -2.30
C ILE E 20 30.52 45.03 -3.39
N PRO E 21 29.38 45.67 -3.68
CA PRO E 21 28.49 45.15 -4.71
C PRO E 21 28.77 45.75 -6.11
N VAL E 22 28.48 44.97 -7.12
CA VAL E 22 28.63 45.37 -8.53
C VAL E 22 27.34 44.96 -9.23
N GLY E 23 26.75 45.87 -9.98
CA GLY E 23 25.54 45.54 -10.74
C GLY E 23 25.80 44.84 -12.07
N GLU E 24 24.77 44.44 -12.71
CA GLU E 24 24.89 44.00 -14.09
C GLU E 24 25.49 45.13 -14.96
N ASN E 25 26.12 44.74 -16.07
CA ASN E 25 26.77 45.72 -16.94
C ASN E 25 27.84 46.52 -16.21
N ARG E 26 28.50 45.87 -15.25
CA ARG E 26 29.63 46.42 -14.51
C ARG E 26 29.33 47.76 -13.80
N LYS E 27 28.06 48.00 -13.50
CA LYS E 27 27.63 49.29 -12.98
C LYS E 27 27.93 49.42 -11.49
N LEU E 28 28.63 50.49 -11.13
CA LEU E 28 29.01 50.68 -9.75
C LEU E 28 28.21 51.78 -9.09
N GLY E 29 27.66 51.46 -7.92
CA GLY E 29 27.07 52.49 -7.08
C GLY E 29 28.12 53.41 -6.47
N ALA E 30 27.67 54.43 -5.73
CA ALA E 30 28.55 55.40 -5.08
C ALA E 30 29.69 54.78 -4.27
N VAL E 31 29.36 53.81 -3.42
CA VAL E 31 30.37 53.17 -2.58
C VAL E 31 31.40 52.39 -3.38
N ALA E 32 30.93 51.53 -4.29
CA ALA E 32 31.86 50.75 -5.09
C ALA E 32 32.72 51.69 -5.99
N LYS E 33 32.12 52.76 -6.47
CA LYS E 33 32.85 53.69 -7.35
C LYS E 33 34.00 54.34 -6.59
N ALA E 34 33.73 54.76 -5.37
CA ALA E 34 34.75 55.36 -4.54
C ALA E 34 35.92 54.39 -4.30
N VAL E 35 35.61 53.10 -4.08
CA VAL E 35 36.65 52.10 -3.94
C VAL E 35 37.44 51.89 -5.24
N ASP E 36 36.74 51.90 -6.38
CA ASP E 36 37.37 51.77 -7.68
C ASP E 36 38.35 52.92 -7.92
N LEU E 37 37.89 54.15 -7.65
CA LEU E 37 38.78 55.31 -7.81
C LEU E 37 40.00 55.22 -6.89
N ALA E 38 39.78 54.81 -5.64
CA ALA E 38 40.89 54.61 -4.72
C ALA E 38 41.88 53.53 -5.20
N SER E 39 41.37 52.51 -5.87
CA SER E 39 42.19 51.45 -6.46
C SER E 39 42.81 51.87 -7.80
N GLU E 40 42.68 53.15 -8.16
CA GLU E 40 43.25 53.65 -9.41
C GLU E 40 42.66 52.95 -10.64
N GLY E 41 41.36 52.66 -10.56
CA GLY E 41 40.60 52.06 -11.66
C GLY E 41 40.81 50.55 -11.80
N ALA E 42 41.46 49.93 -10.83
CA ALA E 42 41.79 48.51 -10.93
C ALA E 42 40.54 47.63 -10.94
N ILE E 43 39.53 48.03 -10.17
CA ILE E 43 38.31 47.27 -10.12
C ILE E 43 37.52 47.38 -11.43
N SER E 44 37.34 48.59 -11.97
CA SER E 44 36.71 48.67 -13.28
C SER E 44 37.52 47.96 -14.40
N ALA E 45 38.85 47.96 -14.31
CA ALA E 45 39.71 47.26 -15.27
C ALA E 45 39.46 45.76 -15.24
N VAL E 46 39.34 45.20 -14.03
CA VAL E 46 39.04 43.76 -13.93
C VAL E 46 37.65 43.48 -14.50
N LEU E 47 36.67 44.28 -14.11
CA LEU E 47 35.28 44.10 -14.54
C LEU E 47 35.11 44.15 -16.05
N LYS E 48 35.94 44.97 -16.70
CA LYS E 48 35.88 45.08 -18.16
C LYS E 48 36.17 43.72 -18.84
N ARG E 49 36.92 42.86 -18.17
CA ARG E 49 37.23 41.53 -18.75
C ARG E 49 36.05 40.56 -18.72
N GLY E 50 35.02 40.90 -17.96
CA GLY E 50 33.73 40.23 -18.13
C GLY E 50 33.51 38.97 -17.31
N ASP E 51 34.40 38.64 -16.38
CA ASP E 51 34.18 37.42 -15.59
C ASP E 51 32.97 37.43 -14.66
N LEU E 52 32.64 38.63 -14.17
CA LEU E 52 31.52 38.85 -13.29
C LEU E 52 30.33 39.51 -14.02
N ALA E 53 29.27 38.74 -14.26
CA ALA E 53 28.12 39.31 -14.98
C ALA E 53 27.27 40.18 -14.07
N GLY E 54 27.48 40.07 -12.76
CA GLY E 54 26.77 40.87 -11.78
C GLY E 54 25.37 40.39 -11.42
N LYS E 55 25.03 39.15 -11.77
CA LYS E 55 23.75 38.56 -11.28
C LYS E 55 23.83 38.44 -9.75
N PRO E 56 22.70 38.58 -9.04
CA PRO E 56 22.75 38.56 -7.57
C PRO E 56 23.52 37.40 -6.95
N GLY E 57 24.51 37.69 -6.10
CA GLY E 57 25.26 36.66 -5.40
C GLY E 57 26.42 36.04 -6.15
N GLN E 58 26.57 36.36 -7.44
CA GLN E 58 27.82 36.00 -8.15
C GLN E 58 28.97 36.75 -7.50
N THR E 59 30.16 36.14 -7.54
CA THR E 59 31.32 36.72 -6.86
C THR E 59 32.56 36.72 -7.73
N LEU E 60 33.45 37.68 -7.42
CA LEU E 60 34.78 37.70 -8.02
C LEU E 60 35.69 38.23 -6.92
N LEU E 61 36.73 37.46 -6.61
CA LEU E 61 37.62 37.79 -5.49
C LEU E 61 38.97 38.31 -5.99
N LEU E 62 39.34 39.48 -5.50
CA LEU E 62 40.63 40.11 -5.77
C LEU E 62 41.52 40.07 -4.56
N GLN E 63 42.81 40.19 -4.84
CA GLN E 63 43.85 40.19 -3.85
C GLN E 63 44.73 41.40 -4.12
N ASN E 64 45.47 41.76 -3.10
CA ASN E 64 45.73 43.11 -2.67
C ASN E 64 45.85 44.12 -3.79
N LEU E 65 45.19 45.23 -3.61
CA LEU E 65 45.17 46.25 -4.66
C LEU E 65 45.83 47.52 -4.13
N GLN E 66 46.75 48.06 -4.86
CA GLN E 66 47.38 49.34 -4.58
C GLN E 66 46.30 50.41 -4.43
N GLY E 67 46.42 51.16 -3.41
CA GLY E 67 45.46 52.22 -3.17
C GLY E 67 44.47 51.91 -2.08
N LEU E 68 44.34 50.62 -1.75
CA LEU E 68 43.37 50.16 -0.76
C LEU E 68 44.06 49.58 0.46
N LYS E 69 43.41 49.68 1.60
CA LYS E 69 43.95 49.09 2.81
C LYS E 69 43.48 47.65 3.03
N ALA E 70 42.51 47.21 2.24
CA ALA E 70 41.99 45.84 2.34
C ALA E 70 42.97 44.84 1.69
N GLU E 71 43.16 43.73 2.28
CA GLU E 71 44.03 42.69 1.72
C GLU E 71 43.43 41.98 0.50
N ARG E 72 42.11 41.91 0.52
CA ARG E 72 41.36 41.28 -0.54
C ARG E 72 40.14 42.13 -0.78
N VAL E 73 39.60 42.07 -2.00
CA VAL E 73 38.31 42.70 -2.28
C VAL E 73 37.41 41.68 -2.92
N LEU E 74 36.26 41.44 -2.30
CA LEU E 74 35.28 40.58 -2.89
C LEU E 74 34.18 41.41 -3.53
N LEU E 75 34.03 41.26 -4.83
CA LEU E 75 32.95 41.86 -5.59
C LEU E 75 31.76 40.90 -5.59
N VAL E 76 30.57 41.40 -5.26
CA VAL E 76 29.40 40.55 -5.28
C VAL E 76 28.33 41.16 -6.17
N GLY E 77 27.76 40.33 -7.03
CA GLY E 77 26.71 40.78 -7.94
C GLY E 77 25.44 41.24 -7.22
N SER E 78 24.88 42.39 -7.65
CA SER E 78 23.65 42.91 -7.03
C SER E 78 22.47 42.95 -8.00
N GLY E 79 22.67 42.46 -9.21
CA GLY E 79 21.62 42.42 -10.22
C GLY E 79 21.45 43.71 -10.99
N LYS E 80 20.28 43.87 -11.61
CA LYS E 80 19.96 45.09 -12.34
C LYS E 80 19.67 46.19 -11.35
N ASP E 81 19.49 47.42 -11.82
CA ASP E 81 19.29 48.54 -10.89
C ASP E 81 17.84 48.66 -10.36
N GLU E 82 17.32 47.64 -9.77
CA GLU E 82 16.05 47.59 -9.07
C GLU E 82 16.30 47.02 -7.67
N ALA E 83 15.47 47.35 -6.82
CA ALA E 83 15.51 46.80 -5.46
C ALA E 83 15.36 45.27 -5.45
N LEU E 84 16.11 44.63 -4.56
CA LEU E 84 16.04 43.20 -4.37
C LEU E 84 14.90 42.82 -3.44
N GLY E 85 14.30 41.67 -3.67
CA GLY E 85 13.32 41.12 -2.74
C GLY E 85 14.06 40.52 -1.56
N ASP E 86 13.33 40.20 -0.48
CA ASP E 86 13.97 39.66 0.72
C ASP E 86 14.78 38.43 0.39
N ARG E 87 14.24 37.52 -0.43
CA ARG E 87 14.90 36.25 -0.64
C ARG E 87 16.22 36.44 -1.40
N THR E 88 16.20 37.29 -2.42
CA THR E 88 17.41 37.54 -3.21
C THR E 88 18.47 38.21 -2.37
N TRP E 89 18.04 39.14 -1.55
CA TRP E 89 18.94 39.84 -0.64
C TRP E 89 19.58 38.85 0.34
N ARG E 90 18.76 37.99 0.96
CA ARG E 90 19.36 37.06 1.94
C ARG E 90 20.26 36.04 1.25
N LYS E 91 19.90 35.60 0.04
CA LYS E 91 20.80 34.71 -0.68
C LYS E 91 22.11 35.38 -1.07
N LEU E 92 22.03 36.67 -1.37
CA LEU E 92 23.26 37.44 -1.69
C LEU E 92 24.17 37.45 -0.46
N VAL E 93 23.60 37.74 0.70
CA VAL E 93 24.36 37.72 1.94
C VAL E 93 24.96 36.34 2.22
N ALA E 94 24.17 35.28 2.05
CA ALA E 94 24.68 33.92 2.25
C ALA E 94 25.81 33.56 1.31
N SER E 95 25.71 34.03 0.07
CA SER E 95 26.77 33.83 -0.93
C SER E 95 28.06 34.48 -0.48
N VAL E 96 27.99 35.71 0.00
CA VAL E 96 29.17 36.41 0.53
C VAL E 96 29.78 35.62 1.69
N ALA E 97 28.89 35.18 2.60
CA ALA E 97 29.33 34.51 3.82
C ALA E 97 30.04 33.22 3.48
N GLY E 98 29.53 32.50 2.50
CA GLY E 98 30.15 31.26 2.04
C GLY E 98 31.57 31.46 1.55
N VAL E 99 31.79 32.53 0.78
CA VAL E 99 33.15 32.82 0.34
C VAL E 99 34.04 33.15 1.54
N LEU E 100 33.57 34.03 2.38
CA LEU E 100 34.37 34.42 3.54
C LEU E 100 34.76 33.26 4.47
N LYS E 101 33.83 32.36 4.68
CA LYS E 101 34.09 31.22 5.53
C LYS E 101 35.20 30.33 5.03
N GLY E 102 35.44 30.31 3.75
CA GLY E 102 36.48 29.50 3.17
C GLY E 102 37.83 30.17 3.10
N LEU E 103 37.87 31.48 3.37
CA LEU E 103 39.12 32.23 3.36
C LEU E 103 39.80 32.13 4.72
N ASN E 104 41.08 32.50 4.76
CA ASN E 104 41.80 32.54 6.01
C ASN E 104 41.88 33.96 6.59
N GLY E 105 40.89 34.80 6.30
CA GLY E 105 40.85 36.15 6.85
C GLY E 105 40.14 36.22 8.20
N ALA E 106 40.72 36.98 9.13
CA ALA E 106 40.20 37.00 10.49
C ALA E 106 38.99 37.94 10.59
N ASP E 107 38.84 38.95 9.61
CA ASP E 107 37.70 39.82 9.60
C ASP E 107 37.27 40.11 8.16
N ALA E 108 36.16 40.79 8.13
CA ALA E 108 35.70 41.30 6.84
C ALA E 108 34.89 42.55 7.04
N VAL E 109 34.82 43.38 6.00
CA VAL E 109 34.01 44.56 6.01
C VAL E 109 33.01 44.46 4.89
N LEU E 110 31.74 44.60 5.25
CA LEU E 110 30.68 44.63 4.24
C LEU E 110 30.29 46.07 3.97
N ALA E 111 30.53 46.52 2.73
CA ALA E 111 30.17 47.87 2.33
C ALA E 111 29.07 47.82 1.28
N LEU E 112 27.87 47.44 1.73
CA LEU E 112 26.76 47.15 0.84
C LEU E 112 25.66 48.20 0.92
N ASP E 113 26.01 49.43 1.35
CA ASP E 113 24.99 50.47 1.56
C ASP E 113 24.14 50.74 0.31
N ASP E 114 24.73 50.55 -0.87
CA ASP E 114 24.01 50.94 -2.08
C ASP E 114 22.99 49.93 -2.58
N VAL E 115 22.94 48.74 -1.97
CA VAL E 115 21.95 47.74 -2.36
C VAL E 115 20.60 48.09 -1.76
N ALA E 116 19.62 48.27 -2.63
CA ALA E 116 18.27 48.56 -2.15
C ALA E 116 17.48 47.26 -2.02
N VAL E 117 16.74 47.14 -0.92
CA VAL E 117 15.86 45.99 -0.64
C VAL E 117 14.39 46.44 -0.59
N ASN E 118 13.60 45.87 -1.39
CA ASN E 118 12.18 46.24 -1.58
C ASN E 118 11.39 46.31 -0.26
N ASN E 119 10.68 47.38 -0.06
CA ASN E 119 9.87 47.59 1.16
C ASN E 119 10.62 47.45 2.51
N ARG E 120 11.93 47.62 2.52
CA ARG E 120 12.70 47.65 3.76
C ARG E 120 13.48 48.95 3.78
N ASP E 121 13.57 49.66 4.96
CA ASP E 121 14.39 50.89 5.03
C ASP E 121 15.87 50.51 4.97
N ALA E 122 16.65 51.43 4.55
CA ALA E 122 18.03 51.09 4.23
C ALA E 122 18.92 50.83 5.45
N HIS E 123 18.39 51.09 6.66
CA HIS E 123 19.18 50.93 7.89
C HIS E 123 18.70 49.83 8.83
N TYR E 124 17.41 49.80 9.15
CA TYR E 124 16.92 48.79 10.11
C TYR E 124 16.47 47.51 9.42
N GLY E 125 15.47 47.60 8.57
CA GLY E 125 14.89 46.38 7.99
C GLY E 125 15.89 45.62 7.13
N LYS E 126 16.66 46.35 6.32
CA LYS E 126 17.65 45.71 5.44
C LYS E 126 18.66 44.90 6.24
N TYR E 127 19.14 45.51 7.33
CA TYR E 127 20.20 44.90 8.11
C TYR E 127 19.70 43.91 9.14
N ARG E 128 18.42 43.98 9.52
CA ARG E 128 17.83 42.86 10.28
C ARG E 128 18.02 41.55 9.51
N LEU E 129 17.77 41.61 8.21
CA LEU E 129 17.79 40.43 7.37
C LEU E 129 19.23 39.99 7.15
N LEU E 130 20.09 40.95 6.82
CA LEU E 130 21.51 40.63 6.59
C LEU E 130 22.14 40.04 7.85
N ALA E 131 21.95 40.68 9.02
CA ALA E 131 22.64 40.25 10.22
C ALA E 131 22.18 38.88 10.66
N GLU E 132 20.90 38.62 10.67
CA GLU E 132 20.39 37.31 10.99
C GLU E 132 20.90 36.21 10.05
N THR E 133 20.93 36.47 8.74
CA THR E 133 21.45 35.51 7.80
C THR E 133 22.93 35.21 8.09
N LEU E 134 23.71 36.27 8.29
CA LEU E 134 25.12 36.09 8.58
C LEU E 134 25.34 35.28 9.88
N LEU E 135 24.67 35.67 10.95
CA LEU E 135 24.89 35.05 12.27
C LEU E 135 24.32 33.63 12.35
N ASP E 136 23.10 33.46 11.86
CA ASP E 136 22.49 32.12 11.87
C ASP E 136 23.28 31.20 10.92
N GLY E 137 23.85 31.77 9.86
CA GLY E 137 24.70 31.00 8.92
C GLY E 137 26.00 30.45 9.50
N GLU E 138 26.48 30.94 10.58
CA GLU E 138 27.63 30.43 11.35
C GLU E 138 27.29 29.14 12.08
N TYR E 139 26.04 28.78 12.18
CA TYR E 139 25.64 27.65 12.98
C TYR E 139 26.34 26.36 12.56
N VAL E 140 26.82 25.63 13.58
CA VAL E 140 27.48 24.34 13.42
C VAL E 140 26.93 23.41 14.51
N PHE E 141 26.57 22.19 14.09
CA PHE E 141 26.16 21.14 15.04
C PHE E 141 27.04 19.90 14.80
N ASP E 142 28.24 19.95 15.36
CA ASP E 142 29.23 18.87 15.11
C ASP E 142 29.54 18.07 16.36
N ARG E 143 28.68 18.22 17.39
CA ARG E 143 28.70 17.53 18.70
C ARG E 143 29.02 16.02 18.54
N PHE E 144 28.42 15.41 17.52
CA PHE E 144 28.48 13.94 17.38
C PHE E 144 29.45 13.49 16.31
N LYS E 145 30.22 14.42 15.76
CA LYS E 145 31.24 14.07 14.79
C LYS E 145 32.56 13.79 15.49
N SER E 146 33.23 12.73 15.09
CA SER E 146 34.61 12.48 15.52
C SER E 146 35.61 13.47 14.92
N GLN E 147 35.41 13.89 13.79
CA GLN E 147 36.18 14.96 13.15
C GLN E 147 35.36 16.26 13.16
N LYS E 148 35.90 17.19 13.81
CA LYS E 148 35.20 18.47 13.99
C LYS E 148 35.48 19.42 12.84
N VAL E 149 34.53 20.28 12.57
CA VAL E 149 34.75 21.40 11.72
C VAL E 149 35.95 22.17 12.36
N GLU E 150 37.09 22.19 11.71
CA GLU E 150 38.22 23.02 12.17
C GLU E 150 37.73 24.44 12.11
N PRO E 151 37.90 25.13 13.23
CA PRO E 151 37.26 26.44 13.38
C PRO E 151 37.63 27.33 12.21
N ARG E 152 36.74 28.25 11.91
CA ARG E 152 36.96 29.14 10.80
C ARG E 152 37.77 30.33 11.25
N ALA E 153 38.51 30.92 10.32
CA ALA E 153 39.33 32.07 10.64
C ALA E 153 38.46 33.32 10.87
N LEU E 154 37.32 33.40 10.17
CA LEU E 154 36.50 34.60 10.25
C LEU E 154 35.88 34.81 11.64
N LYS E 155 36.31 35.85 12.34
CA LYS E 155 35.85 36.06 13.71
C LYS E 155 35.10 37.39 13.92
N LYS E 156 35.18 38.28 12.93
CA LYS E 156 34.60 39.61 13.04
C LYS E 156 34.13 40.12 11.70
N VAL E 157 32.95 40.74 11.68
CA VAL E 157 32.47 41.43 10.50
C VAL E 157 32.08 42.84 10.88
N THR E 158 32.51 43.79 10.06
CA THR E 158 32.10 45.17 10.24
C THR E 158 31.15 45.57 9.13
N LEU E 159 30.00 46.18 9.48
CA LEU E 159 29.08 46.73 8.48
C LEU E 159 29.31 48.23 8.33
N LEU E 160 29.47 48.72 7.09
CA LEU E 160 29.63 50.16 6.89
C LEU E 160 28.32 50.79 6.50
N ALA E 161 27.99 51.88 7.19
CA ALA E 161 26.81 52.67 6.88
C ALA E 161 27.21 54.14 6.99
N ASP E 162 26.41 55.06 6.46
CA ASP E 162 26.66 56.48 6.74
C ASP E 162 26.34 56.83 8.21
N LYS E 163 26.80 57.99 8.67
CA LYS E 163 26.67 58.34 10.09
C LYS E 163 25.22 58.46 10.53
N ALA E 164 24.36 58.96 9.63
CA ALA E 164 22.93 59.14 9.89
C ALA E 164 22.24 57.80 10.19
N GLY E 165 22.69 56.75 9.50
CA GLY E 165 22.06 55.44 9.59
C GLY E 165 22.67 54.50 10.60
N GLN E 166 23.79 54.90 11.20
CA GLN E 166 24.55 54.01 12.07
C GLN E 166 23.76 53.43 13.26
N ALA E 167 23.01 54.29 13.95
CA ALA E 167 22.29 53.86 15.16
C ALA E 167 21.19 52.83 14.82
N GLU E 168 20.53 53.02 13.68
CA GLU E 168 19.51 52.09 13.20
C GLU E 168 20.11 50.77 12.73
N VAL E 169 21.29 50.81 12.09
CA VAL E 169 21.98 49.55 11.75
C VAL E 169 22.38 48.81 13.03
N GLU E 170 22.83 49.55 14.06
CA GLU E 170 23.23 48.95 15.33
C GLU E 170 22.02 48.32 16.00
N ARG E 171 20.86 48.97 15.89
CA ARG E 171 19.67 48.41 16.50
C ARG E 171 19.28 47.11 15.80
N ALA E 172 19.39 47.11 14.48
CA ALA E 172 19.13 45.90 13.68
C ALA E 172 20.08 44.78 14.09
N VAL E 173 21.38 45.09 14.23
CA VAL E 173 22.35 44.10 14.69
C VAL E 173 22.03 43.53 16.10
N LYS E 174 21.63 44.40 17.04
CA LYS E 174 21.27 43.98 18.40
C LYS E 174 20.09 43.00 18.36
N HIS E 175 19.07 43.35 17.59
CA HIS E 175 17.89 42.49 17.49
C HIS E 175 18.18 41.20 16.75
N ALA E 176 18.87 41.30 15.61
CA ALA E 176 19.26 40.07 14.84
C ALA E 176 20.14 39.16 15.69
N SER E 177 21.05 39.73 16.47
CA SER E 177 21.93 38.91 17.30
C SER E 177 21.14 38.13 18.34
N ALA E 178 20.17 38.79 18.97
CA ALA E 178 19.34 38.10 19.97
C ALA E 178 18.55 36.97 19.30
N ILE E 179 17.94 37.30 18.15
CA ILE E 179 17.21 36.28 17.36
C ILE E 179 18.08 35.11 16.96
N ALA E 180 19.28 35.40 16.41
CA ALA E 180 20.20 34.33 15.98
C ALA E 180 20.67 33.48 17.17
N THR E 181 20.90 34.09 18.34
CA THR E 181 21.32 33.33 19.51
C THR E 181 20.18 32.43 19.98
N GLY E 182 18.95 32.94 19.96
CA GLY E 182 17.79 32.11 20.27
C GLY E 182 17.66 30.97 19.27
N MET E 183 17.76 31.31 17.97
CA MET E 183 17.69 30.27 16.94
C MET E 183 18.73 29.18 17.13
N ALA E 184 19.94 29.53 17.56
CA ALA E 184 20.99 28.50 17.73
C ALA E 184 20.61 27.54 18.84
N PHE E 185 19.99 28.07 19.89
CA PHE E 185 19.52 27.25 21.01
C PHE E 185 18.40 26.31 20.55
N THR E 186 17.43 26.88 19.83
CA THR E 186 16.36 26.08 19.23
C THR E 186 16.87 24.98 18.33
N ARG E 187 17.82 25.35 17.45
CA ARG E 187 18.32 24.37 16.50
C ARG E 187 19.06 23.26 17.21
N ASP E 188 19.86 23.60 18.22
CA ASP E 188 20.59 22.59 19.01
C ASP E 188 19.60 21.60 19.64
N LEU E 189 18.55 22.13 20.30
CA LEU E 189 17.59 21.24 20.97
C LEU E 189 16.84 20.35 19.95
N GLY E 190 16.47 20.92 18.80
CA GLY E 190 15.84 20.16 17.71
C GLY E 190 16.76 19.07 17.19
N ASN E 191 18.01 19.45 16.92
CA ASN E 191 18.95 18.52 16.29
C ASN E 191 19.41 17.40 17.26
N LEU E 192 19.34 17.62 18.57
CA LEU E 192 19.73 16.58 19.51
C LEU E 192 18.93 15.31 19.29
N PRO E 193 19.59 14.14 19.33
CA PRO E 193 18.85 12.88 19.12
C PRO E 193 17.96 12.54 20.31
N PRO E 194 16.91 11.75 20.09
CA PRO E 194 15.85 11.58 21.09
C PRO E 194 16.26 10.72 22.27
N ASN E 195 17.30 9.92 22.08
CA ASN E 195 17.84 9.15 23.22
C ASN E 195 18.49 10.07 24.26
N LEU E 196 18.90 11.27 23.84
CA LEU E 196 19.47 12.26 24.77
C LEU E 196 18.47 13.35 25.09
N CYS E 197 17.78 13.86 24.11
CA CYS E 197 16.82 14.93 24.26
C CYS E 197 15.41 14.38 24.52
N HIS E 198 15.16 14.10 25.78
CA HIS E 198 13.90 13.61 26.28
C HIS E 198 13.29 14.65 27.29
N PRO E 199 12.09 14.43 27.77
CA PRO E 199 11.49 15.48 28.60
C PRO E 199 12.32 15.84 29.83
N SER E 200 12.94 14.88 30.50
CA SER E 200 13.77 15.22 31.69
C SER E 200 14.98 16.04 31.28
N PHE E 201 15.58 15.76 30.12
CA PHE E 201 16.66 16.60 29.61
C PHE E 201 16.20 18.04 29.42
N LEU E 202 15.04 18.23 28.80
CA LEU E 202 14.53 19.58 28.60
C LEU E 202 14.27 20.28 29.95
N ALA E 203 13.80 19.50 30.94
CA ALA E 203 13.59 20.05 32.28
C ALA E 203 14.91 20.54 32.87
N GLU E 204 15.99 19.77 32.66
CA GLU E 204 17.30 20.18 33.19
C GLU E 204 17.80 21.44 32.48
N GLN E 205 17.56 21.52 31.17
CA GLN E 205 17.94 22.73 30.43
C GLN E 205 17.22 23.96 30.99
N ALA E 206 15.94 23.81 31.29
CA ALA E 206 15.14 24.90 31.85
C ALA E 206 15.66 25.29 33.24
N LYS E 207 15.93 24.30 34.07
CA LYS E 207 16.48 24.63 35.40
C LYS E 207 17.82 25.36 35.29
N GLU E 208 18.65 24.98 34.39
CA GLU E 208 19.94 25.65 34.16
C GLU E 208 19.72 27.08 33.72
N LEU E 209 18.79 27.29 32.82
CA LEU E 209 18.46 28.63 32.36
C LEU E 209 17.95 29.53 33.51
N GLY E 210 17.11 28.95 34.39
CA GLY E 210 16.58 29.68 35.51
C GLY E 210 17.69 30.15 36.44
N LYS E 211 18.68 29.30 36.65
CA LYS E 211 19.81 29.65 37.54
C LYS E 211 20.64 30.79 36.97
N ALA E 212 20.66 30.92 35.64
CA ALA E 212 21.52 31.90 34.97
C ALA E 212 20.91 33.30 34.88
N HIS E 213 19.62 33.44 35.19
CA HIS E 213 18.89 34.69 34.93
C HIS E 213 18.01 35.14 36.09
N LYS E 214 18.29 36.31 36.65
CA LYS E 214 17.56 36.75 37.85
C LYS E 214 16.04 36.90 37.67
N ALA E 215 15.62 37.39 36.50
CA ALA E 215 14.21 37.70 36.25
C ALA E 215 13.44 36.45 35.84
N LEU E 216 14.10 35.29 35.85
CA LEU E 216 13.47 34.04 35.44
C LEU E 216 13.25 33.05 36.57
N LYS E 217 12.02 32.57 36.70
CA LYS E 217 11.69 31.53 37.69
C LYS E 217 11.18 30.28 36.96
N VAL E 218 11.74 29.14 37.28
CA VAL E 218 11.43 27.85 36.61
C VAL E 218 10.81 26.88 37.60
N GLU E 219 9.72 26.25 37.20
CA GLU E 219 9.06 25.17 37.94
C GLU E 219 8.92 23.99 36.99
N VAL E 220 9.18 22.80 37.47
CA VAL E 220 8.99 21.60 36.63
C VAL E 220 7.97 20.71 37.29
N LEU E 221 6.91 20.37 36.54
CA LEU E 221 5.84 19.49 37.04
C LEU E 221 6.09 18.10 36.45
N ASP E 222 6.22 17.11 37.32
CA ASP E 222 6.46 15.75 36.88
C ASP E 222 5.17 14.99 36.54
N GLU E 223 5.28 13.76 36.38
CA GLU E 223 4.16 12.99 35.87
C GLU E 223 3.01 12.83 36.88
N LYS E 224 3.43 12.66 38.09
CA LYS E 224 2.45 12.57 39.15
C LYS E 224 1.68 13.89 39.26
N LYS E 225 2.37 15.02 39.18
CA LYS E 225 1.71 16.32 39.26
C LYS E 225 0.74 16.54 38.09
N ILE E 226 1.18 16.18 36.89
CA ILE E 226 0.33 16.28 35.72
C ILE E 226 -0.96 15.46 35.92
N LYS E 227 -0.80 14.22 36.39
CA LYS E 227 -1.98 13.38 36.65
C LYS E 227 -2.89 13.98 37.73
N ASP E 228 -2.28 14.43 38.81
CA ASP E 228 -3.02 14.98 39.96
C ASP E 228 -3.74 16.28 39.66
N LEU E 229 -3.21 17.08 38.73
CA LEU E 229 -3.91 18.27 38.28
C LEU E 229 -5.13 17.94 37.40
N GLY E 230 -5.27 16.66 37.04
CA GLY E 230 -6.39 16.22 36.22
C GLY E 230 -6.14 16.29 34.72
N MET E 231 -4.86 16.36 34.35
CA MET E 231 -4.49 16.49 32.92
C MET E 231 -4.50 15.10 32.28
N GLY E 232 -5.69 14.56 32.06
CA GLY E 232 -5.87 13.19 31.59
C GLY E 232 -5.37 12.99 30.18
N ALA E 233 -5.44 14.06 29.38
CA ALA E 233 -4.97 13.91 28.00
C ALA E 233 -3.44 13.93 27.88
N PHE E 234 -2.81 14.88 28.59
CA PHE E 234 -1.36 14.96 28.64
C PHE E 234 -0.82 13.63 29.24
N TYR E 235 -1.39 13.19 30.36
CA TYR E 235 -0.90 11.94 31.00
C TYR E 235 -1.02 10.75 30.01
N ALA E 236 -2.13 10.70 29.28
CA ALA E 236 -2.33 9.56 28.36
C ALA E 236 -1.21 9.50 27.30
N VAL E 237 -0.73 10.65 26.83
CA VAL E 237 0.30 10.63 25.79
C VAL E 237 1.58 10.00 26.36
N GLY E 238 1.93 10.45 27.58
CA GLY E 238 3.23 10.08 28.13
C GLY E 238 3.36 8.69 28.66
N GLN E 239 2.24 8.00 28.92
CA GLN E 239 2.29 6.84 29.87
C GLN E 239 2.96 5.64 29.22
N GLY E 240 2.96 5.58 27.89
CA GLY E 240 3.55 4.44 27.19
C GLY E 240 5.06 4.36 27.23
N SER E 241 5.71 5.47 27.56
CA SER E 241 7.16 5.52 27.51
C SER E 241 7.83 5.25 28.86
N ASP E 242 9.06 4.75 28.80
CA ASP E 242 9.87 4.72 30.01
C ASP E 242 10.40 6.10 30.43
N GLN E 243 10.43 7.06 29.51
CA GLN E 243 10.80 8.44 29.84
C GLN E 243 9.53 9.22 30.21
N PRO E 244 9.43 9.67 31.48
CA PRO E 244 8.19 10.32 31.90
C PRO E 244 8.02 11.73 31.35
N PRO E 245 6.77 12.21 31.30
CA PRO E 245 6.54 13.55 30.79
C PRO E 245 6.91 14.64 31.79
N ARG E 246 6.98 15.85 31.29
CA ARG E 246 7.26 17.02 32.12
C ARG E 246 6.49 18.20 31.57
N LEU E 247 5.85 18.95 32.46
CA LEU E 247 5.31 20.27 32.08
C LEU E 247 6.25 21.31 32.72
N ILE E 248 6.93 22.05 31.87
CA ILE E 248 7.98 22.99 32.32
C ILE E 248 7.46 24.40 32.24
N VAL E 249 7.54 25.13 33.36
CA VAL E 249 7.05 26.51 33.39
C VAL E 249 8.26 27.42 33.54
N LEU E 250 8.45 28.32 32.63
CA LEU E 250 9.47 29.33 32.74
C LEU E 250 8.83 30.71 32.74
N ASN E 251 8.98 31.39 33.87
CA ASN E 251 8.26 32.63 34.08
C ASN E 251 9.21 33.80 34.14
N TYR E 252 9.20 34.64 33.11
CA TYR E 252 10.10 35.79 33.03
C TYR E 252 9.31 37.02 33.34
N GLN E 253 9.66 37.65 34.45
CA GLN E 253 8.93 38.83 34.93
C GLN E 253 9.71 40.09 34.58
N GLY E 254 9.55 40.49 33.33
CA GLY E 254 10.28 41.62 32.77
C GLY E 254 9.48 42.90 32.79
N GLY E 255 8.17 42.78 32.98
CA GLY E 255 7.26 43.92 32.93
C GLY E 255 6.91 44.40 34.34
N LYS E 256 5.98 45.33 34.42
CA LYS E 256 5.41 45.70 35.72
C LYS E 256 4.63 44.51 36.29
N LYS E 257 4.62 44.39 37.62
CA LYS E 257 3.95 43.27 38.30
C LYS E 257 2.50 43.08 37.83
N ALA E 258 1.82 44.19 37.54
CA ALA E 258 0.41 44.19 37.19
C ALA E 258 0.15 43.98 35.70
N ASP E 259 1.21 44.03 34.88
CA ASP E 259 1.07 43.80 33.43
C ASP E 259 0.64 42.36 33.16
N LYS E 260 -0.40 42.19 32.34
CA LYS E 260 -0.88 40.84 31.97
C LYS E 260 0.22 40.18 31.12
N PRO E 261 0.49 38.89 31.39
CA PRO E 261 1.58 38.25 30.63
C PRO E 261 1.19 37.78 29.24
N PHE E 262 2.21 37.58 28.43
CA PHE E 262 2.13 36.82 27.20
C PHE E 262 2.53 35.40 27.54
N VAL E 263 1.73 34.42 27.10
CA VAL E 263 2.03 33.00 27.35
C VAL E 263 2.38 32.30 26.04
N LEU E 264 3.53 31.64 26.01
CA LEU E 264 3.88 30.80 24.85
C LEU E 264 3.83 29.34 25.28
N VAL E 265 3.03 28.54 24.57
CA VAL E 265 2.85 27.12 24.86
C VAL E 265 3.52 26.31 23.76
N GLY E 266 4.55 25.54 24.11
CA GLY E 266 5.23 24.77 23.05
C GLY E 266 5.00 23.29 23.15
N LYS E 267 4.72 22.65 22.02
CA LYS E 267 4.64 21.18 21.96
C LYS E 267 6.07 20.59 22.08
N GLY E 268 6.26 19.78 23.11
CA GLY E 268 7.56 19.16 23.37
C GLY E 268 7.50 17.66 23.30
N ILE E 269 7.03 17.13 22.16
CA ILE E 269 7.05 15.68 21.98
C ILE E 269 8.46 15.30 21.52
N THR E 270 9.24 14.75 22.44
CA THR E 270 10.68 14.56 22.15
C THR E 270 10.93 13.45 21.14
N PHE E 271 10.00 12.52 21.04
CA PHE E 271 10.00 11.63 19.87
C PHE E 271 8.59 11.14 19.68
N ASP E 272 8.11 11.18 18.42
CA ASP E 272 6.75 10.74 18.14
C ASP E 272 6.77 9.45 17.29
N THR E 273 6.62 8.28 17.96
CA THR E 273 6.48 7.02 17.17
C THR E 273 5.09 6.86 16.62
N GLY E 274 4.13 7.67 17.07
CA GLY E 274 2.70 7.44 16.81
C GLY E 274 2.05 6.68 17.97
N GLY E 275 2.84 5.94 18.77
CA GLY E 275 2.29 5.07 19.83
C GLY E 275 1.68 3.81 19.20
N ILE E 276 0.58 3.35 19.79
CA ILE E 276 -0.06 2.12 19.31
C ILE E 276 -0.54 2.35 17.83
N SER E 277 -0.98 3.58 17.52
CA SER E 277 -1.21 4.01 16.14
C SER E 277 0.14 4.34 15.49
N LEU E 278 0.96 3.29 15.36
CA LEU E 278 2.37 3.44 15.02
C LEU E 278 2.60 4.03 13.63
N LYS E 279 3.56 4.95 13.55
CA LYS E 279 3.94 5.52 12.25
C LYS E 279 4.67 4.50 11.37
N PRO E 280 4.67 4.71 10.06
CA PRO E 280 5.58 3.91 9.22
C PRO E 280 7.04 4.21 9.50
N GLY E 281 7.91 3.29 9.11
CA GLY E 281 9.34 3.50 9.42
C GLY E 281 9.97 4.61 8.60
N ALA E 282 9.55 4.80 7.34
CA ALA E 282 10.24 5.74 6.45
C ALA E 282 10.21 7.15 7.00
N GLY E 283 11.40 7.74 7.19
CA GLY E 283 11.50 9.13 7.66
C GLY E 283 11.14 9.33 9.10
N MET E 284 11.02 8.25 9.86
CA MET E 284 10.56 8.43 11.26
C MET E 284 11.60 9.16 12.12
N ASP E 285 12.84 9.10 11.70
CA ASP E 285 13.89 9.80 12.46
C ASP E 285 13.57 11.30 12.61
N GLU E 286 12.80 11.84 11.69
CA GLU E 286 12.60 13.27 11.77
C GLU E 286 11.62 13.63 12.87
N MET E 287 11.03 12.62 13.47
CA MET E 287 10.19 12.92 14.60
C MET E 287 10.95 13.33 15.87
N LYS E 288 12.27 13.36 15.82
CA LYS E 288 13.02 14.00 16.90
C LYS E 288 12.78 15.51 16.87
N TYR E 289 12.24 16.02 15.76
CA TYR E 289 11.91 17.44 15.66
C TYR E 289 10.53 17.79 16.19
N ASP E 290 9.86 16.80 16.78
CA ASP E 290 8.45 17.02 17.20
C ASP E 290 8.38 17.78 18.50
N MET E 291 9.57 18.16 19.00
CA MET E 291 9.69 19.07 20.14
C MET E 291 10.14 20.46 19.70
N CYS E 292 10.11 20.73 18.38
CA CYS E 292 10.53 22.05 17.87
C CYS E 292 9.64 23.20 18.33
N GLY E 293 8.38 22.92 18.70
CA GLY E 293 7.51 23.98 19.26
C GLY E 293 8.10 24.42 20.59
N ALA E 294 8.31 23.45 21.49
CA ALA E 294 9.00 23.75 22.76
C ALA E 294 10.38 24.38 22.53
N ALA E 295 11.15 23.86 21.58
CA ALA E 295 12.48 24.42 21.33
C ALA E 295 12.38 25.85 20.87
N SER E 296 11.38 26.18 20.05
CA SER E 296 11.23 27.57 19.62
C SER E 296 10.80 28.51 20.75
N VAL E 297 10.11 27.96 21.75
CA VAL E 297 9.75 28.77 22.94
C VAL E 297 11.04 29.03 23.75
N PHE E 298 11.87 27.99 23.96
CA PHE E 298 13.17 28.18 24.60
C PHE E 298 13.99 29.26 23.88
N GLY E 299 14.01 29.21 22.55
CA GLY E 299 14.86 30.11 21.73
C GLY E 299 14.31 31.54 21.81
N THR E 300 12.98 31.69 21.77
CA THR E 300 12.37 33.02 21.89
C THR E 300 12.64 33.59 23.28
N LEU E 301 12.47 32.77 24.32
CA LEU E 301 12.82 33.19 25.69
C LEU E 301 14.28 33.61 25.77
N ARG E 302 15.20 32.85 25.17
CA ARG E 302 16.62 33.24 25.18
C ARG E 302 16.81 34.61 24.51
N ALA E 303 16.13 34.84 23.40
CA ALA E 303 16.24 36.16 22.77
C ALA E 303 15.70 37.28 23.66
N VAL E 304 14.56 37.05 24.30
CA VAL E 304 13.95 38.05 25.18
C VAL E 304 14.86 38.34 26.35
N LEU E 305 15.49 37.30 26.90
CA LEU E 305 16.44 37.51 28.00
C LEU E 305 17.62 38.38 27.55
N GLU E 306 18.11 38.12 26.39
CA GLU E 306 19.22 38.89 25.81
C GLU E 306 18.84 40.36 25.60
N LEU E 307 17.69 40.60 25.22
CA LEU E 307 17.20 41.94 24.97
C LEU E 307 16.63 42.63 26.21
N GLN E 308 16.41 41.83 27.27
CA GLN E 308 15.79 42.28 28.50
C GLN E 308 14.49 43.05 28.23
N LEU E 309 13.62 42.47 27.40
CA LEU E 309 12.37 43.17 27.06
C LEU E 309 11.52 43.35 28.30
N PRO E 310 10.84 44.50 28.39
CA PRO E 310 10.05 44.78 29.56
C PRO E 310 8.63 44.24 29.44
N VAL E 311 8.53 42.91 29.32
CA VAL E 311 7.24 42.23 29.25
C VAL E 311 7.25 41.08 30.22
N ASN E 312 6.07 40.66 30.66
CA ASN E 312 5.94 39.45 31.46
C ASN E 312 5.67 38.32 30.45
N LEU E 313 6.55 37.32 30.43
CA LEU E 313 6.45 36.19 29.48
C LEU E 313 6.44 34.89 30.25
N VAL E 314 5.37 34.11 30.11
CA VAL E 314 5.28 32.82 30.74
C VAL E 314 5.38 31.74 29.66
N CYS E 315 6.36 30.86 29.79
CA CYS E 315 6.59 29.80 28.80
C CYS E 315 6.15 28.49 29.41
N LEU E 316 5.33 27.75 28.66
CA LEU E 316 4.83 26.44 29.11
C LEU E 316 5.24 25.39 28.10
N LEU E 317 6.08 24.44 28.52
CA LEU E 317 6.60 23.41 27.58
C LEU E 317 5.96 22.10 27.94
N ALA E 318 5.14 21.57 27.03
CA ALA E 318 4.36 20.34 27.29
C ALA E 318 5.13 19.18 26.67
N CYS E 319 5.91 18.50 27.51
CA CYS E 319 6.88 17.52 27.01
C CYS E 319 6.52 16.08 27.37
N ALA E 320 6.63 15.20 26.37
CA ALA E 320 6.35 13.77 26.56
C ALA E 320 7.04 13.03 25.44
N GLU E 321 7.10 11.74 25.66
CA GLU E 321 7.71 10.97 24.57
C GLU E 321 6.70 9.93 24.17
N ASN E 322 6.23 9.79 22.88
CA ASN E 322 5.08 8.96 22.49
C ASN E 322 5.59 7.60 21.97
N MET E 323 5.44 6.56 22.79
CA MET E 323 6.01 5.23 22.51
C MET E 323 4.94 4.15 22.60
N PRO E 324 5.10 3.06 21.82
CA PRO E 324 4.21 1.90 21.97
C PRO E 324 4.73 1.03 23.09
N SER E 325 3.83 0.37 23.82
CA SER E 325 4.25 -0.53 24.92
C SER E 325 3.03 -1.21 25.48
N GLY E 326 3.26 -2.07 26.46
CA GLY E 326 2.16 -2.80 27.09
C GLY E 326 1.28 -1.96 28.00
N GLY E 327 1.75 -0.73 28.28
CA GLY E 327 1.02 0.22 29.13
C GLY E 327 0.64 1.49 28.39
N ALA E 328 0.78 1.49 27.07
CA ALA E 328 0.45 2.68 26.27
C ALA E 328 -1.05 2.89 26.12
N THR E 329 -1.40 4.14 25.88
CA THR E 329 -2.77 4.50 25.53
C THR E 329 -3.18 3.74 24.23
N ARG E 330 -4.46 3.30 24.22
CA ARG E 330 -5.06 2.62 23.05
C ARG E 330 -6.00 3.53 22.31
N PRO E 331 -6.09 3.40 21.00
CA PRO E 331 -7.23 3.96 20.26
C PRO E 331 -8.56 3.53 20.91
N GLY E 332 -9.45 4.51 21.15
CA GLY E 332 -10.72 4.22 21.81
C GLY E 332 -10.70 4.56 23.29
N ASP E 333 -9.52 4.82 23.86
CA ASP E 333 -9.51 5.25 25.30
C ASP E 333 -10.26 6.57 25.43
N ILE E 334 -10.91 6.76 26.56
CA ILE E 334 -11.59 8.05 26.86
C ILE E 334 -10.97 8.60 28.14
N VAL E 335 -10.53 9.85 28.06
CA VAL E 335 -9.84 10.49 29.20
C VAL E 335 -10.57 11.79 29.59
N THR E 336 -10.41 12.18 30.85
CA THR E 336 -10.94 13.46 31.31
C THR E 336 -9.82 14.49 31.34
N THR E 337 -10.01 15.58 30.60
CA THR E 337 -9.01 16.64 30.53
C THR E 337 -9.13 17.52 31.78
N MET E 338 -8.12 18.35 32.00
CA MET E 338 -8.10 19.24 33.20
C MET E 338 -9.35 20.16 33.20
N SER E 339 -9.78 20.55 32.00
CA SER E 339 -10.96 21.42 31.82
C SER E 339 -12.25 20.73 32.20
N GLY E 340 -12.20 19.42 32.34
CA GLY E 340 -13.40 18.60 32.60
C GLY E 340 -14.00 17.98 31.35
N GLN E 341 -13.71 18.49 30.17
CA GLN E 341 -14.15 17.93 28.87
C GLN E 341 -13.50 16.56 28.74
N THR E 342 -14.33 15.67 28.24
CA THR E 342 -13.80 14.33 27.93
C THR E 342 -13.36 14.23 26.48
N VAL E 343 -12.32 13.45 26.27
CA VAL E 343 -11.80 13.25 24.91
C VAL E 343 -11.66 11.74 24.62
N GLU E 344 -12.22 11.35 23.49
CA GLU E 344 -12.00 10.00 22.94
C GLU E 344 -10.75 10.05 22.09
N ILE E 345 -9.73 9.27 22.48
CA ILE E 345 -8.46 9.22 21.75
C ILE E 345 -8.59 8.17 20.68
N LEU E 346 -9.04 8.60 19.50
CA LEU E 346 -9.28 7.69 18.38
C LEU E 346 -7.98 7.28 17.71
N ASN E 347 -6.96 8.15 17.77
CA ASN E 347 -5.69 7.82 17.13
C ASN E 347 -4.60 8.34 18.05
N THR E 348 -3.70 7.46 18.48
CA THR E 348 -2.70 7.86 19.47
C THR E 348 -1.57 8.71 18.86
N ASP E 349 -1.61 8.81 17.53
CA ASP E 349 -0.64 9.65 16.82
C ASP E 349 -1.17 11.10 16.65
N ALA E 350 -2.37 11.38 17.15
CA ALA E 350 -2.80 12.80 17.26
C ALA E 350 -2.58 13.22 18.73
N GLU E 351 -1.30 13.18 19.11
CA GLU E 351 -0.90 13.31 20.53
C GLU E 351 -0.49 14.72 20.93
N GLY E 352 0.01 15.52 19.99
CA GLY E 352 0.42 16.89 20.33
C GLY E 352 -0.77 17.67 20.83
N ARG E 353 -1.91 17.53 20.19
CA ARG E 353 -3.08 18.29 20.63
C ARG E 353 -3.54 17.87 22.02
N LEU E 354 -3.24 16.61 22.41
CA LEU E 354 -3.59 16.14 23.77
C LEU E 354 -2.71 16.75 24.84
N VAL E 355 -1.39 16.80 24.62
CA VAL E 355 -0.58 17.48 25.64
C VAL E 355 -0.87 18.99 25.66
N LEU E 356 -1.16 19.58 24.49
CA LEU E 356 -1.43 21.02 24.41
C LEU E 356 -2.73 21.39 25.06
N CYS E 357 -3.78 20.54 24.94
CA CYS E 357 -5.09 20.99 25.43
C CYS E 357 -5.06 21.18 26.95
N ASP E 358 -4.38 20.27 27.67
CA ASP E 358 -4.30 20.38 29.12
C ASP E 358 -3.43 21.54 29.52
N THR E 359 -2.41 21.82 28.72
CA THR E 359 -1.53 22.94 28.98
C THR E 359 -2.24 24.28 28.73
N LEU E 360 -3.11 24.33 27.73
CA LEU E 360 -3.93 25.51 27.50
C LEU E 360 -4.84 25.75 28.72
N THR E 361 -5.41 24.72 29.34
CA THR E 361 -6.22 24.95 30.53
C THR E 361 -5.33 25.46 31.65
N TYR E 362 -4.12 24.92 31.75
CA TYR E 362 -3.17 25.31 32.82
C TYR E 362 -2.88 26.80 32.70
N ALA E 363 -2.79 27.30 31.46
CA ALA E 363 -2.39 28.69 31.20
C ALA E 363 -3.41 29.70 31.74
N GLU E 364 -4.65 29.28 31.98
CA GLU E 364 -5.67 30.25 32.45
C GLU E 364 -5.24 30.92 33.74
N ARG E 365 -4.50 30.20 34.60
CA ARG E 365 -4.11 30.79 35.90
C ARG E 365 -3.31 32.09 35.80
N PHE E 366 -2.62 32.29 34.68
CA PHE E 366 -1.78 33.46 34.50
C PHE E 366 -2.54 34.72 34.11
N LYS E 367 -3.85 34.58 33.85
CA LYS E 367 -4.70 35.71 33.39
C LYS E 367 -4.03 36.48 32.27
N PRO E 368 -3.70 35.76 31.17
CA PRO E 368 -2.86 36.37 30.14
C PRO E 368 -3.58 37.33 29.21
N GLN E 369 -2.85 38.21 28.59
CA GLN E 369 -3.37 39.00 27.51
C GLN E 369 -3.29 38.34 26.12
N ALA E 370 -2.47 37.31 26.00
CA ALA E 370 -2.36 36.54 24.74
C ALA E 370 -1.76 35.22 25.11
N VAL E 371 -2.29 34.16 24.49
CA VAL E 371 -1.69 32.81 24.61
C VAL E 371 -1.45 32.30 23.20
N ILE E 372 -0.22 31.93 22.92
CA ILE E 372 0.14 31.42 21.59
C ILE E 372 0.74 30.05 21.75
N ASP E 373 0.25 29.14 21.10
CA ASP E 373 0.73 27.75 21.07
C ASP E 373 1.45 27.52 19.76
N ILE E 374 2.58 26.81 19.88
CA ILE E 374 3.46 26.52 18.72
C ILE E 374 3.72 25.05 18.71
N ALA E 375 3.40 24.41 17.58
CA ALA E 375 3.48 22.95 17.48
C ALA E 375 3.70 22.42 16.09
N THR E 376 4.51 21.37 16.00
CA THR E 376 4.70 20.61 14.76
C THR E 376 3.50 19.64 14.67
N LEU E 377 2.33 20.18 14.33
CA LEU E 377 1.12 19.46 14.64
C LEU E 377 0.56 18.56 13.54
N THR E 378 0.59 18.99 12.30
CA THR E 378 -0.10 18.24 11.26
C THR E 378 0.69 18.13 9.97
N GLY E 379 0.73 16.90 9.46
CA GLY E 379 1.21 16.70 8.10
C GLY E 379 0.34 17.47 7.13
N ALA E 380 -0.96 17.59 7.43
CA ALA E 380 -1.85 18.39 6.56
C ALA E 380 -1.33 19.83 6.39
N CYS E 381 -0.63 20.40 7.37
CA CYS E 381 -0.18 21.78 7.18
C CYS E 381 0.90 21.84 6.10
N ILE E 382 1.69 20.78 5.97
CA ILE E 382 2.70 20.74 4.92
C ILE E 382 2.00 20.60 3.55
N VAL E 383 0.91 19.85 3.52
CA VAL E 383 0.09 19.83 2.28
C VAL E 383 -0.50 21.21 1.90
N ALA E 384 -0.92 21.95 2.93
CA ALA E 384 -1.60 23.25 2.74
C ALA E 384 -0.65 24.38 2.44
N LEU E 385 0.46 24.46 3.18
CA LEU E 385 1.36 25.63 3.10
C LEU E 385 2.80 25.26 2.88
N GLY E 386 3.09 23.96 2.80
CA GLY E 386 4.45 23.55 2.47
C GLY E 386 5.53 23.92 3.48
N SER E 387 6.74 24.19 2.96
CA SER E 387 7.92 24.39 3.81
C SER E 387 8.16 25.86 4.15
N HIS E 388 7.40 26.77 3.53
CA HIS E 388 7.78 28.18 3.51
C HIS E 388 7.02 29.06 4.48
N THR E 389 5.83 28.63 4.86
CA THR E 389 4.92 29.52 5.59
C THR E 389 4.23 28.75 6.72
N THR E 390 4.29 29.29 7.94
CA THR E 390 3.67 28.63 9.11
C THR E 390 2.17 28.80 9.04
N GLY E 391 1.41 27.76 9.41
CA GLY E 391 -0.02 27.88 9.48
C GLY E 391 -0.44 28.57 10.76
N LEU E 392 -1.41 29.47 10.70
CA LEU E 392 -1.80 30.25 11.89
C LEU E 392 -3.33 30.27 12.02
N MET E 393 -3.83 30.02 13.24
CA MET E 393 -5.29 30.04 13.51
C MET E 393 -5.45 30.74 14.82
N GLY E 394 -6.66 31.22 15.14
CA GLY E 394 -6.83 31.79 16.47
C GLY E 394 -8.24 32.18 16.74
N ASN E 395 -8.47 32.66 17.96
CA ASN E 395 -9.83 33.08 18.35
C ASN E 395 -9.97 34.61 18.52
N ASN E 396 -8.95 35.35 18.09
CA ASN E 396 -8.86 36.81 18.19
C ASN E 396 -8.08 37.30 16.99
N ASP E 397 -8.96 38.10 16.25
CA ASP E 397 -8.45 38.54 14.97
C ASP E 397 -7.32 39.57 15.13
N ASP E 398 -7.32 40.33 16.21
CA ASP E 398 -6.28 41.32 16.41
C ASP E 398 -4.96 40.63 16.71
N LEU E 399 -5.01 39.59 17.54
CA LEU E 399 -3.83 38.80 17.84
C LEU E 399 -3.28 38.14 16.58
N VAL E 400 -4.17 37.48 15.84
CA VAL E 400 -3.73 36.83 14.60
C VAL E 400 -3.09 37.87 13.67
N GLY E 401 -3.68 39.07 13.55
CA GLY E 401 -3.13 40.12 12.69
C GLY E 401 -1.76 40.58 13.15
N GLN E 402 -1.58 40.69 14.47
CA GLN E 402 -0.27 41.04 15.04
C GLN E 402 0.81 40.01 14.70
N LEU E 403 0.43 38.74 14.73
CA LEU E 403 1.41 37.67 14.44
C LEU E 403 1.75 37.65 12.95
N LEU E 404 0.73 37.81 12.11
CA LEU E 404 0.99 37.89 10.67
C LEU E 404 1.93 39.06 10.36
N ASP E 405 1.67 40.23 10.96
CA ASP E 405 2.50 41.41 10.66
C ASP E 405 3.92 41.19 11.17
N ALA E 406 4.06 40.61 12.37
CA ALA E 406 5.37 40.28 12.89
C ALA E 406 6.10 39.35 11.91
N GLY E 407 5.40 38.34 11.38
CA GLY E 407 6.05 37.40 10.49
C GLY E 407 6.54 38.07 9.22
N LYS E 408 5.76 39.01 8.69
CA LYS E 408 6.15 39.71 7.48
C LYS E 408 7.41 40.52 7.75
N ARG E 409 7.43 41.29 8.84
CA ARG E 409 8.59 42.12 9.11
C ARG E 409 9.84 41.34 9.49
N ALA E 410 9.66 40.17 10.07
CA ALA E 410 10.78 39.31 10.44
C ALA E 410 11.22 38.42 9.29
N ASP E 411 10.50 38.42 8.16
CA ASP E 411 10.73 37.42 7.08
C ASP E 411 10.72 36.00 7.61
N ASP E 412 9.69 35.74 8.44
CA ASP E 412 9.41 34.39 8.97
C ASP E 412 7.88 34.26 8.88
N ARG E 413 7.37 34.12 7.66
CA ARG E 413 5.93 34.39 7.46
C ARG E 413 5.01 33.26 7.92
N ALA E 414 3.81 33.70 8.29
CA ALA E 414 2.73 32.78 8.59
C ALA E 414 1.57 33.12 7.68
N TRP E 415 0.52 32.32 7.76
CA TRP E 415 -0.66 32.55 6.93
C TRP E 415 -1.88 32.00 7.69
N GLN E 416 -2.93 32.81 7.75
CA GLN E 416 -4.10 32.37 8.50
C GLN E 416 -4.93 31.31 7.77
N LEU E 417 -5.45 30.35 8.53
CA LEU E 417 -6.49 29.41 8.08
C LEU E 417 -7.70 29.58 8.98
N PRO E 418 -8.89 29.33 8.43
CA PRO E 418 -10.14 29.67 9.18
C PRO E 418 -10.56 28.57 10.13
N LEU E 419 -11.08 28.96 11.29
CA LEU E 419 -11.66 27.96 12.21
C LEU E 419 -13.18 28.10 12.18
N PHE E 420 -13.76 28.02 10.98
CA PHE E 420 -15.21 28.16 10.86
C PHE E 420 -15.94 27.07 11.68
N ASP E 421 -17.09 27.43 12.23
CA ASP E 421 -17.79 26.50 13.12
C ASP E 421 -18.17 25.22 12.38
N GLU E 422 -18.38 25.28 11.06
CA GLU E 422 -18.73 24.08 10.28
C GLU E 422 -17.72 22.91 10.42
N TYR E 423 -16.45 23.22 10.67
CA TYR E 423 -15.43 22.19 10.82
C TYR E 423 -15.51 21.46 12.17
N GLN E 424 -16.10 22.11 13.25
CA GLN E 424 -16.18 21.50 14.59
C GLN E 424 -16.80 20.13 14.57
N GLU E 425 -17.86 19.95 13.83
CA GLU E 425 -18.62 18.70 13.94
C GLU E 425 -17.77 17.48 13.55
N GLN E 426 -16.76 17.71 12.88
CA GLN E 426 -15.80 16.67 12.45
C GLN E 426 -15.22 15.92 13.64
N LEU E 427 -15.16 16.64 14.79
CA LEU E 427 -14.57 16.11 16.02
C LEU E 427 -15.59 15.38 16.87
N ASP E 428 -16.85 15.36 16.47
CA ASP E 428 -17.88 14.74 17.29
C ASP E 428 -17.62 13.26 17.54
N SER E 429 -17.91 12.86 18.79
CA SER E 429 -17.80 11.48 19.24
C SER E 429 -19.15 11.07 19.78
N PRO E 430 -19.59 9.84 19.51
CA PRO E 430 -20.82 9.37 20.12
C PRO E 430 -20.70 9.12 21.59
N PHE E 431 -19.48 9.04 22.11
CA PHE E 431 -19.25 8.65 23.49
C PHE E 431 -18.79 9.79 24.39
N ALA E 432 -17.85 10.59 23.90
CA ALA E 432 -17.19 11.62 24.73
C ALA E 432 -17.57 13.02 24.24
N ASP E 433 -17.07 14.04 24.94
CA ASP E 433 -17.37 15.42 24.50
C ASP E 433 -16.78 15.77 23.14
N MET E 434 -15.68 15.09 22.79
CA MET E 434 -15.08 15.26 21.49
C MET E 434 -14.19 14.04 21.27
N GLY E 435 -13.91 13.79 19.99
CA GLY E 435 -12.77 12.94 19.63
C GLY E 435 -11.56 13.77 19.30
N ASN E 436 -10.40 13.10 19.14
CA ASN E 436 -9.18 13.86 18.87
C ASN E 436 -8.78 13.96 17.40
N ILE E 437 -9.61 13.44 16.52
CA ILE E 437 -9.34 13.49 15.08
C ILE E 437 -10.59 13.90 14.33
N GLY E 438 -10.36 14.51 13.17
CA GLY E 438 -11.49 14.95 12.30
C GLY E 438 -11.60 14.32 10.94
N GLY E 439 -10.79 13.30 10.68
CA GLY E 439 -10.81 12.66 9.36
C GLY E 439 -9.91 13.35 8.38
N PRO E 440 -9.99 12.94 7.10
CA PRO E 440 -9.00 13.33 6.11
C PRO E 440 -9.17 14.74 5.52
N LYS E 441 -10.31 15.37 5.80
CA LYS E 441 -10.54 16.71 5.26
C LYS E 441 -10.18 17.79 6.27
N ALA E 442 -9.47 18.81 5.80
CA ALA E 442 -9.16 20.00 6.62
C ALA E 442 -8.41 19.65 7.96
N GLY E 443 -7.37 18.82 7.87
CA GLY E 443 -6.67 18.30 9.06
C GLY E 443 -6.04 19.36 9.92
N THR E 444 -5.45 20.37 9.30
CA THR E 444 -4.76 21.40 10.07
C THR E 444 -5.82 22.23 10.79
N ILE E 445 -6.92 22.53 10.09
CA ILE E 445 -8.05 23.25 10.69
C ILE E 445 -8.72 22.48 11.82
N THR E 446 -8.96 21.17 11.64
CA THR E 446 -9.66 20.48 12.74
C THR E 446 -8.78 20.33 13.95
N ALA E 447 -7.46 20.23 13.79
CA ALA E 447 -6.56 20.23 14.96
C ALA E 447 -6.66 21.61 15.67
N GLY E 448 -6.66 22.69 14.90
CA GLY E 448 -6.91 24.01 15.53
C GLY E 448 -8.26 24.10 16.22
N CYS E 449 -9.29 23.50 15.58
CA CYS E 449 -10.63 23.51 16.19
C CYS E 449 -10.64 22.78 17.53
N PHE E 450 -9.94 21.63 17.56
CA PHE E 450 -9.82 20.86 18.79
C PHE E 450 -9.19 21.76 19.91
N LEU E 451 -8.08 22.42 19.58
CA LEU E 451 -7.42 23.26 20.56
C LEU E 451 -8.27 24.46 20.99
N SER E 452 -9.04 25.00 20.05
CA SER E 452 -9.85 26.19 20.35
C SER E 452 -10.83 25.90 21.50
N ARG E 453 -11.22 24.64 21.68
CA ARG E 453 -12.17 24.27 22.73
C ARG E 453 -11.60 24.42 24.14
N PHE E 454 -10.27 24.62 24.22
CA PHE E 454 -9.59 24.76 25.51
C PHE E 454 -9.05 26.16 25.72
N ALA E 455 -9.32 27.07 24.77
CA ALA E 455 -8.73 28.41 24.73
C ALA E 455 -9.77 29.51 24.90
N LYS E 456 -10.98 29.15 25.29
CA LYS E 456 -12.07 30.15 25.33
C LYS E 456 -11.90 31.26 26.38
N ALA E 457 -11.05 31.03 27.37
CA ALA E 457 -10.87 32.00 28.48
C ALA E 457 -9.99 33.21 28.14
N TYR E 458 -9.33 33.23 26.98
CA TYR E 458 -8.34 34.28 26.69
C TYR E 458 -8.15 34.43 25.18
N ASN E 459 -7.43 35.47 24.82
CA ASN E 459 -7.05 35.70 23.42
C ASN E 459 -5.96 34.69 23.06
N TRP E 460 -6.21 33.93 21.97
CA TRP E 460 -5.38 32.76 21.67
C TRP E 460 -5.10 32.61 20.19
N ALA E 461 -3.87 32.19 19.91
CA ALA E 461 -3.51 31.79 18.51
C ALA E 461 -2.72 30.49 18.58
N HIS E 462 -2.71 29.80 17.47
CA HIS E 462 -2.07 28.50 17.30
C HIS E 462 -1.25 28.54 16.01
N MET E 463 0.01 28.14 16.14
CA MET E 463 0.98 28.12 15.03
C MET E 463 1.38 26.69 14.77
N ASP E 464 1.07 26.21 13.57
CA ASP E 464 1.42 24.85 13.13
C ASP E 464 2.65 24.96 12.28
N ILE E 465 3.76 24.50 12.87
CA ILE E 465 5.11 24.67 12.29
C ILE E 465 5.64 23.34 11.76
N ALA E 466 4.72 22.42 11.48
CA ALA E 466 5.12 21.12 10.89
C ALA E 466 5.99 21.23 9.63
N GLY E 467 5.71 22.26 8.84
CA GLY E 467 6.45 22.46 7.60
C GLY E 467 7.64 23.35 7.69
N THR E 468 7.66 24.26 8.68
CA THR E 468 8.69 25.31 8.70
C THR E 468 9.81 25.05 9.73
N ALA E 469 9.61 24.07 10.63
CA ALA E 469 10.53 23.87 11.77
C ALA E 469 11.81 23.15 11.41
N TRP E 470 11.82 22.36 10.33
CA TRP E 470 13.06 21.68 9.94
C TRP E 470 13.08 21.39 8.46
N ILE E 471 14.30 21.14 7.98
CA ILE E 471 14.53 20.72 6.61
C ILE E 471 14.77 19.19 6.61
N SER E 472 14.09 18.46 5.73
CA SER E 472 14.06 16.99 5.80
C SER E 472 15.29 16.25 5.32
N GLY E 473 15.89 16.77 4.25
CA GLY E 473 16.99 16.06 3.59
C GLY E 473 17.98 17.02 2.95
N GLY E 474 18.92 16.46 2.21
CA GLY E 474 20.01 17.24 1.62
C GLY E 474 21.05 17.68 2.64
N LYS E 475 22.00 18.48 2.17
CA LYS E 475 23.13 18.97 2.98
C LYS E 475 22.68 19.79 4.20
N ASP E 476 21.51 20.42 4.08
CA ASP E 476 21.01 21.34 5.10
C ASP E 476 19.90 20.70 5.96
N LYS E 477 19.77 19.38 5.91
CA LYS E 477 18.86 18.64 6.81
C LYS E 477 19.07 19.15 8.24
N GLY E 478 17.97 19.47 8.91
CA GLY E 478 18.12 19.88 10.27
C GLY E 478 17.11 20.95 10.66
N ALA E 479 17.09 21.29 11.94
CA ALA E 479 16.17 22.31 12.43
C ALA E 479 16.45 23.67 11.83
N THR E 480 15.40 24.46 11.66
CA THR E 480 15.56 25.78 11.06
C THR E 480 15.67 26.92 12.07
N GLY E 481 15.12 26.71 13.28
CA GLY E 481 15.01 27.81 14.25
C GLY E 481 13.74 28.63 14.08
N ARG E 482 12.94 28.35 13.04
CA ARG E 482 11.61 29.00 12.93
C ARG E 482 10.66 28.36 13.92
N PRO E 483 9.76 29.14 14.54
CA PRO E 483 9.48 30.55 14.27
C PRO E 483 10.03 31.51 15.32
N VAL E 484 11.25 31.30 15.79
CA VAL E 484 11.85 32.27 16.74
C VAL E 484 11.85 33.71 16.18
N PRO E 485 12.17 33.92 14.86
CA PRO E 485 12.10 35.33 14.40
C PRO E 485 10.70 35.94 14.53
N LEU E 486 9.66 35.24 14.07
CA LEU E 486 8.31 35.77 14.20
C LEU E 486 7.94 36.08 15.64
N LEU E 487 8.17 35.10 16.54
CA LEU E 487 7.74 35.24 17.93
C LEU E 487 8.53 36.37 18.61
N THR E 488 9.82 36.45 18.32
CA THR E 488 10.64 37.51 18.93
C THR E 488 10.17 38.85 18.38
N GLN E 489 9.91 38.92 17.07
CA GLN E 489 9.37 40.16 16.52
C GLN E 489 8.05 40.56 17.16
N TYR E 490 7.16 39.61 17.38
CA TYR E 490 5.88 39.92 18.01
C TYR E 490 6.13 40.51 19.43
N LEU E 491 7.07 39.95 20.18
CA LEU E 491 7.31 40.45 21.54
C LEU E 491 8.00 41.81 21.49
N LEU E 492 8.90 42.02 20.54
CA LEU E 492 9.48 43.38 20.30
C LEU E 492 8.37 44.40 20.05
N ASP E 493 7.38 44.00 19.25
CA ASP E 493 6.27 44.90 18.90
C ASP E 493 5.47 45.23 20.13
N ARG E 494 5.19 44.21 20.98
CA ARG E 494 4.40 44.42 22.21
C ARG E 494 5.17 45.23 23.24
N ALA E 495 6.49 45.09 23.25
CA ALA E 495 7.33 45.89 24.15
C ALA E 495 7.47 47.31 23.67
N GLY E 496 7.27 47.53 22.37
CA GLY E 496 7.63 48.80 21.69
C GLY E 496 9.13 49.05 21.49
N ALA E 497 9.90 48.02 21.09
CA ALA E 497 11.36 48.16 20.93
C ALA E 497 11.90 48.13 19.48
N MET F 1 22.83 -42.51 11.51
CA MET F 1 23.13 -43.47 10.42
C MET F 1 24.64 -43.72 10.40
N GLU F 2 25.04 -44.99 10.41
CA GLU F 2 26.44 -45.35 10.24
C GLU F 2 26.76 -45.37 8.74
N LEU F 3 27.91 -44.81 8.36
CA LEU F 3 28.30 -44.75 6.95
C LEU F 3 29.70 -45.33 6.81
N VAL F 4 29.82 -46.46 6.13
CA VAL F 4 31.09 -47.15 5.99
C VAL F 4 31.42 -47.40 4.53
N VAL F 5 32.69 -47.73 4.29
CA VAL F 5 33.20 -47.91 2.94
C VAL F 5 33.82 -49.31 2.87
N LYS F 6 33.51 -50.04 1.79
CA LYS F 6 34.12 -51.36 1.52
C LYS F 6 34.53 -51.48 0.06
N SER F 7 35.35 -52.49 -0.24
CA SER F 7 35.84 -52.68 -1.59
C SER F 7 35.45 -54.04 -2.20
N VAL F 8 34.50 -54.70 -1.54
CA VAL F 8 33.97 -56.00 -1.98
C VAL F 8 33.08 -55.85 -3.23
N ALA F 9 32.91 -56.94 -3.98
CA ALA F 9 32.07 -56.92 -5.19
C ALA F 9 30.61 -56.74 -4.79
N ALA F 10 29.88 -55.94 -5.57
CA ALA F 10 28.45 -55.68 -5.26
C ALA F 10 27.58 -56.93 -5.14
N ALA F 11 27.80 -57.90 -6.04
CA ALA F 11 26.98 -59.12 -6.07
C ALA F 11 27.18 -60.03 -4.84
N SER F 12 28.29 -59.79 -4.12
CA SER F 12 28.76 -60.60 -3.01
C SER F 12 28.22 -60.13 -1.66
N VAL F 13 27.72 -58.90 -1.61
CA VAL F 13 27.40 -58.30 -0.30
C VAL F 13 26.01 -58.68 0.20
N LYS F 14 25.99 -59.22 1.41
CA LYS F 14 24.75 -59.48 2.09
C LYS F 14 24.21 -58.15 2.61
N THR F 15 23.01 -57.77 2.17
CA THR F 15 22.41 -56.50 2.53
C THR F 15 20.90 -56.55 2.34
N ALA F 16 20.18 -55.68 3.04
CA ALA F 16 18.75 -55.55 2.85
C ALA F 16 18.42 -54.96 1.48
N THR F 17 19.25 -54.01 1.00
CA THR F 17 19.02 -53.36 -0.32
C THR F 17 20.34 -53.01 -0.99
N LEU F 18 20.54 -53.50 -2.21
CA LEU F 18 21.68 -53.12 -3.02
C LEU F 18 21.23 -52.10 -4.04
N VAL F 19 21.92 -50.96 -4.10
CA VAL F 19 21.53 -49.91 -5.05
C VAL F 19 22.56 -49.80 -6.16
N ILE F 20 22.12 -49.88 -7.41
CA ILE F 20 23.00 -49.76 -8.59
C ILE F 20 22.36 -48.81 -9.58
N PRO F 21 23.20 -48.12 -10.37
CA PRO F 21 22.69 -47.20 -11.39
C PRO F 21 22.42 -47.85 -12.78
N VAL F 22 21.43 -47.30 -13.48
CA VAL F 22 21.09 -47.76 -14.82
C VAL F 22 20.97 -46.49 -15.66
N GLY F 23 21.63 -46.48 -16.81
CA GLY F 23 21.52 -45.33 -17.71
C GLY F 23 20.29 -45.36 -18.59
N GLU F 24 20.11 -44.33 -19.31
CA GLU F 24 19.12 -44.39 -20.37
C GLU F 24 19.41 -45.53 -21.35
N ASN F 25 18.37 -45.96 -22.07
CA ASN F 25 18.49 -47.08 -23.01
C ASN F 25 19.01 -48.35 -22.33
N ARG F 26 18.68 -48.47 -21.03
CA ARG F 26 18.95 -49.67 -20.24
C ARG F 26 20.45 -49.98 -20.17
N LYS F 27 21.26 -48.94 -20.30
CA LYS F 27 22.70 -49.14 -20.38
C LYS F 27 23.33 -49.38 -19.00
N LEU F 28 24.06 -50.48 -18.88
CA LEU F 28 24.67 -50.84 -17.62
C LEU F 28 26.17 -50.61 -17.64
N GLY F 29 26.65 -49.86 -16.65
CA GLY F 29 28.08 -49.74 -16.42
C GLY F 29 28.68 -51.02 -15.90
N ALA F 30 29.98 -51.05 -15.71
CA ALA F 30 30.67 -52.27 -15.28
C ALA F 30 30.11 -52.87 -13.98
N VAL F 31 29.82 -52.03 -12.99
CA VAL F 31 29.33 -52.54 -11.73
C VAL F 31 27.93 -53.14 -11.88
N ALA F 32 27.03 -52.40 -12.54
CA ALA F 32 25.66 -52.88 -12.73
C ALA F 32 25.63 -54.13 -13.60
N LYS F 33 26.48 -54.17 -14.61
CA LYS F 33 26.55 -55.34 -15.49
C LYS F 33 26.97 -56.60 -14.72
N ALA F 34 27.96 -56.46 -13.83
CA ALA F 34 28.40 -57.60 -13.02
C ALA F 34 27.27 -58.10 -12.10
N VAL F 35 26.49 -57.15 -11.54
CA VAL F 35 25.30 -57.55 -10.76
C VAL F 35 24.25 -58.26 -11.64
N ASP F 36 24.01 -57.73 -12.84
CA ASP F 36 23.10 -58.38 -13.79
C ASP F 36 23.52 -59.83 -14.07
N LEU F 37 24.79 -60.04 -14.43
CA LEU F 37 25.27 -61.39 -14.70
C LEU F 37 25.07 -62.31 -13.51
N ALA F 38 25.41 -61.85 -12.31
CA ALA F 38 25.18 -62.67 -11.13
C ALA F 38 23.71 -63.00 -10.90
N SER F 39 22.84 -62.09 -11.34
CA SER F 39 21.40 -62.33 -11.21
C SER F 39 20.88 -63.20 -12.35
N GLU F 40 21.79 -63.73 -13.17
CA GLU F 40 21.39 -64.64 -14.27
C GLU F 40 20.54 -63.90 -15.31
N GLY F 41 20.89 -62.63 -15.50
CA GLY F 41 20.25 -61.75 -16.48
C GLY F 41 18.89 -61.20 -16.04
N ALA F 42 18.54 -61.39 -14.78
CA ALA F 42 17.22 -60.95 -14.28
C ALA F 42 17.04 -59.45 -14.39
N ILE F 43 18.11 -58.69 -14.18
CA ILE F 43 18.02 -57.23 -14.17
C ILE F 43 17.86 -56.69 -15.59
N SER F 44 18.64 -57.24 -16.54
CA SER F 44 18.43 -56.93 -17.95
C SER F 44 17.03 -57.30 -18.43
N ALA F 45 16.54 -58.45 -17.97
CA ALA F 45 15.22 -58.92 -18.38
C ALA F 45 14.14 -57.96 -17.88
N VAL F 46 14.24 -57.47 -16.64
CA VAL F 46 13.22 -56.52 -16.16
C VAL F 46 13.37 -55.21 -16.95
N LEU F 47 14.60 -54.73 -17.15
CA LEU F 47 14.81 -53.47 -17.87
C LEU F 47 14.24 -53.48 -19.29
N LYS F 48 14.26 -54.66 -19.95
CA LYS F 48 13.73 -54.82 -21.30
C LYS F 48 12.24 -54.49 -21.38
N ARG F 49 11.53 -54.66 -20.26
CA ARG F 49 10.09 -54.34 -20.18
C ARG F 49 9.81 -52.84 -20.18
N GLY F 50 10.83 -52.01 -19.95
CA GLY F 50 10.73 -50.57 -20.17
C GLY F 50 10.14 -49.68 -19.08
N ASP F 51 9.95 -50.21 -17.88
CA ASP F 51 9.35 -49.36 -16.84
C ASP F 51 10.29 -48.28 -16.36
N LEU F 52 11.60 -48.51 -16.46
CA LEU F 52 12.59 -47.55 -16.01
C LEU F 52 13.29 -46.91 -17.21
N ALA F 53 12.97 -45.65 -17.49
CA ALA F 53 13.64 -44.95 -18.60
C ALA F 53 15.10 -44.57 -18.31
N GLY F 54 15.49 -44.54 -17.03
CA GLY F 54 16.85 -44.25 -16.65
C GLY F 54 17.23 -42.78 -16.56
N LYS F 55 16.24 -41.90 -16.49
CA LYS F 55 16.50 -40.47 -16.26
C LYS F 55 17.00 -40.37 -14.83
N PRO F 56 17.88 -39.38 -14.52
CA PRO F 56 18.50 -39.29 -13.19
C PRO F 56 17.50 -39.34 -12.05
N GLY F 57 17.70 -40.27 -11.11
CA GLY F 57 16.81 -40.31 -9.96
C GLY F 57 15.55 -41.16 -10.10
N GLN F 58 15.20 -41.60 -11.32
CA GLN F 58 14.09 -42.54 -11.49
C GLN F 58 14.48 -43.83 -10.81
N THR F 59 13.50 -44.57 -10.30
CA THR F 59 13.81 -45.79 -9.57
C THR F 59 12.94 -46.95 -9.97
N LEU F 60 13.50 -48.15 -9.78
CA LEU F 60 12.73 -49.39 -9.94
C LEU F 60 13.26 -50.32 -8.87
N LEU F 61 12.37 -50.80 -8.02
CA LEU F 61 12.75 -51.63 -6.88
C LEU F 61 12.38 -53.09 -7.11
N LEU F 62 13.39 -53.96 -7.00
CA LEU F 62 13.20 -55.41 -7.16
C LEU F 62 13.35 -56.07 -5.82
N GLN F 63 12.63 -57.17 -5.66
CA GLN F 63 12.78 -58.14 -4.58
C GLN F 63 13.69 -59.32 -4.92
N ASN F 64 13.80 -60.24 -3.97
CA ASN F 64 14.86 -61.24 -3.89
C ASN F 64 15.15 -61.78 -5.28
N LEU F 65 16.39 -61.69 -5.72
CA LEU F 65 16.80 -62.27 -7.01
C LEU F 65 17.77 -63.40 -6.79
N GLN F 66 17.48 -64.51 -7.38
CA GLN F 66 18.39 -65.65 -7.41
C GLN F 66 19.77 -65.23 -7.93
N GLY F 67 20.77 -65.67 -7.18
CA GLY F 67 22.14 -65.40 -7.54
C GLY F 67 22.75 -64.22 -6.80
N LEU F 68 21.90 -63.42 -6.15
CA LEU F 68 22.38 -62.29 -5.38
C LEU F 68 22.19 -62.55 -3.89
N LYS F 69 22.95 -61.82 -3.07
CA LYS F 69 22.82 -61.91 -1.62
C LYS F 69 22.04 -60.73 -1.04
N ALA F 70 21.65 -59.82 -1.93
CA ALA F 70 20.82 -58.68 -1.51
C ALA F 70 19.37 -59.14 -1.44
N GLU F 71 18.67 -58.65 -0.43
CA GLU F 71 17.26 -58.98 -0.31
C GLU F 71 16.40 -58.20 -1.31
N ARG F 72 16.88 -57.04 -1.67
CA ARG F 72 16.19 -56.16 -2.61
C ARG F 72 17.26 -55.52 -3.48
N VAL F 73 16.92 -55.18 -4.72
CA VAL F 73 17.81 -54.37 -5.57
C VAL F 73 17.06 -53.12 -6.03
N LEU F 74 17.62 -51.94 -5.70
CA LEU F 74 17.08 -50.69 -6.20
C LEU F 74 17.92 -50.22 -7.39
N LEU F 75 17.26 -50.16 -8.55
CA LEU F 75 17.87 -49.56 -9.72
C LEU F 75 17.56 -48.08 -9.72
N VAL F 76 18.59 -47.27 -9.95
CA VAL F 76 18.39 -45.83 -9.98
C VAL F 76 18.93 -45.26 -11.28
N GLY F 77 18.11 -44.42 -11.92
CA GLY F 77 18.48 -43.82 -13.21
C GLY F 77 19.68 -42.89 -13.07
N SER F 78 20.61 -42.96 -14.04
CA SER F 78 21.77 -42.07 -14.02
C SER F 78 21.86 -41.22 -15.27
N GLY F 79 20.82 -41.24 -16.10
CA GLY F 79 20.73 -40.35 -17.27
C GLY F 79 21.55 -40.90 -18.42
N LYS F 80 21.86 -40.01 -19.38
CA LYS F 80 22.66 -40.37 -20.55
C LYS F 80 24.11 -40.55 -20.15
N ASP F 81 24.94 -41.06 -21.06
CA ASP F 81 26.31 -41.42 -20.71
C ASP F 81 27.25 -40.22 -20.73
N GLU F 82 26.89 -39.18 -19.91
CA GLU F 82 27.76 -38.05 -19.64
C GLU F 82 27.84 -37.87 -18.13
N ALA F 83 28.80 -37.16 -17.73
CA ALA F 83 28.96 -36.86 -16.30
C ALA F 83 27.81 -35.97 -15.80
N LEU F 84 27.43 -36.18 -14.54
CA LEU F 84 26.37 -35.43 -13.91
C LEU F 84 26.92 -34.16 -13.25
N GLY F 85 26.13 -33.10 -13.30
CA GLY F 85 26.44 -31.89 -12.51
C GLY F 85 26.18 -32.18 -11.03
N ASP F 86 26.63 -31.28 -10.16
CA ASP F 86 26.46 -31.48 -8.73
C ASP F 86 25.01 -31.60 -8.36
N ARG F 87 24.14 -30.75 -8.91
CA ARG F 87 22.75 -30.72 -8.48
C ARG F 87 22.07 -32.02 -8.87
N THR F 88 22.31 -32.48 -10.09
CA THR F 88 21.71 -33.74 -10.57
C THR F 88 22.21 -34.91 -9.72
N TRP F 89 23.49 -34.91 -9.38
CA TRP F 89 24.06 -36.01 -8.60
C TRP F 89 23.45 -35.99 -7.19
N ARG F 90 23.37 -34.81 -6.57
CA ARG F 90 22.78 -34.76 -5.24
C ARG F 90 21.31 -35.11 -5.24
N LYS F 91 20.60 -34.69 -6.29
CA LYS F 91 19.18 -35.10 -6.36
C LYS F 91 19.04 -36.63 -6.58
N LEU F 92 19.97 -37.22 -7.30
CA LEU F 92 19.96 -38.68 -7.48
C LEU F 92 20.11 -39.36 -6.12
N VAL F 93 21.08 -38.89 -5.32
CA VAL F 93 21.32 -39.44 -3.99
C VAL F 93 20.09 -39.27 -3.09
N ALA F 94 19.48 -38.08 -3.10
CA ALA F 94 18.27 -37.85 -2.28
C ALA F 94 17.13 -38.77 -2.72
N SER F 95 17.02 -39.02 -4.04
CA SER F 95 16.00 -39.93 -4.51
C SER F 95 16.18 -41.32 -3.91
N VAL F 96 17.42 -41.79 -3.94
CA VAL F 96 17.74 -43.10 -3.37
C VAL F 96 17.39 -43.12 -1.89
N ALA F 97 17.82 -42.08 -1.17
CA ALA F 97 17.62 -42.01 0.27
C ALA F 97 16.14 -42.02 0.59
N GLY F 98 15.35 -41.33 -0.23
CA GLY F 98 13.89 -41.34 -0.02
C GLY F 98 13.29 -42.73 -0.11
N VAL F 99 13.69 -43.50 -1.13
CA VAL F 99 13.21 -44.88 -1.19
C VAL F 99 13.64 -45.69 0.03
N LEU F 100 14.92 -45.60 0.39
CA LEU F 100 15.44 -46.41 1.51
C LEU F 100 14.75 -46.08 2.83
N LYS F 101 14.41 -44.83 3.00
CA LYS F 101 13.79 -44.44 4.25
C LYS F 101 12.40 -45.00 4.50
N GLY F 102 11.74 -45.30 3.43
CA GLY F 102 10.42 -45.92 3.49
C GLY F 102 10.41 -47.43 3.55
N LEU F 103 11.54 -48.07 3.34
CA LEU F 103 11.66 -49.54 3.44
C LEU F 103 11.95 -49.95 4.88
N ASN F 104 11.66 -51.21 5.18
CA ASN F 104 11.96 -51.79 6.47
C ASN F 104 13.30 -52.52 6.45
N GLY F 105 14.26 -51.99 5.70
CA GLY F 105 15.61 -52.58 5.68
C GLY F 105 16.55 -51.90 6.65
N ALA F 106 17.31 -52.72 7.39
CA ALA F 106 18.23 -52.21 8.42
C ALA F 106 19.49 -51.59 7.84
N ASP F 107 19.83 -51.94 6.60
CA ASP F 107 21.04 -51.42 5.94
C ASP F 107 20.83 -51.32 4.45
N ALA F 108 21.79 -50.70 3.78
CA ALA F 108 21.79 -50.63 2.31
C ALA F 108 23.21 -50.52 1.83
N VAL F 109 23.44 -50.96 0.59
CA VAL F 109 24.75 -50.87 -0.04
C VAL F 109 24.58 -50.04 -1.27
N LEU F 110 25.36 -48.95 -1.36
CA LEU F 110 25.36 -48.10 -2.56
C LEU F 110 26.55 -48.49 -3.43
N ALA F 111 26.26 -48.95 -4.63
CA ALA F 111 27.32 -49.38 -5.57
C ALA F 111 27.26 -48.49 -6.78
N LEU F 112 27.65 -47.23 -6.56
CA LEU F 112 27.46 -46.17 -7.57
C LEU F 112 28.78 -45.70 -8.16
N ASP F 113 29.81 -46.56 -8.12
CA ASP F 113 31.11 -46.20 -8.67
C ASP F 113 31.08 -45.77 -10.15
N ASP F 114 30.19 -46.38 -10.93
CA ASP F 114 29.98 -46.17 -12.40
C ASP F 114 29.72 -44.65 -12.67
N VAL F 115 29.10 -43.95 -11.73
CA VAL F 115 28.53 -42.63 -12.03
C VAL F 115 29.60 -41.55 -11.98
N ALA F 116 29.77 -40.84 -13.10
CA ALA F 116 30.75 -39.73 -13.15
C ALA F 116 30.08 -38.42 -12.79
N VAL F 117 30.79 -37.61 -12.01
CA VAL F 117 30.29 -36.30 -11.58
C VAL F 117 31.26 -35.23 -12.13
N ASN F 118 30.76 -34.29 -12.86
CA ASN F 118 31.55 -33.26 -13.52
C ASN F 118 32.49 -32.49 -12.57
N ASN F 119 33.71 -32.46 -12.94
CA ASN F 119 34.74 -31.70 -12.19
C ASN F 119 35.01 -32.18 -10.76
N ARG F 120 34.84 -33.41 -10.53
CA ARG F 120 35.11 -33.90 -9.18
C ARG F 120 35.56 -35.33 -9.26
N ASP F 121 36.57 -35.63 -8.56
CA ASP F 121 37.23 -36.95 -8.65
C ASP F 121 36.31 -38.06 -8.13
N ALA F 122 36.66 -39.20 -8.52
CA ALA F 122 35.79 -40.37 -8.34
C ALA F 122 35.65 -40.78 -6.88
N HIS F 123 36.53 -40.30 -6.02
CA HIS F 123 36.58 -40.83 -4.66
C HIS F 123 36.31 -39.81 -3.55
N TYR F 124 36.96 -38.65 -3.65
CA TYR F 124 36.80 -37.63 -2.61
C TYR F 124 35.64 -36.68 -2.92
N GLY F 125 35.74 -35.87 -3.98
CA GLY F 125 34.73 -34.84 -4.23
C GLY F 125 33.35 -35.43 -4.46
N LYS F 126 33.29 -36.51 -5.24
CA LYS F 126 32.01 -37.15 -5.56
C LYS F 126 31.31 -37.61 -4.27
N TYR F 127 32.09 -38.23 -3.36
CA TYR F 127 31.49 -38.75 -2.14
C TYR F 127 31.33 -37.73 -1.04
N ARG F 128 32.07 -36.60 -1.10
CA ARG F 128 31.71 -35.51 -0.18
C ARG F 128 30.25 -35.13 -0.35
N LEU F 129 29.83 -35.01 -1.61
CA LEU F 129 28.49 -34.53 -1.89
C LEU F 129 27.46 -35.61 -1.58
N LEU F 130 27.73 -36.85 -1.98
CA LEU F 130 26.84 -37.96 -1.64
C LEU F 130 26.68 -38.10 -0.13
N ALA F 131 27.79 -38.15 0.62
CA ALA F 131 27.70 -38.41 2.06
C ALA F 131 26.97 -37.29 2.79
N GLU F 132 27.28 -36.08 2.48
CA GLU F 132 26.57 -34.97 3.09
C GLU F 132 25.06 -34.98 2.81
N THR F 133 24.66 -35.24 1.55
CA THR F 133 23.25 -35.29 1.17
C THR F 133 22.54 -36.41 1.93
N LEU F 134 23.20 -37.57 2.01
CA LEU F 134 22.60 -38.69 2.71
C LEU F 134 22.42 -38.39 4.21
N LEU F 135 23.48 -37.87 4.85
CA LEU F 135 23.46 -37.64 6.30
C LEU F 135 22.60 -36.45 6.71
N ASP F 136 22.72 -35.35 5.98
CA ASP F 136 21.86 -34.20 6.24
C ASP F 136 20.40 -34.55 5.96
N GLY F 137 20.15 -35.45 5.02
CA GLY F 137 18.77 -35.87 4.77
C GLY F 137 18.08 -36.68 5.85
N GLU F 138 18.86 -37.19 6.76
CA GLU F 138 18.36 -37.91 7.94
C GLU F 138 17.73 -36.94 8.94
N TYR F 139 17.97 -35.63 8.83
CA TYR F 139 17.52 -34.64 9.80
C TYR F 139 16.03 -34.71 10.12
N VAL F 140 15.73 -34.69 11.44
CA VAL F 140 14.34 -34.62 11.92
C VAL F 140 14.26 -33.57 12.99
N PHE F 141 13.23 -32.71 12.90
CA PHE F 141 12.94 -31.74 13.96
C PHE F 141 11.48 -31.89 14.36
N ASP F 142 11.24 -32.88 15.20
CA ASP F 142 9.87 -33.21 15.63
C ASP F 142 9.61 -32.97 17.11
N ARG F 143 10.49 -32.21 17.74
CA ARG F 143 10.42 -31.86 19.16
C ARG F 143 9.04 -31.35 19.54
N PHE F 144 8.45 -30.52 18.68
CA PHE F 144 7.15 -29.90 19.01
C PHE F 144 5.95 -30.62 18.46
N LYS F 145 6.15 -31.81 17.92
CA LYS F 145 5.04 -32.62 17.39
C LYS F 145 4.58 -33.58 18.47
N SER F 146 3.28 -33.67 18.67
CA SER F 146 2.72 -34.73 19.51
C SER F 146 2.85 -36.11 18.85
N GLN F 147 2.78 -36.21 17.66
CA GLN F 147 2.99 -37.44 16.90
C GLN F 147 4.39 -37.40 16.31
N LYS F 148 5.19 -38.23 16.74
CA LYS F 148 6.60 -38.23 16.38
C LYS F 148 6.80 -38.95 15.04
N VAL F 149 7.89 -38.65 14.39
CA VAL F 149 8.30 -39.48 13.29
C VAL F 149 8.68 -40.90 13.83
N GLU F 150 8.15 -41.88 13.14
CA GLU F 150 8.45 -43.29 13.39
C GLU F 150 9.95 -43.48 13.13
N PRO F 151 10.64 -44.13 14.06
CA PRO F 151 12.08 -44.33 13.86
C PRO F 151 12.28 -45.17 12.61
N ARG F 152 13.26 -44.82 11.83
CA ARG F 152 13.45 -45.53 10.57
C ARG F 152 14.31 -46.76 10.75
N ALA F 153 14.02 -47.76 9.92
CA ALA F 153 14.73 -49.01 10.00
C ALA F 153 16.19 -48.85 9.57
N LEU F 154 16.43 -47.94 8.63
CA LEU F 154 17.76 -47.83 8.02
C LEU F 154 18.77 -47.25 9.00
N LYS F 155 19.76 -48.06 9.37
CA LYS F 155 20.75 -47.68 10.39
C LYS F 155 22.16 -47.60 9.85
N LYS F 156 22.39 -48.18 8.68
CA LYS F 156 23.75 -48.30 8.14
C LYS F 156 23.73 -48.28 6.64
N VAL F 157 24.63 -47.51 6.06
CA VAL F 157 24.85 -47.53 4.60
C VAL F 157 26.31 -47.84 4.34
N THR F 158 26.54 -48.72 3.38
CA THR F 158 27.88 -49.06 2.95
C THR F 158 28.06 -48.54 1.54
N LEU F 159 29.15 -47.80 1.32
CA LEU F 159 29.55 -47.34 -0.03
C LEU F 159 30.61 -48.28 -0.57
N LEU F 160 30.42 -48.78 -1.78
CA LEU F 160 31.45 -49.62 -2.40
C LEU F 160 32.28 -48.82 -3.38
N ALA F 161 33.58 -49.00 -3.30
CA ALA F 161 34.57 -48.35 -4.13
C ALA F 161 35.71 -49.34 -4.38
N ASP F 162 36.57 -49.09 -5.35
CA ASP F 162 37.72 -49.94 -5.48
C ASP F 162 38.71 -49.76 -4.37
N LYS F 163 39.56 -50.76 -4.22
CA LYS F 163 40.52 -50.77 -3.10
C LYS F 163 41.39 -49.52 -3.07
N ALA F 164 41.79 -49.07 -4.26
CA ALA F 164 42.64 -47.90 -4.43
C ALA F 164 41.96 -46.60 -3.97
N GLY F 165 40.63 -46.55 -4.15
CA GLY F 165 39.85 -45.36 -3.81
C GLY F 165 39.34 -45.32 -2.38
N GLN F 166 39.46 -46.43 -1.66
CA GLN F 166 38.84 -46.55 -0.34
C GLN F 166 39.23 -45.43 0.65
N ALA F 167 40.54 -45.17 0.78
CA ALA F 167 41.02 -44.14 1.69
C ALA F 167 40.37 -42.78 1.43
N GLU F 168 40.27 -42.43 0.15
CA GLU F 168 39.76 -41.11 -0.23
C GLU F 168 38.25 -41.04 -0.03
N VAL F 169 37.55 -42.14 -0.30
CA VAL F 169 36.12 -42.18 0.06
C VAL F 169 35.95 -42.04 1.57
N GLU F 170 36.79 -42.73 2.36
CA GLU F 170 36.70 -42.65 3.82
C GLU F 170 36.98 -41.21 4.31
N ARG F 171 37.96 -40.54 3.70
CA ARG F 171 38.22 -39.15 4.03
C ARG F 171 36.99 -38.28 3.72
N ALA F 172 36.38 -38.49 2.56
CA ALA F 172 35.14 -37.77 2.21
C ALA F 172 34.06 -38.01 3.26
N VAL F 173 33.88 -39.27 3.66
CA VAL F 173 32.89 -39.59 4.67
C VAL F 173 33.17 -38.91 6.01
N LYS F 174 34.45 -38.91 6.43
CA LYS F 174 34.82 -38.26 7.67
C LYS F 174 34.47 -36.76 7.63
N HIS F 175 34.83 -36.10 6.54
CA HIS F 175 34.55 -34.66 6.43
C HIS F 175 33.06 -34.35 6.29
N ALA F 176 32.37 -35.11 5.43
CA ALA F 176 30.91 -34.94 5.29
C ALA F 176 30.19 -35.20 6.62
N SER F 177 30.65 -36.17 7.40
CA SER F 177 29.96 -36.48 8.67
C SER F 177 30.10 -35.33 9.64
N ALA F 178 31.29 -34.72 9.68
CA ALA F 178 31.52 -33.55 10.54
C ALA F 178 30.63 -32.41 10.09
N ILE F 179 30.64 -32.15 8.78
CA ILE F 179 29.79 -31.08 8.24
C ILE F 179 28.32 -31.35 8.55
N ALA F 180 27.84 -32.58 8.30
CA ALA F 180 26.41 -32.87 8.54
C ALA F 180 26.04 -32.75 10.00
N THR F 181 26.92 -33.17 10.90
CA THR F 181 26.65 -33.06 12.32
C THR F 181 26.59 -31.57 12.71
N GLY F 182 27.49 -30.77 12.15
CA GLY F 182 27.44 -29.31 12.44
C GLY F 182 26.16 -28.71 11.88
N MET F 183 25.77 -29.09 10.67
CA MET F 183 24.53 -28.59 10.06
C MET F 183 23.33 -28.94 10.91
N ALA F 184 23.32 -30.14 11.52
CA ALA F 184 22.15 -30.51 12.31
C ALA F 184 22.00 -29.61 13.51
N PHE F 185 23.12 -29.28 14.15
CA PHE F 185 23.15 -28.36 15.26
C PHE F 185 22.65 -26.98 14.82
N THR F 186 23.20 -26.46 13.71
CA THR F 186 22.72 -25.17 13.12
C THR F 186 21.22 -25.20 12.87
N ARG F 187 20.76 -26.29 12.25
CA ARG F 187 19.33 -26.36 11.90
C ARG F 187 18.48 -26.44 13.13
N ASP F 188 18.91 -27.17 14.17
CA ASP F 188 18.10 -27.21 15.40
C ASP F 188 17.97 -25.79 15.99
N LEU F 189 19.10 -25.08 16.09
CA LEU F 189 19.06 -23.76 16.71
C LEU F 189 18.20 -22.81 15.87
N GLY F 190 18.33 -22.86 14.54
CA GLY F 190 17.50 -22.02 13.68
C GLY F 190 16.01 -22.36 13.81
N ASN F 191 15.69 -23.66 13.83
CA ASN F 191 14.29 -24.05 13.85
C ASN F 191 13.61 -23.83 15.21
N LEU F 192 14.36 -23.78 16.39
CA LEU F 192 13.75 -23.41 17.68
C LEU F 192 13.02 -22.07 17.59
N PRO F 193 11.84 -22.22 18.27
CA PRO F 193 11.01 -20.99 18.21
C PRO F 193 11.62 -19.93 19.13
N PRO F 194 11.31 -18.68 18.86
CA PRO F 194 12.06 -17.59 19.52
C PRO F 194 11.70 -17.38 20.98
N ASN F 195 10.59 -17.93 21.43
CA ASN F 195 10.24 -17.88 22.85
C ASN F 195 11.15 -18.77 23.68
N LEU F 196 11.80 -19.73 23.01
CA LEU F 196 12.77 -20.65 23.68
C LEU F 196 14.19 -20.28 23.30
N CYS F 197 14.38 -19.99 22.03
CA CYS F 197 15.69 -19.69 21.55
C CYS F 197 15.96 -18.18 21.57
N HIS F 198 16.43 -17.74 22.72
CA HIS F 198 16.76 -16.34 23.00
C HIS F 198 18.27 -16.18 23.34
N PRO F 199 18.76 -14.97 23.55
CA PRO F 199 20.24 -14.90 23.70
C PRO F 199 20.77 -15.66 24.92
N SER F 200 20.03 -15.65 26.03
CA SER F 200 20.46 -16.43 27.19
C SER F 200 20.48 -17.93 26.93
N PHE F 201 19.54 -18.43 26.17
CA PHE F 201 19.57 -19.85 25.75
C PHE F 201 20.82 -20.15 24.95
N LEU F 202 21.14 -19.29 23.98
CA LEU F 202 22.35 -19.52 23.17
C LEU F 202 23.59 -19.48 24.05
N ALA F 203 23.60 -18.62 25.08
CA ALA F 203 24.72 -18.57 26.01
C ALA F 203 24.83 -19.88 26.79
N GLU F 204 23.69 -20.46 27.17
CA GLU F 204 23.70 -21.76 27.87
C GLU F 204 24.24 -22.86 27.00
N GLN F 205 23.81 -22.87 25.75
CA GLN F 205 24.28 -23.83 24.73
C GLN F 205 25.80 -23.73 24.63
N ALA F 206 26.32 -22.49 24.63
CA ALA F 206 27.75 -22.33 24.45
C ALA F 206 28.49 -22.81 25.69
N LYS F 207 27.98 -22.47 26.86
CA LYS F 207 28.66 -22.94 28.10
C LYS F 207 28.67 -24.46 28.17
N GLU F 208 27.63 -25.02 27.75
CA GLU F 208 27.55 -26.49 27.80
C GLU F 208 28.53 -27.14 26.82
N LEU F 209 28.62 -26.58 25.63
CA LEU F 209 29.61 -27.01 24.66
C LEU F 209 31.04 -26.86 25.19
N GLY F 210 31.35 -25.74 25.87
CA GLY F 210 32.66 -25.53 26.48
C GLY F 210 33.02 -26.61 27.49
N LYS F 211 32.06 -27.01 28.28
CA LYS F 211 32.37 -28.05 29.30
C LYS F 211 32.72 -29.39 28.66
N ALA F 212 32.23 -29.65 27.45
CA ALA F 212 32.39 -30.95 26.78
C ALA F 212 33.64 -31.09 25.96
N HIS F 213 34.43 -30.02 25.81
CA HIS F 213 35.58 -30.04 24.90
C HIS F 213 36.82 -29.45 25.49
N LYS F 214 37.86 -30.27 25.58
CA LYS F 214 39.08 -29.82 26.25
C LYS F 214 39.72 -28.52 25.71
N ALA F 215 39.75 -28.39 24.39
CA ALA F 215 40.47 -27.32 23.76
C ALA F 215 39.57 -26.07 23.57
N LEU F 216 38.41 -26.07 24.23
CA LEU F 216 37.45 -24.97 24.04
C LEU F 216 37.24 -24.22 25.36
N LYS F 217 37.34 -22.90 25.29
CA LYS F 217 37.06 -22.05 26.44
C LYS F 217 35.97 -21.07 26.04
N VAL F 218 34.98 -20.94 26.92
CA VAL F 218 33.80 -20.10 26.62
C VAL F 218 33.65 -18.99 27.64
N GLU F 219 33.41 -17.76 27.18
CA GLU F 219 33.13 -16.60 28.03
C GLU F 219 31.83 -15.98 27.51
N VAL F 220 30.99 -15.52 28.43
CA VAL F 220 29.74 -14.88 28.02
C VAL F 220 29.73 -13.50 28.66
N LEU F 221 29.50 -12.49 27.82
CA LEU F 221 29.41 -11.09 28.23
C LEU F 221 27.95 -10.68 28.25
N ASP F 222 27.49 -10.18 29.38
CA ASP F 222 26.08 -9.83 29.57
C ASP F 222 25.84 -8.37 29.17
N GLU F 223 24.61 -7.88 29.39
CA GLU F 223 24.23 -6.58 28.89
C GLU F 223 25.06 -5.44 29.55
N LYS F 224 25.34 -5.59 30.84
CA LYS F 224 26.10 -4.57 31.50
C LYS F 224 27.53 -4.52 30.96
N LYS F 225 28.13 -5.69 30.72
CA LYS F 225 29.46 -5.77 30.14
C LYS F 225 29.53 -5.15 28.73
N ILE F 226 28.55 -5.46 27.89
CA ILE F 226 28.46 -4.88 26.55
C ILE F 226 28.42 -3.34 26.68
N LYS F 227 27.53 -2.84 27.54
CA LYS F 227 27.46 -1.40 27.78
C LYS F 227 28.79 -0.83 28.28
N ASP F 228 29.39 -1.50 29.26
CA ASP F 228 30.62 -1.01 29.91
C ASP F 228 31.85 -1.02 29.00
N LEU F 229 31.84 -1.90 27.99
CA LEU F 229 32.92 -1.89 27.00
C LEU F 229 32.76 -0.74 26.00
N GLY F 230 31.63 -0.03 26.07
CA GLY F 230 31.36 1.08 25.14
C GLY F 230 30.69 0.64 23.85
N MET F 231 30.06 -0.54 23.87
CA MET F 231 29.41 -1.08 22.65
C MET F 231 28.01 -0.47 22.50
N GLY F 232 27.98 0.80 22.11
CA GLY F 232 26.73 1.53 22.13
C GLY F 232 25.75 1.09 21.05
N ALA F 233 26.25 0.56 19.94
CA ALA F 233 25.33 0.09 18.87
C ALA F 233 24.72 -1.24 19.26
N PHE F 234 25.52 -2.16 19.81
CA PHE F 234 25.01 -3.47 20.25
C PHE F 234 23.99 -3.24 21.37
N TYR F 235 24.35 -2.40 22.34
CA TYR F 235 23.43 -2.14 23.46
C TYR F 235 22.10 -1.57 22.96
N ALA F 236 22.21 -0.65 22.02
CA ALA F 236 20.98 -0.02 21.47
C ALA F 236 20.01 -1.05 20.88
N VAL F 237 20.53 -2.06 20.22
CA VAL F 237 19.65 -3.07 19.61
C VAL F 237 18.87 -3.84 20.68
N GLY F 238 19.58 -4.26 21.74
CA GLY F 238 18.99 -5.21 22.65
C GLY F 238 18.09 -4.58 23.70
N GLN F 239 18.12 -3.24 23.84
CA GLN F 239 17.59 -2.62 25.07
C GLN F 239 16.05 -2.67 25.13
N GLY F 240 15.43 -2.76 23.96
CA GLY F 240 13.95 -2.79 23.87
C GLY F 240 13.32 -4.04 24.40
N SER F 241 14.08 -5.12 24.54
CA SER F 241 13.47 -6.42 24.82
C SER F 241 13.57 -6.73 26.31
N ASP F 242 12.65 -7.55 26.79
CA ASP F 242 12.81 -8.13 28.13
C ASP F 242 13.91 -9.20 28.18
N GLN F 243 14.36 -9.89 27.12
CA GLN F 243 15.55 -10.75 27.03
C GLN F 243 16.75 -9.85 26.73
N PRO F 244 17.65 -10.03 27.63
CA PRO F 244 18.85 -9.20 27.42
C PRO F 244 19.80 -9.80 26.39
N PRO F 245 20.65 -8.94 25.81
CA PRO F 245 21.64 -9.43 24.88
C PRO F 245 22.80 -10.20 25.53
N ARG F 246 23.52 -10.93 24.69
CA ARG F 246 24.71 -11.68 25.11
C ARG F 246 25.73 -11.60 24.00
N LEU F 247 26.99 -11.37 24.35
CA LEU F 247 28.07 -11.57 23.40
C LEU F 247 28.82 -12.80 23.86
N ILE F 248 28.77 -13.84 23.04
CA ILE F 248 29.32 -15.15 23.43
C ILE F 248 30.66 -15.38 22.71
N VAL F 249 31.70 -15.71 23.48
CA VAL F 249 33.03 -15.97 22.94
C VAL F 249 33.35 -17.44 23.13
N LEU F 250 33.63 -18.14 22.02
CA LEU F 250 34.06 -19.55 22.10
C LEU F 250 35.43 -19.62 21.46
N ASN F 251 36.43 -19.96 22.28
CA ASN F 251 37.83 -19.94 21.79
C ASN F 251 38.40 -21.35 21.74
N TYR F 252 38.58 -21.86 20.52
CA TYR F 252 39.14 -23.19 20.27
C TYR F 252 40.62 -23.06 19.94
N GLN F 253 41.48 -23.60 20.81
CA GLN F 253 42.94 -23.46 20.59
C GLN F 253 43.52 -24.77 20.07
N GLY F 254 43.31 -25.01 18.79
CA GLY F 254 43.78 -26.22 18.13
C GLY F 254 45.08 -26.06 17.37
N GLY F 255 45.50 -24.80 17.21
CA GLY F 255 46.74 -24.51 16.46
C GLY F 255 47.95 -24.36 17.38
N LYS F 256 49.08 -23.95 16.81
CA LYS F 256 50.22 -23.57 17.62
C LYS F 256 49.91 -22.31 18.40
N LYS F 257 50.59 -22.11 19.51
CA LYS F 257 50.28 -20.99 20.37
C LYS F 257 50.41 -19.64 19.69
N ALA F 258 51.42 -19.52 18.81
CA ALA F 258 51.67 -18.24 18.17
C ALA F 258 51.02 -18.17 16.78
N ASP F 259 50.22 -19.16 16.39
CA ASP F 259 49.45 -19.02 15.14
C ASP F 259 48.31 -18.01 15.36
N LYS F 260 48.16 -17.08 14.44
CA LYS F 260 47.02 -16.16 14.53
C LYS F 260 45.72 -16.92 14.32
N PRO F 261 44.68 -16.55 15.04
CA PRO F 261 43.39 -17.24 14.87
C PRO F 261 42.57 -16.77 13.67
N PHE F 262 41.64 -17.65 13.32
CA PHE F 262 40.54 -17.33 12.43
C PHE F 262 39.39 -16.93 13.32
N VAL F 263 38.75 -15.80 13.02
CA VAL F 263 37.62 -15.36 13.84
C VAL F 263 36.34 -15.45 13.02
N LEU F 264 35.33 -16.15 13.54
CA LEU F 264 34.01 -16.13 12.92
C LEU F 264 33.06 -15.33 13.79
N VAL F 265 32.36 -14.39 13.16
CA VAL F 265 31.43 -13.49 13.87
C VAL F 265 30.04 -13.77 13.35
N GLY F 266 29.13 -14.20 14.22
CA GLY F 266 27.77 -14.49 13.76
C GLY F 266 26.72 -13.60 14.32
N LYS F 267 25.84 -13.12 13.48
CA LYS F 267 24.69 -12.36 13.90
C LYS F 267 23.71 -13.28 14.62
N GLY F 268 23.36 -12.93 15.83
CA GLY F 268 22.49 -13.77 16.59
C GLY F 268 21.26 -13.00 17.07
N ILE F 269 20.53 -12.45 16.13
CA ILE F 269 19.26 -11.82 16.48
C ILE F 269 18.20 -12.91 16.53
N THR F 270 17.83 -13.19 17.77
CA THR F 270 17.01 -14.39 17.99
C THR F 270 15.56 -14.15 17.53
N PHE F 271 15.12 -12.88 17.53
CA PHE F 271 13.91 -12.55 16.78
C PHE F 271 14.04 -11.11 16.36
N ASP F 272 13.67 -10.83 15.11
CA ASP F 272 13.76 -9.48 14.57
C ASP F 272 12.36 -8.97 14.25
N THR F 273 11.76 -8.19 15.15
CA THR F 273 10.46 -7.57 14.87
C THR F 273 10.64 -6.31 14.05
N GLY F 274 11.88 -5.84 13.89
CA GLY F 274 12.19 -4.50 13.36
C GLY F 274 12.31 -3.45 14.45
N GLY F 275 11.76 -3.71 15.64
CA GLY F 275 11.73 -2.70 16.71
C GLY F 275 10.71 -1.62 16.39
N ILE F 276 11.01 -0.38 16.78
CA ILE F 276 10.10 0.74 16.52
C ILE F 276 9.85 0.90 15.01
N SER F 277 10.88 0.68 14.17
CA SER F 277 10.69 0.51 12.73
C SER F 277 10.13 -0.87 12.44
N LEU F 278 8.90 -1.09 12.89
CA LEU F 278 8.32 -2.44 12.94
C LEU F 278 8.09 -3.03 11.57
N LYS F 279 8.38 -4.32 11.48
CA LYS F 279 8.13 -5.07 10.24
C LYS F 279 6.63 -5.29 10.00
N PRO F 280 6.22 -5.54 8.74
CA PRO F 280 4.86 -6.03 8.48
C PRO F 280 4.63 -7.40 9.09
N GLY F 281 3.38 -7.74 9.34
CA GLY F 281 3.12 -9.06 9.94
C GLY F 281 3.41 -10.23 9.03
N ALA F 282 3.23 -10.06 7.71
CA ALA F 282 3.28 -11.22 6.82
C ALA F 282 4.66 -11.82 6.80
N GLY F 283 4.75 -13.12 7.11
CA GLY F 283 6.03 -13.83 7.11
C GLY F 283 6.94 -13.53 8.26
N MET F 284 6.48 -12.78 9.25
CA MET F 284 7.38 -12.34 10.30
C MET F 284 7.93 -13.49 11.10
N ASP F 285 7.16 -14.57 11.09
CA ASP F 285 7.67 -15.75 11.81
C ASP F 285 9.05 -16.19 11.31
N GLU F 286 9.44 -15.91 10.21
CA GLU F 286 10.70 -16.37 9.69
C GLU F 286 11.86 -15.62 10.29
N MET F 287 11.55 -14.58 11.01
CA MET F 287 12.63 -13.87 11.67
C MET F 287 13.16 -14.62 12.88
N LYS F 288 12.61 -15.80 13.20
CA LYS F 288 13.32 -16.65 14.17
C LYS F 288 14.61 -17.19 13.58
N TYR F 289 14.76 -17.12 12.27
CA TYR F 289 16.00 -17.53 11.60
C TYR F 289 17.04 -16.40 11.51
N ASP F 290 16.76 -15.28 12.17
CA ASP F 290 17.67 -14.13 12.06
C ASP F 290 18.93 -14.33 12.97
N MET F 291 18.99 -15.51 13.62
CA MET F 291 20.18 -15.92 14.35
C MET F 291 20.90 -17.03 13.65
N CYS F 292 20.57 -17.25 12.37
CA CYS F 292 21.24 -18.34 11.61
C CYS F 292 22.71 -18.08 11.36
N GLY F 293 23.14 -16.79 11.38
CA GLY F 293 24.59 -16.46 11.37
C GLY F 293 25.29 -17.10 12.54
N ALA F 294 24.81 -16.74 13.73
CA ALA F 294 25.31 -17.36 14.94
C ALA F 294 25.18 -18.88 14.96
N ALA F 295 24.06 -19.40 14.47
CA ALA F 295 23.82 -20.84 14.42
C ALA F 295 24.85 -21.51 13.51
N SER F 296 25.16 -20.88 12.37
CA SER F 296 26.16 -21.48 11.47
C SER F 296 27.57 -21.46 12.08
N VAL F 297 27.86 -20.47 12.93
CA VAL F 297 29.16 -20.47 13.63
C VAL F 297 29.21 -21.60 14.65
N PHE F 298 28.13 -21.79 15.41
CA PHE F 298 28.07 -22.97 16.31
C PHE F 298 28.27 -24.27 15.53
N GLY F 299 27.60 -24.41 14.38
CA GLY F 299 27.68 -25.62 13.58
C GLY F 299 29.08 -25.84 13.01
N THR F 300 29.72 -24.76 12.54
CA THR F 300 31.08 -24.87 12.01
C THR F 300 32.01 -25.27 13.15
N LEU F 301 31.86 -24.62 14.31
CA LEU F 301 32.68 -25.00 15.46
C LEU F 301 32.49 -26.48 15.79
N ARG F 302 31.25 -26.96 15.79
CA ARG F 302 30.99 -28.37 16.10
C ARG F 302 31.73 -29.28 15.10
N ALA F 303 31.72 -28.93 13.81
CA ALA F 303 32.45 -29.70 12.79
C ALA F 303 33.94 -29.66 13.06
N VAL F 304 34.48 -28.47 13.35
CA VAL F 304 35.91 -28.33 13.66
C VAL F 304 36.31 -29.17 14.87
N LEU F 305 35.47 -29.20 15.90
CA LEU F 305 35.76 -30.01 17.10
C LEU F 305 35.78 -31.47 16.74
N GLU F 306 34.83 -31.92 15.92
CA GLU F 306 34.77 -33.33 15.52
C GLU F 306 36.05 -33.74 14.77
N LEU F 307 36.50 -32.87 13.89
CA LEU F 307 37.68 -33.09 13.05
C LEU F 307 39.00 -32.81 13.77
N GLN F 308 38.93 -32.15 14.94
CA GLN F 308 40.12 -31.72 15.69
C GLN F 308 41.09 -30.98 14.78
N LEU F 309 40.60 -29.99 14.02
CA LEU F 309 41.52 -29.29 13.11
C LEU F 309 42.58 -28.53 13.88
N PRO F 310 43.79 -28.48 13.32
CA PRO F 310 44.89 -27.82 14.02
C PRO F 310 44.97 -26.33 13.72
N VAL F 311 43.89 -25.62 14.09
CA VAL F 311 43.81 -24.17 13.94
C VAL F 311 43.27 -23.55 15.21
N ASN F 312 43.59 -22.28 15.39
CA ASN F 312 43.01 -21.50 16.48
C ASN F 312 41.78 -20.79 15.90
N LEU F 313 40.62 -21.04 16.50
CA LEU F 313 39.33 -20.54 15.98
C LEU F 313 38.62 -19.85 17.10
N VAL F 314 38.34 -18.55 16.91
CA VAL F 314 37.61 -17.78 17.92
C VAL F 314 36.25 -17.42 17.32
N CYS F 315 35.21 -17.86 17.99
CA CYS F 315 33.82 -17.62 17.56
C CYS F 315 33.20 -16.53 18.40
N LEU F 316 32.60 -15.52 17.76
CA LEU F 316 31.96 -14.42 18.50
C LEU F 316 30.53 -14.36 18.06
N LEU F 317 29.61 -14.64 18.97
CA LEU F 317 28.16 -14.65 18.66
C LEU F 317 27.51 -13.41 19.22
N ALA F 318 27.01 -12.54 18.33
CA ALA F 318 26.45 -11.24 18.76
C ALA F 318 24.94 -11.42 18.87
N CYS F 319 24.45 -11.62 20.09
CA CYS F 319 23.05 -12.07 20.30
C CYS F 319 22.21 -11.02 20.99
N ALA F 320 21.04 -10.76 20.41
CA ALA F 320 20.08 -9.81 20.97
C ALA F 320 18.70 -10.15 20.40
N GLU F 321 17.67 -9.54 20.93
CA GLU F 321 16.32 -9.80 20.42
C GLU F 321 15.71 -8.44 20.16
N ASN F 322 15.27 -8.12 18.99
CA ASN F 322 14.89 -6.77 18.56
C ASN F 322 13.37 -6.57 18.71
N MET F 323 12.95 -5.88 19.76
CA MET F 323 11.53 -5.75 20.14
C MET F 323 11.13 -4.30 20.25
N PRO F 324 9.84 -3.99 19.97
CA PRO F 324 9.35 -2.63 20.27
C PRO F 324 8.88 -2.55 21.71
N SER F 325 9.09 -1.41 22.34
CA SER F 325 8.68 -1.19 23.74
C SER F 325 8.89 0.26 24.12
N GLY F 326 8.55 0.59 25.36
CA GLY F 326 8.65 1.95 25.86
C GLY F 326 10.05 2.36 26.18
N GLY F 327 10.98 1.42 26.11
CA GLY F 327 12.41 1.68 26.32
C GLY F 327 13.26 1.31 25.12
N ALA F 328 12.65 1.12 23.95
CA ALA F 328 13.41 0.67 22.78
C ALA F 328 14.11 1.84 22.13
N THR F 329 15.16 1.51 21.37
CA THR F 329 15.83 2.52 20.55
C THR F 329 14.82 3.12 19.53
N ARG F 330 15.02 4.42 19.27
CA ARG F 330 14.20 5.15 18.30
C ARG F 330 14.97 5.47 17.05
N PRO F 331 14.27 5.53 15.90
CA PRO F 331 14.86 6.16 14.73
C PRO F 331 15.34 7.56 15.06
N GLY F 332 16.54 7.89 14.62
CA GLY F 332 17.15 9.16 15.00
C GLY F 332 18.07 9.12 16.21
N ASP F 333 18.05 8.05 16.98
CA ASP F 333 19.04 7.92 18.08
C ASP F 333 20.44 7.96 17.55
N ILE F 334 21.34 8.57 18.32
CA ILE F 334 22.77 8.54 17.96
C ILE F 334 23.54 7.89 19.10
N VAL F 335 24.35 6.90 18.73
CA VAL F 335 25.11 6.11 19.72
C VAL F 335 26.59 6.14 19.42
N THR F 336 27.39 5.93 20.46
CA THR F 336 28.85 5.84 20.28
C THR F 336 29.20 4.36 20.28
N THR F 337 29.77 3.90 19.17
CA THR F 337 30.23 2.51 19.05
C THR F 337 31.49 2.26 19.87
N MET F 338 31.83 0.99 20.09
CA MET F 338 33.05 0.63 20.82
C MET F 338 34.29 1.32 20.24
N SER F 339 34.31 1.42 18.92
CA SER F 339 35.42 2.01 18.17
C SER F 339 35.57 3.51 18.40
N GLY F 340 34.51 4.14 18.93
CA GLY F 340 34.47 5.62 19.06
C GLY F 340 33.74 6.28 17.90
N GLN F 341 33.58 5.69 16.78
CA GLN F 341 32.72 6.16 15.69
C GLN F 341 31.27 6.21 16.17
N THR F 342 30.62 7.34 15.76
CA THR F 342 29.20 7.51 16.16
C THR F 342 28.29 7.07 15.00
N VAL F 343 27.13 6.55 15.37
CA VAL F 343 26.18 6.03 14.36
C VAL F 343 24.80 6.61 14.67
N GLU F 344 24.20 7.16 13.62
CA GLU F 344 22.81 7.59 13.68
C GLU F 344 21.96 6.42 13.24
N ILE F 345 21.08 5.94 14.13
CA ILE F 345 20.26 4.75 13.89
C ILE F 345 19.00 5.31 13.24
N LEU F 346 19.02 5.42 11.89
CA LEU F 346 17.88 5.94 11.11
C LEU F 346 16.74 4.95 11.05
N ASN F 347 17.04 3.66 11.13
CA ASN F 347 16.01 2.65 11.03
C ASN F 347 16.39 1.53 11.99
N THR F 348 15.50 1.23 12.92
CA THR F 348 15.87 0.26 13.98
C THR F 348 15.80 -1.18 13.48
N ASP F 349 15.34 -1.36 12.23
CA ASP F 349 15.31 -2.69 11.64
C ASP F 349 16.61 -2.97 10.86
N ALA F 350 17.54 -2.01 10.84
CA ALA F 350 18.92 -2.31 10.35
C ALA F 350 19.79 -2.59 11.58
N GLU F 351 19.40 -3.65 12.29
CA GLU F 351 19.93 -3.88 13.63
C GLU F 351 21.09 -4.86 13.61
N GLY F 352 21.13 -5.78 12.66
CA GLY F 352 22.22 -6.78 12.67
C GLY F 352 23.54 -6.08 12.48
N ARG F 353 23.61 -5.11 11.59
CA ARG F 353 24.90 -4.41 11.37
C ARG F 353 25.33 -3.68 12.65
N LEU F 354 24.37 -3.31 13.49
CA LEU F 354 24.70 -2.64 14.77
C LEU F 354 25.35 -3.58 15.77
N VAL F 355 24.80 -4.78 15.97
CA VAL F 355 25.45 -5.70 16.92
C VAL F 355 26.77 -6.17 16.29
N LEU F 356 26.81 -6.32 14.96
CA LEU F 356 28.06 -6.77 14.31
C LEU F 356 29.16 -5.74 14.40
N CYS F 357 28.89 -4.44 14.23
CA CYS F 357 29.99 -3.46 14.17
C CYS F 357 30.80 -3.45 15.49
N ASP F 358 30.10 -3.52 16.62
CA ASP F 358 30.75 -3.53 17.93
C ASP F 358 31.50 -4.83 18.13
N THR F 359 30.97 -5.92 17.60
CA THR F 359 31.65 -7.21 17.74
C THR F 359 32.91 -7.28 16.86
N LEU F 360 32.87 -6.66 15.68
CA LEU F 360 34.04 -6.53 14.82
C LEU F 360 35.13 -5.73 15.56
N THR F 361 34.77 -4.68 16.32
CA THR F 361 35.80 -3.96 17.05
C THR F 361 36.34 -4.90 18.15
N TYR F 362 35.45 -5.59 18.83
CA TYR F 362 35.89 -6.52 19.91
C TYR F 362 36.90 -7.54 19.37
N ALA F 363 36.71 -7.98 18.12
CA ALA F 363 37.57 -9.02 17.51
C ALA F 363 39.02 -8.58 17.36
N GLU F 364 39.29 -7.27 17.38
CA GLU F 364 40.68 -6.80 17.18
C GLU F 364 41.61 -7.42 18.20
N ARG F 365 41.12 -7.65 19.43
CA ARG F 365 42.02 -8.14 20.50
C ARG F 365 42.69 -9.48 20.22
N PHE F 366 42.11 -10.26 19.31
CA PHE F 366 42.63 -11.60 19.02
C PHE F 366 43.77 -11.60 18.02
N LYS F 367 44.05 -10.43 17.44
CA LYS F 367 45.10 -10.29 16.40
C LYS F 367 44.93 -11.36 15.33
N PRO F 368 43.76 -11.38 14.68
CA PRO F 368 43.40 -12.48 13.80
C PRO F 368 44.06 -12.42 12.44
N GLN F 369 44.19 -13.57 11.78
CA GLN F 369 44.62 -13.61 10.39
C GLN F 369 43.48 -13.48 9.42
N ALA F 370 42.27 -13.68 9.94
CA ALA F 370 41.07 -13.54 9.10
C ALA F 370 39.90 -13.38 10.02
N VAL F 371 38.98 -12.48 9.65
CA VAL F 371 37.71 -12.28 10.37
C VAL F 371 36.59 -12.38 9.37
N ILE F 372 35.70 -13.32 9.57
CA ILE F 372 34.54 -13.51 8.72
C ILE F 372 33.26 -13.34 9.55
N ASP F 373 32.44 -12.40 9.13
CA ASP F 373 31.11 -12.29 9.73
C ASP F 373 30.06 -12.94 8.83
N ILE F 374 29.09 -13.57 9.46
CA ILE F 374 28.01 -14.32 8.77
C ILE F 374 26.70 -13.78 9.34
N ALA F 375 25.82 -13.34 8.44
CA ALA F 375 24.63 -12.65 8.89
C ALA F 375 23.50 -12.75 7.88
N THR F 376 22.26 -12.94 8.40
CA THR F 376 21.01 -12.85 7.60
C THR F 376 20.66 -11.38 7.48
N LEU F 377 21.42 -10.66 6.64
CA LEU F 377 21.51 -9.24 6.81
C LEU F 377 20.54 -8.42 5.97
N THR F 378 20.33 -8.79 4.70
CA THR F 378 19.55 -7.88 3.84
C THR F 378 18.56 -8.62 3.00
N GLY F 379 17.34 -8.11 3.00
CA GLY F 379 16.39 -8.54 1.97
C GLY F 379 16.92 -8.26 0.57
N ALA F 380 17.73 -7.20 0.42
CA ALA F 380 18.33 -6.87 -0.88
C ALA F 380 19.19 -8.00 -1.42
N CYS F 381 19.79 -8.81 -0.56
CA CYS F 381 20.63 -9.91 -1.06
C CYS F 381 19.78 -10.97 -1.74
N ILE F 382 18.54 -11.15 -1.28
CA ILE F 382 17.64 -12.11 -1.91
C ILE F 382 17.25 -11.56 -3.28
N VAL F 383 17.06 -10.25 -3.39
CA VAL F 383 16.80 -9.65 -4.71
C VAL F 383 18.01 -9.86 -5.65
N ALA F 384 19.22 -9.73 -5.11
CA ALA F 384 20.45 -9.81 -5.92
C ALA F 384 20.83 -11.24 -6.27
N LEU F 385 20.79 -12.17 -5.29
CA LEU F 385 21.35 -13.51 -5.52
C LEU F 385 20.39 -14.65 -5.19
N GLY F 386 19.19 -14.29 -4.76
CA GLY F 386 18.16 -15.29 -4.51
C GLY F 386 18.46 -16.30 -3.42
N SER F 387 17.93 -17.50 -3.60
CA SER F 387 18.03 -18.53 -2.57
C SER F 387 19.25 -19.44 -2.72
N HIS F 388 19.99 -19.32 -3.82
CA HIS F 388 21.00 -20.30 -4.19
C HIS F 388 22.43 -19.95 -3.82
N THR F 389 22.71 -18.66 -3.66
CA THR F 389 24.09 -18.19 -3.61
C THR F 389 24.26 -17.15 -2.50
N THR F 390 25.20 -17.38 -1.59
CA THR F 390 25.42 -16.41 -0.53
C THR F 390 26.14 -15.19 -1.09
N GLY F 391 25.77 -14.01 -0.61
CA GLY F 391 26.48 -12.75 -0.97
C GLY F 391 27.76 -12.64 -0.15
N LEU F 392 28.85 -12.27 -0.81
CA LEU F 392 30.15 -12.17 -0.15
C LEU F 392 30.82 -10.84 -0.47
N MET F 393 31.32 -10.15 0.54
CA MET F 393 32.07 -8.88 0.36
C MET F 393 33.29 -8.97 1.25
N GLY F 394 34.27 -8.12 1.00
CA GLY F 394 35.40 -8.10 1.94
C GLY F 394 36.41 -7.03 1.68
N ASN F 395 37.45 -6.98 2.53
CA ASN F 395 38.49 -5.97 2.33
C ASN F 395 39.82 -6.56 1.94
N ASN F 396 39.86 -7.84 1.73
CA ASN F 396 41.05 -8.59 1.32
C ASN F 396 40.72 -9.53 0.15
N ASP F 397 41.36 -9.40 -0.97
CA ASP F 397 41.03 -10.23 -2.12
C ASP F 397 41.41 -11.68 -1.90
N ASP F 398 42.53 -11.93 -1.25
CA ASP F 398 42.95 -13.31 -1.03
C ASP F 398 41.91 -14.05 -0.19
N LEU F 399 41.43 -13.42 0.90
CA LEU F 399 40.44 -14.03 1.77
C LEU F 399 39.14 -14.27 1.02
N VAL F 400 38.67 -13.27 0.28
CA VAL F 400 37.45 -13.42 -0.53
C VAL F 400 37.60 -14.60 -1.49
N GLY F 401 38.76 -14.70 -2.14
CA GLY F 401 38.97 -15.77 -3.11
C GLY F 401 39.00 -17.14 -2.47
N GLN F 402 39.55 -17.20 -1.26
CA GLN F 402 39.61 -18.45 -0.53
C GLN F 402 38.20 -18.91 -0.17
N LEU F 403 37.33 -17.96 0.19
CA LEU F 403 35.95 -18.32 0.59
C LEU F 403 35.15 -18.76 -0.64
N LEU F 404 35.36 -18.05 -1.73
CA LEU F 404 34.70 -18.46 -2.99
C LEU F 404 35.11 -19.86 -3.41
N ASP F 405 36.42 -20.12 -3.35
CA ASP F 405 36.87 -21.43 -3.77
C ASP F 405 36.36 -22.52 -2.83
N ALA F 406 36.40 -22.25 -1.52
CA ALA F 406 35.77 -23.18 -0.56
C ALA F 406 34.29 -23.46 -0.91
N GLY F 407 33.54 -22.40 -1.20
CA GLY F 407 32.12 -22.58 -1.58
C GLY F 407 31.92 -23.46 -2.81
N LYS F 408 32.76 -23.30 -3.83
CA LYS F 408 32.65 -24.13 -5.02
C LYS F 408 32.92 -25.59 -4.69
N ARG F 409 34.00 -25.86 -3.95
CA ARG F 409 34.34 -27.27 -3.68
C ARG F 409 33.39 -27.92 -2.69
N ALA F 410 32.73 -27.13 -1.84
CA ALA F 410 31.74 -27.66 -0.89
C ALA F 410 30.34 -27.72 -1.47
N ASP F 411 30.16 -27.18 -2.67
CA ASP F 411 28.82 -26.99 -3.25
C ASP F 411 27.92 -26.24 -2.26
N ASP F 412 28.45 -25.13 -1.77
CA ASP F 412 27.73 -24.19 -0.91
C ASP F 412 28.18 -22.79 -1.38
N ARG F 413 27.73 -22.40 -2.59
CA ARG F 413 28.43 -21.31 -3.25
C ARG F 413 28.09 -19.93 -2.73
N ALA F 414 29.08 -19.07 -2.85
CA ALA F 414 28.94 -17.65 -2.64
C ALA F 414 29.28 -16.90 -3.93
N TRP F 415 29.10 -15.58 -3.89
CA TRP F 415 29.40 -14.74 -5.04
C TRP F 415 29.77 -13.36 -4.55
N GLN F 416 30.88 -12.81 -5.03
CA GLN F 416 31.34 -11.53 -4.53
C GLN F 416 30.48 -10.36 -5.09
N LEU F 417 30.23 -9.38 -4.24
CA LEU F 417 29.69 -8.07 -4.63
C LEU F 417 30.72 -7.02 -4.23
N PRO F 418 30.79 -5.90 -4.94
CA PRO F 418 31.88 -4.94 -4.72
C PRO F 418 31.58 -3.93 -3.61
N LEU F 419 32.59 -3.56 -2.84
CA LEU F 419 32.42 -2.48 -1.86
C LEU F 419 33.15 -1.23 -2.39
N PHE F 420 32.79 -0.80 -3.59
CA PHE F 420 33.42 0.36 -4.14
C PHE F 420 33.23 1.60 -3.27
N ASP F 421 34.24 2.45 -3.23
CA ASP F 421 34.15 3.66 -2.39
C ASP F 421 32.93 4.54 -2.70
N GLU F 422 32.46 4.53 -3.94
CA GLU F 422 31.31 5.34 -4.34
C GLU F 422 30.05 5.05 -3.52
N TYR F 423 29.92 3.81 -3.01
CA TYR F 423 28.72 3.44 -2.25
C TYR F 423 28.78 3.99 -0.84
N GLN F 424 30.03 4.19 -0.27
CA GLN F 424 30.15 4.78 1.07
C GLN F 424 29.32 6.05 1.26
N GLU F 425 29.26 6.98 0.35
CA GLU F 425 28.58 8.20 0.74
C GLU F 425 27.09 8.01 1.05
N GLN F 426 26.56 6.89 0.65
CA GLN F 426 25.17 6.65 0.92
C GLN F 426 24.90 6.56 2.41
N LEU F 427 25.95 6.31 3.18
CA LEU F 427 25.82 6.20 4.63
C LEU F 427 26.04 7.53 5.35
N ASP F 428 26.33 8.60 4.64
CA ASP F 428 26.60 9.88 5.31
C ASP F 428 25.41 10.37 6.13
N SER F 429 25.73 11.00 7.28
CA SER F 429 24.77 11.60 8.18
C SER F 429 25.21 13.01 8.42
N PRO F 430 24.27 13.97 8.45
CA PRO F 430 24.65 15.35 8.82
C PRO F 430 25.10 15.48 10.26
N PHE F 431 24.80 14.51 11.11
CA PHE F 431 24.98 14.64 12.55
C PHE F 431 26.11 13.72 13.07
N ALA F 432 26.03 12.45 12.69
CA ALA F 432 26.97 11.47 13.25
C ALA F 432 28.05 11.11 12.22
N ASP F 433 28.99 10.25 12.61
CA ASP F 433 30.02 9.82 11.65
C ASP F 433 29.41 9.05 10.48
N MET F 434 28.31 8.32 10.73
CA MET F 434 27.60 7.62 9.65
C MET F 434 26.19 7.34 10.13
N GLY F 435 25.32 7.08 9.16
CA GLY F 435 24.00 6.50 9.43
C GLY F 435 24.08 5.02 9.24
N ASN F 436 23.04 4.31 9.68
CA ASN F 436 23.05 2.86 9.53
C ASN F 436 22.32 2.34 8.31
N ILE F 437 21.80 3.24 7.48
CA ILE F 437 21.13 2.84 6.23
C ILE F 437 21.65 3.64 5.09
N GLY F 438 21.61 3.02 3.91
CA GLY F 438 22.03 3.71 2.66
C GLY F 438 20.97 3.98 1.63
N GLY F 439 19.71 3.78 1.97
CA GLY F 439 18.65 3.95 0.97
C GLY F 439 18.35 2.73 0.13
N PRO F 440 17.47 2.92 -0.87
CA PRO F 440 16.94 1.76 -1.58
C PRO F 440 17.87 1.15 -2.65
N LYS F 441 18.97 1.84 -2.96
CA LYS F 441 19.91 1.36 -3.98
C LYS F 441 21.08 0.62 -3.35
N ALA F 442 21.39 -0.56 -3.87
CA ALA F 442 22.57 -1.32 -3.43
C ALA F 442 22.55 -1.63 -1.94
N GLY F 443 21.42 -2.10 -1.41
CA GLY F 443 21.27 -2.40 0.00
C GLY F 443 22.23 -3.41 0.57
N THR F 444 22.53 -4.47 -0.17
CA THR F 444 23.48 -5.49 0.35
C THR F 444 24.87 -4.90 0.46
N ILE F 445 25.25 -4.15 -0.56
CA ILE F 445 26.55 -3.49 -0.61
C ILE F 445 26.68 -2.42 0.46
N THR F 446 25.65 -1.60 0.64
CA THR F 446 25.81 -0.52 1.64
C THR F 446 25.90 -1.08 3.07
N ALA F 447 25.21 -2.19 3.32
CA ALA F 447 25.38 -2.88 4.63
C ALA F 447 26.83 -3.39 4.79
N GLY F 448 27.37 -4.00 3.73
CA GLY F 448 28.79 -4.40 3.79
C GLY F 448 29.71 -3.20 3.98
N CYS F 449 29.40 -2.09 3.30
CA CYS F 449 30.19 -0.84 3.47
C CYS F 449 30.17 -0.34 4.90
N PHE F 450 28.98 -0.39 5.51
CA PHE F 450 28.86 0.00 6.93
C PHE F 450 29.82 -0.84 7.77
N LEU F 451 29.74 -2.17 7.62
CA LEU F 451 30.58 -3.06 8.39
C LEU F 451 32.05 -2.85 8.13
N SER F 452 32.41 -2.52 6.88
CA SER F 452 33.86 -2.41 6.52
C SER F 452 34.54 -1.30 7.34
N ARG F 453 33.76 -0.31 7.80
CA ARG F 453 34.32 0.78 8.59
C ARG F 453 34.82 0.34 9.96
N PHE F 454 34.48 -0.89 10.32
CA PHE F 454 34.86 -1.45 11.66
C PHE F 454 35.86 -2.56 11.53
N ALA F 455 36.22 -2.88 10.29
CA ALA F 455 37.08 -4.03 10.00
C ALA F 455 38.45 -3.67 9.46
N LYS F 456 38.85 -2.40 9.59
CA LYS F 456 40.09 -1.99 8.91
C LYS F 456 41.38 -2.58 9.52
N ALA F 457 41.30 -3.10 10.73
CA ALA F 457 42.51 -3.60 11.41
C ALA F 457 42.96 -4.96 10.94
N TYR F 458 42.20 -5.62 10.07
CA TYR F 458 42.51 -7.02 9.79
C TYR F 458 41.91 -7.43 8.47
N ASN F 459 42.28 -8.61 7.98
CA ASN F 459 41.68 -9.17 6.77
C ASN F 459 40.29 -9.67 7.09
N TRP F 460 39.30 -9.16 6.35
CA TRP F 460 37.89 -9.37 6.72
C TRP F 460 37.02 -9.68 5.51
N ALA F 461 36.05 -10.54 5.78
CA ALA F 461 34.97 -10.82 4.79
C ALA F 461 33.65 -10.88 5.49
N HIS F 462 32.60 -10.64 4.71
CA HIS F 462 31.22 -10.56 5.19
C HIS F 462 30.34 -11.45 4.28
N MET F 463 29.58 -12.34 4.88
CA MET F 463 28.68 -13.26 4.18
C MET F 463 27.25 -12.91 4.55
N ASP F 464 26.45 -12.54 3.55
CA ASP F 464 25.04 -12.20 3.75
C ASP F 464 24.27 -13.43 3.30
N ILE F 465 23.75 -14.16 4.32
CA ILE F 465 23.08 -15.42 4.10
C ILE F 465 21.55 -15.28 4.24
N ALA F 466 21.05 -14.06 4.04
CA ALA F 466 19.60 -13.81 4.14
C ALA F 466 18.81 -14.73 3.20
N GLY F 467 19.39 -15.11 2.05
CA GLY F 467 18.70 -15.94 1.05
C GLY F 467 18.98 -17.42 1.12
N THR F 468 20.10 -17.80 1.74
CA THR F 468 20.59 -19.20 1.76
C THR F 468 20.39 -19.93 3.09
N ALA F 469 20.03 -19.19 4.14
CA ALA F 469 20.02 -19.81 5.50
C ALA F 469 18.74 -20.59 5.83
N TRP F 470 17.64 -20.32 5.12
CA TRP F 470 16.42 -21.09 5.37
C TRP F 470 15.53 -21.12 4.15
N ILE F 471 14.62 -22.10 4.17
CA ILE F 471 13.57 -22.24 3.14
C ILE F 471 12.27 -21.73 3.71
N SER F 472 11.58 -20.87 2.95
CA SER F 472 10.46 -20.08 3.53
C SER F 472 9.16 -20.83 3.74
N GLY F 473 8.89 -21.75 2.83
CA GLY F 473 7.57 -22.35 2.77
C GLY F 473 7.61 -23.73 2.16
N GLY F 474 6.43 -24.32 2.02
CA GLY F 474 6.31 -25.67 1.55
C GLY F 474 6.70 -26.72 2.56
N LYS F 475 6.75 -27.97 2.08
CA LYS F 475 7.07 -29.11 2.92
C LYS F 475 8.44 -28.98 3.59
N ASP F 476 9.35 -28.28 2.92
CA ASP F 476 10.76 -28.21 3.32
C ASP F 476 11.11 -26.93 4.08
N LYS F 477 10.09 -26.15 4.47
CA LYS F 477 10.29 -24.95 5.33
C LYS F 477 11.24 -25.25 6.49
N GLY F 478 12.24 -24.39 6.63
CA GLY F 478 13.08 -24.47 7.81
C GLY F 478 14.53 -24.15 7.47
N ALA F 479 15.40 -24.19 8.47
CA ALA F 479 16.81 -23.84 8.30
C ALA F 479 17.48 -24.81 7.35
N THR F 480 18.47 -24.32 6.59
CA THR F 480 19.21 -25.18 5.65
C THR F 480 20.53 -25.71 6.24
N GLY F 481 21.08 -25.04 7.24
CA GLY F 481 22.43 -25.35 7.70
C GLY F 481 23.53 -24.65 6.88
N ARG F 482 23.20 -23.92 5.82
CA ARG F 482 24.22 -23.17 5.10
C ARG F 482 24.53 -21.92 5.92
N PRO F 483 25.77 -21.45 5.95
CA PRO F 483 26.91 -21.88 5.16
C PRO F 483 27.91 -22.75 5.95
N VAL F 484 27.44 -23.69 6.78
CA VAL F 484 28.41 -24.54 7.49
C VAL F 484 29.34 -25.30 6.51
N PRO F 485 28.83 -25.80 5.35
CA PRO F 485 29.78 -26.47 4.43
C PRO F 485 30.87 -25.56 3.92
N LEU F 486 30.52 -24.34 3.48
CA LEU F 486 31.55 -23.42 2.96
C LEU F 486 32.56 -23.11 4.07
N LEU F 487 32.06 -22.77 5.26
CA LEU F 487 32.97 -22.34 6.33
C LEU F 487 33.86 -23.47 6.79
N THR F 488 33.30 -24.68 6.91
CA THR F 488 34.10 -25.84 7.30
C THR F 488 35.13 -26.14 6.20
N GLN F 489 34.72 -26.05 4.92
CA GLN F 489 35.70 -26.28 3.84
C GLN F 489 36.82 -25.24 3.91
N TYR F 490 36.48 -23.98 4.17
CA TYR F 490 37.54 -22.95 4.31
C TYR F 490 38.53 -23.31 5.41
N LEU F 491 38.01 -23.76 6.54
CA LEU F 491 38.91 -24.15 7.65
C LEU F 491 39.70 -25.43 7.33
N LEU F 492 39.10 -26.39 6.66
CA LEU F 492 39.88 -27.55 6.15
C LEU F 492 41.00 -27.09 5.24
N ASP F 493 40.71 -26.13 4.36
CA ASP F 493 41.72 -25.61 3.48
C ASP F 493 42.87 -24.96 4.23
N ARG F 494 42.54 -24.16 5.26
CA ARG F 494 43.59 -23.46 6.02
C ARG F 494 44.40 -24.43 6.85
N ALA F 495 43.75 -25.49 7.34
CA ALA F 495 44.45 -26.51 8.12
C ALA F 495 45.33 -27.40 7.26
N GLY F 496 45.08 -27.44 5.94
CA GLY F 496 45.77 -28.42 5.06
C GLY F 496 45.23 -29.84 5.19
N ALA F 497 43.91 -29.97 5.30
CA ALA F 497 43.25 -31.24 5.63
C ALA F 497 42.47 -31.88 4.48
#